data_7WQV
#
_entry.id   7WQV
#
_cell.length_a   92.643
_cell.length_b   116.742
_cell.length_c   180.720
_cell.angle_alpha   90.000
_cell.angle_beta   90.307
_cell.angle_gamma   90.000
#
_symmetry.space_group_name_H-M   'P 1 21 1'
#
loop_
_entity.id
_entity.type
_entity.pdbx_description
1 polymer 'Spike protein S1'
2 polymer Ab08
3 branched alpha-L-fucopyranose-(1-6)-2-acetamido-2-deoxy-beta-D-glucopyranose
4 branched alpha-L-fucopyranose-(1-3)-2-acetamido-2-deoxy-beta-D-glucopyranose
5 non-polymer (4S)-2-METHYL-2,4-PENTANEDIOL
6 non-polymer 'CALCIUM ION'
7 non-polymer 'CHLORIDE ION'
8 non-polymer 2-acetamido-2-deoxy-beta-D-glucopyranose
9 water water
#
loop_
_entity_poly.entity_id
_entity_poly.type
_entity_poly.pdbx_seq_one_letter_code
_entity_poly.pdbx_strand_id
1 'polypeptide(L)'
;MKFLVNVALVFMVVYISYIYAAGSPNITNLCPFGEVFNATRFASVYAWNRKRISNCVADYSVLYNSASFSTFKCYGVSPT
KLNDLCFTNVYADSFVIRGDEVRQIAPGQTGKIADYNYKLPDDFTGCVIAWNSNNLDSKVGGNYNYLYRLFRKSNLKPFE
RDISTEIYQAGSTPCNGVEGFNCYFPLQSYGFQPTNGVGYQPYRVVVLSFELLHAPATVCGPKKSTGTLEVLFQ
;
A,C,E,G,I,K,M,O
2 'polypeptide(L)'
;MSKYLLPTAAAGLLLLAAQPAMAGSSSQVQLVQSGAEVKKPGSSVKVSCKASGGTFSSYTISWVRQAPGQGLEWMGGIIP
ILGTTNYAQKFQGRVTITADESTSTAYMELSSLRSEDTAVYYCARKFGYSGYGATWYFDLWGRGTLVTVSSGGGGSGGGG
SGGGGSQSVLTQPPSVSGAPGQRVTISCTGNSSNIGAGYDVHWYQQFPGTAPKLLIYGNSNRPSGVPDRFSGSKSGTSAS
LAITGLQAEDEADYYCQSYDSSLSGSVFGGGTKLTVLAGRAGEQKLISEEDLNSAVDHHHHHH
;
B,D,F,H,J,L,N,P
#
loop_
_chem_comp.id
_chem_comp.type
_chem_comp.name
_chem_comp.formula
CA non-polymer 'CALCIUM ION' 'Ca 2'
CL non-polymer 'CHLORIDE ION' 'Cl -1'
FUC L-saccharide, alpha linking alpha-L-fucopyranose 'C6 H12 O5'
MPD non-polymer (4S)-2-METHYL-2,4-PENTANEDIOL 'C6 H14 O2'
NAG D-saccharide, beta linking 2-acetamido-2-deoxy-beta-D-glucopyranose 'C8 H15 N O6'
#
# COMPACT_ATOMS: atom_id res chain seq x y z
N ASN A 29 45.60 5.19 -6.03
CA ASN A 29 45.50 3.74 -6.03
C ASN A 29 44.73 3.24 -4.81
N LEU A 30 44.95 1.99 -4.44
CA LEU A 30 44.26 1.42 -3.29
C LEU A 30 44.84 1.97 -2.00
N CYS A 31 44.03 1.97 -0.95
CA CYS A 31 44.46 2.53 0.32
C CYS A 31 45.50 1.63 0.98
N PRO A 32 46.48 2.24 1.68
CA PRO A 32 47.55 1.47 2.35
C PRO A 32 47.11 0.90 3.69
N PHE A 33 46.33 -0.19 3.64
CA PHE A 33 45.80 -0.81 4.84
C PHE A 33 46.73 -1.87 5.43
N GLY A 34 47.30 -2.73 4.58
CA GLY A 34 48.27 -3.69 5.06
C GLY A 34 49.46 -3.04 5.73
N GLU A 35 49.85 -1.85 5.25
CA GLU A 35 50.92 -1.10 5.91
C GLU A 35 50.57 -0.80 7.37
N VAL A 36 49.28 -0.62 7.67
CA VAL A 36 48.85 -0.35 9.04
C VAL A 36 48.69 -1.66 9.82
N PHE A 37 47.98 -2.62 9.24
CA PHE A 37 47.68 -3.87 9.95
C PHE A 37 48.88 -4.80 10.00
N ASN A 38 49.59 -4.94 8.88
CA ASN A 38 50.73 -5.84 8.77
C ASN A 38 52.05 -5.16 9.13
N ALA A 39 52.01 -4.03 9.83
CA ALA A 39 53.22 -3.27 10.12
C ALA A 39 54.20 -4.09 10.94
N THR A 40 55.49 -3.97 10.59
CA THR A 40 56.53 -4.70 11.31
C THR A 40 56.76 -4.18 12.72
N ARG A 41 56.18 -3.02 13.07
CA ARG A 41 56.34 -2.46 14.40
C ARG A 41 55.05 -1.76 14.82
N PHE A 42 54.63 -2.01 16.06
CA PHE A 42 53.48 -1.36 16.65
C PHE A 42 53.93 -0.52 17.84
N ALA A 43 53.24 0.58 18.06
CA ALA A 43 53.64 1.54 19.09
C ALA A 43 53.01 1.17 20.43
N SER A 44 53.65 1.63 21.50
CA SER A 44 53.04 1.59 22.81
C SER A 44 51.78 2.46 22.82
N VAL A 45 50.81 2.08 23.64
CA VAL A 45 49.52 2.78 23.63
C VAL A 45 49.67 4.21 24.10
N TYR A 46 50.62 4.47 25.00
CA TYR A 46 50.84 5.85 25.46
C TYR A 46 51.40 6.72 24.34
N ALA A 47 52.17 6.12 23.42
CA ALA A 47 52.68 6.82 22.25
C ALA A 47 52.03 6.25 20.99
N TRP A 48 50.70 6.13 21.01
CA TRP A 48 49.98 5.48 19.91
C TRP A 48 50.28 6.18 18.59
N ASN A 49 50.36 5.37 17.54
CA ASN A 49 50.60 5.88 16.19
C ASN A 49 49.30 6.31 15.53
N ARG A 50 49.44 7.16 14.52
CA ARG A 50 48.32 7.57 13.68
C ARG A 50 48.82 7.69 12.25
N LYS A 51 48.01 7.19 11.32
CA LYS A 51 48.24 7.40 9.90
C LYS A 51 46.98 7.99 9.29
N ARG A 52 47.15 8.90 8.33
CA ARG A 52 46.04 9.36 7.52
C ARG A 52 45.94 8.51 6.28
N ILE A 53 44.72 8.06 5.98
CA ILE A 53 44.40 7.41 4.73
C ILE A 53 43.75 8.46 3.84
N SER A 54 44.29 8.67 2.65
CA SER A 54 43.85 9.78 1.82
C SER A 54 44.15 9.50 0.35
N ASN A 55 43.39 10.16 -0.52
CA ASN A 55 43.55 10.08 -1.97
C ASN A 55 43.66 8.63 -2.42
N CYS A 56 42.73 7.80 -1.95
CA CYS A 56 42.79 6.37 -2.22
C CYS A 56 41.40 5.78 -2.16
N VAL A 57 41.28 4.54 -2.65
CA VAL A 57 40.05 3.77 -2.63
C VAL A 57 40.22 2.63 -1.63
N ALA A 58 39.28 2.50 -0.71
CA ALA A 58 39.40 1.63 0.45
C ALA A 58 38.49 0.41 0.27
N ASP A 59 39.09 -0.75 0.07
CA ASP A 59 38.37 -2.02 0.05
C ASP A 59 38.25 -2.49 1.50
N TYR A 60 37.12 -2.20 2.14
CA TYR A 60 36.95 -2.54 3.54
C TYR A 60 36.65 -4.02 3.75
N SER A 61 35.96 -4.66 2.80
CA SER A 61 35.52 -6.02 3.01
C SER A 61 36.70 -6.99 3.14
N VAL A 62 37.85 -6.67 2.56
CA VAL A 62 39.01 -7.54 2.69
C VAL A 62 39.44 -7.64 4.15
N LEU A 63 39.21 -6.59 4.94
CA LEU A 63 39.46 -6.62 6.37
C LEU A 63 38.31 -7.23 7.15
N TYR A 64 37.07 -6.98 6.71
CA TYR A 64 35.91 -7.53 7.42
C TYR A 64 35.68 -9.00 7.11
N ASN A 65 36.15 -9.50 5.96
CA ASN A 65 36.05 -10.93 5.68
C ASN A 65 37.03 -11.73 6.54
N SER A 66 38.19 -11.15 6.84
CA SER A 66 39.24 -11.86 7.58
C SER A 66 38.72 -12.38 8.91
N ALA A 67 38.98 -13.67 9.16
CA ALA A 67 38.62 -14.31 10.42
C ALA A 67 39.75 -14.24 11.44
N SER A 68 40.69 -13.31 11.27
CA SER A 68 41.85 -13.19 12.14
C SER A 68 41.66 -12.18 13.27
N PHE A 69 40.52 -11.52 13.33
CA PHE A 69 40.30 -10.41 14.24
C PHE A 69 39.39 -10.83 15.38
N SER A 70 39.89 -10.69 16.62
CA SER A 70 39.08 -11.02 17.79
C SER A 70 37.98 -10.00 18.01
N THR A 71 38.22 -8.75 17.64
CA THR A 71 37.25 -7.67 17.83
C THR A 71 37.11 -6.87 16.54
N PHE A 72 35.88 -6.63 16.12
CA PHE A 72 35.58 -5.78 14.97
C PHE A 72 34.28 -5.04 15.32
N LYS A 73 34.41 -3.88 15.95
CA LYS A 73 33.28 -3.13 16.48
C LYS A 73 33.22 -1.78 15.79
N CYS A 74 32.13 -1.56 15.05
CA CYS A 74 31.91 -0.32 14.31
C CYS A 74 30.82 0.50 14.98
N TYR A 75 31.08 1.79 15.15
CA TYR A 75 30.17 2.71 15.83
C TYR A 75 29.77 3.82 14.88
N GLY A 76 28.46 4.08 14.77
CA GLY A 76 27.95 5.10 13.89
C GLY A 76 28.00 4.78 12.41
N VAL A 77 28.45 3.57 12.04
CA VAL A 77 28.57 3.17 10.64
C VAL A 77 28.37 1.65 10.57
N SER A 78 28.13 1.14 9.36
CA SER A 78 27.95 -0.28 9.13
C SER A 78 29.14 -0.85 8.37
N PRO A 79 29.64 -2.02 8.77
CA PRO A 79 30.81 -2.59 8.08
C PRO A 79 30.59 -2.82 6.60
N THR A 80 29.34 -2.96 6.15
CA THR A 80 29.05 -3.16 4.73
C THR A 80 28.90 -1.85 3.98
N LYS A 81 28.09 -0.92 4.53
CA LYS A 81 27.83 0.35 3.85
C LYS A 81 29.11 1.15 3.62
N LEU A 82 30.20 0.82 4.31
CA LEU A 82 31.45 1.55 4.14
C LEU A 82 31.94 1.51 2.70
N ASN A 83 31.81 0.37 2.03
CA ASN A 83 32.25 0.25 0.64
C ASN A 83 31.45 1.13 -0.32
N ASP A 84 30.29 1.65 0.11
CA ASP A 84 29.49 2.56 -0.69
C ASP A 84 29.45 3.96 -0.07
N LEU A 85 30.53 4.36 0.60
CA LEU A 85 30.58 5.63 1.28
C LEU A 85 31.88 6.36 0.95
N CYS A 86 31.86 7.68 1.14
CA CYS A 86 33.02 8.54 0.92
C CYS A 86 33.19 9.43 2.15
N PHE A 87 34.45 9.72 2.50
CA PHE A 87 34.74 10.45 3.73
C PHE A 87 35.78 11.52 3.49
N THR A 88 35.72 12.57 4.31
CA THR A 88 36.65 13.69 4.20
C THR A 88 37.99 13.37 4.85
N ASN A 89 37.96 12.84 6.08
CA ASN A 89 39.16 12.51 6.83
C ASN A 89 39.03 11.11 7.40
N VAL A 90 40.06 10.30 7.21
CA VAL A 90 40.10 8.94 7.72
C VAL A 90 41.45 8.73 8.39
N TYR A 91 41.44 8.34 9.67
CA TYR A 91 42.65 8.11 10.43
C TYR A 91 42.68 6.68 10.95
N ALA A 92 43.85 6.04 10.86
CA ALA A 92 44.08 4.72 11.42
C ALA A 92 45.05 4.85 12.58
N ASP A 93 44.54 4.66 13.79
CA ASP A 93 45.35 4.71 15.00
C ASP A 93 45.70 3.29 15.43
N SER A 94 47.00 3.04 15.66
CA SER A 94 47.49 1.73 16.02
C SER A 94 48.25 1.80 17.34
N PHE A 95 48.16 0.72 18.12
CA PHE A 95 48.88 0.59 19.38
C PHE A 95 48.74 -0.85 19.87
N VAL A 96 49.38 -1.13 21.01
CA VAL A 96 49.36 -2.45 21.63
C VAL A 96 48.91 -2.28 23.08
N ILE A 97 47.87 -3.02 23.46
CA ILE A 97 47.43 -3.14 24.84
C ILE A 97 47.26 -4.63 25.15
N ARG A 98 46.93 -4.92 26.40
CA ARG A 98 46.61 -6.29 26.78
C ARG A 98 45.12 -6.53 26.61
N GLY A 99 44.73 -7.81 26.65
CA GLY A 99 43.39 -8.18 26.24
C GLY A 99 42.30 -7.54 27.07
N ASP A 100 42.45 -7.57 28.39
CA ASP A 100 41.42 -7.04 29.28
C ASP A 100 41.15 -5.56 29.08
N GLU A 101 42.00 -4.86 28.34
CA GLU A 101 41.84 -3.43 28.10
C GLU A 101 41.24 -3.10 26.74
N VAL A 102 41.02 -4.11 25.89
CA VAL A 102 40.42 -3.87 24.58
C VAL A 102 39.02 -3.30 24.74
N ARG A 103 38.30 -3.75 25.78
CA ARG A 103 36.98 -3.20 26.06
C ARG A 103 37.00 -1.70 26.30
N GLN A 104 38.14 -1.17 26.77
CA GLN A 104 38.24 0.26 27.05
C GLN A 104 38.36 1.12 25.80
N ILE A 105 38.79 0.53 24.68
CA ILE A 105 38.97 1.31 23.46
C ILE A 105 37.64 1.82 22.91
N ALA A 106 36.53 1.25 23.35
CA ALA A 106 35.21 1.66 22.88
C ALA A 106 34.84 3.04 23.42
N PRO A 107 33.87 3.72 22.80
CA PRO A 107 33.45 5.03 23.29
C PRO A 107 32.79 4.95 24.66
N GLY A 108 32.90 6.05 25.40
CA GLY A 108 32.24 6.17 26.69
C GLY A 108 32.73 5.21 27.75
N GLN A 109 34.01 4.85 27.70
CA GLN A 109 34.58 3.87 28.61
C GLN A 109 35.56 4.54 29.58
N THR A 110 35.77 3.88 30.71
CA THR A 110 36.66 4.38 31.75
C THR A 110 37.73 3.32 32.06
N GLY A 111 38.82 3.79 32.65
CA GLY A 111 39.95 2.93 32.93
C GLY A 111 41.27 3.61 32.61
N LYS A 112 42.38 2.97 32.96
CA LYS A 112 43.69 3.59 32.79
C LYS A 112 43.95 3.92 31.33
N ILE A 113 43.65 2.99 30.43
CA ILE A 113 43.95 3.19 29.02
C ILE A 113 43.09 4.30 28.43
N ALA A 114 41.77 4.26 28.71
CA ALA A 114 40.88 5.27 28.17
C ALA A 114 41.17 6.65 28.76
N ASP A 115 41.40 6.72 30.07
CA ASP A 115 41.55 8.02 30.73
C ASP A 115 42.95 8.61 30.55
N TYR A 116 43.99 7.77 30.48
CA TYR A 116 45.36 8.25 30.50
C TYR A 116 46.17 7.91 29.24
N ASN A 117 45.65 7.09 28.33
CA ASN A 117 46.47 6.63 27.21
C ASN A 117 45.81 6.89 25.86
N TYR A 118 44.59 6.40 25.65
CA TYR A 118 43.89 6.57 24.38
C TYR A 118 42.40 6.73 24.65
N LYS A 119 41.86 7.90 24.35
CA LYS A 119 40.46 8.23 24.61
C LYS A 119 39.71 8.32 23.29
N LEU A 120 38.56 7.63 23.20
CA LEU A 120 37.72 7.81 22.03
C LEU A 120 36.57 8.76 22.33
N PRO A 121 36.14 9.55 21.35
CA PRO A 121 35.01 10.45 21.56
C PRO A 121 33.70 9.67 21.71
N ASP A 122 32.75 10.30 22.41
CA ASP A 122 31.42 9.71 22.53
C ASP A 122 30.67 9.75 21.21
N ASP A 123 30.97 10.72 20.35
CA ASP A 123 30.42 10.81 19.00
C ASP A 123 31.26 10.05 17.98
N PHE A 124 31.99 9.04 18.42
CA PHE A 124 32.94 8.35 17.56
C PHE A 124 32.23 7.67 16.39
N THR A 125 32.77 7.87 15.20
CA THR A 125 32.29 7.22 13.98
C THR A 125 33.47 6.46 13.38
N GLY A 126 33.42 5.14 13.47
CA GLY A 126 34.50 4.31 12.99
C GLY A 126 34.46 2.95 13.63
N CYS A 127 35.46 2.13 13.25
CA CYS A 127 35.54 0.75 13.69
C CYS A 127 36.81 0.52 14.50
N VAL A 128 36.70 -0.33 15.53
CA VAL A 128 37.82 -0.74 16.36
C VAL A 128 38.11 -2.21 16.06
N ILE A 129 39.33 -2.50 15.64
CA ILE A 129 39.75 -3.84 15.25
C ILE A 129 40.91 -4.26 16.14
N ALA A 130 40.84 -5.48 16.66
CA ALA A 130 41.86 -6.01 17.56
C ALA A 130 42.13 -7.47 17.22
N TRP A 131 43.34 -7.92 17.54
CA TRP A 131 43.71 -9.32 17.32
C TRP A 131 44.82 -9.71 18.28
N ASN A 132 44.77 -10.96 18.74
CA ASN A 132 45.78 -11.49 19.65
C ASN A 132 47.13 -11.57 18.94
N SER A 133 48.16 -11.04 19.58
CA SER A 133 49.50 -10.95 19.02
C SER A 133 50.53 -11.58 19.95
N ASN A 134 50.14 -12.66 20.62
CA ASN A 134 51.06 -13.31 21.56
C ASN A 134 52.28 -13.86 20.85
N ASN A 135 52.11 -14.35 19.61
CA ASN A 135 53.22 -14.92 18.86
C ASN A 135 54.28 -13.90 18.52
N LEU A 136 53.94 -12.62 18.45
CA LEU A 136 54.88 -11.57 18.04
C LEU A 136 55.39 -10.71 19.18
N ASP A 137 54.54 -10.33 20.13
CA ASP A 137 54.87 -9.32 21.12
C ASP A 137 55.14 -9.89 22.51
N SER A 138 55.51 -11.16 22.61
CA SER A 138 55.77 -11.78 23.90
C SER A 138 57.11 -12.49 23.89
N LYS A 139 57.80 -12.45 25.03
CA LYS A 139 59.04 -13.18 25.25
C LYS A 139 58.94 -13.91 26.58
N VAL A 140 59.79 -14.94 26.73
CA VAL A 140 59.68 -15.84 27.88
C VAL A 140 59.93 -15.08 29.19
N GLY A 141 61.06 -14.37 29.26
CA GLY A 141 61.30 -13.51 30.42
C GLY A 141 60.29 -12.38 30.51
N GLY A 142 59.74 -11.97 29.37
CA GLY A 142 58.74 -10.91 29.28
C GLY A 142 59.26 -9.84 28.34
N ASN A 143 58.39 -9.38 27.44
CA ASN A 143 58.68 -8.23 26.60
C ASN A 143 58.23 -6.97 27.34
N TYR A 144 59.20 -6.15 27.77
CA TYR A 144 58.92 -4.97 28.57
C TYR A 144 58.97 -3.68 27.76
N ASN A 145 59.14 -3.77 26.43
CA ASN A 145 59.24 -2.58 25.59
C ASN A 145 57.89 -1.98 25.22
N TYR A 146 56.79 -2.58 25.66
CA TYR A 146 55.46 -2.00 25.49
C TYR A 146 55.02 -1.37 26.80
N LEU A 147 54.78 -0.06 26.77
CA LEU A 147 54.53 0.72 27.96
C LEU A 147 53.11 1.27 27.96
N TYR A 148 52.67 1.69 29.14
CA TYR A 148 51.42 2.39 29.32
C TYR A 148 51.60 3.41 30.44
N ARG A 149 50.75 4.42 30.44
CA ARG A 149 50.72 5.42 31.49
C ARG A 149 49.61 5.09 32.48
N LEU A 150 49.97 4.95 33.76
CA LEU A 150 49.00 4.68 34.80
C LEU A 150 48.82 5.83 35.77
N PHE A 151 49.49 6.96 35.54
CA PHE A 151 49.37 8.14 36.38
C PHE A 151 49.27 9.39 35.52
N ARG A 152 48.26 10.21 35.77
CA ARG A 152 48.11 11.49 35.10
C ARG A 152 47.21 12.39 35.94
N LYS A 153 47.54 13.68 35.96
CA LYS A 153 46.79 14.62 36.78
C LYS A 153 45.39 14.85 36.23
N SER A 154 45.25 14.87 34.91
CA SER A 154 43.98 15.05 34.24
C SER A 154 43.73 13.90 33.28
N ASN A 155 42.47 13.73 32.91
CA ASN A 155 42.13 12.72 31.92
C ASN A 155 42.37 13.25 30.52
N LEU A 156 42.77 12.34 29.63
CA LEU A 156 43.05 12.73 28.25
C LEU A 156 41.78 13.22 27.57
N LYS A 157 41.94 14.23 26.72
CA LYS A 157 40.89 14.62 25.80
C LYS A 157 40.85 13.60 24.65
N PRO A 158 39.73 13.53 23.94
CA PRO A 158 39.65 12.60 22.80
C PRO A 158 40.75 12.88 21.78
N PHE A 159 41.50 11.82 21.46
CA PHE A 159 42.57 11.81 20.45
C PHE A 159 43.81 12.59 20.87
N GLU A 160 43.91 12.98 22.14
CA GLU A 160 45.15 13.57 22.63
C GLU A 160 46.19 12.47 22.84
N ARG A 161 47.46 12.86 22.74
CA ARG A 161 48.57 11.95 22.99
C ARG A 161 49.50 12.58 24.01
N ASP A 162 49.74 11.86 25.10
CA ASP A 162 50.64 12.31 26.16
C ASP A 162 51.86 11.39 26.18
N ILE A 163 53.03 11.97 25.90
CA ILE A 163 54.28 11.22 25.88
C ILE A 163 55.26 11.85 26.85
N SER A 164 54.75 12.49 27.90
CA SER A 164 55.60 13.10 28.90
C SER A 164 56.27 12.04 29.77
N THR A 165 57.48 12.35 30.22
CA THR A 165 58.24 11.50 31.13
C THR A 165 58.46 12.15 32.49
N GLU A 166 57.56 13.06 32.87
CA GLU A 166 57.69 13.79 34.12
C GLU A 166 57.21 12.96 35.29
N ILE A 167 57.89 13.11 36.43
CA ILE A 167 57.55 12.35 37.63
C ILE A 167 56.21 12.84 38.17
N TYR A 168 55.37 11.89 38.59
CA TYR A 168 54.02 12.17 39.04
C TYR A 168 53.98 12.33 40.56
N GLN A 169 53.32 13.38 41.02
CA GLN A 169 53.23 13.72 42.44
C GLN A 169 51.89 13.23 42.97
N ALA A 170 51.89 12.04 43.56
CA ALA A 170 50.66 11.42 44.06
C ALA A 170 50.22 11.98 45.41
N GLY A 171 51.00 12.88 46.00
CA GLY A 171 50.63 13.44 47.30
C GLY A 171 50.95 14.91 47.44
N SER A 172 51.06 15.38 48.68
CA SER A 172 51.31 16.80 48.92
C SER A 172 52.79 17.16 48.88
N THR A 173 53.68 16.21 49.07
CA THR A 173 55.11 16.51 49.05
C THR A 173 55.59 16.67 47.62
N PRO A 174 56.26 17.77 47.28
CA PRO A 174 56.83 17.91 45.94
C PRO A 174 57.87 16.83 45.67
N CYS A 175 58.09 16.55 44.38
CA CYS A 175 58.92 15.43 43.98
C CYS A 175 60.37 15.80 43.72
N ASN A 176 60.67 17.08 43.48
CA ASN A 176 62.03 17.55 43.21
C ASN A 176 62.65 16.85 42.00
N GLY A 177 61.83 16.29 41.12
CA GLY A 177 62.31 15.70 39.89
C GLY A 177 62.81 14.27 39.99
N VAL A 178 62.73 13.63 41.15
CA VAL A 178 63.19 12.26 41.30
C VAL A 178 62.12 11.42 41.97
N GLU A 179 62.07 10.14 41.58
CA GLU A 179 61.12 9.19 42.11
C GLU A 179 61.31 9.01 43.62
N GLY A 180 60.20 8.86 44.34
CA GLY A 180 60.26 8.71 45.78
C GLY A 180 58.93 8.44 46.45
N PHE A 181 58.77 8.90 47.69
CA PHE A 181 57.54 8.69 48.43
C PHE A 181 56.41 9.48 47.79
N ASN A 182 55.38 8.76 47.31
CA ASN A 182 54.27 9.36 46.58
C ASN A 182 54.75 10.17 45.38
N CYS A 183 55.90 9.79 44.83
CA CYS A 183 56.49 10.43 43.66
C CYS A 183 56.94 9.32 42.71
N TYR A 184 56.14 9.08 41.66
CA TYR A 184 56.31 7.93 40.81
C TYR A 184 56.64 8.35 39.38
N PHE A 185 57.42 7.51 38.70
CA PHE A 185 57.54 7.61 37.27
C PHE A 185 56.23 7.15 36.64
N PRO A 186 55.64 7.91 35.72
CA PRO A 186 54.24 7.68 35.33
C PRO A 186 54.05 6.56 34.31
N LEU A 187 55.11 5.88 33.89
CA LEU A 187 55.02 4.82 32.91
C LEU A 187 55.47 3.51 33.51
N GLN A 188 54.76 2.43 33.16
CA GLN A 188 55.13 1.09 33.54
C GLN A 188 55.06 0.20 32.30
N SER A 189 55.68 -0.97 32.40
CA SER A 189 55.82 -1.89 31.28
C SER A 189 54.86 -3.06 31.45
N TYR A 190 54.05 -3.32 30.42
CA TYR A 190 53.47 -4.64 30.28
C TYR A 190 54.58 -5.67 30.27
N GLY A 191 54.47 -6.70 31.09
CA GLY A 191 55.32 -7.86 30.95
C GLY A 191 54.59 -8.90 30.15
N PHE A 192 54.89 -9.01 28.86
CA PHE A 192 54.16 -9.92 27.97
C PHE A 192 54.90 -11.24 27.91
N GLN A 193 54.41 -12.22 28.66
CA GLN A 193 54.95 -13.56 28.74
C GLN A 193 54.02 -14.53 28.02
N PRO A 194 54.56 -15.47 27.23
CA PRO A 194 53.70 -16.32 26.39
C PRO A 194 52.78 -17.22 27.19
N THR A 195 53.08 -17.46 28.47
CA THR A 195 52.29 -18.34 29.32
C THR A 195 51.15 -17.61 30.04
N ASN A 196 51.02 -16.31 29.85
CA ASN A 196 50.01 -15.53 30.57
C ASN A 196 48.61 -15.86 30.06
N GLY A 197 47.61 -15.47 30.85
CA GLY A 197 46.24 -15.55 30.39
C GLY A 197 45.98 -14.57 29.25
N VAL A 198 44.92 -14.88 28.49
CA VAL A 198 44.59 -14.07 27.32
C VAL A 198 44.28 -12.63 27.72
N GLY A 199 43.70 -12.44 28.91
CA GLY A 199 43.47 -11.09 29.41
C GLY A 199 44.74 -10.31 29.69
N TYR A 200 45.87 -11.00 29.83
CA TYR A 200 47.16 -10.37 30.01
C TYR A 200 48.10 -10.59 28.84
N GLN A 201 47.59 -11.18 27.72
CA GLN A 201 48.30 -11.36 26.48
C GLN A 201 48.23 -10.10 25.62
N PRO A 202 49.25 -9.85 24.79
CA PRO A 202 49.25 -8.63 23.99
C PRO A 202 48.23 -8.69 22.86
N TYR A 203 47.52 -7.58 22.68
CA TYR A 203 46.56 -7.42 21.60
C TYR A 203 46.92 -6.18 20.80
N ARG A 204 47.01 -6.34 19.48
CA ARG A 204 47.25 -5.22 18.58
C ARG A 204 45.92 -4.61 18.17
N VAL A 205 45.80 -3.29 18.32
CA VAL A 205 44.57 -2.57 18.05
C VAL A 205 44.80 -1.60 16.91
N VAL A 206 43.85 -1.56 15.98
CA VAL A 206 43.77 -0.53 14.95
C VAL A 206 42.41 0.13 15.07
N VAL A 207 42.39 1.46 15.05
CA VAL A 207 41.16 2.23 15.20
C VAL A 207 40.99 3.08 13.94
N LEU A 208 39.99 2.76 13.14
CA LEU A 208 39.64 3.55 11.97
C LEU A 208 38.66 4.65 12.39
N SER A 209 39.03 5.90 12.16
CA SER A 209 38.17 7.05 12.43
C SER A 209 37.66 7.59 11.11
N PHE A 210 36.35 7.80 11.02
CA PHE A 210 35.71 8.30 9.81
C PHE A 210 35.07 9.64 10.11
N GLU A 211 35.36 10.63 9.27
CA GLU A 211 34.91 12.00 9.48
C GLU A 211 34.35 12.55 8.19
N LEU A 212 33.07 12.93 8.20
CA LEU A 212 32.37 13.43 7.02
C LEU A 212 32.06 14.92 7.22
N LEU A 213 32.69 15.76 6.42
CA LEU A 213 32.47 17.19 6.45
C LEU A 213 32.01 17.69 5.08
N HIS A 214 31.50 18.91 5.04
CA HIS A 214 31.11 19.56 3.79
C HIS A 214 32.39 20.06 3.12
N ALA A 215 33.11 19.12 2.52
CA ALA A 215 34.46 19.33 2.02
C ALA A 215 34.81 18.14 1.12
N PRO A 216 35.83 18.27 0.27
CA PRO A 216 36.14 17.19 -0.67
C PRO A 216 36.49 15.90 0.06
N ALA A 217 36.15 14.78 -0.58
CA ALA A 217 36.49 13.48 -0.04
C ALA A 217 37.92 13.13 -0.39
N THR A 218 38.58 12.41 0.53
CA THR A 218 39.90 11.87 0.28
C THR A 218 39.91 10.34 0.22
N VAL A 219 38.88 9.68 0.72
CA VAL A 219 38.76 8.23 0.69
C VAL A 219 37.34 7.87 0.28
N CYS A 220 37.21 6.95 -0.66
CA CYS A 220 35.91 6.46 -1.10
C CYS A 220 35.97 4.94 -1.19
N GLY A 221 34.85 4.29 -0.83
CA GLY A 221 34.70 2.88 -1.05
C GLY A 221 34.63 2.55 -2.53
N PRO A 222 34.93 1.30 -2.89
CA PRO A 222 35.00 0.94 -4.32
C PRO A 222 33.68 1.14 -5.07
N LYS A 223 32.54 0.92 -4.41
CA LYS A 223 31.26 1.10 -5.08
C LYS A 223 31.03 2.52 -5.58
N LYS A 224 31.88 3.47 -5.19
CA LYS A 224 31.86 4.85 -5.66
C LYS A 224 33.21 5.24 -6.27
N SER A 225 33.86 4.30 -6.96
CA SER A 225 35.21 4.54 -7.45
C SER A 225 35.33 4.04 -8.89
N THR A 226 36.29 4.62 -9.61
CA THR A 226 36.55 4.32 -11.01
C THR A 226 37.96 3.75 -11.13
N GLY A 227 38.09 2.56 -11.70
CA GLY A 227 39.39 1.94 -11.84
C GLY A 227 39.75 1.60 -13.28
N THR A 228 40.82 2.19 -13.78
CA THR A 228 41.28 1.92 -15.14
C THR A 228 42.08 0.61 -15.19
N VAL B 29 71.38 19.73 32.16
CA VAL B 29 72.53 18.84 32.09
C VAL B 29 73.41 19.18 30.91
N GLN B 30 74.61 18.62 30.89
CA GLN B 30 75.50 18.65 29.74
C GLN B 30 75.90 17.22 29.42
N LEU B 31 75.80 16.85 28.15
CA LEU B 31 76.09 15.50 27.71
C LEU B 31 77.49 15.45 27.10
N VAL B 32 78.36 14.63 27.69
CA VAL B 32 79.74 14.48 27.26
C VAL B 32 79.90 13.10 26.66
N GLN B 33 80.52 13.03 25.48
CA GLN B 33 80.63 11.80 24.72
C GLN B 33 82.09 11.37 24.60
N SER B 34 82.27 10.16 24.09
CA SER B 34 83.59 9.55 23.99
C SER B 34 84.40 10.21 22.88
N GLY B 35 85.63 9.75 22.71
CA GLY B 35 86.51 10.29 21.70
C GLY B 35 86.32 9.64 20.35
N ALA B 36 86.92 10.27 19.34
CA ALA B 36 86.81 9.79 17.97
C ALA B 36 87.49 8.44 17.82
N GLU B 37 86.95 7.62 16.91
CA GLU B 37 87.44 6.28 16.69
C GLU B 37 87.51 5.99 15.20
N VAL B 38 88.61 5.39 14.77
CA VAL B 38 88.78 4.91 13.41
C VAL B 38 88.68 3.39 13.44
N LYS B 39 87.72 2.85 12.69
CA LYS B 39 87.46 1.42 12.66
C LYS B 39 87.47 0.92 11.22
N LYS B 40 87.67 -0.37 11.07
CA LYS B 40 87.77 -1.04 9.79
C LYS B 40 86.43 -1.65 9.39
N PRO B 41 86.20 -1.89 8.10
CA PRO B 41 84.92 -2.46 7.68
C PRO B 41 84.68 -3.83 8.32
N GLY B 42 83.46 -4.02 8.81
CA GLY B 42 83.09 -5.24 9.50
C GLY B 42 83.36 -5.23 10.99
N SER B 43 84.04 -4.21 11.51
CA SER B 43 84.34 -4.12 12.92
C SER B 43 83.14 -3.54 13.67
N SER B 44 83.31 -3.25 14.95
CA SER B 44 82.24 -2.72 15.79
C SER B 44 82.79 -1.59 16.64
N VAL B 45 81.96 -0.56 16.84
CA VAL B 45 82.31 0.60 17.64
C VAL B 45 81.27 0.75 18.74
N LYS B 46 81.73 1.10 19.94
CA LYS B 46 80.85 1.30 21.09
C LYS B 46 81.18 2.65 21.72
N VAL B 47 80.24 3.59 21.63
CA VAL B 47 80.44 4.95 22.09
C VAL B 47 79.67 5.15 23.40
N SER B 48 80.11 6.14 24.17
CA SER B 48 79.56 6.39 25.50
C SER B 48 79.01 7.80 25.61
N CYS B 49 77.98 7.95 26.42
CA CYS B 49 77.37 9.26 26.71
C CYS B 49 77.14 9.34 28.21
N LYS B 50 77.81 10.29 28.86
CA LYS B 50 77.74 10.45 30.31
C LYS B 50 77.12 11.78 30.66
N ALA B 51 76.18 11.77 31.59
CA ALA B 51 75.50 12.97 32.05
C ALA B 51 76.32 13.67 33.12
N SER B 52 76.24 15.01 33.13
CA SER B 52 76.96 15.80 34.13
C SER B 52 76.40 15.55 35.53
N GLY B 53 75.08 15.50 35.68
CA GLY B 53 74.49 15.43 37.01
C GLY B 53 74.77 14.12 37.70
N GLY B 54 74.84 13.03 36.94
CA GLY B 54 75.10 11.72 37.50
C GLY B 54 73.88 10.97 37.96
N THR B 55 72.73 11.16 37.30
CA THR B 55 71.50 10.51 37.75
C THR B 55 70.69 9.88 36.63
N PHE B 56 70.71 10.47 35.43
CA PHE B 56 69.88 10.01 34.31
C PHE B 56 68.41 9.96 34.72
N SER B 57 67.97 11.02 35.41
CA SER B 57 66.72 11.00 36.17
C SER B 57 65.52 11.17 35.25
N SER B 58 64.80 10.06 35.00
CA SER B 58 63.58 10.05 34.19
C SER B 58 63.80 10.58 32.78
N TYR B 59 65.05 10.58 32.31
CA TYR B 59 65.37 11.07 30.99
C TYR B 59 65.35 9.93 29.98
N THR B 60 65.08 10.27 28.73
CA THR B 60 65.24 9.36 27.61
C THR B 60 66.45 9.82 26.81
N ILE B 61 67.47 8.97 26.73
CA ILE B 61 68.71 9.28 26.05
C ILE B 61 68.68 8.63 24.67
N SER B 62 68.70 9.44 23.62
CA SER B 62 68.64 8.97 22.26
C SER B 62 69.95 9.23 21.54
N TRP B 63 70.19 8.46 20.49
CA TRP B 63 71.36 8.58 19.65
C TRP B 63 70.92 8.99 18.25
N VAL B 64 71.42 10.14 17.78
CA VAL B 64 71.11 10.68 16.46
C VAL B 64 72.39 10.76 15.65
N ARG B 65 72.36 10.22 14.44
CA ARG B 65 73.51 10.12 13.56
C ARG B 65 73.41 11.14 12.44
N GLN B 66 74.56 11.64 11.99
CA GLN B 66 74.65 12.54 10.83
C GLN B 66 75.73 11.99 9.92
N ALA B 67 75.32 11.26 8.89
CA ALA B 67 76.24 10.61 7.96
C ALA B 67 76.15 11.28 6.59
N PRO B 68 77.28 11.55 5.95
CA PRO B 68 77.25 12.19 4.62
C PRO B 68 76.41 11.41 3.64
N GLY B 69 75.49 12.12 2.97
CA GLY B 69 74.60 11.52 2.00
C GLY B 69 73.39 10.82 2.59
N GLN B 70 73.31 10.69 3.92
CA GLN B 70 72.17 10.08 4.57
C GLN B 70 71.46 11.00 5.54
N GLY B 71 71.98 12.21 5.77
CA GLY B 71 71.30 13.20 6.57
C GLY B 71 71.33 12.88 8.06
N LEU B 72 70.36 13.48 8.76
CA LEU B 72 70.18 13.24 10.18
C LEU B 72 69.26 12.03 10.38
N GLU B 73 69.75 11.04 11.11
CA GLU B 73 69.06 9.77 11.32
C GLU B 73 68.96 9.48 12.80
N TRP B 74 67.74 9.33 13.30
CA TRP B 74 67.54 8.79 14.64
C TRP B 74 67.79 7.29 14.62
N MET B 75 68.65 6.83 15.52
CA MET B 75 69.02 5.42 15.61
C MET B 75 68.25 4.67 16.68
N GLY B 76 68.07 5.27 17.84
CA GLY B 76 67.37 4.63 18.93
C GLY B 76 67.59 5.37 20.24
N GLY B 77 67.14 4.74 21.31
CA GLY B 77 67.29 5.34 22.62
C GLY B 77 66.82 4.39 23.70
N ILE B 78 67.00 4.85 24.95
CA ILE B 78 66.67 4.04 26.12
C ILE B 78 66.15 4.96 27.21
N ILE B 79 65.19 4.46 27.99
CA ILE B 79 64.77 5.12 29.22
C ILE B 79 65.44 4.39 30.37
N PRO B 80 66.55 4.91 30.90
CA PRO B 80 67.32 4.14 31.90
C PRO B 80 66.52 3.69 33.11
N ILE B 81 65.65 4.56 33.65
CA ILE B 81 64.93 4.23 34.88
C ILE B 81 64.04 3.00 34.68
N LEU B 82 63.60 2.76 33.44
CA LEU B 82 62.88 1.54 33.11
C LEU B 82 63.75 0.51 32.41
N GLY B 83 64.84 0.92 31.77
CA GLY B 83 65.68 0.02 31.02
C GLY B 83 65.11 -0.42 29.68
N THR B 84 64.00 0.17 29.25
CA THR B 84 63.38 -0.20 27.99
C THR B 84 64.05 0.51 26.83
N THR B 85 64.12 -0.20 25.70
CA THR B 85 64.84 0.28 24.53
C THR B 85 63.91 0.49 23.35
N ASN B 86 64.39 1.27 22.39
CA ASN B 86 63.65 1.57 21.17
C ASN B 86 64.67 1.80 20.07
N TYR B 87 64.56 1.06 18.97
CA TYR B 87 65.53 1.14 17.87
C TYR B 87 64.81 1.48 16.56
N ALA B 88 65.56 2.10 15.65
CA ALA B 88 65.07 2.34 14.31
C ALA B 88 65.19 1.07 13.47
N GLN B 89 64.20 0.85 12.60
CA GLN B 89 64.16 -0.36 11.79
C GLN B 89 65.44 -0.53 10.98
N LYS B 90 65.98 0.57 10.46
CA LYS B 90 67.15 0.50 9.59
C LYS B 90 68.36 -0.07 10.33
N PHE B 91 68.50 0.21 11.62
CA PHE B 91 69.68 -0.18 12.38
C PHE B 91 69.45 -1.35 13.33
N GLN B 92 68.23 -1.87 13.44
CA GLN B 92 67.94 -2.93 14.40
C GLN B 92 68.66 -4.23 14.01
N GLY B 93 69.00 -5.03 15.02
CA GLY B 93 69.93 -6.12 14.87
C GLY B 93 71.32 -5.71 14.51
N ARG B 94 71.58 -4.40 14.33
CA ARG B 94 72.91 -3.89 14.09
C ARG B 94 73.36 -2.88 15.12
N VAL B 95 72.43 -2.30 15.88
CA VAL B 95 72.69 -1.36 16.95
C VAL B 95 72.23 -1.98 18.26
N THR B 96 72.94 -1.65 19.33
CA THR B 96 72.59 -2.08 20.68
C THR B 96 72.81 -0.91 21.62
N ILE B 97 71.77 -0.54 22.36
CA ILE B 97 71.80 0.60 23.27
C ILE B 97 71.62 0.10 24.69
N THR B 98 72.52 0.51 25.57
CA THR B 98 72.48 0.17 26.98
C THR B 98 72.69 1.42 27.82
N ALA B 99 72.28 1.34 29.09
CA ALA B 99 72.47 2.43 30.03
C ALA B 99 72.75 1.84 31.40
N ASP B 100 73.49 2.61 32.21
CA ASP B 100 73.87 2.17 33.55
C ASP B 100 73.82 3.38 34.49
N GLU B 101 72.85 3.39 35.40
CA GLU B 101 72.68 4.53 36.29
C GLU B 101 73.86 4.69 37.25
N SER B 102 74.53 3.58 37.58
CA SER B 102 75.68 3.66 38.48
C SER B 102 76.75 4.59 37.92
N THR B 103 77.17 4.34 36.67
CA THR B 103 78.12 5.20 35.99
C THR B 103 77.46 6.42 35.36
N SER B 104 76.13 6.46 35.30
CA SER B 104 75.39 7.49 34.58
C SER B 104 75.90 7.64 33.16
N THR B 105 76.11 6.50 32.50
CA THR B 105 76.62 6.46 31.14
C THR B 105 75.74 5.53 30.32
N ALA B 106 75.34 6.00 29.14
CA ALA B 106 74.65 5.17 28.16
C ALA B 106 75.60 4.84 27.04
N TYR B 107 75.42 3.66 26.44
CA TYR B 107 76.30 3.17 25.40
C TYR B 107 75.50 2.81 24.16
N MET B 108 76.16 2.93 23.00
CA MET B 108 75.56 2.58 21.73
C MET B 108 76.61 1.83 20.91
N GLU B 109 76.29 0.61 20.50
CA GLU B 109 77.22 -0.26 19.80
C GLU B 109 76.67 -0.59 18.42
N LEU B 110 77.40 -0.21 17.38
CA LEU B 110 77.03 -0.50 16.00
C LEU B 110 77.94 -1.61 15.48
N SER B 111 77.33 -2.66 14.95
CA SER B 111 78.03 -3.83 14.45
C SER B 111 78.06 -3.83 12.93
N SER B 112 78.92 -4.70 12.37
CA SER B 112 79.08 -4.83 10.92
C SER B 112 79.23 -3.47 10.25
N LEU B 113 80.26 -2.75 10.68
CA LEU B 113 80.48 -1.40 10.20
C LEU B 113 80.75 -1.38 8.70
N ARG B 114 80.17 -0.40 8.02
CA ARG B 114 80.38 -0.19 6.60
C ARG B 114 80.89 1.23 6.37
N SER B 115 81.43 1.46 5.18
CA SER B 115 82.01 2.77 4.87
C SER B 115 80.98 3.89 5.00
N GLU B 116 79.71 3.60 4.67
CA GLU B 116 78.66 4.60 4.78
C GLU B 116 78.37 4.98 6.24
N ASP B 117 78.80 4.15 7.20
CA ASP B 117 78.54 4.45 8.60
C ASP B 117 79.39 5.59 9.13
N THR B 118 80.37 6.05 8.37
CA THR B 118 81.15 7.22 8.76
C THR B 118 80.22 8.40 9.03
N ALA B 119 80.26 8.91 10.26
CA ALA B 119 79.26 9.88 10.66
C ALA B 119 79.67 10.57 11.95
N VAL B 120 79.01 11.70 12.21
CA VAL B 120 79.07 12.38 13.50
C VAL B 120 77.92 11.84 14.33
N TYR B 121 78.24 10.99 15.31
CA TYR B 121 77.24 10.36 16.16
C TYR B 121 76.96 11.24 17.37
N TYR B 122 75.72 11.68 17.51
CA TYR B 122 75.31 12.55 18.60
C TYR B 122 74.51 11.77 19.65
N CYS B 123 74.65 12.20 20.89
CA CYS B 123 73.82 11.78 22.00
C CYS B 123 72.92 12.94 22.39
N ALA B 124 71.63 12.66 22.58
CA ALA B 124 70.68 13.73 22.82
C ALA B 124 69.55 13.24 23.74
N ARG B 125 69.02 14.19 24.50
CA ARG B 125 67.88 13.92 25.38
C ARG B 125 66.57 14.13 24.62
N LYS B 126 65.64 13.21 24.81
CA LYS B 126 64.39 13.18 24.07
C LYS B 126 63.25 13.67 24.96
N PHE B 127 62.65 14.79 24.60
CA PHE B 127 61.61 15.44 25.39
C PHE B 127 60.23 15.09 24.86
N GLY B 128 59.23 15.22 25.75
CA GLY B 128 57.87 14.91 25.41
C GLY B 128 56.90 15.90 26.05
N TYR B 129 55.66 15.82 25.60
CA TYR B 129 54.60 16.71 26.05
C TYR B 129 53.26 16.08 25.69
N SER B 130 52.17 16.81 25.92
CA SER B 130 50.82 16.28 25.78
C SER B 130 49.98 17.19 24.89
N GLY B 131 49.85 16.82 23.62
CA GLY B 131 48.86 17.40 22.75
C GLY B 131 48.34 16.35 21.79
N TYR B 132 47.31 16.73 21.01
CA TYR B 132 46.74 15.78 20.05
C TYR B 132 47.80 15.22 19.10
N GLY B 133 48.67 16.08 18.58
CA GLY B 133 49.70 15.63 17.67
C GLY B 133 51.10 15.64 18.24
N ALA B 134 51.23 15.34 19.54
CA ALA B 134 52.53 15.40 20.20
C ALA B 134 53.49 14.34 19.65
N THR B 135 54.74 14.76 19.45
CA THR B 135 55.82 13.82 19.19
C THR B 135 57.10 14.40 19.76
N TRP B 136 58.09 13.53 19.93
CA TRP B 136 59.30 13.89 20.65
C TRP B 136 60.13 14.91 19.87
N TYR B 137 60.94 15.66 20.61
CA TYR B 137 62.00 16.49 20.05
C TYR B 137 63.27 16.27 20.86
N PHE B 138 64.36 16.85 20.39
CA PHE B 138 65.69 16.68 20.98
C PHE B 138 66.21 18.06 21.39
N ASP B 139 66.15 18.37 22.68
CA ASP B 139 66.50 19.70 23.16
C ASP B 139 67.97 19.84 23.49
N LEU B 140 68.56 18.87 24.19
CA LEU B 140 69.96 18.92 24.59
C LEU B 140 70.76 17.92 23.76
N TRP B 141 71.88 18.39 23.20
CA TRP B 141 72.74 17.58 22.35
C TRP B 141 74.17 17.58 22.89
N GLY B 142 74.92 16.57 22.49
CA GLY B 142 76.34 16.56 22.72
C GLY B 142 77.11 17.12 21.53
N ARG B 143 78.40 17.34 21.74
CA ARG B 143 79.24 17.79 20.63
C ARG B 143 79.33 16.75 19.54
N GLY B 144 79.15 15.48 19.88
CA GLY B 144 79.17 14.41 18.90
C GLY B 144 80.49 13.68 18.83
N THR B 145 80.43 12.35 18.73
CA THR B 145 81.62 11.53 18.56
C THR B 145 81.73 11.12 17.09
N LEU B 146 82.94 11.21 16.55
CA LEU B 146 83.18 10.99 15.13
C LEU B 146 83.74 9.59 14.93
N VAL B 147 83.09 8.83 14.06
CA VAL B 147 83.48 7.45 13.75
C VAL B 147 83.72 7.35 12.26
N THR B 148 84.95 7.03 11.88
CA THR B 148 85.33 6.87 10.49
C THR B 148 85.58 5.39 10.21
N VAL B 149 84.80 4.83 9.28
CA VAL B 149 85.04 3.48 8.77
C VAL B 149 85.83 3.62 7.48
N SER B 150 86.95 2.90 7.40
CA SER B 150 87.99 3.16 6.42
C SER B 150 88.13 2.00 5.44
N SER B 151 88.11 2.34 4.15
CA SER B 151 88.23 1.40 3.02
C SER B 151 86.90 0.71 2.72
N GLY B 164 75.07 3.77 -1.28
CA GLY B 164 73.92 4.47 -1.83
C GLY B 164 73.56 5.73 -1.08
N GLY B 165 72.37 6.26 -1.34
CA GLY B 165 71.91 7.46 -0.68
C GLY B 165 70.55 7.28 -0.06
N SER B 166 70.34 7.96 1.07
CA SER B 166 69.10 7.89 1.82
C SER B 166 68.28 9.15 1.55
N GLN B 167 67.11 8.99 0.96
CA GLN B 167 66.20 10.09 0.67
C GLN B 167 65.35 10.37 1.91
N SER B 168 65.26 11.64 2.28
CA SER B 168 64.50 12.01 3.48
C SER B 168 63.01 11.82 3.24
N VAL B 169 62.30 11.52 4.33
CA VAL B 169 60.85 11.46 4.28
C VAL B 169 60.23 12.86 4.32
N LEU B 170 60.96 13.84 4.87
CA LEU B 170 60.54 15.23 4.86
C LEU B 170 61.39 16.00 3.87
N THR B 171 60.75 16.76 2.99
CA THR B 171 61.43 17.44 1.90
C THR B 171 61.57 18.92 2.20
N GLN B 172 62.80 19.43 2.08
CA GLN B 172 63.11 20.85 2.20
C GLN B 172 63.87 21.30 0.96
N PRO B 173 63.80 22.58 0.62
CA PRO B 173 64.65 23.11 -0.44
C PRO B 173 66.11 23.07 -0.01
N PRO B 174 67.02 22.68 -0.90
CA PRO B 174 68.44 22.64 -0.52
C PRO B 174 69.00 24.01 -0.17
N SER B 175 68.47 25.07 -0.76
CA SER B 175 69.01 26.41 -0.58
C SER B 175 67.89 27.42 -0.58
N VAL B 176 67.98 28.40 0.32
CA VAL B 176 67.09 29.55 0.36
C VAL B 176 67.95 30.79 0.61
N SER B 177 67.68 31.85 -0.14
CA SER B 177 68.43 33.09 -0.03
C SER B 177 67.50 34.23 0.40
N GLY B 178 68.06 35.19 1.13
CA GLY B 178 67.29 36.33 1.60
C GLY B 178 68.16 37.54 1.78
N ALA B 179 67.52 38.69 1.71
CA ALA B 179 68.25 39.93 1.91
C ALA B 179 68.14 40.35 3.38
N PRO B 180 69.16 41.03 3.91
CA PRO B 180 69.11 41.47 5.30
C PRO B 180 67.89 42.34 5.56
N GLY B 181 67.33 42.20 6.77
CA GLY B 181 66.20 42.99 7.19
C GLY B 181 64.87 42.60 6.58
N GLN B 182 64.83 41.57 5.74
CA GLN B 182 63.60 41.10 5.13
C GLN B 182 63.20 39.76 5.71
N ARG B 183 61.96 39.34 5.40
CA ARG B 183 61.42 38.10 5.91
C ARG B 183 61.66 36.96 4.93
N VAL B 184 62.10 35.82 5.45
CA VAL B 184 62.41 34.64 4.65
C VAL B 184 61.70 33.44 5.27
N THR B 185 61.43 32.43 4.44
CA THR B 185 60.72 31.23 4.88
C THR B 185 61.40 29.98 4.35
N ILE B 186 61.25 28.89 5.10
CA ILE B 186 61.76 27.58 4.73
C ILE B 186 60.63 26.58 4.86
N SER B 187 60.45 25.73 3.85
CA SER B 187 59.33 24.82 3.78
C SER B 187 59.75 23.40 4.10
N CYS B 188 58.85 22.67 4.76
CA CYS B 188 59.03 21.25 5.08
C CYS B 188 57.78 20.53 4.61
N THR B 189 57.94 19.57 3.70
CA THR B 189 56.81 18.90 3.06
C THR B 189 56.86 17.41 3.36
N GLY B 190 56.09 16.99 4.36
CA GLY B 190 55.98 15.58 4.68
C GLY B 190 54.85 14.91 3.91
N ASN B 191 54.78 13.59 4.04
CA ASN B 191 53.74 12.83 3.37
C ASN B 191 52.54 12.66 4.29
N SER B 192 51.57 11.86 3.86
CA SER B 192 50.35 11.67 4.65
C SER B 192 50.64 10.94 5.96
N SER B 193 51.72 10.15 6.01
CA SER B 193 51.99 9.35 7.20
C SER B 193 52.43 10.20 8.38
N ASN B 194 53.17 11.29 8.15
CA ASN B 194 53.68 12.10 9.25
C ASN B 194 52.89 13.40 9.42
N ILE B 195 53.25 14.44 8.67
CA ILE B 195 52.60 15.74 8.86
C ILE B 195 51.14 15.68 8.47
N GLY B 196 50.80 14.89 7.44
CA GLY B 196 49.41 14.72 7.06
C GLY B 196 48.59 14.10 8.17
N ALA B 197 49.18 13.18 8.92
CA ALA B 197 48.51 12.58 10.08
C ALA B 197 48.29 13.59 11.20
N GLY B 198 49.04 14.69 11.22
CA GLY B 198 48.90 15.70 12.23
C GLY B 198 50.07 15.79 13.19
N TYR B 199 51.13 15.02 12.97
CA TYR B 199 52.29 15.07 13.84
C TYR B 199 52.93 16.44 13.82
N ASP B 200 53.34 16.92 15.00
CA ASP B 200 53.96 18.22 15.10
C ASP B 200 55.34 18.23 14.44
N VAL B 201 55.84 19.43 14.19
CA VAL B 201 57.10 19.63 13.48
C VAL B 201 58.00 20.48 14.35
N HIS B 202 59.24 20.05 14.53
CA HIS B 202 60.24 20.80 15.27
C HIS B 202 61.38 21.18 14.35
N TRP B 203 62.10 22.24 14.70
CA TRP B 203 63.15 22.80 13.86
C TRP B 203 64.47 22.85 14.61
N TYR B 204 65.55 22.55 13.89
CA TYR B 204 66.89 22.53 14.45
C TYR B 204 67.81 23.42 13.61
N GLN B 205 68.67 24.16 14.30
CA GLN B 205 69.62 25.07 13.67
C GLN B 205 71.02 24.49 13.83
N GLN B 206 71.78 24.46 12.74
CA GLN B 206 73.13 23.91 12.76
C GLN B 206 74.06 24.83 11.98
N PHE B 207 75.05 25.38 12.68
CA PHE B 207 76.15 26.21 12.20
C PHE B 207 77.34 25.34 11.78
N PRO B 208 78.19 25.84 10.89
CA PRO B 208 79.36 25.06 10.48
C PRO B 208 80.25 24.73 11.68
N GLY B 209 80.67 23.46 11.75
CA GLY B 209 81.53 23.00 12.82
C GLY B 209 80.85 22.71 14.13
N THR B 210 79.55 22.96 14.24
CA THR B 210 78.79 22.75 15.47
C THR B 210 77.74 21.68 15.26
N ALA B 211 77.05 21.35 16.36
CA ALA B 211 76.01 20.32 16.39
C ALA B 211 74.64 20.96 16.22
N PRO B 212 73.63 20.16 15.83
CA PRO B 212 72.28 20.71 15.72
C PRO B 212 71.77 21.19 17.08
N LYS B 213 71.00 22.28 17.05
CA LYS B 213 70.46 22.90 18.24
C LYS B 213 68.99 23.22 18.03
N LEU B 214 68.18 22.93 19.03
CA LEU B 214 66.74 23.12 18.93
C LEU B 214 66.41 24.59 18.71
N LEU B 215 65.59 24.86 17.69
CA LEU B 215 65.16 26.21 17.33
C LEU B 215 63.67 26.42 17.54
N ILE B 216 62.85 25.47 17.13
CA ILE B 216 61.40 25.49 17.33
C ILE B 216 60.96 24.11 17.80
N TYR B 217 60.30 24.06 18.95
CA TYR B 217 59.63 22.86 19.42
C TYR B 217 58.14 23.12 19.47
N GLY B 218 57.37 22.05 19.35
CA GLY B 218 56.00 22.23 18.92
C GLY B 218 56.02 22.86 17.53
N ASN B 219 54.84 23.26 17.06
CA ASN B 219 54.79 23.87 15.73
C ASN B 219 55.25 25.32 15.76
N SER B 220 55.11 26.01 16.89
CA SER B 220 55.38 27.43 16.96
C SER B 220 56.18 27.89 18.17
N ASN B 221 56.50 27.01 19.11
CA ASN B 221 57.11 27.41 20.36
C ASN B 221 58.62 27.50 20.25
N ARG B 222 59.19 28.44 21.01
CA ARG B 222 60.61 28.72 20.99
C ARG B 222 61.24 28.42 22.34
N PRO B 223 62.37 27.73 22.38
CA PRO B 223 63.14 27.66 23.62
C PRO B 223 63.75 29.02 23.96
N SER B 224 64.05 29.21 25.24
CA SER B 224 64.69 30.44 25.68
C SER B 224 66.06 30.58 25.04
N GLY B 225 66.34 31.77 24.50
CA GLY B 225 67.54 32.03 23.74
C GLY B 225 67.34 32.08 22.24
N VAL B 226 66.13 31.89 21.76
CA VAL B 226 65.80 31.94 20.35
C VAL B 226 65.03 33.23 20.10
N PRO B 227 65.47 34.08 19.16
CA PRO B 227 64.83 35.38 18.98
C PRO B 227 63.39 35.25 18.47
N ASP B 228 62.61 36.31 18.73
CA ASP B 228 61.23 36.38 18.27
C ASP B 228 61.13 36.40 16.75
N ARG B 229 62.22 36.72 16.05
CA ARG B 229 62.23 36.73 14.60
C ARG B 229 61.96 35.36 14.02
N PHE B 230 62.28 34.30 14.76
CA PHE B 230 62.02 32.93 14.33
C PHE B 230 60.60 32.52 14.73
N SER B 231 59.90 31.89 13.78
CA SER B 231 58.51 31.51 14.00
C SER B 231 58.20 30.27 13.17
N GLY B 232 57.20 29.51 13.62
CA GLY B 232 56.86 28.27 12.98
C GLY B 232 55.37 28.14 12.79
N SER B 233 55.00 27.21 11.89
CA SER B 233 53.60 26.99 11.54
C SER B 233 53.49 25.63 10.88
N LYS B 234 52.27 25.09 10.88
CA LYS B 234 51.97 23.82 10.24
C LYS B 234 50.57 23.86 9.66
N SER B 235 50.42 23.38 8.43
CA SER B 235 49.13 23.24 7.78
C SER B 235 49.21 22.12 6.76
N GLY B 236 48.28 21.18 6.86
CA GLY B 236 48.22 20.08 5.91
C GLY B 236 49.41 19.15 6.08
N THR B 237 50.04 18.81 4.95
CA THR B 237 51.24 17.97 4.94
C THR B 237 52.52 18.79 4.98
N SER B 238 52.43 20.10 5.18
CA SER B 238 53.58 20.97 5.12
C SER B 238 53.70 21.80 6.41
N ALA B 239 54.92 22.24 6.68
CA ALA B 239 55.22 23.09 7.81
C ALA B 239 56.19 24.17 7.37
N SER B 240 56.23 25.27 8.12
CA SER B 240 57.00 26.43 7.72
C SER B 240 57.78 27.00 8.89
N LEU B 241 59.01 27.42 8.60
CA LEU B 241 59.83 28.20 9.52
C LEU B 241 60.04 29.58 8.89
N ALA B 242 59.62 30.62 9.61
CA ALA B 242 59.70 31.99 9.11
C ALA B 242 60.71 32.77 9.94
N ILE B 243 61.64 33.44 9.26
CA ILE B 243 62.60 34.34 9.88
C ILE B 243 62.33 35.74 9.38
N THR B 244 62.06 36.66 10.30
CA THR B 244 61.93 38.07 9.98
C THR B 244 63.18 38.81 10.46
N GLY B 245 63.32 40.05 9.98
CA GLY B 245 64.49 40.85 10.29
C GLY B 245 65.78 40.07 10.08
N LEU B 246 65.88 39.42 8.92
CA LEU B 246 66.97 38.50 8.67
C LEU B 246 68.33 39.17 8.85
N GLN B 247 69.23 38.48 9.52
CA GLN B 247 70.58 38.97 9.78
C GLN B 247 71.58 37.95 9.26
N ALA B 248 72.82 38.42 9.09
CA ALA B 248 73.88 37.53 8.63
C ALA B 248 74.12 36.38 9.60
N GLU B 249 73.93 36.61 10.89
CA GLU B 249 74.17 35.59 11.91
C GLU B 249 73.14 34.46 11.87
N ASP B 250 72.10 34.57 11.04
CA ASP B 250 71.13 33.49 10.83
C ASP B 250 71.50 32.58 9.68
N GLU B 251 72.69 32.75 9.11
CA GLU B 251 73.16 31.94 7.99
C GLU B 251 73.63 30.59 8.51
N ALA B 252 72.83 29.54 8.26
CA ALA B 252 73.13 28.22 8.78
C ALA B 252 72.29 27.19 8.04
N ASP B 253 72.36 25.94 8.50
CA ASP B 253 71.52 24.86 8.02
C ASP B 253 70.36 24.66 8.98
N TYR B 254 69.16 24.49 8.43
CA TYR B 254 67.94 24.31 9.21
C TYR B 254 67.28 22.99 8.82
N TYR B 255 66.87 22.23 9.82
CA TYR B 255 66.23 20.93 9.63
C TYR B 255 64.86 20.93 10.30
N CYS B 256 63.96 20.12 9.76
CA CYS B 256 62.63 19.91 10.33
C CYS B 256 62.49 18.45 10.74
N GLN B 257 61.87 18.23 11.90
CA GLN B 257 61.73 16.91 12.48
C GLN B 257 60.27 16.61 12.74
N SER B 258 59.83 15.41 12.35
CA SER B 258 58.49 14.94 12.61
C SER B 258 58.57 13.46 12.97
N TYR B 259 57.41 12.85 13.22
CA TYR B 259 57.29 11.43 13.48
C TYR B 259 56.55 10.78 12.32
N ASP B 260 57.14 9.74 11.75
CA ASP B 260 56.55 9.00 10.64
C ASP B 260 56.09 7.65 11.16
N SER B 261 54.78 7.42 11.15
CA SER B 261 54.21 6.18 11.66
C SER B 261 54.39 5.00 10.71
N SER B 262 54.72 5.26 9.44
CA SER B 262 55.06 4.16 8.54
C SER B 262 56.41 3.54 8.90
N LEU B 263 57.32 4.34 9.43
CA LEU B 263 58.59 3.84 9.95
C LEU B 263 58.59 3.65 11.46
N SER B 264 57.62 4.24 12.16
CA SER B 264 57.53 4.19 13.62
C SER B 264 58.79 4.76 14.28
N GLY B 265 59.22 5.92 13.79
CA GLY B 265 60.37 6.58 14.36
C GLY B 265 60.39 8.05 14.00
N SER B 266 61.27 8.79 14.67
CA SER B 266 61.46 10.19 14.38
C SER B 266 62.21 10.35 13.06
N VAL B 267 61.79 11.33 12.27
CA VAL B 267 62.38 11.59 10.95
C VAL B 267 62.80 13.04 10.86
N PHE B 268 63.88 13.28 10.13
CA PHE B 268 64.41 14.62 9.91
C PHE B 268 64.26 15.01 8.44
N GLY B 269 64.38 16.32 8.19
CA GLY B 269 64.39 16.82 6.84
C GLY B 269 65.77 16.78 6.22
N GLY B 270 65.83 17.02 4.91
CA GLY B 270 67.10 17.02 4.21
C GLY B 270 67.99 18.17 4.57
N GLY B 271 67.44 19.24 5.12
CA GLY B 271 68.22 20.40 5.49
C GLY B 271 68.15 21.48 4.44
N THR B 272 68.23 22.74 4.89
CA THR B 272 68.16 23.90 4.01
C THR B 272 69.24 24.88 4.42
N LYS B 273 70.15 25.18 3.49
CA LYS B 273 71.20 26.17 3.73
C LYS B 273 70.64 27.56 3.44
N LEU B 274 70.42 28.34 4.49
CA LEU B 274 69.99 29.72 4.33
C LEU B 274 71.20 30.60 4.03
N THR B 275 71.08 31.45 3.02
CA THR B 275 72.14 32.36 2.62
C THR B 275 71.63 33.79 2.72
N VAL B 276 72.37 34.63 3.42
CA VAL B 276 72.04 36.04 3.58
C VAL B 276 72.94 36.84 2.64
N LEU B 277 72.32 37.50 1.66
CA LEU B 277 73.06 38.26 0.66
C LEU B 277 73.56 39.58 1.23
N ASN C 29 -13.63 34.97 -46.40
CA ASN C 29 -14.83 34.18 -46.67
C ASN C 29 -14.62 32.70 -46.34
N LEU C 30 -13.50 32.40 -45.70
CA LEU C 30 -13.20 31.05 -45.23
C LEU C 30 -13.23 31.04 -43.70
N CYS C 31 -13.84 30.00 -43.14
CA CYS C 31 -14.12 30.01 -41.71
C CYS C 31 -12.84 29.91 -40.88
N PRO C 32 -12.74 30.72 -39.81
CA PRO C 32 -11.53 30.77 -38.96
C PRO C 32 -11.35 29.55 -38.07
N PHE C 33 -11.45 28.37 -38.67
CA PHE C 33 -11.18 27.15 -37.90
C PHE C 33 -9.72 27.06 -37.48
N GLY C 34 -8.80 27.59 -38.30
CA GLY C 34 -7.41 27.60 -37.92
C GLY C 34 -7.16 28.30 -36.59
N GLU C 35 -7.84 29.42 -36.36
CA GLU C 35 -7.62 30.20 -35.15
C GLU C 35 -8.06 29.44 -33.90
N VAL C 36 -9.02 28.53 -34.05
CA VAL C 36 -9.52 27.78 -32.90
C VAL C 36 -8.60 26.61 -32.57
N PHE C 37 -8.26 25.80 -33.58
CA PHE C 37 -7.42 24.64 -33.32
C PHE C 37 -5.97 25.05 -33.09
N ASN C 38 -5.48 26.04 -33.81
CA ASN C 38 -4.11 26.52 -33.68
C ASN C 38 -3.94 27.53 -32.56
N ALA C 39 -4.93 27.69 -31.70
CA ALA C 39 -4.88 28.70 -30.64
C ALA C 39 -3.68 28.46 -29.73
N THR C 40 -2.93 29.54 -29.47
CA THR C 40 -1.74 29.43 -28.63
C THR C 40 -2.08 29.19 -27.16
N ARG C 41 -3.28 29.57 -26.73
CA ARG C 41 -3.71 29.38 -25.35
C ARG C 41 -5.10 28.76 -25.33
N PHE C 42 -5.27 27.71 -24.54
CA PHE C 42 -6.56 27.09 -24.31
C PHE C 42 -7.01 27.35 -22.88
N ALA C 43 -8.32 27.26 -22.67
CA ALA C 43 -8.95 27.60 -21.41
C ALA C 43 -9.19 26.35 -20.57
N SER C 44 -9.41 26.57 -19.28
CA SER C 44 -9.83 25.51 -18.38
C SER C 44 -11.27 25.11 -18.70
N VAL C 45 -11.58 23.84 -18.45
CA VAL C 45 -12.89 23.31 -18.82
C VAL C 45 -14.00 24.02 -18.04
N TYR C 46 -13.72 24.47 -16.82
CA TYR C 46 -14.74 25.16 -16.05
C TYR C 46 -15.03 26.54 -16.62
N ALA C 47 -14.03 27.17 -17.26
CA ALA C 47 -14.24 28.44 -17.94
C ALA C 47 -14.03 28.25 -19.44
N TRP C 48 -14.73 27.28 -20.02
CA TRP C 48 -14.54 26.94 -21.43
C TRP C 48 -14.82 28.14 -22.32
N ASN C 49 -14.06 28.24 -23.40
CA ASN C 49 -14.14 29.36 -24.32
C ASN C 49 -15.01 29.00 -25.51
N ARG C 50 -15.77 29.98 -25.99
CA ARG C 50 -16.68 29.81 -27.11
C ARG C 50 -16.41 30.89 -28.14
N LYS C 51 -16.32 30.49 -29.41
CA LYS C 51 -16.19 31.41 -30.53
C LYS C 51 -17.30 31.12 -31.53
N ARG C 52 -17.98 32.16 -31.96
CA ARG C 52 -19.00 32.02 -33.01
C ARG C 52 -18.32 32.03 -34.37
N ILE C 53 -18.70 31.08 -35.21
CA ILE C 53 -18.24 30.99 -36.59
C ILE C 53 -19.36 31.48 -37.50
N SER C 54 -19.06 32.47 -38.34
CA SER C 54 -20.09 33.11 -39.13
C SER C 54 -19.48 33.79 -40.35
N ASN C 55 -20.34 34.00 -41.35
CA ASN C 55 -20.00 34.73 -42.57
C ASN C 55 -18.76 34.16 -43.25
N CYS C 56 -18.83 32.87 -43.56
CA CYS C 56 -17.66 32.19 -44.10
C CYS C 56 -18.06 30.86 -44.72
N VAL C 57 -17.21 30.38 -45.60
CA VAL C 57 -17.30 29.04 -46.18
C VAL C 57 -16.36 28.13 -45.40
N ALA C 58 -16.81 26.91 -45.13
CA ALA C 58 -16.07 25.98 -44.29
C ALA C 58 -15.90 24.64 -45.01
N ASP C 59 -14.67 24.29 -45.34
CA ASP C 59 -14.35 22.93 -45.76
C ASP C 59 -13.98 22.14 -44.52
N TYR C 60 -14.80 21.15 -44.19
CA TYR C 60 -14.54 20.30 -43.03
C TYR C 60 -13.61 19.14 -43.37
N SER C 61 -13.39 18.88 -44.65
CA SER C 61 -12.47 17.81 -45.05
C SER C 61 -11.05 18.10 -44.57
N VAL C 62 -10.61 19.37 -44.67
CA VAL C 62 -9.27 19.72 -44.21
C VAL C 62 -9.09 19.39 -42.74
N LEU C 63 -10.16 19.52 -41.94
CA LEU C 63 -10.08 19.10 -40.54
C LEU C 63 -10.08 17.58 -40.43
N TYR C 64 -10.94 16.90 -41.18
CA TYR C 64 -11.09 15.46 -41.03
C TYR C 64 -9.80 14.72 -41.35
N ASN C 65 -9.11 15.11 -42.43
CA ASN C 65 -7.87 14.44 -42.81
C ASN C 65 -6.69 15.05 -42.06
N SER C 66 -6.62 14.72 -40.78
CA SER C 66 -5.49 15.08 -39.94
C SER C 66 -5.16 13.90 -39.04
N ALA C 67 -3.89 13.50 -39.05
CA ALA C 67 -3.42 12.45 -38.15
C ALA C 67 -3.11 12.97 -36.76
N SER C 68 -3.30 14.27 -36.51
CA SER C 68 -3.15 14.82 -35.16
C SER C 68 -4.35 14.50 -34.27
N PHE C 69 -5.53 14.35 -34.86
CA PHE C 69 -6.77 14.23 -34.11
C PHE C 69 -6.91 12.81 -33.56
N SER C 70 -6.86 12.69 -32.23
CA SER C 70 -7.06 11.41 -31.57
C SER C 70 -8.53 11.03 -31.49
N THR C 71 -9.41 12.02 -31.32
CA THR C 71 -10.85 11.82 -31.30
C THR C 71 -11.51 12.76 -32.30
N PHE C 72 -12.46 12.22 -33.06
CA PHE C 72 -13.22 13.00 -34.05
C PHE C 72 -14.56 12.28 -34.23
N LYS C 73 -15.51 12.62 -33.36
CA LYS C 73 -16.84 12.04 -33.40
C LYS C 73 -17.87 13.13 -33.69
N CYS C 74 -18.79 12.83 -34.60
CA CYS C 74 -19.88 13.73 -34.92
C CYS C 74 -21.20 13.08 -34.55
N TYR C 75 -22.20 13.91 -34.29
CA TYR C 75 -23.50 13.46 -33.79
C TYR C 75 -24.59 14.19 -34.55
N GLY C 76 -25.56 13.45 -35.07
CA GLY C 76 -26.69 14.05 -35.76
C GLY C 76 -26.36 14.40 -37.20
N VAL C 77 -25.06 14.48 -37.53
CA VAL C 77 -24.60 14.74 -38.88
C VAL C 77 -23.51 13.73 -39.21
N SER C 78 -23.18 13.67 -40.50
CA SER C 78 -22.03 12.94 -40.97
C SER C 78 -21.04 13.93 -41.58
N PRO C 79 -19.76 13.87 -41.21
CA PRO C 79 -18.79 14.83 -41.78
C PRO C 79 -18.70 14.74 -43.29
N THR C 80 -18.98 13.56 -43.85
CA THR C 80 -18.99 13.38 -45.30
C THR C 80 -19.89 14.41 -45.97
N LYS C 81 -21.14 14.51 -45.51
CA LYS C 81 -22.13 15.40 -46.10
C LYS C 81 -22.07 16.83 -45.55
N LEU C 82 -21.31 17.06 -44.49
CA LEU C 82 -21.24 18.39 -43.88
C LEU C 82 -20.82 19.45 -44.90
N ASN C 83 -20.06 19.04 -45.92
CA ASN C 83 -19.71 19.95 -47.01
C ASN C 83 -20.94 20.41 -47.80
N ASP C 84 -22.02 19.64 -47.77
CA ASP C 84 -23.21 19.95 -48.56
C ASP C 84 -24.29 20.68 -47.76
N LEU C 85 -23.96 21.17 -46.57
CA LEU C 85 -24.95 21.75 -45.68
C LEU C 85 -24.62 23.19 -45.34
N CYS C 86 -25.67 23.93 -44.98
CA CYS C 86 -25.56 25.31 -44.51
C CYS C 86 -26.27 25.41 -43.17
N PHE C 87 -25.76 26.31 -42.32
CA PHE C 87 -26.27 26.41 -40.96
C PHE C 87 -26.48 27.89 -40.60
N THR C 88 -27.35 28.10 -39.61
CA THR C 88 -27.63 29.42 -39.08
C THR C 88 -26.63 29.84 -38.00
N ASN C 89 -26.23 28.90 -37.15
CA ASN C 89 -25.23 29.15 -36.11
C ASN C 89 -24.21 28.04 -36.13
N VAL C 90 -22.94 28.41 -35.92
CA VAL C 90 -21.86 27.45 -35.72
C VAL C 90 -20.98 27.98 -34.59
N TYR C 91 -20.82 27.19 -33.53
CA TYR C 91 -20.00 27.55 -32.39
C TYR C 91 -18.83 26.59 -32.26
N ALA C 92 -17.73 27.11 -31.73
CA ALA C 92 -16.50 26.35 -31.53
C ALA C 92 -16.05 26.54 -30.08
N ASP C 93 -16.36 25.56 -29.24
CA ASP C 93 -15.99 25.59 -27.83
C ASP C 93 -14.70 24.82 -27.61
N SER C 94 -13.82 25.35 -26.76
CA SER C 94 -12.48 24.81 -26.59
C SER C 94 -12.09 24.77 -25.12
N PHE C 95 -11.42 23.69 -24.74
CA PHE C 95 -10.91 23.52 -23.37
C PHE C 95 -9.86 22.43 -23.37
N VAL C 96 -9.20 22.28 -22.22
CA VAL C 96 -8.20 21.24 -21.98
C VAL C 96 -8.71 20.36 -20.85
N ILE C 97 -8.73 19.05 -21.07
CA ILE C 97 -9.15 18.06 -20.07
C ILE C 97 -8.21 16.87 -20.13
N ARG C 98 -8.40 15.93 -19.20
CA ARG C 98 -7.65 14.70 -19.15
C ARG C 98 -8.12 13.73 -20.23
N GLY C 99 -7.25 12.76 -20.56
CA GLY C 99 -7.58 11.78 -21.58
C GLY C 99 -8.73 10.87 -21.17
N ASP C 100 -8.77 10.48 -19.90
CA ASP C 100 -9.86 9.64 -19.43
C ASP C 100 -11.20 10.36 -19.53
N GLU C 101 -11.19 11.70 -19.45
CA GLU C 101 -12.41 12.49 -19.40
C GLU C 101 -12.93 12.90 -20.78
N VAL C 102 -12.17 12.64 -21.85
CA VAL C 102 -12.64 12.99 -23.19
C VAL C 102 -13.93 12.23 -23.52
N ARG C 103 -14.09 11.02 -22.99
CA ARG C 103 -15.31 10.25 -23.21
C ARG C 103 -16.53 11.00 -22.69
N GLN C 104 -16.37 11.82 -21.66
CA GLN C 104 -17.49 12.58 -21.11
C GLN C 104 -17.93 13.72 -22.00
N ILE C 105 -17.15 14.09 -23.01
CA ILE C 105 -17.52 15.16 -23.94
C ILE C 105 -18.31 14.49 -25.06
N ALA C 106 -19.57 14.21 -24.76
CA ALA C 106 -20.47 13.52 -25.67
C ALA C 106 -21.88 13.64 -25.10
N PRO C 107 -22.91 13.49 -25.94
CA PRO C 107 -24.29 13.58 -25.43
C PRO C 107 -24.59 12.45 -24.45
N GLY C 108 -25.42 12.77 -23.45
CA GLY C 108 -25.92 11.77 -22.54
C GLY C 108 -24.89 11.18 -21.59
N GLN C 109 -23.72 11.80 -21.47
CA GLN C 109 -22.66 11.28 -20.61
C GLN C 109 -22.76 11.86 -19.20
N THR C 110 -22.13 11.16 -18.26
CA THR C 110 -22.09 11.58 -16.87
C THR C 110 -20.67 11.50 -16.34
N GLY C 111 -20.44 12.20 -15.23
CA GLY C 111 -19.11 12.34 -14.66
C GLY C 111 -18.88 13.76 -14.22
N LYS C 112 -17.67 14.06 -13.73
CA LYS C 112 -17.38 15.39 -13.20
C LYS C 112 -17.47 16.45 -14.30
N ILE C 113 -16.83 16.20 -15.43
CA ILE C 113 -16.73 17.20 -16.49
C ILE C 113 -18.10 17.46 -17.11
N ALA C 114 -18.83 16.41 -17.44
CA ALA C 114 -20.14 16.57 -18.07
C ALA C 114 -21.15 17.18 -17.10
N ASP C 115 -21.11 16.78 -15.83
CA ASP C 115 -22.13 17.23 -14.89
C ASP C 115 -21.81 18.59 -14.28
N TYR C 116 -20.53 18.96 -14.17
CA TYR C 116 -20.14 20.16 -13.44
C TYR C 116 -19.30 21.15 -14.24
N ASN C 117 -18.90 20.83 -15.47
CA ASN C 117 -17.98 21.70 -16.19
C ASN C 117 -18.49 22.09 -17.58
N TYR C 118 -18.73 21.09 -18.43
CA TYR C 118 -19.21 21.32 -19.78
C TYR C 118 -20.17 20.20 -20.15
N LYS C 119 -21.42 20.54 -20.41
CA LYS C 119 -22.43 19.56 -20.78
C LYS C 119 -22.89 19.81 -22.21
N LEU C 120 -22.97 18.74 -22.99
CA LEU C 120 -23.51 18.75 -24.34
C LEU C 120 -24.97 18.35 -24.33
N PRO C 121 -25.78 18.95 -25.19
CA PRO C 121 -27.19 18.57 -25.27
C PRO C 121 -27.33 17.11 -25.72
N ASP C 122 -28.40 16.46 -25.25
CA ASP C 122 -28.71 15.13 -25.74
C ASP C 122 -29.06 15.16 -27.22
N ASP C 123 -29.67 16.23 -27.68
CA ASP C 123 -29.96 16.49 -29.09
C ASP C 123 -28.80 17.11 -29.84
N PHE C 124 -27.57 16.92 -29.35
CA PHE C 124 -26.42 17.62 -29.90
C PHE C 124 -26.24 17.31 -31.38
N THR C 125 -26.04 18.37 -32.17
CA THR C 125 -25.78 18.25 -33.60
C THR C 125 -24.45 18.95 -33.86
N GLY C 126 -23.41 18.17 -34.05
CA GLY C 126 -22.08 18.73 -34.27
C GLY C 126 -21.02 17.65 -34.15
N CYS C 127 -19.79 18.09 -33.95
CA CYS C 127 -18.64 17.19 -33.86
C CYS C 127 -17.81 17.52 -32.64
N VAL C 128 -17.04 16.53 -32.18
CA VAL C 128 -16.12 16.67 -31.06
C VAL C 128 -14.75 16.22 -31.51
N ILE C 129 -13.75 17.06 -31.30
CA ILE C 129 -12.40 16.83 -31.79
C ILE C 129 -11.43 17.00 -30.63
N ALA C 130 -10.48 16.07 -30.51
CA ALA C 130 -9.51 16.12 -29.42
C ALA C 130 -8.17 15.60 -29.90
N TRP C 131 -7.10 16.09 -29.26
CA TRP C 131 -5.75 15.64 -29.54
C TRP C 131 -4.89 15.84 -28.30
N ASN C 132 -3.84 15.03 -28.20
CA ASN C 132 -2.93 15.06 -27.05
C ASN C 132 -2.04 16.29 -27.12
N SER C 133 -2.00 17.05 -26.02
CA SER C 133 -1.19 18.26 -25.93
C SER C 133 -0.15 18.15 -24.81
N ASN C 134 0.35 16.94 -24.55
CA ASN C 134 1.38 16.77 -23.53
C ASN C 134 2.64 17.55 -23.88
N ASN C 135 2.89 17.76 -25.17
CA ASN C 135 4.05 18.52 -25.60
C ASN C 135 3.93 19.99 -25.24
N LEU C 136 2.71 20.49 -25.08
CA LEU C 136 2.46 21.91 -24.84
C LEU C 136 2.01 22.24 -23.42
N ASP C 137 1.12 21.43 -22.84
CA ASP C 137 0.45 21.79 -21.60
C ASP C 137 0.97 21.05 -20.38
N SER C 138 2.13 20.41 -20.48
CA SER C 138 2.72 19.71 -19.34
C SER C 138 4.10 20.29 -19.04
N LYS C 139 4.38 20.48 -17.75
CA LYS C 139 5.67 20.95 -17.27
C LYS C 139 6.25 19.92 -16.31
N VAL C 140 7.58 19.93 -16.19
CA VAL C 140 8.26 18.95 -15.34
C VAL C 140 7.82 19.12 -13.88
N GLY C 141 7.89 20.34 -13.36
CA GLY C 141 7.46 20.58 -12.00
C GLY C 141 5.98 20.33 -11.80
N GLY C 142 5.20 20.45 -12.87
CA GLY C 142 3.77 20.26 -12.80
C GLY C 142 3.02 21.53 -13.17
N ASN C 143 2.26 21.47 -14.26
CA ASN C 143 1.41 22.58 -14.68
C ASN C 143 0.10 22.49 -13.93
N TYR C 144 -0.12 23.43 -13.01
CA TYR C 144 -1.33 23.48 -12.20
C TYR C 144 -2.23 24.66 -12.57
N ASN C 145 -2.07 25.19 -13.79
CA ASN C 145 -2.84 26.34 -14.23
C ASN C 145 -4.18 25.97 -14.85
N TYR C 146 -4.30 24.75 -15.39
CA TYR C 146 -5.58 24.27 -15.87
C TYR C 146 -6.39 23.70 -14.72
N LEU C 147 -7.64 24.15 -14.58
CA LEU C 147 -8.50 23.80 -13.47
C LEU C 147 -9.72 23.05 -13.96
N TYR C 148 -10.43 22.44 -13.00
CA TYR C 148 -11.74 21.86 -13.22
C TYR C 148 -12.54 22.01 -11.94
N ARG C 149 -13.85 21.88 -12.05
CA ARG C 149 -14.75 22.02 -10.92
C ARG C 149 -15.11 20.64 -10.38
N LEU C 150 -14.84 20.42 -9.09
CA LEU C 150 -15.09 19.11 -8.50
C LEU C 150 -16.53 18.98 -7.99
N PHE C 151 -17.08 20.06 -7.43
CA PHE C 151 -18.36 20.00 -6.75
C PHE C 151 -19.31 21.07 -7.25
N ARG C 152 -20.60 20.75 -7.23
CA ARG C 152 -21.66 21.68 -7.58
C ARG C 152 -22.97 21.09 -7.09
N LYS C 153 -23.82 21.95 -6.51
CA LYS C 153 -25.07 21.48 -5.92
C LYS C 153 -25.95 20.76 -6.93
N SER C 154 -25.90 21.18 -8.20
CA SER C 154 -26.73 20.59 -9.24
C SER C 154 -25.89 20.37 -10.50
N ASN C 155 -26.45 19.61 -11.43
CA ASN C 155 -25.82 19.42 -12.72
C ASN C 155 -25.97 20.66 -13.59
N LEU C 156 -25.03 20.85 -14.50
CA LEU C 156 -25.07 21.98 -15.41
C LEU C 156 -26.09 21.74 -16.51
N LYS C 157 -26.76 22.82 -16.93
CA LYS C 157 -27.56 22.76 -18.12
C LYS C 157 -26.66 22.64 -19.35
N PRO C 158 -27.18 22.12 -20.45
CA PRO C 158 -26.38 22.06 -21.68
C PRO C 158 -25.87 23.44 -22.06
N PHE C 159 -24.57 23.52 -22.33
CA PHE C 159 -23.89 24.75 -22.75
C PHE C 159 -23.95 25.83 -21.67
N GLU C 160 -23.92 25.44 -20.41
CA GLU C 160 -23.86 26.38 -19.30
C GLU C 160 -22.44 26.41 -18.73
N ARG C 161 -22.04 27.59 -18.27
CA ARG C 161 -20.71 27.82 -17.73
C ARG C 161 -20.82 28.36 -16.30
N ASP C 162 -20.20 27.67 -15.35
CA ASP C 162 -20.13 28.10 -13.96
C ASP C 162 -18.67 28.48 -13.68
N ILE C 163 -18.44 29.77 -13.42
CA ILE C 163 -17.12 30.28 -13.09
C ILE C 163 -17.11 30.89 -11.68
N SER C 164 -18.07 30.52 -10.85
CA SER C 164 -18.12 31.00 -9.48
C SER C 164 -17.12 30.22 -8.62
N THR C 165 -16.54 30.92 -7.65
CA THR C 165 -15.57 30.30 -6.75
C THR C 165 -16.05 30.37 -5.30
N GLU C 166 -17.29 29.96 -5.05
CA GLU C 166 -17.86 29.97 -3.71
C GLU C 166 -17.75 28.58 -3.09
N ILE C 167 -17.49 28.55 -1.78
CA ILE C 167 -17.20 27.30 -1.09
C ILE C 167 -18.41 26.37 -1.13
N TYR C 168 -18.14 25.10 -1.40
CA TYR C 168 -19.18 24.09 -1.54
C TYR C 168 -19.51 23.49 -0.18
N GLN C 169 -20.80 23.42 0.14
CA GLN C 169 -21.28 22.93 1.43
C GLN C 169 -21.75 21.49 1.27
N ALA C 170 -20.85 20.55 1.53
CA ALA C 170 -21.27 19.16 1.70
C ALA C 170 -21.78 18.89 3.10
N GLY C 171 -21.75 19.89 3.99
CA GLY C 171 -22.00 19.65 5.39
C GLY C 171 -23.02 20.62 5.97
N SER C 172 -23.56 20.24 7.13
CA SER C 172 -24.49 21.10 7.86
C SER C 172 -23.88 22.46 8.15
N THR C 173 -22.60 22.49 8.48
CA THR C 173 -21.90 23.71 8.80
C THR C 173 -22.07 24.73 7.69
N PRO C 174 -22.64 25.92 7.98
CA PRO C 174 -22.49 27.03 7.04
C PRO C 174 -21.02 27.31 6.85
N CYS C 175 -20.49 27.05 5.64
CA CYS C 175 -19.05 27.20 5.43
C CYS C 175 -18.59 28.61 5.71
N ASN C 176 -19.48 29.60 5.56
CA ASN C 176 -19.22 30.98 5.96
C ASN C 176 -17.91 31.49 5.33
N GLY C 177 -17.67 31.08 4.09
CA GLY C 177 -16.56 31.58 3.30
C GLY C 177 -15.20 31.04 3.64
N VAL C 178 -15.10 29.97 4.43
CA VAL C 178 -13.81 29.41 4.82
C VAL C 178 -13.81 27.92 4.54
N GLU C 179 -12.69 27.42 4.04
CA GLU C 179 -12.52 25.98 3.85
C GLU C 179 -12.49 25.28 5.20
N GLY C 180 -13.00 24.05 5.22
CA GLY C 180 -13.06 23.31 6.47
C GLY C 180 -13.69 21.95 6.24
N PHE C 181 -14.19 21.36 7.32
CA PHE C 181 -14.81 20.04 7.22
C PHE C 181 -16.12 20.15 6.43
N ASN C 182 -16.23 19.32 5.40
CA ASN C 182 -17.38 19.36 4.48
C ASN C 182 -17.57 20.77 3.93
N CYS C 183 -16.45 21.45 3.70
CA CYS C 183 -16.41 22.80 3.13
C CYS C 183 -15.18 22.87 2.24
N TYR C 184 -15.41 22.89 0.93
CA TYR C 184 -14.33 22.77 -0.04
C TYR C 184 -14.41 23.90 -1.06
N PHE C 185 -13.24 24.37 -1.47
CA PHE C 185 -13.16 25.21 -2.65
C PHE C 185 -13.57 24.39 -3.86
N PRO C 186 -14.44 24.91 -4.73
CA PRO C 186 -15.02 24.08 -5.80
C PRO C 186 -14.06 23.70 -6.91
N LEU C 187 -12.86 24.29 -6.97
CA LEU C 187 -11.92 24.03 -8.05
C LEU C 187 -10.65 23.41 -7.52
N GLN C 188 -10.18 22.37 -8.20
CA GLN C 188 -8.86 21.80 -8.02
C GLN C 188 -8.12 21.84 -9.36
N SER C 189 -6.82 21.60 -9.31
CA SER C 189 -5.96 21.76 -10.48
C SER C 189 -5.54 20.40 -11.01
N TYR C 190 -5.70 20.21 -12.33
CA TYR C 190 -5.04 19.11 -13.01
C TYR C 190 -3.54 19.22 -12.77
N GLY C 191 -2.92 18.10 -12.41
CA GLY C 191 -1.48 18.07 -12.29
C GLY C 191 -0.84 17.40 -13.49
N PHE C 192 -0.44 18.19 -14.48
CA PHE C 192 0.11 17.67 -15.72
C PHE C 192 1.63 17.57 -15.60
N GLN C 193 2.11 16.39 -15.23
CA GLN C 193 3.52 16.05 -15.34
C GLN C 193 3.74 15.22 -16.60
N PRO C 194 4.82 15.46 -17.34
CA PRO C 194 4.98 14.77 -18.63
C PRO C 194 4.96 13.26 -18.52
N THR C 195 5.52 12.71 -17.45
CA THR C 195 5.59 11.26 -17.26
C THR C 195 4.22 10.64 -16.95
N ASN C 196 3.21 11.45 -16.66
CA ASN C 196 1.88 10.91 -16.46
C ASN C 196 1.42 10.14 -17.70
N GLY C 197 0.69 9.05 -17.45
CA GLY C 197 0.17 8.24 -18.52
C GLY C 197 -0.80 9.01 -19.42
N VAL C 198 -1.28 8.32 -20.46
CA VAL C 198 -2.16 8.96 -21.44
C VAL C 198 -3.42 9.48 -20.79
N GLY C 199 -3.94 8.77 -19.78
CA GLY C 199 -5.19 9.15 -19.17
C GLY C 199 -5.11 10.34 -18.25
N TYR C 200 -3.91 10.73 -17.82
CA TYR C 200 -3.71 11.89 -16.97
C TYR C 200 -2.86 12.96 -17.66
N GLN C 201 -2.77 12.88 -19.00
CA GLN C 201 -2.12 13.85 -19.86
C GLN C 201 -3.12 14.89 -20.33
N PRO C 202 -2.65 16.07 -20.75
CA PRO C 202 -3.58 17.09 -21.25
C PRO C 202 -4.08 16.73 -22.64
N TYR C 203 -5.37 16.95 -22.86
CA TYR C 203 -5.98 16.80 -24.17
C TYR C 203 -6.73 18.08 -24.52
N ARG C 204 -6.46 18.62 -25.70
CA ARG C 204 -7.16 19.79 -26.20
C ARG C 204 -8.43 19.35 -26.92
N VAL C 205 -9.55 19.94 -26.53
CA VAL C 205 -10.86 19.57 -27.06
C VAL C 205 -11.48 20.79 -27.73
N VAL C 206 -11.89 20.62 -28.98
CA VAL C 206 -12.68 21.61 -29.70
C VAL C 206 -14.01 20.98 -30.06
N VAL C 207 -15.10 21.62 -29.65
CA VAL C 207 -16.45 21.12 -29.88
C VAL C 207 -17.15 22.05 -30.85
N LEU C 208 -17.52 21.51 -32.01
CA LEU C 208 -18.21 22.26 -33.05
C LEU C 208 -19.71 21.99 -32.96
N SER C 209 -20.49 23.03 -32.70
CA SER C 209 -21.94 22.93 -32.66
C SER C 209 -22.53 23.54 -33.93
N PHE C 210 -23.57 22.91 -34.46
CA PHE C 210 -24.28 23.42 -35.63
C PHE C 210 -25.76 23.52 -35.30
N GLU C 211 -26.41 24.56 -35.84
CA GLU C 211 -27.83 24.75 -35.62
C GLU C 211 -28.50 25.31 -36.86
N LEU C 212 -29.67 24.77 -37.17
CA LEU C 212 -30.55 25.32 -38.20
C LEU C 212 -31.70 26.04 -37.50
N LEU C 213 -31.91 27.30 -37.89
CA LEU C 213 -33.10 28.04 -37.52
C LEU C 213 -33.77 28.52 -38.80
N HIS C 214 -35.04 28.90 -38.67
CA HIS C 214 -35.76 29.52 -39.79
C HIS C 214 -35.28 30.96 -39.92
N ALA C 215 -34.04 31.09 -40.40
CA ALA C 215 -33.30 32.34 -40.39
C ALA C 215 -32.15 32.21 -41.39
N PRO C 216 -31.54 33.33 -41.79
CA PRO C 216 -30.47 33.27 -42.81
C PRO C 216 -29.34 32.34 -42.40
N ALA C 217 -28.74 31.69 -43.41
CA ALA C 217 -27.64 30.77 -43.21
C ALA C 217 -26.32 31.51 -43.43
N THR C 218 -25.47 31.53 -42.41
CA THR C 218 -24.22 32.28 -42.45
C THR C 218 -22.99 31.43 -42.72
N VAL C 219 -23.02 30.15 -42.34
CA VAL C 219 -21.90 29.23 -42.56
C VAL C 219 -22.35 28.18 -43.55
N CYS C 220 -21.79 28.22 -44.75
CA CYS C 220 -22.10 27.26 -45.81
C CYS C 220 -20.87 26.48 -46.20
N GLY C 221 -21.09 25.30 -46.79
CA GLY C 221 -20.02 24.43 -47.20
C GLY C 221 -19.39 24.83 -48.52
N PRO C 222 -18.50 23.98 -49.04
CA PRO C 222 -17.81 24.32 -50.29
C PRO C 222 -18.75 24.61 -51.46
N LYS C 223 -19.70 23.72 -51.73
CA LYS C 223 -20.62 23.89 -52.86
C LYS C 223 -21.90 24.60 -52.47
N LYS C 224 -22.04 25.02 -51.21
CA LYS C 224 -23.24 25.68 -50.70
C LYS C 224 -24.50 24.87 -50.99
N VAL D 29 -14.95 45.03 2.51
CA VAL D 29 -13.58 44.83 2.08
C VAL D 29 -13.07 46.04 1.30
N GLN D 30 -11.85 46.48 1.63
CA GLN D 30 -11.14 47.49 0.87
C GLN D 30 -9.77 46.93 0.47
N LEU D 31 -9.31 47.32 -0.71
CA LEU D 31 -8.00 46.90 -1.24
C LEU D 31 -7.08 48.11 -1.20
N VAL D 32 -6.10 48.07 -0.29
CA VAL D 32 -5.16 49.17 -0.11
C VAL D 32 -3.94 48.90 -0.98
N GLN D 33 -3.73 49.76 -1.98
CA GLN D 33 -2.61 49.62 -2.90
C GLN D 33 -1.41 50.43 -2.42
N SER D 34 -0.25 50.11 -2.99
CA SER D 34 1.00 50.75 -2.61
C SER D 34 1.03 52.19 -3.09
N GLY D 35 2.10 52.90 -2.73
CA GLY D 35 2.28 54.27 -3.15
C GLY D 35 2.88 54.37 -4.54
N ALA D 36 2.95 55.61 -5.03
CA ALA D 36 3.40 55.87 -6.38
C ALA D 36 4.88 55.54 -6.56
N GLU D 37 5.27 55.24 -7.79
CA GLU D 37 6.61 54.81 -8.12
C GLU D 37 7.07 55.49 -9.41
N VAL D 38 8.34 55.89 -9.43
CA VAL D 38 9.01 56.37 -10.63
C VAL D 38 10.17 55.43 -10.93
N LYS D 39 10.11 54.76 -12.07
CA LYS D 39 11.10 53.78 -12.47
C LYS D 39 11.63 54.14 -13.86
N LYS D 40 12.69 53.47 -14.27
CA LYS D 40 13.37 53.76 -15.52
C LYS D 40 13.26 52.59 -16.49
N PRO D 41 13.48 52.84 -17.79
CA PRO D 41 13.46 51.74 -18.76
C PRO D 41 14.39 50.60 -18.36
N GLY D 42 13.91 49.37 -18.57
CA GLY D 42 14.63 48.18 -18.16
C GLY D 42 14.42 47.76 -16.73
N SER D 43 13.99 48.67 -15.85
CA SER D 43 13.84 48.36 -14.44
C SER D 43 12.65 47.42 -14.23
N SER D 44 12.42 47.06 -12.97
CA SER D 44 11.30 46.22 -12.57
C SER D 44 10.59 46.88 -11.40
N VAL D 45 9.26 46.79 -11.40
CA VAL D 45 8.43 47.38 -10.37
C VAL D 45 7.61 46.29 -9.71
N LYS D 46 7.39 46.43 -8.40
CA LYS D 46 6.61 45.47 -7.63
C LYS D 46 5.62 46.25 -6.77
N VAL D 47 4.34 46.15 -7.13
CA VAL D 47 3.27 46.87 -6.43
C VAL D 47 2.48 45.88 -5.59
N SER D 48 1.87 46.39 -4.52
CA SER D 48 1.17 45.56 -3.56
C SER D 48 -0.32 45.89 -3.52
N CYS D 49 -1.10 44.94 -3.02
CA CYS D 49 -2.55 45.09 -2.87
C CYS D 49 -2.94 44.36 -1.60
N LYS D 50 -3.40 45.10 -0.60
CA LYS D 50 -3.65 44.57 0.73
C LYS D 50 -5.14 44.64 1.03
N ALA D 51 -5.71 43.50 1.41
CA ALA D 51 -7.10 43.43 1.85
C ALA D 51 -7.19 43.93 3.28
N SER D 52 -7.94 45.02 3.48
CA SER D 52 -7.98 45.66 4.79
C SER D 52 -8.53 44.73 5.86
N GLY D 53 -9.72 44.17 5.62
CA GLY D 53 -10.29 43.20 6.53
C GLY D 53 -10.36 41.83 5.90
N GLY D 54 -10.27 41.79 4.57
CA GLY D 54 -10.37 40.53 3.86
C GLY D 54 -9.22 39.59 4.17
N THR D 55 -9.50 38.29 4.03
CA THR D 55 -8.53 37.25 4.29
C THR D 55 -8.11 36.52 3.02
N PHE D 56 -8.41 37.08 1.85
CA PHE D 56 -8.23 36.39 0.57
C PHE D 56 -8.92 35.02 0.60
N SER D 57 -10.11 34.99 1.21
CA SER D 57 -10.82 33.75 1.48
C SER D 57 -11.45 33.24 0.19
N SER D 58 -10.62 32.58 -0.62
CA SER D 58 -10.97 32.03 -1.92
C SER D 58 -11.29 33.11 -2.95
N TYR D 59 -11.01 34.37 -2.63
CA TYR D 59 -11.25 35.46 -3.56
C TYR D 59 -10.14 35.52 -4.58
N THR D 60 -10.49 35.94 -5.80
CA THR D 60 -9.53 36.04 -6.90
C THR D 60 -9.09 37.49 -7.03
N ILE D 61 -7.79 37.72 -6.92
CA ILE D 61 -7.21 39.06 -7.00
C ILE D 61 -6.61 39.23 -8.39
N SER D 62 -7.16 40.17 -9.16
CA SER D 62 -6.70 40.45 -10.51
C SER D 62 -6.05 41.82 -10.57
N TRP D 63 -5.36 42.07 -11.68
CA TRP D 63 -4.60 43.30 -11.89
C TRP D 63 -4.93 43.87 -13.27
N VAL D 64 -5.36 45.13 -13.29
CA VAL D 64 -5.74 45.84 -14.50
C VAL D 64 -4.98 47.16 -14.54
N ARG D 65 -4.48 47.52 -15.71
CA ARG D 65 -3.75 48.77 -15.89
C ARG D 65 -4.49 49.66 -16.87
N GLN D 66 -4.46 50.97 -16.58
CA GLN D 66 -5.01 51.99 -17.47
C GLN D 66 -3.84 52.85 -17.94
N ALA D 67 -3.33 52.53 -19.13
CA ALA D 67 -2.20 53.23 -19.72
C ALA D 67 -2.68 54.19 -20.81
N PRO D 68 -2.06 55.36 -20.89
CA PRO D 68 -2.40 56.29 -21.97
C PRO D 68 -2.21 55.65 -23.33
N GLY D 69 -3.26 55.72 -24.15
CA GLY D 69 -3.23 55.17 -25.49
C GLY D 69 -3.57 53.69 -25.60
N GLN D 70 -3.66 52.98 -24.47
CA GLN D 70 -3.98 51.55 -24.48
C GLN D 70 -5.24 51.21 -23.71
N GLY D 71 -5.84 52.17 -23.02
CA GLY D 71 -7.08 51.93 -22.29
C GLY D 71 -6.91 50.93 -21.15
N LEU D 72 -8.07 50.49 -20.66
CA LEU D 72 -8.09 49.46 -19.62
C LEU D 72 -7.78 48.11 -20.23
N GLU D 73 -6.75 47.45 -19.72
CA GLU D 73 -6.40 46.09 -20.15
C GLU D 73 -6.07 45.24 -18.94
N TRP D 74 -6.59 44.02 -18.93
CA TRP D 74 -6.40 43.07 -17.84
C TRP D 74 -5.08 42.33 -18.03
N MET D 75 -4.27 42.29 -16.97
CA MET D 75 -2.93 41.73 -17.02
C MET D 75 -2.86 40.31 -16.47
N GLY D 76 -3.53 40.04 -15.36
CA GLY D 76 -3.49 38.72 -14.78
C GLY D 76 -4.12 38.70 -13.41
N GLY D 77 -4.15 37.50 -12.83
CA GLY D 77 -4.79 37.33 -11.54
C GLY D 77 -4.25 36.12 -10.80
N ILE D 78 -4.75 35.93 -9.59
CA ILE D 78 -4.31 34.85 -8.72
C ILE D 78 -5.46 34.42 -7.82
N ILE D 79 -5.51 33.13 -7.53
CA ILE D 79 -6.39 32.57 -6.50
C ILE D 79 -5.51 32.11 -5.35
N PRO D 80 -5.47 32.83 -4.23
CA PRO D 80 -4.51 32.48 -3.16
C PRO D 80 -4.72 31.09 -2.57
N ILE D 81 -5.96 30.68 -2.36
CA ILE D 81 -6.21 29.39 -1.71
C ILE D 81 -5.67 28.22 -2.53
N LEU D 82 -5.44 28.43 -3.83
CA LEU D 82 -4.87 27.39 -4.69
C LEU D 82 -3.45 27.69 -5.14
N GLY D 83 -3.01 28.95 -5.06
CA GLY D 83 -1.73 29.34 -5.62
C GLY D 83 -1.71 29.45 -7.13
N THR D 84 -2.82 29.18 -7.79
CA THR D 84 -2.87 29.22 -9.25
C THR D 84 -2.90 30.66 -9.74
N THR D 85 -2.25 30.89 -10.88
CA THR D 85 -2.15 32.22 -11.47
C THR D 85 -2.57 32.16 -12.94
N ASN D 86 -3.07 33.28 -13.43
CA ASN D 86 -3.41 33.45 -14.84
C ASN D 86 -2.81 34.77 -15.31
N TYR D 87 -2.30 34.77 -16.54
CA TYR D 87 -1.69 35.96 -17.12
C TYR D 87 -2.24 36.17 -18.52
N ALA D 88 -2.15 37.41 -18.99
CA ALA D 88 -2.56 37.75 -20.34
C ALA D 88 -1.44 37.45 -21.32
N GLN D 89 -1.83 37.30 -22.59
CA GLN D 89 -0.85 36.99 -23.64
C GLN D 89 0.23 38.06 -23.73
N LYS D 90 -0.18 39.33 -23.80
CA LYS D 90 0.78 40.41 -23.97
C LYS D 90 1.78 40.47 -22.81
N PHE D 91 1.28 40.32 -21.58
CA PHE D 91 2.11 40.48 -20.39
C PHE D 91 2.75 39.18 -19.91
N GLN D 92 2.54 38.07 -20.63
CA GLN D 92 3.14 36.80 -20.22
C GLN D 92 4.66 36.88 -20.29
N GLY D 93 5.32 36.41 -19.23
CA GLY D 93 6.76 36.41 -19.15
C GLY D 93 7.38 37.69 -18.62
N ARG D 94 6.60 38.76 -18.48
CA ARG D 94 7.08 39.99 -17.88
C ARG D 94 6.27 40.41 -16.65
N VAL D 95 5.28 39.61 -16.25
CA VAL D 95 4.51 39.86 -15.05
C VAL D 95 4.57 38.61 -14.17
N THR D 96 4.59 38.83 -12.86
CA THR D 96 4.57 37.75 -11.88
C THR D 96 3.69 38.18 -10.72
N ILE D 97 2.73 37.33 -10.36
CA ILE D 97 1.74 37.64 -9.34
C ILE D 97 1.86 36.61 -8.22
N THR D 98 1.96 37.10 -6.99
CA THR D 98 2.16 36.26 -5.81
C THR D 98 1.24 36.75 -4.69
N ALA D 99 1.26 36.02 -3.57
CA ALA D 99 0.43 36.37 -2.43
C ALA D 99 1.09 35.88 -1.15
N ASP D 100 1.13 36.75 -0.15
CA ASP D 100 1.49 36.38 1.22
C ASP D 100 0.18 36.22 1.99
N GLU D 101 -0.17 34.97 2.30
CA GLU D 101 -1.44 34.70 2.97
C GLU D 101 -1.42 35.07 4.45
N SER D 102 -0.25 35.24 5.04
CA SER D 102 -0.18 35.67 6.43
C SER D 102 -0.64 37.12 6.57
N THR D 103 -0.04 38.02 5.79
CA THR D 103 -0.43 39.42 5.78
C THR D 103 -1.65 39.68 4.89
N SER D 104 -2.14 38.67 4.18
CA SER D 104 -3.25 38.81 3.24
C SER D 104 -2.99 39.95 2.26
N THR D 105 -1.88 39.80 1.53
CA THR D 105 -1.42 40.79 0.57
C THR D 105 -1.07 40.11 -0.74
N ALA D 106 -1.33 40.79 -1.84
CA ALA D 106 -1.01 40.30 -3.18
C ALA D 106 0.00 41.24 -3.84
N TYR D 107 0.80 40.68 -4.74
CA TYR D 107 1.89 41.42 -5.36
C TYR D 107 1.87 41.24 -6.88
N MET D 108 2.25 42.31 -7.58
CA MET D 108 2.40 42.29 -9.04
C MET D 108 3.78 42.84 -9.36
N GLU D 109 4.64 42.00 -9.92
CA GLU D 109 5.98 42.41 -10.33
C GLU D 109 6.01 42.48 -11.86
N LEU D 110 6.12 43.69 -12.38
CA LEU D 110 6.29 43.93 -13.81
C LEU D 110 7.76 44.24 -14.08
N SER D 111 8.34 43.52 -15.03
CA SER D 111 9.75 43.65 -15.37
C SER D 111 9.89 44.20 -16.79
N SER D 112 11.14 44.44 -17.18
CA SER D 112 11.47 45.04 -18.48
C SER D 112 10.64 46.29 -18.72
N LEU D 113 10.59 47.15 -17.70
CA LEU D 113 9.75 48.33 -17.73
C LEU D 113 10.09 49.20 -18.93
N ARG D 114 9.06 49.56 -19.69
CA ARG D 114 9.20 50.41 -20.86
C ARG D 114 8.38 51.67 -20.66
N SER D 115 8.66 52.68 -21.49
CA SER D 115 7.93 53.93 -21.44
C SER D 115 6.42 53.69 -21.55
N GLU D 116 6.02 52.75 -22.40
CA GLU D 116 4.62 52.42 -22.61
C GLU D 116 3.94 51.81 -21.39
N ASP D 117 4.71 51.40 -20.38
CA ASP D 117 4.17 50.82 -19.16
C ASP D 117 3.87 51.86 -18.09
N THR D 118 4.02 53.15 -18.41
CA THR D 118 3.58 54.22 -17.52
C THR D 118 2.05 54.19 -17.46
N ALA D 119 1.52 53.88 -16.29
CA ALA D 119 0.08 53.69 -16.16
C ALA D 119 -0.29 53.71 -14.69
N VAL D 120 -1.60 53.78 -14.43
CA VAL D 120 -2.16 53.49 -13.13
C VAL D 120 -2.49 52.01 -13.09
N TYR D 121 -1.90 51.30 -12.14
CA TYR D 121 -2.11 49.86 -11.99
C TYR D 121 -3.09 49.62 -10.86
N TYR D 122 -4.24 49.04 -11.18
CA TYR D 122 -5.28 48.75 -10.23
C TYR D 122 -5.25 47.28 -9.84
N CYS D 123 -5.60 47.00 -8.59
CA CYS D 123 -5.92 45.66 -8.15
C CYS D 123 -7.41 45.58 -7.88
N ALA D 124 -8.02 44.50 -8.36
CA ALA D 124 -9.46 44.34 -8.26
C ALA D 124 -9.77 42.90 -7.88
N ARG D 125 -10.99 42.69 -7.40
CA ARG D 125 -11.48 41.37 -7.05
C ARG D 125 -12.37 40.86 -8.16
N LYS D 126 -11.92 39.77 -8.81
CA LYS D 126 -12.72 39.14 -9.85
C LYS D 126 -13.92 38.43 -9.24
N PHE D 127 -15.06 38.53 -9.91
CA PHE D 127 -16.29 37.90 -9.48
C PHE D 127 -16.83 37.01 -10.58
N GLY D 128 -17.35 35.84 -10.20
CA GLY D 128 -17.88 34.89 -11.13
C GLY D 128 -19.31 34.51 -10.79
N TYR D 129 -19.95 33.86 -11.75
CA TYR D 129 -21.32 33.39 -11.61
C TYR D 129 -21.52 32.24 -12.58
N SER D 130 -22.75 31.73 -12.65
CA SER D 130 -23.09 30.64 -13.54
C SER D 130 -24.13 31.12 -14.53
N GLY D 131 -23.90 30.84 -15.81
CA GLY D 131 -24.83 31.27 -16.84
C GLY D 131 -24.40 30.78 -18.20
N TYR D 132 -25.21 31.14 -19.20
CA TYR D 132 -24.93 30.73 -20.57
C TYR D 132 -23.78 31.52 -21.18
N GLY D 133 -23.64 32.79 -20.81
CA GLY D 133 -22.58 33.62 -21.34
C GLY D 133 -21.73 34.24 -20.26
N ALA D 134 -21.50 33.50 -19.18
CA ALA D 134 -20.86 34.06 -18.00
C ALA D 134 -19.37 34.32 -18.25
N THR D 135 -18.95 35.54 -17.91
CA THR D 135 -17.54 35.89 -17.80
C THR D 135 -17.39 36.83 -16.61
N TRP D 136 -16.16 36.90 -16.09
CA TRP D 136 -15.91 37.58 -14.83
C TRP D 136 -16.17 39.08 -14.93
N TYR D 137 -16.51 39.67 -13.78
CA TYR D 137 -16.54 41.12 -13.62
C TYR D 137 -15.72 41.48 -12.38
N PHE D 138 -15.30 42.74 -12.34
CA PHE D 138 -14.47 43.28 -11.27
C PHE D 138 -15.32 44.25 -10.45
N ASP D 139 -15.50 43.95 -9.16
CA ASP D 139 -16.44 44.69 -8.33
C ASP D 139 -15.79 45.51 -7.23
N LEU D 140 -14.64 45.09 -6.69
CA LEU D 140 -13.90 45.85 -5.70
C LEU D 140 -12.60 46.32 -6.31
N TRP D 141 -12.30 47.61 -6.19
CA TRP D 141 -11.13 48.19 -6.81
C TRP D 141 -10.29 48.92 -5.78
N GLY D 142 -8.99 49.00 -6.05
CA GLY D 142 -8.14 49.90 -5.32
C GLY D 142 -8.02 51.24 -6.01
N ARG D 143 -7.62 52.26 -5.25
CA ARG D 143 -7.44 53.60 -5.82
C ARG D 143 -6.52 53.56 -7.02
N GLY D 144 -5.51 52.71 -6.97
CA GLY D 144 -4.57 52.56 -8.07
C GLY D 144 -3.19 53.02 -7.66
N THR D 145 -2.18 52.35 -8.18
CA THR D 145 -0.78 52.69 -7.93
C THR D 145 -0.22 53.31 -9.20
N LEU D 146 0.08 54.61 -9.14
CA LEU D 146 0.69 55.29 -10.28
C LEU D 146 2.15 54.88 -10.42
N VAL D 147 2.49 54.27 -11.55
CA VAL D 147 3.85 53.87 -11.86
C VAL D 147 4.28 54.63 -13.10
N THR D 148 5.37 55.40 -12.97
CA THR D 148 5.82 56.32 -14.01
C THR D 148 7.19 55.86 -14.51
N VAL D 149 7.23 55.32 -15.73
CA VAL D 149 8.47 54.90 -16.36
C VAL D 149 8.88 55.97 -17.35
N SER D 150 9.92 56.73 -17.01
CA SER D 150 10.48 57.72 -17.93
C SER D 150 11.91 58.02 -17.51
N SER D 151 12.72 58.44 -18.47
CA SER D 151 14.11 58.77 -18.22
C SER D 151 14.34 60.27 -18.26
N GLN D 167 -7.35 48.99 -31.81
CA GLN D 167 -6.62 48.73 -30.56
C GLN D 167 -7.49 47.99 -29.56
N SER D 168 -8.79 48.27 -29.57
CA SER D 168 -9.75 47.68 -28.63
C SER D 168 -10.74 46.82 -29.40
N VAL D 169 -10.93 45.59 -28.93
CA VAL D 169 -11.88 44.67 -29.59
C VAL D 169 -13.30 45.16 -29.39
N LEU D 170 -13.62 45.70 -28.22
CA LEU D 170 -14.90 46.35 -27.97
C LEU D 170 -14.78 47.83 -28.29
N THR D 171 -15.66 48.32 -29.15
CA THR D 171 -15.62 49.70 -29.61
C THR D 171 -16.81 50.48 -29.06
N GLN D 172 -16.56 51.70 -28.64
CA GLN D 172 -17.57 52.62 -28.12
C GLN D 172 -17.39 53.96 -28.80
N PRO D 173 -18.44 54.78 -28.83
CA PRO D 173 -18.28 56.17 -29.25
C PRO D 173 -17.38 56.91 -28.27
N PRO D 174 -16.43 57.71 -28.76
CA PRO D 174 -15.59 58.47 -27.84
C PRO D 174 -16.37 59.48 -26.99
N SER D 175 -17.52 59.93 -27.47
CA SER D 175 -18.22 61.03 -26.81
C SER D 175 -19.73 60.88 -27.03
N VAL D 176 -20.49 61.17 -25.98
CA VAL D 176 -21.95 61.15 -26.01
C VAL D 176 -22.45 62.34 -25.21
N SER D 177 -23.41 63.07 -25.78
CA SER D 177 -24.01 64.23 -25.13
C SER D 177 -25.48 63.97 -24.85
N GLY D 178 -26.00 64.69 -23.86
CA GLY D 178 -27.41 64.57 -23.50
C GLY D 178 -27.87 65.74 -22.67
N ALA D 179 -29.17 65.99 -22.73
CA ALA D 179 -29.78 67.09 -21.99
C ALA D 179 -30.24 66.59 -20.61
N PRO D 180 -30.24 67.48 -19.61
CA PRO D 180 -30.68 67.07 -18.27
C PRO D 180 -32.13 66.61 -18.28
N GLY D 181 -32.38 65.51 -17.56
CA GLY D 181 -33.70 64.92 -17.47
C GLY D 181 -34.09 64.02 -18.62
N GLN D 182 -33.14 63.68 -19.49
CA GLN D 182 -33.44 62.93 -20.72
C GLN D 182 -32.70 61.60 -20.70
N ARG D 183 -33.01 60.78 -21.71
CA ARG D 183 -32.46 59.44 -21.83
C ARG D 183 -31.33 59.45 -22.85
N VAL D 184 -30.19 58.86 -22.47
CA VAL D 184 -29.04 58.73 -23.35
C VAL D 184 -28.66 57.26 -23.43
N THR D 185 -27.95 56.91 -24.51
CA THR D 185 -27.47 55.56 -24.72
C THR D 185 -26.00 55.57 -25.07
N ILE D 186 -25.27 54.58 -24.56
CA ILE D 186 -23.88 54.33 -24.88
C ILE D 186 -23.78 52.93 -25.47
N SER D 187 -23.05 52.80 -26.57
CA SER D 187 -23.03 51.58 -27.37
C SER D 187 -21.67 50.90 -27.26
N CYS D 188 -21.70 49.61 -26.97
CA CYS D 188 -20.52 48.74 -27.02
C CYS D 188 -20.74 47.75 -28.16
N THR D 189 -19.82 47.74 -29.12
CA THR D 189 -19.90 46.86 -30.28
C THR D 189 -18.72 45.91 -30.26
N GLY D 190 -19.02 44.61 -30.36
CA GLY D 190 -17.98 43.59 -30.37
C GLY D 190 -17.95 42.78 -31.65
N ASN D 191 -17.36 41.59 -31.58
CA ASN D 191 -17.24 40.72 -32.73
C ASN D 191 -17.71 39.31 -32.39
N SER D 192 -17.46 38.35 -33.29
CA SER D 192 -17.88 36.97 -33.07
C SER D 192 -17.05 36.26 -32.00
N SER D 193 -15.93 36.86 -31.57
CA SER D 193 -15.07 36.24 -30.57
C SER D 193 -15.36 36.71 -29.15
N ASN D 194 -16.25 37.70 -28.97
CA ASN D 194 -16.61 38.15 -27.63
C ASN D 194 -18.12 38.19 -27.44
N ILE D 195 -18.73 39.37 -27.63
CA ILE D 195 -20.17 39.51 -27.41
C ILE D 195 -20.95 38.62 -28.37
N GLY D 196 -20.47 38.50 -29.61
CA GLY D 196 -21.14 37.64 -30.58
C GLY D 196 -21.22 36.19 -30.13
N ALA D 197 -20.23 35.73 -29.37
CA ALA D 197 -20.28 34.39 -28.81
C ALA D 197 -21.25 34.28 -27.64
N GLY D 198 -21.71 35.40 -27.09
CA GLY D 198 -22.64 35.38 -25.99
C GLY D 198 -22.07 35.77 -24.65
N TYR D 199 -20.78 36.10 -24.59
CA TYR D 199 -20.19 36.54 -23.34
C TYR D 199 -20.89 37.79 -22.82
N ASP D 200 -21.24 37.76 -21.53
CA ASP D 200 -21.95 38.88 -20.93
C ASP D 200 -21.09 40.13 -20.90
N VAL D 201 -21.76 41.28 -20.88
CA VAL D 201 -21.11 42.59 -20.93
C VAL D 201 -21.32 43.29 -19.59
N HIS D 202 -20.24 43.77 -18.99
CA HIS D 202 -20.30 44.54 -17.76
C HIS D 202 -19.87 45.98 -18.04
N TRP D 203 -20.37 46.90 -17.23
CA TRP D 203 -20.15 48.33 -17.42
C TRP D 203 -19.47 48.94 -16.20
N TYR D 204 -18.62 49.93 -16.45
CA TYR D 204 -17.88 50.63 -15.41
C TYR D 204 -18.01 52.12 -15.59
N GLN D 205 -18.08 52.84 -14.47
CA GLN D 205 -18.18 54.29 -14.43
C GLN D 205 -16.95 54.83 -13.70
N GLN D 206 -16.18 55.67 -14.39
CA GLN D 206 -14.94 56.22 -13.84
C GLN D 206 -15.01 57.74 -13.87
N PHE D 207 -15.03 58.35 -12.69
CA PHE D 207 -14.96 59.80 -12.57
C PHE D 207 -13.50 60.24 -12.65
N PRO D 208 -13.25 61.49 -13.05
CA PRO D 208 -11.87 61.99 -13.13
C PRO D 208 -11.18 61.93 -11.78
N GLY D 209 -9.93 61.45 -11.81
CA GLY D 209 -9.13 61.34 -10.60
C GLY D 209 -9.44 60.15 -9.73
N THR D 210 -10.49 59.39 -10.03
CA THR D 210 -10.88 58.23 -9.26
C THR D 210 -10.60 56.94 -10.05
N ALA D 211 -10.91 55.82 -9.42
CA ALA D 211 -10.76 54.51 -10.03
C ALA D 211 -12.08 54.06 -10.65
N PRO D 212 -12.04 53.09 -11.57
CA PRO D 212 -13.29 52.56 -12.12
C PRO D 212 -14.16 51.95 -11.03
N LYS D 213 -15.47 52.03 -11.25
CA LYS D 213 -16.47 51.52 -10.32
C LYS D 213 -17.48 50.71 -11.10
N LEU D 214 -17.81 49.53 -10.59
CA LEU D 214 -18.78 48.67 -11.26
C LEU D 214 -20.15 49.32 -11.25
N LEU D 215 -20.73 49.47 -12.44
CA LEU D 215 -22.03 50.09 -12.63
C LEU D 215 -23.11 49.10 -13.02
N ILE D 216 -22.77 48.14 -13.88
CA ILE D 216 -23.69 47.10 -14.33
C ILE D 216 -22.90 45.81 -14.47
N TYR D 217 -23.35 44.75 -13.80
CA TYR D 217 -22.78 43.42 -13.99
C TYR D 217 -23.87 42.50 -14.53
N GLY D 218 -23.47 41.36 -15.07
CA GLY D 218 -24.37 40.63 -15.93
C GLY D 218 -24.66 41.55 -17.09
N ASN D 219 -25.69 41.30 -17.86
CA ASN D 219 -26.02 42.26 -18.91
C ASN D 219 -26.92 43.39 -18.44
N SER D 220 -27.64 43.19 -17.32
CA SER D 220 -28.68 44.13 -16.92
C SER D 220 -28.76 44.35 -15.41
N ASN D 221 -27.86 43.78 -14.62
CA ASN D 221 -27.97 43.79 -13.16
C ASN D 221 -27.16 44.95 -12.57
N ARG D 222 -27.80 45.71 -11.67
CA ARG D 222 -27.20 46.86 -11.01
C ARG D 222 -26.69 46.48 -9.64
N PRO D 223 -25.41 46.71 -9.35
CA PRO D 223 -24.92 46.54 -7.98
C PRO D 223 -25.63 47.49 -7.03
N SER D 224 -25.48 47.21 -5.73
CA SER D 224 -26.13 48.02 -4.72
C SER D 224 -25.57 49.44 -4.73
N GLY D 225 -26.47 50.43 -4.64
CA GLY D 225 -26.08 51.82 -4.67
C GLY D 225 -26.04 52.44 -6.04
N VAL D 226 -26.47 51.73 -7.07
CA VAL D 226 -26.56 52.25 -8.43
C VAL D 226 -28.03 52.57 -8.71
N PRO D 227 -28.35 53.80 -9.13
CA PRO D 227 -29.76 54.16 -9.31
C PRO D 227 -30.45 53.34 -10.39
N ASP D 228 -31.78 53.35 -10.34
CA ASP D 228 -32.60 52.70 -11.36
C ASP D 228 -32.55 53.42 -12.69
N ARG D 229 -31.99 54.64 -12.73
CA ARG D 229 -31.85 55.36 -13.99
C ARG D 229 -30.92 54.64 -14.95
N PHE D 230 -29.98 53.86 -14.41
CA PHE D 230 -29.06 53.07 -15.23
C PHE D 230 -29.65 51.71 -15.54
N SER D 231 -29.45 51.26 -16.78
CA SER D 231 -29.91 49.93 -17.21
C SER D 231 -29.01 49.44 -18.33
N GLY D 232 -29.03 48.13 -18.54
CA GLY D 232 -28.16 47.52 -19.53
C GLY D 232 -28.90 46.46 -20.33
N SER D 233 -28.37 46.22 -21.52
CA SER D 233 -28.94 45.23 -22.44
C SER D 233 -27.85 44.73 -23.37
N LYS D 234 -28.11 43.58 -23.99
CA LYS D 234 -27.17 42.98 -24.92
C LYS D 234 -27.95 42.26 -26.01
N SER D 235 -27.57 42.51 -27.27
CA SER D 235 -28.21 41.85 -28.40
C SER D 235 -27.19 41.72 -29.52
N GLY D 236 -26.97 40.50 -29.98
CA GLY D 236 -26.04 40.28 -31.08
C GLY D 236 -24.61 40.51 -30.64
N THR D 237 -23.87 41.25 -31.46
CA THR D 237 -22.49 41.63 -31.14
C THR D 237 -22.41 42.94 -30.37
N SER D 238 -23.55 43.45 -29.88
CA SER D 238 -23.61 44.78 -29.31
C SER D 238 -24.32 44.76 -27.96
N ALA D 239 -23.96 45.72 -27.12
CA ALA D 239 -24.60 45.96 -25.83
C ALA D 239 -24.91 47.45 -25.71
N SER D 240 -25.72 47.80 -24.71
CA SER D 240 -26.16 49.17 -24.56
C SER D 240 -26.36 49.51 -23.10
N LEU D 241 -25.75 50.59 -22.65
CA LEU D 241 -26.03 51.21 -21.37
C LEU D 241 -26.97 52.39 -21.59
N ALA D 242 -28.00 52.48 -20.75
CA ALA D 242 -29.04 53.50 -20.90
C ALA D 242 -29.22 54.25 -19.60
N ILE D 243 -29.07 55.57 -19.66
CA ILE D 243 -29.24 56.45 -18.50
C ILE D 243 -30.49 57.29 -18.74
N THR D 244 -31.50 57.10 -17.90
CA THR D 244 -32.69 57.95 -17.90
C THR D 244 -32.55 59.04 -16.85
N GLY D 245 -33.36 60.09 -17.00
CA GLY D 245 -33.33 61.22 -16.11
C GLY D 245 -31.93 61.76 -15.90
N LEU D 246 -31.26 62.05 -17.02
CA LEU D 246 -29.84 62.40 -17.00
C LEU D 246 -29.57 63.56 -16.07
N GLN D 247 -28.67 63.35 -15.12
CA GLN D 247 -28.25 64.37 -14.17
C GLN D 247 -26.82 64.79 -14.46
N ALA D 248 -26.49 66.02 -14.06
CA ALA D 248 -25.15 66.54 -14.29
C ALA D 248 -24.09 65.66 -13.61
N GLU D 249 -24.43 65.10 -12.45
CA GLU D 249 -23.50 64.26 -11.70
C GLU D 249 -23.26 62.90 -12.36
N ASP D 250 -23.92 62.62 -13.49
CA ASP D 250 -23.63 61.43 -14.28
C ASP D 250 -22.50 61.66 -15.28
N GLU D 251 -21.89 62.84 -15.28
CA GLU D 251 -20.78 63.13 -16.16
C GLU D 251 -19.57 62.31 -15.74
N ALA D 252 -19.21 61.34 -16.57
CA ALA D 252 -18.07 60.48 -16.28
C ALA D 252 -17.65 59.78 -17.56
N ASP D 253 -16.65 58.91 -17.44
CA ASP D 253 -16.23 58.01 -18.52
C ASP D 253 -16.79 56.62 -18.23
N TYR D 254 -17.41 56.02 -19.24
CA TYR D 254 -18.07 54.73 -19.10
C TYR D 254 -17.37 53.70 -19.97
N TYR D 255 -17.02 52.57 -19.37
CA TYR D 255 -16.28 51.49 -20.02
C TYR D 255 -17.12 50.22 -20.02
N CYS D 256 -17.12 49.52 -21.15
CA CYS D 256 -17.76 48.20 -21.25
C CYS D 256 -16.70 47.12 -21.20
N GLN D 257 -17.07 45.98 -20.62
CA GLN D 257 -16.16 44.86 -20.42
C GLN D 257 -16.83 43.57 -20.85
N SER D 258 -16.08 42.74 -21.58
CA SER D 258 -16.55 41.43 -21.99
C SER D 258 -15.34 40.50 -22.02
N TYR D 259 -15.53 39.29 -22.55
CA TYR D 259 -14.49 38.29 -22.67
C TYR D 259 -14.29 37.95 -24.13
N ASP D 260 -13.04 37.95 -24.58
CA ASP D 260 -12.70 37.61 -25.95
C ASP D 260 -11.98 36.27 -25.97
N SER D 261 -12.58 35.28 -26.63
CA SER D 261 -11.99 33.95 -26.67
C SER D 261 -10.77 33.87 -27.56
N SER D 262 -10.61 34.83 -28.48
CA SER D 262 -9.40 34.87 -29.30
C SER D 262 -8.17 35.17 -28.45
N LEU D 263 -8.28 36.12 -27.53
CA LEU D 263 -7.20 36.45 -26.61
C LEU D 263 -7.22 35.59 -25.35
N SER D 264 -8.32 34.89 -25.09
CA SER D 264 -8.51 34.11 -23.86
C SER D 264 -8.30 34.98 -22.62
N GLY D 265 -9.03 36.09 -22.57
CA GLY D 265 -8.92 37.01 -21.46
C GLY D 265 -9.98 38.08 -21.51
N SER D 266 -10.17 38.74 -20.37
CA SER D 266 -11.12 39.84 -20.28
C SER D 266 -10.64 41.03 -21.11
N VAL D 267 -11.59 41.76 -21.67
CA VAL D 267 -11.30 42.90 -22.54
C VAL D 267 -12.22 44.06 -22.20
N PHE D 268 -11.74 45.27 -22.44
CA PHE D 268 -12.50 46.49 -22.18
C PHE D 268 -12.69 47.27 -23.47
N GLY D 269 -13.73 48.09 -23.50
CA GLY D 269 -13.89 49.05 -24.56
C GLY D 269 -13.08 50.30 -24.32
N GLY D 270 -12.83 51.05 -25.41
CA GLY D 270 -12.03 52.25 -25.33
C GLY D 270 -12.60 53.33 -24.43
N GLY D 271 -13.88 53.27 -24.13
CA GLY D 271 -14.48 54.20 -23.20
C GLY D 271 -15.24 55.33 -23.86
N THR D 272 -16.35 55.73 -23.25
CA THR D 272 -17.19 56.82 -23.74
C THR D 272 -17.25 57.91 -22.68
N LYS D 273 -16.87 59.12 -23.05
CA LYS D 273 -17.08 60.28 -22.20
C LYS D 273 -18.51 60.78 -22.37
N LEU D 274 -19.21 60.98 -21.26
CA LEU D 274 -20.59 61.46 -21.27
C LEU D 274 -20.61 62.92 -20.84
N THR D 275 -21.20 63.76 -21.68
CA THR D 275 -21.31 65.19 -21.43
C THR D 275 -22.76 65.55 -21.20
N VAL D 276 -23.03 66.32 -20.15
CA VAL D 276 -24.37 66.78 -19.80
C VAL D 276 -24.42 68.29 -20.07
N LEU D 277 -25.30 68.68 -20.98
CA LEU D 277 -25.38 70.07 -21.41
C LEU D 277 -26.25 70.89 -20.44
N ALA D 278 -26.30 72.19 -20.68
CA ALA D 278 -27.10 73.09 -19.88
C ALA D 278 -28.45 73.35 -20.53
N ASN E 29 -49.74 11.87 -30.83
CA ASN E 29 -49.64 12.43 -29.49
C ASN E 29 -48.43 11.87 -28.75
N LEU E 30 -48.25 12.28 -27.50
CA LEU E 30 -47.13 11.81 -26.71
C LEU E 30 -47.39 10.42 -26.16
N CYS E 31 -46.32 9.78 -25.74
CA CYS E 31 -46.38 8.38 -25.33
C CYS E 31 -47.00 8.23 -23.94
N PRO E 32 -47.83 7.20 -23.74
CA PRO E 32 -48.45 6.97 -22.42
C PRO E 32 -47.50 6.32 -21.42
N PHE E 33 -46.39 7.01 -21.15
CA PHE E 33 -45.42 6.52 -20.17
C PHE E 33 -45.85 6.82 -18.73
N GLY E 34 -46.67 7.83 -18.51
CA GLY E 34 -47.21 8.07 -17.18
C GLY E 34 -48.06 6.93 -16.68
N GLU E 35 -48.81 6.27 -17.58
CA GLU E 35 -49.61 5.12 -17.17
C GLU E 35 -48.74 3.95 -16.74
N VAL E 36 -47.53 3.84 -17.29
CA VAL E 36 -46.65 2.72 -16.95
C VAL E 36 -45.92 3.00 -15.63
N PHE E 37 -45.14 4.07 -15.59
CA PHE E 37 -44.29 4.35 -14.43
C PHE E 37 -45.09 4.85 -13.23
N ASN E 38 -46.14 5.65 -13.48
CA ASN E 38 -46.98 6.16 -12.41
C ASN E 38 -48.22 5.29 -12.17
N ALA E 39 -48.12 3.99 -12.46
CA ALA E 39 -49.26 3.09 -12.31
C ALA E 39 -49.63 2.92 -10.86
N THR E 40 -50.94 3.00 -10.57
CA THR E 40 -51.41 2.83 -9.20
C THR E 40 -51.07 1.45 -8.65
N ARG E 41 -51.08 0.44 -9.52
CA ARG E 41 -50.89 -0.95 -9.11
C ARG E 41 -49.85 -1.61 -10.00
N PHE E 42 -48.99 -2.42 -9.39
CA PHE E 42 -47.97 -3.16 -10.11
C PHE E 42 -48.18 -4.66 -9.92
N ALA E 43 -47.74 -5.42 -10.90
CA ALA E 43 -47.98 -6.85 -10.94
C ALA E 43 -46.86 -7.62 -10.24
N SER E 44 -47.16 -8.88 -9.91
CA SER E 44 -46.15 -9.79 -9.43
C SER E 44 -45.27 -10.24 -10.58
N VAL E 45 -43.99 -10.47 -10.30
CA VAL E 45 -43.03 -10.81 -11.34
C VAL E 45 -43.45 -12.10 -12.05
N TYR E 46 -44.14 -12.99 -11.34
CA TYR E 46 -44.58 -14.23 -11.99
C TYR E 46 -45.71 -13.98 -12.98
N ALA E 47 -46.56 -12.99 -12.71
CA ALA E 47 -47.64 -12.62 -13.61
C ALA E 47 -47.40 -11.23 -14.18
N TRP E 48 -46.21 -11.02 -14.73
CA TRP E 48 -45.76 -9.68 -15.08
C TRP E 48 -46.65 -9.05 -16.15
N ASN E 49 -46.80 -7.73 -16.06
CA ASN E 49 -47.60 -6.97 -17.00
C ASN E 49 -46.83 -6.70 -18.29
N ARG E 50 -47.57 -6.45 -19.35
CA ARG E 50 -47.04 -6.01 -20.63
C ARG E 50 -47.99 -5.01 -21.25
N LYS E 51 -47.45 -3.91 -21.77
CA LYS E 51 -48.20 -2.97 -22.56
C LYS E 51 -47.48 -2.70 -23.87
N ARG E 52 -48.27 -2.52 -24.93
CA ARG E 52 -47.75 -2.14 -26.24
C ARG E 52 -47.80 -0.63 -26.40
N ILE E 53 -46.69 -0.05 -26.86
CA ILE E 53 -46.60 1.36 -27.20
C ILE E 53 -46.76 1.50 -28.70
N SER E 54 -47.71 2.33 -29.14
CA SER E 54 -48.02 2.42 -30.56
C SER E 54 -48.61 3.78 -30.86
N ASN E 55 -48.45 4.22 -32.12
CA ASN E 55 -48.92 5.51 -32.61
C ASN E 55 -48.47 6.62 -31.66
N CYS E 56 -47.16 6.74 -31.53
CA CYS E 56 -46.56 7.34 -30.34
C CYS E 56 -45.34 8.17 -30.71
N VAL E 57 -45.19 9.29 -30.01
CA VAL E 57 -43.96 10.08 -29.98
C VAL E 57 -43.43 10.02 -28.55
N ALA E 58 -42.16 9.70 -28.41
CA ALA E 58 -41.58 9.34 -27.12
C ALA E 58 -40.36 10.22 -26.83
N ASP E 59 -40.42 10.95 -25.71
CA ASP E 59 -39.26 11.63 -25.13
C ASP E 59 -38.59 10.66 -24.19
N TYR E 60 -37.65 9.87 -24.72
CA TYR E 60 -36.92 8.93 -23.87
C TYR E 60 -35.99 9.66 -22.91
N SER E 61 -35.55 10.87 -23.28
CA SER E 61 -34.61 11.62 -22.44
C SER E 61 -35.25 12.02 -21.12
N VAL E 62 -36.54 12.36 -21.14
CA VAL E 62 -37.25 12.72 -19.91
C VAL E 62 -37.13 11.59 -18.89
N LEU E 63 -37.23 10.35 -19.33
CA LEU E 63 -37.02 9.22 -18.42
C LEU E 63 -35.56 9.13 -17.99
N TYR E 64 -34.63 9.40 -18.90
CA TYR E 64 -33.20 9.24 -18.62
C TYR E 64 -32.65 10.37 -17.75
N ASN E 65 -33.35 11.49 -17.65
CA ASN E 65 -32.91 12.59 -16.79
C ASN E 65 -33.48 12.50 -15.38
N SER E 66 -34.60 11.80 -15.19
CA SER E 66 -35.27 11.78 -13.90
C SER E 66 -34.37 11.13 -12.84
N ALA E 67 -34.22 11.81 -11.71
CA ALA E 67 -33.47 11.27 -10.58
C ALA E 67 -34.20 10.12 -9.89
N SER E 68 -35.44 9.82 -10.31
CA SER E 68 -36.29 8.86 -9.61
C SER E 68 -35.91 7.41 -9.87
N PHE E 69 -34.86 7.14 -10.64
CA PHE E 69 -34.56 5.78 -11.11
C PHE E 69 -33.20 5.35 -10.59
N SER E 70 -33.19 4.28 -9.80
CA SER E 70 -31.93 3.72 -9.31
C SER E 70 -31.12 3.10 -10.44
N THR E 71 -31.79 2.43 -11.37
CA THR E 71 -31.14 1.68 -12.44
C THR E 71 -31.74 2.08 -13.79
N PHE E 72 -30.86 2.40 -14.74
CA PHE E 72 -31.25 2.67 -16.13
C PHE E 72 -30.16 2.06 -17.00
N LYS E 73 -30.40 0.85 -17.50
CA LYS E 73 -29.41 0.09 -18.25
C LYS E 73 -29.99 -0.25 -19.62
N CYS E 74 -29.29 0.15 -20.67
CA CYS E 74 -29.74 -0.04 -22.04
C CYS E 74 -28.84 -1.05 -22.75
N TYR E 75 -29.44 -1.83 -23.64
CA TYR E 75 -28.76 -2.88 -24.39
C TYR E 75 -29.12 -2.77 -25.86
N GLY E 76 -28.11 -2.85 -26.72
CA GLY E 76 -28.32 -2.77 -28.15
C GLY E 76 -28.52 -1.38 -28.70
N VAL E 77 -28.71 -0.38 -27.84
CA VAL E 77 -28.89 1.00 -28.27
C VAL E 77 -28.29 1.92 -27.21
N SER E 78 -27.88 3.11 -27.64
CA SER E 78 -27.55 4.18 -26.71
C SER E 78 -28.82 4.86 -26.23
N PRO E 79 -28.92 5.21 -24.94
CA PRO E 79 -30.13 5.89 -24.46
C PRO E 79 -30.38 7.24 -25.11
N THR E 80 -29.34 7.95 -25.53
CA THR E 80 -29.57 9.25 -26.17
C THR E 80 -29.82 9.15 -27.66
N LYS E 81 -29.19 8.19 -28.35
CA LYS E 81 -29.55 7.91 -29.73
C LYS E 81 -30.99 7.42 -29.83
N LEU E 82 -31.55 6.92 -28.73
CA LEU E 82 -32.93 6.43 -28.70
C LEU E 82 -33.93 7.52 -29.04
N ASN E 83 -33.53 8.80 -28.97
CA ASN E 83 -34.42 9.89 -29.36
C ASN E 83 -34.56 9.98 -30.88
N ASP E 84 -33.65 9.38 -31.64
CA ASP E 84 -33.61 9.56 -33.08
C ASP E 84 -34.18 8.39 -33.86
N LEU E 85 -34.30 7.20 -33.26
CA LEU E 85 -34.74 6.03 -34.00
C LEU E 85 -36.27 5.97 -34.07
N CYS E 86 -36.75 5.02 -34.87
CA CYS E 86 -38.16 4.66 -34.96
C CYS E 86 -38.26 3.15 -34.94
N PHE E 87 -39.30 2.63 -34.30
CA PHE E 87 -39.43 1.20 -34.08
C PHE E 87 -40.81 0.69 -34.48
N THR E 88 -40.84 -0.56 -34.95
CA THR E 88 -42.09 -1.15 -35.39
C THR E 88 -43.05 -1.35 -34.22
N ASN E 89 -42.58 -1.97 -33.14
CA ASN E 89 -43.39 -2.18 -31.96
C ASN E 89 -42.53 -2.09 -30.71
N VAL E 90 -43.09 -1.47 -29.66
CA VAL E 90 -42.39 -1.23 -28.40
C VAL E 90 -43.27 -1.73 -27.26
N TYR E 91 -42.65 -2.43 -26.31
CA TYR E 91 -43.36 -3.02 -25.19
C TYR E 91 -42.79 -2.54 -23.87
N ALA E 92 -43.67 -2.32 -22.90
CA ALA E 92 -43.30 -1.97 -21.53
C ALA E 92 -43.80 -3.08 -20.61
N ASP E 93 -42.88 -3.71 -19.89
CA ASP E 93 -43.20 -4.80 -18.98
C ASP E 93 -43.00 -4.34 -17.54
N SER E 94 -44.01 -4.58 -16.70
CA SER E 94 -44.03 -4.09 -15.33
C SER E 94 -44.12 -5.23 -14.34
N PHE E 95 -43.33 -5.14 -13.27
CA PHE E 95 -43.37 -6.10 -12.17
C PHE E 95 -42.57 -5.52 -11.00
N VAL E 96 -42.81 -6.10 -9.83
CA VAL E 96 -42.13 -5.72 -8.60
C VAL E 96 -41.31 -6.91 -8.12
N ILE E 97 -40.03 -6.67 -7.83
CA ILE E 97 -39.11 -7.70 -7.38
C ILE E 97 -38.33 -7.18 -6.17
N ARG E 98 -37.50 -8.06 -5.61
CA ARG E 98 -36.59 -7.70 -4.54
C ARG E 98 -35.43 -6.88 -5.08
N GLY E 99 -34.75 -6.18 -4.18
CA GLY E 99 -33.68 -5.28 -4.59
C GLY E 99 -32.49 -6.01 -5.19
N ASP E 100 -32.05 -7.08 -4.53
CA ASP E 100 -30.91 -7.85 -5.00
C ASP E 100 -31.21 -8.65 -6.26
N GLU E 101 -32.46 -8.67 -6.71
CA GLU E 101 -32.85 -9.41 -7.90
C GLU E 101 -32.87 -8.56 -9.16
N VAL E 102 -32.66 -7.24 -9.04
CA VAL E 102 -32.66 -6.37 -10.21
C VAL E 102 -31.50 -6.71 -11.13
N ARG E 103 -30.38 -7.17 -10.57
CA ARG E 103 -29.25 -7.61 -11.39
C ARG E 103 -29.63 -8.77 -12.31
N GLN E 104 -30.73 -9.46 -12.04
CA GLN E 104 -31.17 -10.57 -12.87
C GLN E 104 -31.98 -10.14 -14.08
N ILE E 105 -32.52 -8.92 -14.08
CA ILE E 105 -33.28 -8.43 -15.21
C ILE E 105 -32.30 -7.87 -16.24
N ALA E 106 -31.57 -8.77 -16.88
CA ALA E 106 -30.54 -8.41 -17.86
C ALA E 106 -30.26 -9.63 -18.71
N PRO E 107 -29.73 -9.44 -19.93
CA PRO E 107 -29.47 -10.60 -20.79
C PRO E 107 -28.43 -11.53 -20.20
N GLY E 108 -28.72 -12.84 -20.26
CA GLY E 108 -27.77 -13.84 -19.84
C GLY E 108 -27.65 -14.06 -18.35
N GLN E 109 -28.66 -13.68 -17.58
CA GLN E 109 -28.62 -13.88 -16.14
C GLN E 109 -29.27 -15.20 -15.74
N THR E 110 -28.93 -15.66 -14.54
CA THR E 110 -29.51 -16.86 -13.97
C THR E 110 -29.94 -16.56 -12.54
N GLY E 111 -30.80 -17.43 -12.01
CA GLY E 111 -31.44 -17.23 -10.73
C GLY E 111 -32.94 -17.40 -10.83
N LYS E 112 -33.58 -17.33 -9.66
CA LYS E 112 -35.00 -17.62 -9.57
C LYS E 112 -35.84 -16.69 -10.46
N ILE E 113 -35.43 -15.43 -10.58
CA ILE E 113 -36.22 -14.48 -11.35
C ILE E 113 -35.99 -14.65 -12.85
N ALA E 114 -34.72 -14.63 -13.27
CA ALA E 114 -34.42 -14.72 -14.69
C ALA E 114 -34.82 -16.08 -15.27
N ASP E 115 -34.78 -17.14 -14.47
CA ASP E 115 -35.03 -18.47 -15.00
C ASP E 115 -36.48 -18.92 -14.85
N TYR E 116 -37.18 -18.49 -13.79
CA TYR E 116 -38.54 -18.94 -13.53
C TYR E 116 -39.60 -17.84 -13.62
N ASN E 117 -39.21 -16.57 -13.72
CA ASN E 117 -40.18 -15.48 -13.63
C ASN E 117 -40.17 -14.56 -14.84
N TYR E 118 -39.05 -13.89 -15.13
CA TYR E 118 -38.96 -12.99 -16.27
C TYR E 118 -37.59 -13.14 -16.92
N LYS E 119 -37.58 -13.50 -18.19
CA LYS E 119 -36.36 -13.78 -18.94
C LYS E 119 -36.19 -12.78 -20.07
N LEU E 120 -35.00 -12.22 -20.18
CA LEU E 120 -34.66 -11.39 -21.33
C LEU E 120 -33.82 -12.18 -22.32
N PRO E 121 -34.07 -12.00 -23.63
CA PRO E 121 -33.28 -12.73 -24.63
C PRO E 121 -31.83 -12.27 -24.60
N ASP E 122 -30.98 -13.04 -25.30
CA ASP E 122 -29.55 -12.80 -25.19
C ASP E 122 -29.10 -11.57 -25.97
N ASP E 123 -29.68 -11.31 -27.13
CA ASP E 123 -29.38 -10.05 -27.80
C ASP E 123 -30.58 -9.11 -27.70
N PHE E 124 -31.10 -8.99 -26.48
CA PHE E 124 -32.19 -8.07 -26.18
C PHE E 124 -31.82 -6.64 -26.57
N THR E 125 -32.78 -5.92 -27.12
CA THR E 125 -32.61 -4.52 -27.50
C THR E 125 -33.62 -3.68 -26.71
N GLY E 126 -33.11 -2.94 -25.73
CA GLY E 126 -33.97 -2.10 -24.92
C GLY E 126 -33.25 -1.65 -23.66
N CYS E 127 -34.04 -1.08 -22.75
CA CYS E 127 -33.53 -0.52 -21.50
C CYS E 127 -34.34 -1.06 -20.33
N VAL E 128 -33.65 -1.30 -19.21
CA VAL E 128 -34.27 -1.77 -17.97
C VAL E 128 -34.23 -0.63 -16.97
N ILE E 129 -35.39 -0.30 -16.40
CA ILE E 129 -35.56 0.84 -15.52
C ILE E 129 -36.16 0.36 -14.21
N ALA E 130 -35.40 0.49 -13.12
CA ALA E 130 -35.84 0.08 -11.79
C ALA E 130 -35.76 1.27 -10.84
N TRP E 131 -36.59 1.23 -9.80
CA TRP E 131 -36.52 2.24 -8.75
C TRP E 131 -37.11 1.68 -7.47
N ASN E 132 -36.57 2.17 -6.35
CA ASN E 132 -36.97 1.70 -5.02
C ASN E 132 -38.39 2.18 -4.72
N SER E 133 -39.29 1.24 -4.46
CA SER E 133 -40.66 1.59 -4.11
C SER E 133 -41.00 1.10 -2.70
N ASN E 134 -40.09 1.35 -1.74
CA ASN E 134 -40.35 0.95 -0.37
C ASN E 134 -41.50 1.75 0.23
N ASN E 135 -41.59 3.04 -0.10
CA ASN E 135 -42.69 3.88 0.35
C ASN E 135 -43.99 3.60 -0.38
N LEU E 136 -44.01 2.65 -1.31
CA LEU E 136 -45.20 2.28 -2.06
C LEU E 136 -45.71 0.88 -1.76
N ASP E 137 -44.81 -0.08 -1.57
CA ASP E 137 -45.18 -1.50 -1.58
C ASP E 137 -44.80 -2.24 -0.29
N SER E 138 -44.32 -1.54 0.74
CA SER E 138 -44.01 -2.16 2.02
C SER E 138 -45.13 -1.90 3.01
N LYS E 139 -45.53 -2.93 3.75
CA LYS E 139 -46.56 -2.80 4.77
C LYS E 139 -46.01 -3.26 6.11
N VAL E 140 -46.37 -2.55 7.17
CA VAL E 140 -46.03 -2.99 8.51
C VAL E 140 -46.68 -4.34 8.77
N GLY E 141 -45.87 -5.28 9.24
CA GLY E 141 -46.27 -6.68 9.28
C GLY E 141 -45.99 -7.44 8.00
N GLY E 142 -45.63 -6.73 6.93
CA GLY E 142 -45.29 -7.38 5.68
C GLY E 142 -46.41 -7.38 4.66
N ASN E 143 -46.14 -6.88 3.46
CA ASN E 143 -47.06 -6.98 2.35
C ASN E 143 -46.78 -8.26 1.58
N TYR E 144 -47.73 -9.19 1.62
CA TYR E 144 -47.57 -10.50 1.00
C TYR E 144 -48.27 -10.62 -0.35
N ASN E 145 -48.80 -9.53 -0.88
CA ASN E 145 -49.55 -9.60 -2.13
C ASN E 145 -48.68 -9.75 -3.36
N TYR E 146 -47.38 -9.50 -3.24
CA TYR E 146 -46.45 -9.67 -4.36
C TYR E 146 -45.83 -11.07 -4.27
N LEU E 147 -46.04 -11.85 -5.33
CA LEU E 147 -45.61 -13.24 -5.39
C LEU E 147 -44.50 -13.42 -6.41
N TYR E 148 -43.78 -14.53 -6.26
CA TYR E 148 -42.77 -14.94 -7.24
C TYR E 148 -42.76 -16.47 -7.31
N ARG E 149 -42.26 -16.98 -8.42
CA ARG E 149 -42.18 -18.43 -8.62
C ARG E 149 -40.82 -18.93 -8.17
N LEU E 150 -40.84 -19.99 -7.36
CA LEU E 150 -39.61 -20.56 -6.82
C LEU E 150 -39.24 -21.90 -7.43
N PHE E 151 -40.18 -22.59 -8.07
CA PHE E 151 -39.92 -23.91 -8.66
C PHE E 151 -40.52 -23.99 -10.04
N ARG E 152 -39.78 -24.63 -10.95
CA ARG E 152 -40.28 -24.88 -12.31
C ARG E 152 -39.47 -26.02 -12.91
N LYS E 153 -40.15 -26.90 -13.64
CA LYS E 153 -39.48 -28.06 -14.24
C LYS E 153 -38.35 -27.62 -15.15
N SER E 154 -38.57 -26.56 -15.94
CA SER E 154 -37.58 -26.06 -16.88
C SER E 154 -37.47 -24.54 -16.71
N ASN E 155 -36.58 -23.95 -17.50
CA ASN E 155 -36.39 -22.51 -17.50
C ASN E 155 -37.36 -21.85 -18.48
N LEU E 156 -37.74 -20.62 -18.16
CA LEU E 156 -38.64 -19.87 -19.02
C LEU E 156 -37.95 -19.53 -20.34
N LYS E 157 -38.70 -19.67 -21.43
CA LYS E 157 -38.25 -19.11 -22.68
C LYS E 157 -38.22 -17.59 -22.57
N PRO E 158 -37.35 -16.92 -23.33
CA PRO E 158 -37.32 -15.45 -23.27
C PRO E 158 -38.67 -14.85 -23.62
N PHE E 159 -39.18 -14.03 -22.71
CA PHE E 159 -40.47 -13.31 -22.77
C PHE E 159 -41.66 -14.20 -22.51
N GLU E 160 -41.47 -15.40 -21.98
CA GLU E 160 -42.59 -16.25 -21.60
C GLU E 160 -43.12 -15.82 -20.22
N ARG E 161 -44.39 -16.14 -19.99
CA ARG E 161 -45.05 -15.86 -18.71
C ARG E 161 -45.75 -17.12 -18.24
N ASP E 162 -45.45 -17.54 -17.01
CA ASP E 162 -46.04 -18.72 -16.41
C ASP E 162 -46.87 -18.29 -15.20
N ILE E 163 -48.19 -18.36 -15.35
CA ILE E 163 -49.13 -18.05 -14.28
C ILE E 163 -49.79 -19.32 -13.75
N SER E 164 -49.19 -20.48 -14.00
CA SER E 164 -49.73 -21.73 -13.50
C SER E 164 -49.53 -21.86 -11.99
N THR E 165 -50.43 -22.60 -11.35
CA THR E 165 -50.40 -22.84 -9.91
C THR E 165 -50.63 -24.33 -9.66
N GLU E 166 -49.69 -25.15 -10.12
CA GLU E 166 -49.73 -26.59 -9.95
C GLU E 166 -48.62 -27.02 -8.99
N ILE E 167 -48.94 -27.96 -8.10
CA ILE E 167 -47.99 -28.39 -7.08
C ILE E 167 -46.74 -28.95 -7.74
N TYR E 168 -45.58 -28.44 -7.35
CA TYR E 168 -44.31 -28.87 -7.91
C TYR E 168 -43.81 -30.14 -7.22
N GLN E 169 -43.29 -31.06 -8.01
CA GLN E 169 -42.86 -32.38 -7.56
C GLN E 169 -41.34 -32.42 -7.65
N ALA E 170 -40.68 -32.03 -6.56
CA ALA E 170 -39.23 -31.98 -6.49
C ALA E 170 -38.59 -33.33 -6.20
N GLY E 171 -39.39 -34.39 -6.18
CA GLY E 171 -38.86 -35.72 -5.90
C GLY E 171 -39.53 -36.82 -6.70
N SER E 172 -39.37 -38.06 -6.26
CA SER E 172 -39.92 -39.21 -6.97
C SER E 172 -41.39 -39.47 -6.67
N THR E 173 -41.96 -38.81 -5.65
CA THR E 173 -43.31 -39.16 -5.23
C THR E 173 -44.32 -38.15 -5.76
N PRO E 174 -45.37 -38.62 -6.43
CA PRO E 174 -46.41 -37.69 -6.91
C PRO E 174 -47.13 -37.02 -5.75
N CYS E 175 -47.86 -35.95 -6.09
CA CYS E 175 -48.44 -35.07 -5.08
C CYS E 175 -49.94 -35.18 -4.94
N ASN E 176 -50.64 -35.61 -5.99
CA ASN E 176 -52.10 -35.70 -6.01
C ASN E 176 -52.73 -34.35 -5.64
N GLY E 177 -52.14 -33.28 -6.16
CA GLY E 177 -52.71 -31.95 -5.99
C GLY E 177 -52.63 -31.38 -4.59
N VAL E 178 -51.85 -31.99 -3.69
CA VAL E 178 -51.74 -31.52 -2.32
C VAL E 178 -50.27 -31.28 -2.00
N GLU E 179 -50.04 -30.40 -1.03
CA GLU E 179 -48.68 -30.11 -0.59
C GLU E 179 -48.22 -31.15 0.42
N GLY E 180 -46.95 -31.55 0.30
CA GLY E 180 -46.39 -32.55 1.19
C GLY E 180 -44.89 -32.66 1.09
N PHE E 181 -44.35 -33.86 1.29
CA PHE E 181 -42.91 -34.07 1.26
C PHE E 181 -42.43 -34.04 -0.19
N ASN E 182 -41.49 -33.13 -0.47
CA ASN E 182 -40.96 -32.89 -1.81
C ASN E 182 -42.05 -32.51 -2.80
N CYS E 183 -43.17 -32.00 -2.29
CA CYS E 183 -44.28 -31.51 -3.10
C CYS E 183 -44.64 -30.13 -2.57
N TYR E 184 -44.32 -29.08 -3.33
CA TYR E 184 -44.45 -27.71 -2.87
C TYR E 184 -45.36 -26.91 -3.80
N PHE E 185 -46.06 -25.96 -3.22
CA PHE E 185 -46.67 -24.90 -4.01
C PHE E 185 -45.55 -24.09 -4.66
N PRO E 186 -45.67 -23.73 -5.93
CA PRO E 186 -44.57 -23.10 -6.65
C PRO E 186 -44.45 -21.59 -6.47
N LEU E 187 -45.36 -20.96 -5.72
CA LEU E 187 -45.33 -19.53 -5.50
C LEU E 187 -45.22 -19.23 -4.01
N GLN E 188 -44.45 -18.19 -3.68
CA GLN E 188 -44.35 -17.70 -2.32
C GLN E 188 -44.33 -16.17 -2.34
N SER E 189 -44.52 -15.58 -1.17
CA SER E 189 -44.61 -14.13 -1.05
C SER E 189 -43.25 -13.54 -0.72
N TYR E 190 -43.13 -12.23 -0.96
CA TYR E 190 -41.92 -11.52 -0.56
C TYR E 190 -41.98 -11.08 0.89
N GLY E 191 -43.16 -10.67 1.35
CA GLY E 191 -43.28 -10.12 2.68
C GLY E 191 -42.45 -8.87 2.83
N PHE E 192 -42.72 -7.87 1.98
CA PHE E 192 -41.96 -6.62 2.01
C PHE E 192 -42.31 -5.86 3.29
N GLN E 193 -41.37 -5.81 4.22
CA GLN E 193 -41.58 -5.05 5.44
C GLN E 193 -40.78 -3.75 5.38
N PRO E 194 -41.33 -2.65 5.92
CA PRO E 194 -40.65 -1.36 5.80
C PRO E 194 -39.25 -1.36 6.39
N THR E 195 -39.03 -2.13 7.46
CA THR E 195 -37.72 -2.23 8.12
C THR E 195 -36.95 -3.44 7.60
N ASN E 196 -36.70 -3.42 6.29
CA ASN E 196 -35.87 -4.41 5.63
C ASN E 196 -34.71 -3.72 4.93
N GLY E 197 -33.60 -4.44 4.78
CA GLY E 197 -32.48 -3.94 4.02
C GLY E 197 -32.86 -3.63 2.59
N VAL E 198 -32.07 -2.75 1.97
CA VAL E 198 -32.34 -2.33 0.60
C VAL E 198 -32.40 -3.53 -0.35
N GLY E 199 -31.61 -4.56 -0.07
CA GLY E 199 -31.64 -5.76 -0.87
C GLY E 199 -32.89 -6.61 -0.71
N TYR E 200 -33.70 -6.32 0.30
CA TYR E 200 -34.96 -7.02 0.52
C TYR E 200 -36.18 -6.11 0.41
N GLN E 201 -35.98 -4.83 0.08
CA GLN E 201 -37.07 -3.91 -0.12
C GLN E 201 -37.64 -4.06 -1.53
N PRO E 202 -38.90 -3.68 -1.74
CA PRO E 202 -39.49 -3.83 -3.07
C PRO E 202 -38.90 -2.85 -4.07
N TYR E 203 -38.74 -3.32 -5.30
CA TYR E 203 -38.27 -2.50 -6.41
C TYR E 203 -39.19 -2.68 -7.59
N ARG E 204 -39.62 -1.56 -8.18
CA ARG E 204 -40.45 -1.59 -9.38
C ARG E 204 -39.57 -1.53 -10.62
N VAL E 205 -39.80 -2.46 -11.53
CA VAL E 205 -39.01 -2.56 -12.76
C VAL E 205 -39.93 -2.30 -13.95
N VAL E 206 -39.44 -1.51 -14.89
CA VAL E 206 -40.05 -1.34 -16.20
C VAL E 206 -39.01 -1.73 -17.24
N VAL E 207 -39.34 -2.71 -18.07
CA VAL E 207 -38.49 -3.15 -19.16
C VAL E 207 -39.08 -2.62 -20.46
N LEU E 208 -38.29 -1.87 -21.21
CA LEU E 208 -38.69 -1.36 -22.51
C LEU E 208 -38.02 -2.19 -23.60
N SER E 209 -38.84 -2.84 -24.43
CA SER E 209 -38.36 -3.67 -25.51
C SER E 209 -38.58 -2.95 -26.84
N PHE E 210 -37.53 -2.90 -27.66
CA PHE E 210 -37.58 -2.25 -28.97
C PHE E 210 -37.29 -3.26 -30.05
N GLU E 211 -38.15 -3.29 -31.07
CA GLU E 211 -38.00 -4.18 -32.21
C GLU E 211 -38.11 -3.36 -33.48
N LEU E 212 -37.13 -3.48 -34.36
CA LEU E 212 -37.15 -2.88 -35.68
C LEU E 212 -37.39 -3.97 -36.70
N LEU E 213 -38.48 -3.85 -37.46
CA LEU E 213 -38.86 -4.81 -38.48
C LEU E 213 -39.10 -4.06 -39.79
N HIS E 214 -39.15 -4.83 -40.88
CA HIS E 214 -39.49 -4.28 -42.19
C HIS E 214 -41.02 -4.18 -42.26
N ALA E 215 -41.53 -3.12 -41.66
CA ALA E 215 -42.95 -2.90 -41.45
C ALA E 215 -43.13 -1.46 -40.98
N PRO E 216 -44.35 -0.93 -41.03
CA PRO E 216 -44.55 0.46 -40.60
C PRO E 216 -44.10 0.68 -39.17
N ALA E 217 -43.35 1.76 -38.97
CA ALA E 217 -43.00 2.18 -37.61
C ALA E 217 -44.23 2.77 -36.94
N THR E 218 -44.48 2.35 -35.69
CA THR E 218 -45.59 2.88 -34.92
C THR E 218 -45.16 3.81 -33.80
N VAL E 219 -43.86 3.87 -33.48
CA VAL E 219 -43.35 4.70 -32.40
C VAL E 219 -42.07 5.38 -32.87
N CYS E 220 -41.96 6.68 -32.64
CA CYS E 220 -40.79 7.45 -33.05
C CYS E 220 -40.42 8.44 -31.95
N GLY E 221 -39.16 8.88 -31.99
CA GLY E 221 -38.67 9.85 -31.04
C GLY E 221 -39.10 11.25 -31.39
N PRO E 222 -38.62 12.23 -30.60
CA PRO E 222 -39.04 13.61 -30.83
C PRO E 222 -38.56 14.18 -32.15
N LYS E 223 -37.43 13.70 -32.67
CA LYS E 223 -36.92 14.20 -33.95
C LYS E 223 -37.75 13.69 -35.11
N LYS E 224 -38.25 12.45 -35.01
CA LYS E 224 -39.15 11.79 -35.98
C LYS E 224 -39.13 12.36 -37.40
N GLN F 28 -62.68 -32.09 -11.16
CA GLN F 28 -64.10 -32.35 -11.35
C GLN F 28 -64.92 -31.66 -10.26
N VAL F 29 -64.32 -30.69 -9.59
CA VAL F 29 -64.95 -30.04 -8.46
C VAL F 29 -66.18 -29.25 -8.91
N GLN F 30 -67.17 -29.16 -8.04
CA GLN F 30 -68.41 -28.44 -8.29
C GLN F 30 -68.62 -27.41 -7.21
N LEU F 31 -68.85 -26.16 -7.61
CA LEU F 31 -68.93 -25.03 -6.69
C LEU F 31 -70.37 -24.71 -6.36
N VAL F 32 -70.67 -24.59 -5.07
CA VAL F 32 -72.02 -24.34 -4.56
C VAL F 32 -72.04 -22.97 -3.89
N GLN F 33 -73.11 -22.21 -4.10
CA GLN F 33 -73.19 -20.84 -3.65
C GLN F 33 -74.39 -20.64 -2.73
N SER F 34 -74.30 -19.59 -1.92
CA SER F 34 -75.34 -19.28 -0.94
C SER F 34 -76.63 -18.86 -1.63
N GLY F 35 -77.71 -18.85 -0.85
CA GLY F 35 -79.01 -18.48 -1.39
C GLY F 35 -79.10 -17.02 -1.75
N ALA F 36 -80.11 -16.70 -2.56
CA ALA F 36 -80.34 -15.33 -2.97
C ALA F 36 -80.67 -14.46 -1.77
N GLU F 37 -80.29 -13.18 -1.87
CA GLU F 37 -80.49 -12.24 -0.77
C GLU F 37 -80.99 -10.91 -1.31
N VAL F 38 -81.84 -10.26 -0.54
CA VAL F 38 -82.40 -8.95 -0.86
C VAL F 38 -81.98 -7.98 0.23
N LYS F 39 -81.31 -6.90 -0.16
CA LYS F 39 -80.71 -5.97 0.79
C LYS F 39 -81.15 -4.54 0.50
N LYS F 40 -81.13 -3.73 1.54
CA LYS F 40 -81.40 -2.31 1.43
C LYS F 40 -80.16 -1.55 0.97
N PRO F 41 -80.34 -0.39 0.35
CA PRO F 41 -79.18 0.41 -0.06
C PRO F 41 -78.34 0.81 1.13
N GLY F 42 -77.03 0.87 0.92
CA GLY F 42 -76.08 1.18 1.97
C GLY F 42 -75.70 0.02 2.86
N SER F 43 -76.37 -1.12 2.74
CA SER F 43 -76.09 -2.29 3.57
C SER F 43 -74.90 -3.05 3.01
N SER F 44 -74.61 -4.23 3.58
CA SER F 44 -73.53 -5.08 3.14
C SER F 44 -74.03 -6.51 2.98
N VAL F 45 -73.45 -7.23 2.02
CA VAL F 45 -73.75 -8.64 1.80
C VAL F 45 -72.48 -9.43 1.97
N LYS F 46 -72.62 -10.65 2.50
CA LYS F 46 -71.55 -11.64 2.48
C LYS F 46 -72.08 -12.88 1.77
N VAL F 47 -71.54 -13.15 0.59
CA VAL F 47 -71.91 -14.30 -0.22
C VAL F 47 -70.86 -15.39 -0.01
N SER F 48 -71.30 -16.65 -0.04
CA SER F 48 -70.43 -17.78 0.24
C SER F 48 -70.29 -18.66 -1.00
N CYS F 49 -69.14 -19.32 -1.09
CA CYS F 49 -68.86 -20.28 -2.15
C CYS F 49 -68.09 -21.43 -1.52
N LYS F 50 -68.67 -22.63 -1.56
CA LYS F 50 -68.07 -23.82 -0.97
C LYS F 50 -67.76 -24.83 -2.06
N ALA F 51 -66.60 -25.46 -1.95
CA ALA F 51 -66.16 -26.48 -2.89
C ALA F 51 -66.54 -27.87 -2.38
N SER F 52 -67.12 -28.69 -3.26
CA SER F 52 -67.34 -30.08 -2.94
C SER F 52 -66.00 -30.78 -2.71
N GLY F 53 -65.98 -31.70 -1.77
CA GLY F 53 -64.72 -32.18 -1.23
C GLY F 53 -64.26 -31.28 -0.10
N GLY F 54 -63.02 -31.49 0.32
CA GLY F 54 -62.59 -30.87 1.55
C GLY F 54 -61.32 -30.03 1.58
N THR F 55 -60.63 -29.87 0.44
CA THR F 55 -59.33 -29.24 0.48
C THR F 55 -59.32 -27.79 0.03
N PHE F 56 -59.91 -27.47 -1.13
CA PHE F 56 -60.13 -26.10 -1.59
C PHE F 56 -58.83 -25.39 -1.98
N SER F 57 -57.74 -26.12 -2.19
CA SER F 57 -56.43 -25.49 -2.30
C SER F 57 -55.72 -25.89 -3.59
N SER F 58 -54.63 -25.16 -3.85
CA SER F 58 -53.93 -25.08 -5.13
C SER F 58 -54.82 -24.38 -6.16
N TYR F 59 -55.98 -23.91 -5.72
CA TYR F 59 -56.95 -23.27 -6.58
C TYR F 59 -57.05 -21.79 -6.23
N THR F 60 -57.37 -20.98 -7.24
CA THR F 60 -57.73 -19.59 -7.05
C THR F 60 -59.23 -19.46 -7.21
N ILE F 61 -59.88 -18.82 -6.25
CA ILE F 61 -61.33 -18.65 -6.23
C ILE F 61 -61.63 -17.18 -6.52
N SER F 62 -62.31 -16.93 -7.63
CA SER F 62 -62.59 -15.59 -8.10
C SER F 62 -64.09 -15.30 -8.01
N TRP F 63 -64.40 -14.00 -7.98
CA TRP F 63 -65.77 -13.52 -7.93
C TRP F 63 -66.01 -12.61 -9.12
N VAL F 64 -66.95 -13.00 -9.99
CA VAL F 64 -67.26 -12.29 -11.22
C VAL F 64 -68.72 -11.88 -11.18
N ARG F 65 -68.96 -10.58 -11.30
CA ARG F 65 -70.30 -10.01 -11.21
C ARG F 65 -70.93 -9.87 -12.60
N GLN F 66 -72.23 -10.07 -12.66
CA GLN F 66 -73.00 -9.87 -13.90
C GLN F 66 -74.19 -8.97 -13.55
N ALA F 67 -74.02 -7.67 -13.77
CA ALA F 67 -75.00 -6.64 -13.46
C ALA F 67 -75.61 -6.06 -14.73
N PRO F 68 -76.90 -5.78 -14.72
CA PRO F 68 -77.52 -5.10 -15.88
C PRO F 68 -76.85 -3.76 -16.14
N GLY F 69 -76.35 -3.58 -17.35
CA GLY F 69 -75.68 -2.37 -17.77
C GLY F 69 -74.17 -2.38 -17.55
N GLN F 70 -73.68 -3.15 -16.59
CA GLN F 70 -72.26 -3.20 -16.29
C GLN F 70 -71.54 -4.30 -17.06
N GLY F 71 -72.23 -5.39 -17.39
CA GLY F 71 -71.62 -6.50 -18.08
C GLY F 71 -71.01 -7.51 -17.11
N LEU F 72 -70.10 -8.31 -17.66
CA LEU F 72 -69.30 -9.23 -16.85
C LEU F 72 -68.11 -8.49 -16.27
N GLU F 73 -67.91 -8.62 -14.95
CA GLU F 73 -66.86 -7.88 -14.25
C GLU F 73 -66.21 -8.79 -13.22
N TRP F 74 -64.89 -8.98 -13.37
CA TRP F 74 -64.10 -9.67 -12.37
C TRP F 74 -63.88 -8.74 -11.19
N MET F 75 -64.36 -9.15 -10.01
CA MET F 75 -64.27 -8.32 -8.81
C MET F 75 -62.99 -8.56 -8.02
N GLY F 76 -62.59 -9.82 -7.87
CA GLY F 76 -61.40 -10.13 -7.10
C GLY F 76 -61.20 -11.64 -7.04
N GLY F 77 -60.16 -12.02 -6.30
CA GLY F 77 -59.84 -13.43 -6.16
C GLY F 77 -58.91 -13.65 -4.99
N ILE F 78 -58.79 -14.92 -4.59
CA ILE F 78 -57.98 -15.31 -3.45
C ILE F 78 -57.38 -16.68 -3.70
N ILE F 79 -56.12 -16.84 -3.32
CA ILE F 79 -55.45 -18.14 -3.31
C ILE F 79 -55.39 -18.61 -1.86
N PRO F 80 -56.29 -19.49 -1.44
CA PRO F 80 -56.41 -19.79 0.00
C PRO F 80 -55.17 -20.39 0.61
N ILE F 81 -54.38 -21.15 -0.15
CA ILE F 81 -53.20 -21.80 0.41
C ILE F 81 -52.15 -20.77 0.80
N LEU F 82 -52.14 -19.61 0.15
CA LEU F 82 -51.25 -18.52 0.50
C LEU F 82 -51.94 -17.39 1.23
N GLY F 83 -53.28 -17.36 1.23
CA GLY F 83 -54.01 -16.26 1.82
C GLY F 83 -53.87 -14.94 1.08
N THR F 84 -53.38 -14.97 -0.16
CA THR F 84 -53.18 -13.76 -0.94
C THR F 84 -54.45 -13.39 -1.70
N THR F 85 -54.78 -12.11 -1.68
CA THR F 85 -55.98 -11.59 -2.31
C THR F 85 -55.62 -10.56 -3.35
N ASN F 86 -56.41 -10.54 -4.43
CA ASN F 86 -56.28 -9.52 -5.47
C ASN F 86 -57.68 -8.99 -5.77
N TYR F 87 -57.80 -7.67 -5.87
CA TYR F 87 -59.09 -7.02 -6.11
C TYR F 87 -58.99 -6.13 -7.34
N ALA F 88 -60.12 -5.93 -8.00
CA ALA F 88 -60.19 -5.00 -9.11
C ALA F 88 -60.17 -3.56 -8.60
N GLN F 89 -59.62 -2.67 -9.44
CA GLN F 89 -59.51 -1.25 -9.05
C GLN F 89 -60.88 -0.64 -8.80
N LYS F 90 -61.85 -0.94 -9.66
CA LYS F 90 -63.21 -0.45 -9.47
C LYS F 90 -63.77 -0.90 -8.13
N PHE F 91 -63.42 -2.11 -7.70
CA PHE F 91 -63.94 -2.70 -6.46
C PHE F 91 -62.95 -2.61 -5.31
N GLN F 92 -61.87 -1.85 -5.46
CA GLN F 92 -60.88 -1.72 -4.41
C GLN F 92 -61.46 -1.01 -3.20
N GLY F 93 -61.27 -1.59 -2.02
CA GLY F 93 -61.79 -1.00 -0.80
C GLY F 93 -63.28 -1.05 -0.61
N ARG F 94 -64.01 -1.66 -1.55
CA ARG F 94 -65.43 -1.91 -1.39
C ARG F 94 -65.75 -3.39 -1.27
N VAL F 95 -64.83 -4.26 -1.67
CA VAL F 95 -64.99 -5.71 -1.56
C VAL F 95 -63.91 -6.25 -0.64
N THR F 96 -64.25 -7.31 0.09
CA THR F 96 -63.29 -8.09 0.86
C THR F 96 -63.57 -9.56 0.61
N ILE F 97 -62.53 -10.30 0.24
CA ILE F 97 -62.64 -11.71 -0.07
C ILE F 97 -61.81 -12.50 0.92
N THR F 98 -62.42 -13.53 1.50
CA THR F 98 -61.81 -14.35 2.54
C THR F 98 -62.04 -15.82 2.22
N ALA F 99 -61.22 -16.66 2.84
CA ALA F 99 -61.30 -18.10 2.63
C ALA F 99 -60.97 -18.82 3.93
N ASP F 100 -61.73 -19.88 4.21
CA ASP F 100 -61.45 -20.79 5.31
C ASP F 100 -61.23 -22.17 4.72
N GLU F 101 -59.96 -22.59 4.65
CA GLU F 101 -59.66 -23.99 4.32
C GLU F 101 -60.30 -24.94 5.31
N SER F 102 -60.58 -24.46 6.53
CA SER F 102 -61.23 -25.29 7.53
C SER F 102 -62.61 -25.73 7.07
N THR F 103 -63.37 -24.84 6.44
CA THR F 103 -64.70 -25.14 5.94
C THR F 103 -64.72 -25.33 4.43
N SER F 104 -63.59 -25.20 3.75
CA SER F 104 -63.52 -25.26 2.28
C SER F 104 -64.52 -24.29 1.67
N THR F 105 -64.59 -23.08 2.25
CA THR F 105 -65.58 -22.08 1.87
C THR F 105 -64.87 -20.76 1.63
N ALA F 106 -65.22 -20.10 0.52
CA ALA F 106 -64.77 -18.74 0.24
C ALA F 106 -65.91 -17.76 0.48
N TYR F 107 -65.55 -16.52 0.79
CA TYR F 107 -66.51 -15.48 1.09
C TYR F 107 -66.18 -14.23 0.30
N MET F 108 -67.23 -13.49 -0.08
CA MET F 108 -67.09 -12.20 -0.74
C MET F 108 -68.07 -11.24 -0.08
N GLU F 109 -67.55 -10.13 0.45
CA GLU F 109 -68.35 -9.16 1.19
C GLU F 109 -68.34 -7.83 0.46
N LEU F 110 -69.52 -7.34 0.11
CA LEU F 110 -69.67 -6.09 -0.64
C LEU F 110 -70.39 -5.07 0.23
N SER F 111 -69.80 -3.88 0.34
CA SER F 111 -70.27 -2.85 1.27
C SER F 111 -70.76 -1.62 0.51
N SER F 112 -71.54 -0.81 1.22
CA SER F 112 -72.14 0.42 0.68
C SER F 112 -72.86 0.13 -0.63
N LEU F 113 -73.82 -0.78 -0.55
CA LEU F 113 -74.53 -1.23 -1.74
C LEU F 113 -75.38 -0.12 -2.33
N ARG F 114 -75.13 0.18 -3.60
CA ARG F 114 -76.03 1.00 -4.40
C ARG F 114 -76.92 0.10 -5.24
N SER F 115 -77.99 0.66 -5.80
CA SER F 115 -78.89 -0.12 -6.64
C SER F 115 -78.18 -0.67 -7.88
N GLU F 116 -77.09 -0.01 -8.30
CA GLU F 116 -76.27 -0.49 -9.40
C GLU F 116 -75.69 -1.87 -9.11
N ASP F 117 -75.44 -2.18 -7.83
CA ASP F 117 -74.85 -3.44 -7.44
C ASP F 117 -75.80 -4.61 -7.54
N THR F 118 -77.07 -4.36 -7.89
CA THR F 118 -78.00 -5.45 -8.17
C THR F 118 -77.49 -6.28 -9.33
N ALA F 119 -77.21 -7.55 -9.07
CA ALA F 119 -76.50 -8.38 -10.04
C ALA F 119 -76.53 -9.82 -9.60
N VAL F 120 -76.03 -10.69 -10.48
CA VAL F 120 -75.75 -12.08 -10.17
C VAL F 120 -74.26 -12.19 -9.89
N TYR F 121 -73.91 -12.68 -8.70
CA TYR F 121 -72.52 -12.77 -8.27
C TYR F 121 -72.06 -14.21 -8.42
N TYR F 122 -71.18 -14.45 -9.39
CA TYR F 122 -70.68 -15.78 -9.69
C TYR F 122 -69.36 -16.04 -8.97
N CYS F 123 -69.20 -17.26 -8.47
CA CYS F 123 -67.96 -17.77 -7.93
C CYS F 123 -67.32 -18.66 -8.99
N ALA F 124 -66.01 -18.47 -9.21
CA ALA F 124 -65.36 -19.20 -10.29
C ALA F 124 -63.95 -19.56 -9.88
N ARG F 125 -63.39 -20.54 -10.59
CA ARG F 125 -62.02 -20.98 -10.41
C ARG F 125 -61.17 -20.41 -11.55
N LYS F 126 -60.05 -19.79 -11.19
CA LYS F 126 -59.19 -19.13 -12.16
C LYS F 126 -58.03 -20.06 -12.51
N PHE F 127 -57.92 -20.38 -13.80
CA PHE F 127 -56.93 -21.32 -14.30
C PHE F 127 -55.76 -20.58 -14.96
N GLY F 128 -54.55 -21.06 -14.70
CA GLY F 128 -53.36 -20.48 -15.27
C GLY F 128 -52.58 -21.50 -16.08
N TYR F 129 -51.63 -20.98 -16.86
CA TYR F 129 -50.80 -21.80 -17.73
C TYR F 129 -49.58 -20.98 -18.12
N SER F 130 -48.72 -21.56 -18.95
CA SER F 130 -47.51 -20.90 -19.41
C SER F 130 -47.60 -20.69 -20.92
N GLY F 131 -47.17 -19.52 -21.36
CA GLY F 131 -47.21 -19.19 -22.78
C GLY F 131 -46.73 -17.77 -23.00
N TYR F 132 -46.75 -17.36 -24.27
CA TYR F 132 -46.30 -16.03 -24.64
C TYR F 132 -47.30 -14.93 -24.29
N GLY F 133 -48.57 -15.27 -24.17
CA GLY F 133 -49.58 -14.29 -23.79
C GLY F 133 -50.51 -14.84 -22.74
N ALA F 134 -49.97 -15.67 -21.84
CA ALA F 134 -50.79 -16.38 -20.87
C ALA F 134 -51.50 -15.40 -19.94
N THR F 135 -52.81 -15.56 -19.83
CA THR F 135 -53.59 -14.86 -18.81
C THR F 135 -54.72 -15.79 -18.38
N TRP F 136 -55.17 -15.60 -17.15
CA TRP F 136 -56.10 -16.54 -16.53
C TRP F 136 -57.41 -16.62 -17.30
N TYR F 137 -58.06 -17.77 -17.20
CA TYR F 137 -59.44 -17.96 -17.61
C TYR F 137 -60.20 -18.66 -16.48
N PHE F 138 -61.53 -18.58 -16.53
CA PHE F 138 -62.41 -19.09 -15.49
C PHE F 138 -63.11 -20.33 -16.03
N ASP F 139 -62.73 -21.51 -15.51
CA ASP F 139 -63.23 -22.75 -16.06
C ASP F 139 -64.45 -23.29 -15.31
N LEU F 140 -64.37 -23.34 -13.98
CA LEU F 140 -65.48 -23.79 -13.16
C LEU F 140 -66.31 -22.60 -12.71
N TRP F 141 -67.62 -22.67 -12.92
CA TRP F 141 -68.54 -21.57 -12.63
C TRP F 141 -69.65 -22.06 -11.72
N GLY F 142 -69.94 -21.28 -10.67
CA GLY F 142 -71.11 -21.51 -9.87
C GLY F 142 -72.37 -21.01 -10.54
N ARG F 143 -73.51 -21.44 -10.01
CA ARG F 143 -74.80 -21.06 -10.60
C ARG F 143 -75.04 -19.57 -10.48
N GLY F 144 -74.64 -18.96 -9.37
CA GLY F 144 -74.84 -17.55 -9.15
C GLY F 144 -75.67 -17.26 -7.93
N THR F 145 -75.42 -16.11 -7.29
CA THR F 145 -76.20 -15.65 -6.15
C THR F 145 -76.82 -14.30 -6.51
N LEU F 146 -78.13 -14.19 -6.31
CA LEU F 146 -78.87 -13.00 -6.72
C LEU F 146 -78.97 -12.03 -5.54
N VAL F 147 -78.16 -10.99 -5.57
CA VAL F 147 -78.21 -9.90 -4.60
C VAL F 147 -78.99 -8.76 -5.24
N THR F 148 -80.16 -8.46 -4.68
CA THR F 148 -81.03 -7.41 -5.21
C THR F 148 -81.06 -6.26 -4.23
N VAL F 149 -80.61 -5.09 -4.68
CA VAL F 149 -80.57 -3.88 -3.87
C VAL F 149 -81.67 -2.97 -4.38
N SER F 150 -82.79 -2.93 -3.67
CA SER F 150 -83.95 -2.12 -4.02
C SER F 150 -84.25 -1.16 -2.90
N SER F 151 -84.42 0.12 -3.24
CA SER F 151 -84.72 1.15 -2.25
C SER F 151 -86.15 1.01 -1.73
N GLN F 167 -69.04 0.93 -19.62
CA GLN F 167 -68.66 0.39 -20.93
C GLN F 167 -67.73 -0.80 -20.76
N SER F 168 -67.31 -1.38 -21.89
CA SER F 168 -66.41 -2.52 -21.92
C SER F 168 -65.11 -2.13 -22.59
N VAL F 169 -64.02 -2.75 -22.14
CA VAL F 169 -62.71 -2.51 -22.74
C VAL F 169 -62.51 -3.33 -24.01
N LEU F 170 -63.17 -4.48 -24.11
CA LEU F 170 -63.23 -5.26 -25.34
C LEU F 170 -64.64 -5.15 -25.90
N THR F 171 -64.76 -4.74 -27.15
CA THR F 171 -66.05 -4.47 -27.76
C THR F 171 -66.41 -5.55 -28.77
N GLN F 172 -67.68 -5.95 -28.76
CA GLN F 172 -68.22 -6.96 -29.64
C GLN F 172 -69.47 -6.43 -30.33
N PRO F 173 -69.85 -7.03 -31.45
CA PRO F 173 -71.16 -6.74 -32.03
C PRO F 173 -72.26 -7.15 -31.07
N PRO F 174 -73.22 -6.25 -30.79
CA PRO F 174 -74.34 -6.64 -29.92
C PRO F 174 -75.07 -7.87 -30.40
N SER F 175 -75.19 -8.05 -31.72
CA SER F 175 -75.96 -9.15 -32.28
C SER F 175 -75.35 -9.59 -33.60
N VAL F 176 -75.28 -10.90 -33.79
CA VAL F 176 -74.87 -11.52 -35.04
C VAL F 176 -75.90 -12.57 -35.41
N SER F 177 -76.37 -12.55 -36.66
CA SER F 177 -77.33 -13.50 -37.16
C SER F 177 -76.66 -14.45 -38.14
N GLY F 178 -77.14 -15.68 -38.18
CA GLY F 178 -76.56 -16.69 -39.05
C GLY F 178 -77.61 -17.68 -39.50
N ALA F 179 -77.35 -18.29 -40.67
CA ALA F 179 -78.21 -19.28 -41.28
C ALA F 179 -77.78 -20.69 -40.86
N PRO F 180 -78.73 -21.60 -40.69
CA PRO F 180 -78.37 -22.96 -40.26
C PRO F 180 -77.45 -23.64 -41.25
N GLY F 181 -76.49 -24.40 -40.72
CA GLY F 181 -75.54 -25.11 -41.53
C GLY F 181 -74.43 -24.27 -42.13
N GLN F 182 -74.39 -22.97 -41.84
CA GLN F 182 -73.39 -22.08 -42.39
C GLN F 182 -72.35 -21.73 -41.35
N ARG F 183 -71.44 -20.82 -41.72
CA ARG F 183 -70.36 -20.38 -40.85
C ARG F 183 -70.57 -18.92 -40.48
N VAL F 184 -70.43 -18.61 -39.20
CA VAL F 184 -70.53 -17.25 -38.69
C VAL F 184 -69.31 -16.95 -37.84
N THR F 185 -69.02 -15.67 -37.69
CA THR F 185 -67.90 -15.20 -36.88
C THR F 185 -68.38 -14.12 -35.91
N ILE F 186 -67.83 -14.14 -34.71
CA ILE F 186 -68.11 -13.13 -33.69
C ILE F 186 -66.79 -12.45 -33.36
N SER F 187 -66.72 -11.14 -33.57
CA SER F 187 -65.48 -10.40 -33.43
C SER F 187 -65.32 -9.89 -32.01
N CYS F 188 -64.06 -9.61 -31.65
CA CYS F 188 -63.72 -9.07 -30.35
C CYS F 188 -62.52 -8.15 -30.56
N THR F 189 -62.69 -6.86 -30.24
CA THR F 189 -61.66 -5.85 -30.51
C THR F 189 -61.23 -5.21 -29.19
N GLY F 190 -59.92 -5.10 -29.00
CA GLY F 190 -59.38 -4.49 -27.80
C GLY F 190 -58.30 -3.47 -28.15
N ASN F 191 -57.93 -2.69 -27.15
CA ASN F 191 -56.92 -1.66 -27.33
C ASN F 191 -55.52 -2.25 -27.18
N SER F 192 -54.51 -1.40 -27.30
CA SER F 192 -53.13 -1.86 -27.20
C SER F 192 -52.78 -2.40 -25.82
N SER F 193 -53.58 -2.05 -24.80
CA SER F 193 -53.27 -2.46 -23.44
C SER F 193 -53.55 -3.96 -23.22
N ASN F 194 -54.56 -4.51 -23.90
CA ASN F 194 -54.96 -5.89 -23.64
C ASN F 194 -54.58 -6.76 -24.82
N ILE F 195 -55.45 -6.93 -25.82
CA ILE F 195 -55.15 -7.83 -26.92
C ILE F 195 -53.93 -7.34 -27.71
N GLY F 196 -53.82 -6.01 -27.88
CA GLY F 196 -52.68 -5.47 -28.60
C GLY F 196 -51.36 -5.73 -27.91
N ALA F 197 -51.40 -5.98 -26.60
CA ALA F 197 -50.21 -6.29 -25.85
C ALA F 197 -49.77 -7.74 -26.02
N GLY F 198 -50.66 -8.60 -26.54
CA GLY F 198 -50.34 -10.01 -26.73
C GLY F 198 -51.07 -10.94 -25.79
N TYR F 199 -51.88 -10.43 -24.88
CA TYR F 199 -52.63 -11.28 -23.97
C TYR F 199 -53.61 -12.16 -24.75
N ASP F 200 -53.79 -13.39 -24.27
CA ASP F 200 -54.65 -14.34 -24.96
C ASP F 200 -56.12 -13.95 -24.80
N VAL F 201 -56.97 -14.66 -25.55
CA VAL F 201 -58.39 -14.37 -25.61
C VAL F 201 -59.15 -15.67 -25.36
N HIS F 202 -60.02 -15.67 -24.35
CA HIS F 202 -60.88 -16.80 -24.05
C HIS F 202 -62.33 -16.43 -24.34
N TRP F 203 -63.15 -17.46 -24.56
CA TRP F 203 -64.54 -17.27 -24.92
C TRP F 203 -65.44 -18.03 -23.96
N TYR F 204 -66.59 -17.43 -23.65
CA TYR F 204 -67.57 -18.03 -22.74
C TYR F 204 -68.93 -18.04 -23.42
N GLN F 205 -69.64 -19.15 -23.28
CA GLN F 205 -70.98 -19.32 -23.80
C GLN F 205 -71.96 -19.23 -22.64
N GLN F 206 -73.02 -18.45 -22.83
CA GLN F 206 -74.06 -18.30 -21.82
C GLN F 206 -75.42 -18.47 -22.46
N PHE F 207 -76.09 -19.59 -22.17
CA PHE F 207 -77.47 -19.80 -22.57
C PHE F 207 -78.39 -19.01 -21.65
N PRO F 208 -79.57 -18.64 -22.15
CA PRO F 208 -80.53 -17.91 -21.30
C PRO F 208 -80.91 -18.73 -20.08
N GLY F 209 -80.91 -18.07 -18.92
CA GLY F 209 -81.27 -18.69 -17.66
C GLY F 209 -80.16 -19.51 -17.01
N THR F 210 -78.97 -19.55 -17.60
CA THR F 210 -77.84 -20.31 -17.07
C THR F 210 -76.67 -19.39 -16.79
N ALA F 211 -75.59 -19.98 -16.28
CA ALA F 211 -74.35 -19.31 -15.96
C ALA F 211 -73.38 -19.40 -17.12
N PRO F 212 -72.42 -18.48 -17.21
CA PRO F 212 -71.41 -18.57 -18.27
C PRO F 212 -70.61 -19.87 -18.17
N LYS F 213 -70.12 -20.33 -19.31
CA LYS F 213 -69.35 -21.56 -19.39
C LYS F 213 -68.23 -21.38 -20.40
N LEU F 214 -67.05 -21.91 -20.09
CA LEU F 214 -65.91 -21.78 -20.99
C LEU F 214 -66.19 -22.51 -22.30
N LEU F 215 -65.94 -21.82 -23.40
CA LEU F 215 -66.10 -22.38 -24.75
C LEU F 215 -64.77 -22.48 -25.49
N ILE F 216 -63.90 -21.50 -25.32
CA ILE F 216 -62.57 -21.49 -25.94
C ILE F 216 -61.59 -20.93 -24.91
N TYR F 217 -60.48 -21.63 -24.70
CA TYR F 217 -59.39 -21.12 -23.88
C TYR F 217 -58.11 -21.15 -24.69
N GLY F 218 -57.03 -20.65 -24.11
CA GLY F 218 -55.88 -20.25 -24.92
C GLY F 218 -56.35 -19.18 -25.86
N ASN F 219 -56.19 -19.40 -27.16
CA ASN F 219 -56.93 -18.66 -28.18
C ASN F 219 -57.71 -19.56 -29.12
N SER F 220 -57.35 -20.83 -29.23
CA SER F 220 -58.01 -21.78 -30.12
C SER F 220 -58.38 -23.10 -29.43
N ASN F 221 -57.99 -23.30 -28.18
CA ASN F 221 -58.12 -24.59 -27.53
C ASN F 221 -59.54 -24.78 -27.01
N ARG F 222 -60.09 -25.98 -27.25
CA ARG F 222 -61.44 -26.31 -26.84
C ARG F 222 -61.43 -27.16 -25.58
N PRO F 223 -62.14 -26.75 -24.55
CA PRO F 223 -62.29 -27.60 -23.36
C PRO F 223 -63.04 -28.88 -23.71
N SER F 224 -63.03 -29.81 -22.76
CA SER F 224 -63.68 -31.09 -22.97
C SER F 224 -65.18 -30.92 -23.12
N GLY F 225 -65.72 -31.36 -24.25
CA GLY F 225 -67.15 -31.34 -24.49
C GLY F 225 -67.62 -30.31 -25.49
N VAL F 226 -66.73 -29.53 -26.08
CA VAL F 226 -67.09 -28.51 -27.07
C VAL F 226 -66.87 -29.09 -28.46
N PRO F 227 -67.87 -29.05 -29.34
CA PRO F 227 -67.67 -29.61 -30.69
C PRO F 227 -66.65 -28.82 -31.47
N ASP F 228 -65.95 -29.52 -32.39
CA ASP F 228 -64.98 -28.83 -33.22
C ASP F 228 -65.61 -27.90 -34.23
N ARG F 229 -66.94 -27.76 -34.23
CA ARG F 229 -67.58 -26.67 -34.96
C ARG F 229 -67.10 -25.32 -34.45
N PHE F 230 -66.66 -25.26 -33.19
CA PHE F 230 -66.17 -24.05 -32.58
C PHE F 230 -64.66 -23.95 -32.71
N SER F 231 -64.18 -22.73 -32.92
CA SER F 231 -62.76 -22.47 -33.06
C SER F 231 -62.52 -20.98 -32.84
N GLY F 232 -61.32 -20.66 -32.36
CA GLY F 232 -60.96 -19.28 -32.09
C GLY F 232 -59.62 -18.93 -32.71
N SER F 233 -59.41 -17.62 -32.86
CA SER F 233 -58.17 -17.11 -33.41
C SER F 233 -57.92 -15.72 -32.83
N LYS F 234 -56.66 -15.29 -32.89
CA LYS F 234 -56.28 -13.96 -32.45
C LYS F 234 -55.26 -13.39 -33.43
N SER F 235 -55.38 -12.08 -33.69
CA SER F 235 -54.47 -11.39 -34.60
C SER F 235 -54.53 -9.91 -34.29
N GLY F 236 -53.37 -9.34 -33.96
CA GLY F 236 -53.31 -7.91 -33.72
C GLY F 236 -54.05 -7.54 -32.44
N THR F 237 -54.97 -6.58 -32.57
CA THR F 237 -55.78 -6.09 -31.47
C THR F 237 -57.15 -6.77 -31.40
N SER F 238 -57.37 -7.82 -32.20
CA SER F 238 -58.69 -8.39 -32.36
C SER F 238 -58.62 -9.92 -32.32
N ALA F 239 -59.75 -10.53 -31.97
CA ALA F 239 -59.90 -11.98 -31.92
C ALA F 239 -61.25 -12.35 -32.50
N SER F 240 -61.38 -13.63 -32.89
CA SER F 240 -62.58 -14.09 -33.58
C SER F 240 -62.97 -15.48 -33.09
N LEU F 241 -64.26 -15.65 -32.84
CA LEU F 241 -64.86 -16.95 -32.59
C LEU F 241 -65.65 -17.35 -33.83
N ALA F 242 -65.32 -18.51 -34.39
CA ALA F 242 -65.92 -18.99 -35.62
C ALA F 242 -66.68 -20.28 -35.36
N ILE F 243 -67.95 -20.31 -35.76
CA ILE F 243 -68.81 -21.47 -35.62
C ILE F 243 -69.13 -22.01 -37.00
N THR F 244 -68.71 -23.25 -37.27
CA THR F 244 -69.00 -23.92 -38.53
C THR F 244 -70.21 -24.82 -38.36
N GLY F 245 -70.95 -25.01 -39.45
CA GLY F 245 -72.15 -25.82 -39.43
C GLY F 245 -73.11 -25.35 -38.37
N LEU F 246 -73.50 -24.08 -38.45
CA LEU F 246 -74.27 -23.45 -37.38
C LEU F 246 -75.56 -24.21 -37.11
N GLN F 247 -75.83 -24.45 -35.83
CA GLN F 247 -77.03 -25.13 -35.38
C GLN F 247 -77.87 -24.21 -34.52
N ALA F 248 -79.16 -24.54 -34.43
CA ALA F 248 -80.07 -23.71 -33.63
C ALA F 248 -79.70 -23.72 -32.16
N GLU F 249 -79.09 -24.81 -31.68
CA GLU F 249 -78.68 -24.92 -30.28
C GLU F 249 -77.44 -24.11 -29.96
N ASP F 250 -76.90 -23.37 -30.92
CA ASP F 250 -75.82 -22.43 -30.68
C ASP F 250 -76.33 -21.01 -30.41
N GLU F 251 -77.65 -20.81 -30.44
CA GLU F 251 -78.23 -19.56 -29.98
C GLU F 251 -77.90 -19.33 -28.52
N ALA F 252 -77.11 -18.30 -28.24
CA ALA F 252 -76.70 -17.97 -26.89
C ALA F 252 -76.04 -16.60 -26.92
N ASP F 253 -75.53 -16.19 -25.76
CA ASP F 253 -74.70 -15.01 -25.64
C ASP F 253 -73.25 -15.44 -25.50
N TYR F 254 -72.36 -14.83 -26.29
CA TYR F 254 -70.95 -15.20 -26.33
C TYR F 254 -70.11 -14.00 -25.90
N TYR F 255 -69.13 -14.27 -25.03
CA TYR F 255 -68.29 -13.24 -24.42
C TYR F 255 -66.82 -13.59 -24.62
N CYS F 256 -66.00 -12.57 -24.84
CA CYS F 256 -64.56 -12.72 -24.94
C CYS F 256 -63.88 -12.14 -23.71
N GLN F 257 -62.75 -12.73 -23.33
CA GLN F 257 -62.05 -12.36 -22.11
C GLN F 257 -60.56 -12.19 -22.38
N SER F 258 -59.99 -11.14 -21.79
CA SER F 258 -58.57 -10.85 -21.90
C SER F 258 -58.11 -10.17 -20.62
N TYR F 259 -56.83 -9.80 -20.58
CA TYR F 259 -56.23 -9.11 -19.46
C TYR F 259 -55.78 -7.73 -19.92
N ASP F 260 -56.14 -6.69 -19.16
CA ASP F 260 -55.75 -5.32 -19.46
C ASP F 260 -54.71 -4.89 -18.45
N SER F 261 -53.50 -4.58 -18.93
CA SER F 261 -52.41 -4.19 -18.05
C SER F 261 -52.62 -2.80 -17.46
N SER F 262 -53.37 -1.95 -18.16
CA SER F 262 -53.67 -0.62 -17.63
C SER F 262 -54.62 -0.71 -16.43
N LEU F 263 -55.67 -1.53 -16.54
CA LEU F 263 -56.53 -1.83 -15.40
C LEU F 263 -55.90 -2.83 -14.43
N SER F 264 -54.93 -3.62 -14.90
CA SER F 264 -54.28 -4.65 -14.10
C SER F 264 -55.30 -5.66 -13.56
N GLY F 265 -56.06 -6.23 -14.49
CA GLY F 265 -57.08 -7.21 -14.14
C GLY F 265 -57.70 -7.78 -15.39
N SER F 266 -58.51 -8.82 -15.18
CA SER F 266 -59.18 -9.48 -16.30
C SER F 266 -60.39 -8.69 -16.75
N VAL F 267 -60.67 -8.72 -18.05
CA VAL F 267 -61.73 -7.94 -18.67
C VAL F 267 -62.52 -8.82 -19.62
N PHE F 268 -63.83 -8.57 -19.69
CA PHE F 268 -64.74 -9.28 -20.56
C PHE F 268 -65.28 -8.34 -21.64
N GLY F 269 -65.80 -8.93 -22.71
CA GLY F 269 -66.48 -8.17 -23.73
C GLY F 269 -67.94 -7.95 -23.41
N GLY F 270 -68.56 -7.05 -24.18
CA GLY F 270 -69.96 -6.72 -23.96
C GLY F 270 -70.92 -7.85 -24.25
N GLY F 271 -70.53 -8.80 -25.08
CA GLY F 271 -71.37 -9.94 -25.37
C GLY F 271 -72.11 -9.85 -26.69
N THR F 272 -72.21 -10.97 -27.41
CA THR F 272 -72.91 -11.05 -28.67
C THR F 272 -73.99 -12.09 -28.58
N LYS F 273 -75.24 -11.70 -28.86
CA LYS F 273 -76.32 -12.66 -28.96
C LYS F 273 -76.35 -13.24 -30.36
N LEU F 274 -76.16 -14.55 -30.47
CA LEU F 274 -76.18 -15.23 -31.75
C LEU F 274 -77.60 -15.67 -32.06
N THR F 275 -78.13 -15.18 -33.18
CA THR F 275 -79.46 -15.54 -33.65
C THR F 275 -79.34 -16.49 -34.83
N VAL F 276 -79.99 -17.64 -34.73
CA VAL F 276 -80.04 -18.62 -35.81
C VAL F 276 -81.40 -18.51 -36.49
N LEU F 277 -81.39 -18.28 -37.80
CA LEU F 277 -82.63 -18.07 -38.54
C LEU F 277 -83.30 -19.41 -38.83
N ALA F 278 -84.37 -19.36 -39.61
CA ALA F 278 -85.12 -20.55 -39.96
C ALA F 278 -84.54 -21.21 -41.21
N THR G 28 -32.53 -65.33 42.51
CA THR G 28 -32.90 -65.65 41.14
C THR G 28 -31.97 -66.75 40.61
N ASN G 29 -32.33 -67.33 39.47
CA ASN G 29 -31.70 -68.57 39.02
C ASN G 29 -30.39 -68.35 38.27
N LEU G 30 -30.39 -67.47 37.27
CA LEU G 30 -29.26 -67.35 36.36
C LEU G 30 -29.13 -65.90 35.91
N CYS G 31 -27.91 -65.53 35.49
CA CYS G 31 -27.65 -64.17 35.04
C CYS G 31 -28.12 -64.01 33.59
N PRO G 32 -28.89 -62.97 33.30
CA PRO G 32 -29.45 -62.77 31.95
C PRO G 32 -28.44 -62.25 30.95
N PHE G 33 -27.36 -63.01 30.77
CA PHE G 33 -26.28 -62.58 29.89
C PHE G 33 -26.69 -62.67 28.43
N GLY G 34 -27.49 -63.69 28.08
CA GLY G 34 -27.94 -63.83 26.70
C GLY G 34 -28.70 -62.61 26.21
N GLU G 35 -29.47 -61.97 27.10
CA GLU G 35 -30.21 -60.79 26.70
C GLU G 35 -29.29 -59.63 26.37
N VAL G 36 -28.12 -59.56 27.01
CA VAL G 36 -27.15 -58.54 26.66
C VAL G 36 -26.42 -58.88 25.37
N PHE G 37 -26.04 -60.15 25.21
CA PHE G 37 -25.21 -60.55 24.07
C PHE G 37 -26.05 -60.87 22.84
N ASN G 38 -27.11 -61.66 23.00
CA ASN G 38 -27.98 -62.05 21.89
C ASN G 38 -29.01 -60.99 21.55
N ALA G 39 -28.80 -59.74 21.94
CA ALA G 39 -29.78 -58.69 21.67
C ALA G 39 -29.86 -58.37 20.18
N THR G 40 -31.07 -58.12 19.69
CA THR G 40 -31.24 -57.79 18.28
C THR G 40 -30.75 -56.39 17.96
N ARG G 41 -31.05 -55.42 18.82
CA ARG G 41 -30.67 -54.03 18.61
C ARG G 41 -29.53 -53.67 19.54
N PHE G 42 -28.46 -53.14 18.97
CA PHE G 42 -27.36 -52.55 19.73
C PHE G 42 -27.35 -51.05 19.53
N ALA G 43 -26.71 -50.35 20.46
CA ALA G 43 -26.70 -48.90 20.48
C ALA G 43 -25.44 -48.35 19.84
N SER G 44 -25.48 -47.07 19.49
CA SER G 44 -24.30 -46.37 19.04
C SER G 44 -23.39 -46.06 20.22
N VAL G 45 -22.08 -46.03 19.96
CA VAL G 45 -21.11 -45.86 21.03
C VAL G 45 -21.28 -44.52 21.73
N TYR G 46 -21.75 -43.50 21.01
CA TYR G 46 -21.98 -42.20 21.64
C TYR G 46 -23.13 -42.26 22.63
N ALA G 47 -24.08 -43.19 22.44
CA ALA G 47 -25.18 -43.40 23.37
C ALA G 47 -25.18 -44.84 23.85
N TRP G 48 -24.13 -45.24 24.57
CA TRP G 48 -23.94 -46.65 24.90
C TRP G 48 -24.97 -47.13 25.91
N ASN G 49 -25.39 -48.38 25.75
CA ASN G 49 -26.38 -48.98 26.63
C ASN G 49 -25.71 -49.56 27.87
N ARG G 50 -26.49 -49.65 28.95
CA ARG G 50 -26.01 -50.11 30.24
C ARG G 50 -27.07 -51.01 30.87
N LYS G 51 -26.62 -52.13 31.42
CA LYS G 51 -27.49 -53.02 32.17
C LYS G 51 -26.82 -53.40 33.47
N ARG G 52 -27.61 -53.49 34.53
CA ARG G 52 -27.12 -53.97 35.83
C ARG G 52 -27.44 -55.46 35.96
N ILE G 53 -26.45 -56.22 36.37
CA ILE G 53 -26.59 -57.66 36.63
C ILE G 53 -26.57 -57.84 38.14
N SER G 54 -27.66 -58.38 38.69
CA SER G 54 -27.75 -58.56 40.13
C SER G 54 -28.60 -59.78 40.44
N ASN G 55 -28.34 -60.37 41.62
CA ASN G 55 -29.12 -61.48 42.16
C ASN G 55 -29.13 -62.66 41.19
N CYS G 56 -27.93 -63.13 40.82
CA CYS G 56 -27.83 -64.24 39.89
C CYS G 56 -26.45 -64.84 39.97
N VAL G 57 -26.34 -66.09 39.48
CA VAL G 57 -25.07 -66.78 39.35
C VAL G 57 -24.64 -66.68 37.89
N ALA G 58 -23.34 -66.52 37.67
CA ALA G 58 -22.80 -66.25 36.34
C ALA G 58 -21.70 -67.25 36.01
N ASP G 59 -21.93 -68.07 34.99
CA ASP G 59 -20.91 -68.99 34.47
C ASP G 59 -20.15 -68.25 33.39
N TYR G 60 -19.10 -67.53 33.80
CA TYR G 60 -18.29 -66.80 32.85
C TYR G 60 -17.48 -67.72 31.94
N SER G 61 -17.25 -68.97 32.37
CA SER G 61 -16.41 -69.88 31.60
C SER G 61 -17.02 -70.18 30.23
N VAL G 62 -18.33 -70.41 30.19
CA VAL G 62 -19.01 -70.71 28.92
C VAL G 62 -18.78 -69.58 27.92
N LEU G 63 -18.93 -68.34 28.37
CA LEU G 63 -18.74 -67.20 27.48
C LEU G 63 -17.28 -66.99 27.11
N TYR G 64 -16.35 -67.37 28.00
CA TYR G 64 -14.93 -67.17 27.73
C TYR G 64 -14.41 -68.15 26.69
N ASN G 65 -14.70 -69.45 26.86
CA ASN G 65 -14.31 -70.46 25.89
C ASN G 65 -15.21 -70.47 24.66
N SER G 66 -16.19 -69.58 24.60
CA SER G 66 -17.13 -69.59 23.48
C SER G 66 -16.44 -69.13 22.20
N ALA G 67 -16.74 -69.82 21.10
CA ALA G 67 -16.25 -69.44 19.79
C ALA G 67 -16.90 -68.17 19.25
N SER G 68 -17.97 -67.69 19.90
CA SER G 68 -18.73 -66.55 19.40
C SER G 68 -17.98 -65.23 19.50
N PHE G 69 -16.80 -65.19 20.12
CA PHE G 69 -16.14 -63.95 20.48
C PHE G 69 -14.71 -63.92 19.97
N SER G 70 -14.39 -62.92 19.15
CA SER G 70 -13.03 -62.76 18.66
C SER G 70 -12.10 -62.27 19.77
N THR G 71 -12.59 -61.35 20.61
CA THR G 71 -11.80 -60.74 21.66
C THR G 71 -12.46 -60.97 23.01
N PHE G 72 -11.67 -61.44 24.00
CA PHE G 72 -12.13 -61.66 25.37
C PHE G 72 -10.95 -61.34 26.29
N LYS G 73 -10.76 -60.06 26.55
CA LYS G 73 -9.67 -59.56 27.37
C LYS G 73 -10.21 -59.04 28.69
N CYS G 74 -9.74 -59.61 29.79
CA CYS G 74 -10.15 -59.24 31.13
C CYS G 74 -9.01 -58.50 31.83
N TYR G 75 -9.32 -57.36 32.42
CA TYR G 75 -8.34 -56.53 33.13
C TYR G 75 -8.70 -56.48 34.61
N GLY G 76 -7.67 -56.46 35.46
CA GLY G 76 -7.85 -56.46 36.89
C GLY G 76 -8.26 -57.79 37.49
N VAL G 77 -8.47 -58.81 36.67
CA VAL G 77 -8.93 -60.12 37.12
C VAL G 77 -8.38 -61.17 36.16
N SER G 78 -8.54 -62.45 36.51
CA SER G 78 -8.12 -63.55 35.65
C SER G 78 -9.34 -64.21 35.04
N PRO G 79 -9.37 -64.44 33.73
CA PRO G 79 -10.50 -65.16 33.12
C PRO G 79 -10.80 -66.50 33.78
N THR G 80 -9.79 -67.18 34.31
CA THR G 80 -10.02 -68.46 34.97
C THR G 80 -10.68 -68.26 36.33
N LYS G 81 -10.28 -67.22 37.06
CA LYS G 81 -10.73 -67.04 38.44
C LYS G 81 -12.13 -66.46 38.56
N LEU G 82 -12.77 -66.11 37.44
CA LEU G 82 -14.05 -65.41 37.51
C LEU G 82 -15.16 -66.28 38.08
N ASN G 83 -15.15 -67.58 37.75
CA ASN G 83 -16.22 -68.47 38.20
C ASN G 83 -16.14 -68.79 39.68
N ASP G 84 -15.08 -68.38 40.37
CA ASP G 84 -14.93 -68.60 41.81
C ASP G 84 -14.87 -67.28 42.57
N LEU G 85 -15.50 -66.23 42.02
CA LEU G 85 -15.49 -64.91 42.62
C LEU G 85 -16.90 -64.38 42.75
N CYS G 86 -17.07 -63.44 43.67
CA CYS G 86 -18.35 -62.81 43.96
C CYS G 86 -18.16 -61.29 44.00
N PHE G 87 -19.13 -60.55 43.48
CA PHE G 87 -19.01 -59.11 43.37
C PHE G 87 -20.27 -58.42 43.87
N THR G 88 -20.10 -57.18 44.32
CA THR G 88 -21.23 -56.41 44.85
C THR G 88 -22.25 -56.09 43.77
N ASN G 89 -21.78 -55.70 42.58
CA ASN G 89 -22.67 -55.48 41.44
C ASN G 89 -21.85 -55.55 40.16
N VAL G 90 -22.51 -56.00 39.10
CA VAL G 90 -21.90 -56.13 37.78
C VAL G 90 -22.70 -55.29 36.79
N TYR G 91 -22.00 -54.49 36.00
CA TYR G 91 -22.62 -53.66 34.97
C TYR G 91 -22.15 -54.12 33.60
N ALA G 92 -23.06 -54.10 32.63
CA ALA G 92 -22.79 -54.54 31.27
C ALA G 92 -23.10 -53.39 30.30
N ASP G 93 -22.09 -53.00 29.53
CA ASP G 93 -22.22 -51.92 28.56
C ASP G 93 -22.09 -52.47 27.15
N SER G 94 -22.99 -52.04 26.26
CA SER G 94 -23.08 -52.57 24.91
C SER G 94 -23.09 -51.43 23.90
N PHE G 95 -22.33 -51.61 22.82
CA PHE G 95 -22.27 -50.61 21.76
C PHE G 95 -21.65 -51.25 20.52
N VAL G 96 -21.78 -50.55 19.40
CA VAL G 96 -21.23 -50.95 18.11
C VAL G 96 -20.18 -49.93 17.68
N ILE G 97 -18.98 -50.42 17.38
CA ILE G 97 -17.90 -49.64 16.82
C ILE G 97 -17.32 -50.41 15.64
N ARG G 98 -16.34 -49.80 14.98
CA ARG G 98 -15.64 -50.50 13.91
C ARG G 98 -14.43 -51.23 14.48
N GLY G 99 -13.95 -52.22 13.71
CA GLY G 99 -12.92 -53.10 14.21
C GLY G 99 -11.64 -52.39 14.62
N ASP G 100 -11.29 -51.31 13.93
CA ASP G 100 -10.08 -50.57 14.27
C ASP G 100 -10.13 -49.94 15.65
N GLU G 101 -11.33 -49.70 16.18
CA GLU G 101 -11.50 -48.95 17.42
C GLU G 101 -11.71 -49.85 18.63
N VAL G 102 -11.75 -51.17 18.45
CA VAL G 102 -11.88 -52.08 19.58
C VAL G 102 -10.67 -51.97 20.50
N ARG G 103 -9.48 -51.70 19.94
CA ARG G 103 -8.29 -51.51 20.76
C ARG G 103 -8.44 -50.34 21.72
N GLN G 104 -9.26 -49.36 21.37
CA GLN G 104 -9.51 -48.22 22.25
C GLN G 104 -10.43 -48.57 23.41
N ILE G 105 -11.20 -49.66 23.30
CA ILE G 105 -12.06 -50.10 24.39
C ILE G 105 -11.19 -50.89 25.37
N ALA G 106 -10.28 -50.18 26.02
CA ALA G 106 -9.38 -50.76 27.01
C ALA G 106 -8.91 -49.63 27.92
N PRO G 107 -8.51 -49.94 29.15
CA PRO G 107 -8.04 -48.90 30.06
C PRO G 107 -6.86 -48.13 29.47
N GLY G 108 -6.91 -46.80 29.61
CA GLY G 108 -5.81 -45.93 29.25
C GLY G 108 -5.46 -45.91 27.78
N GLN G 109 -6.46 -45.77 26.92
CA GLN G 109 -6.25 -45.66 25.48
C GLN G 109 -6.73 -44.30 24.98
N THR G 110 -6.17 -43.87 23.86
CA THR G 110 -6.46 -42.56 23.28
C THR G 110 -7.10 -42.73 21.92
N GLY G 111 -7.91 -41.75 21.54
CA GLY G 111 -8.63 -41.78 20.28
C GLY G 111 -10.02 -41.18 20.40
N LYS G 112 -10.74 -41.13 19.29
CA LYS G 112 -12.07 -40.54 19.30
C LYS G 112 -13.04 -41.35 20.15
N ILE G 113 -12.99 -42.67 20.04
CA ILE G 113 -13.95 -43.52 20.75
C ILE G 113 -13.68 -43.53 22.25
N ALA G 114 -12.40 -43.59 22.64
CA ALA G 114 -12.05 -43.67 24.05
C ALA G 114 -12.04 -42.31 24.75
N ASP G 115 -11.99 -41.21 24.00
CA ASP G 115 -12.00 -39.88 24.60
C ASP G 115 -13.30 -39.12 24.41
N TYR G 116 -14.07 -39.43 23.36
CA TYR G 116 -15.31 -38.72 23.08
C TYR G 116 -16.56 -39.58 23.16
N ASN G 117 -16.44 -40.90 23.34
CA ASN G 117 -17.61 -41.76 23.29
C ASN G 117 -17.73 -42.69 24.50
N TYR G 118 -16.68 -43.48 24.77
CA TYR G 118 -16.74 -44.46 25.86
C TYR G 118 -15.34 -44.60 26.45
N LYS G 119 -15.18 -44.18 27.69
CA LYS G 119 -13.88 -44.14 28.36
C LYS G 119 -13.87 -45.09 29.54
N LEU G 120 -12.89 -46.00 29.55
CA LEU G 120 -12.67 -46.90 30.67
C LEU G 120 -11.67 -46.30 31.65
N PRO G 121 -11.87 -46.52 32.95
CA PRO G 121 -10.97 -45.90 33.93
C PRO G 121 -9.63 -46.61 33.99
N ASP G 122 -8.62 -45.86 34.46
CA ASP G 122 -7.29 -46.44 34.64
C ASP G 122 -7.35 -47.65 35.57
N ASP G 123 -8.15 -47.56 36.63
CA ASP G 123 -8.36 -48.67 37.56
C ASP G 123 -9.65 -49.37 37.16
N PHE G 124 -9.55 -50.24 36.16
CA PHE G 124 -10.72 -50.94 35.62
C PHE G 124 -10.64 -52.42 35.95
N THR G 125 -11.62 -52.90 36.71
CA THR G 125 -11.80 -54.32 36.97
C THR G 125 -12.98 -54.80 36.12
N GLY G 126 -12.68 -55.58 35.09
CA GLY G 126 -13.71 -56.09 34.22
C GLY G 126 -13.15 -56.65 32.93
N CYS G 127 -14.07 -57.16 32.11
CA CYS G 127 -13.74 -57.81 30.86
C CYS G 127 -14.35 -57.06 29.68
N VAL G 128 -13.63 -57.09 28.56
CA VAL G 128 -14.08 -56.49 27.30
C VAL G 128 -14.21 -57.61 26.27
N ILE G 129 -15.42 -57.78 25.74
CA ILE G 129 -15.72 -58.85 24.80
C ILE G 129 -16.32 -58.24 23.53
N ALA G 130 -15.76 -58.60 22.38
CA ALA G 130 -16.19 -58.06 21.10
C ALA G 130 -16.29 -59.19 20.07
N TRP G 131 -17.24 -59.05 19.15
CA TRP G 131 -17.41 -60.01 18.07
C TRP G 131 -17.87 -59.28 16.82
N ASN G 132 -17.56 -59.88 15.67
CA ASN G 132 -17.90 -59.28 14.39
C ASN G 132 -19.40 -59.38 14.12
N SER G 133 -19.97 -58.27 13.63
CA SER G 133 -21.40 -58.18 13.37
C SER G 133 -21.67 -57.66 11.96
N ASN G 134 -20.79 -58.00 11.01
CA ASN G 134 -20.99 -57.56 9.63
C ASN G 134 -22.24 -58.19 9.02
N ASN G 135 -22.61 -59.39 9.46
CA ASN G 135 -23.80 -60.03 8.90
C ASN G 135 -25.09 -59.37 9.37
N LEU G 136 -25.11 -58.84 10.59
CA LEU G 136 -26.32 -58.27 11.18
C LEU G 136 -26.38 -56.75 11.06
N ASP G 137 -25.29 -56.05 11.37
CA ASP G 137 -25.30 -54.59 11.43
C ASP G 137 -24.81 -53.93 10.15
N SER G 138 -24.53 -54.70 9.10
CA SER G 138 -24.09 -54.15 7.82
C SER G 138 -25.04 -54.60 6.73
N LYS G 139 -25.48 -53.66 5.90
CA LYS G 139 -26.49 -53.91 4.87
C LYS G 139 -25.96 -53.49 3.51
N VAL G 140 -26.65 -53.98 2.47
CA VAL G 140 -26.14 -53.88 1.10
C VAL G 140 -25.99 -52.42 0.67
N GLY G 141 -26.94 -51.57 1.05
CA GLY G 141 -26.83 -50.15 0.76
C GLY G 141 -25.97 -49.38 1.72
N GLY G 142 -25.55 -50.01 2.82
CA GLY G 142 -24.85 -49.30 3.88
C GLY G 142 -25.78 -49.04 5.04
N ASN G 143 -25.27 -49.19 6.25
CA ASN G 143 -26.01 -48.88 7.46
C ASN G 143 -25.42 -47.60 8.06
N TYR G 144 -26.20 -46.53 8.04
CA TYR G 144 -25.74 -45.21 8.47
C TYR G 144 -26.38 -44.78 9.79
N ASN G 145 -27.05 -45.68 10.50
CA ASN G 145 -27.76 -45.34 11.71
C ASN G 145 -26.95 -45.60 12.98
N TYR G 146 -25.69 -46.03 12.85
CA TYR G 146 -24.76 -46.10 13.96
C TYR G 146 -23.86 -44.87 13.92
N LEU G 147 -23.86 -44.09 15.00
CA LEU G 147 -23.13 -42.83 15.04
C LEU G 147 -21.99 -42.88 16.05
N TYR G 148 -21.02 -41.99 15.83
CA TYR G 148 -19.95 -41.74 16.78
C TYR G 148 -19.74 -40.24 16.87
N ARG G 149 -19.08 -39.82 17.94
CA ARG G 149 -18.75 -38.42 18.16
C ARG G 149 -17.28 -38.17 17.85
N LEU G 150 -17.00 -37.10 17.10
CA LEU G 150 -15.63 -36.77 16.74
C LEU G 150 -15.21 -35.38 17.21
N PHE G 151 -16.10 -34.62 17.85
CA PHE G 151 -15.77 -33.28 18.34
C PHE G 151 -16.30 -33.12 19.75
N ARG G 152 -15.45 -32.65 20.65
CA ARG G 152 -15.83 -32.34 22.02
C ARG G 152 -14.74 -31.51 22.66
N LYS G 153 -15.14 -30.50 23.44
CA LYS G 153 -14.16 -29.58 24.04
C LYS G 153 -13.35 -30.24 25.14
N SER G 154 -13.84 -31.33 25.73
CA SER G 154 -13.14 -31.99 26.83
C SER G 154 -13.24 -33.50 26.67
N ASN G 155 -12.22 -34.20 27.15
CA ASN G 155 -12.26 -35.66 27.18
C ASN G 155 -13.30 -36.13 28.20
N LEU G 156 -13.89 -37.28 27.90
CA LEU G 156 -14.92 -37.83 28.78
C LEU G 156 -14.33 -38.28 30.10
N LYS G 157 -15.11 -38.09 31.17
CA LYS G 157 -14.83 -38.80 32.40
C LYS G 157 -15.11 -40.29 32.18
N PRO G 158 -14.42 -41.16 32.91
CA PRO G 158 -14.68 -42.60 32.75
C PRO G 158 -16.14 -42.94 33.04
N PHE G 159 -16.75 -43.69 32.12
CA PHE G 159 -18.14 -44.14 32.19
C PHE G 159 -19.13 -43.00 32.04
N GLU G 160 -18.72 -41.87 31.47
CA GLU G 160 -19.64 -40.80 31.14
C GLU G 160 -20.31 -41.09 29.80
N ARG G 161 -21.44 -40.42 29.57
CA ARG G 161 -22.17 -40.53 28.31
C ARG G 161 -22.57 -39.14 27.86
N ASP G 162 -22.18 -38.79 26.63
CA ASP G 162 -22.55 -37.52 26.02
C ASP G 162 -23.44 -37.82 24.82
N ILE G 163 -24.73 -37.52 24.96
CA ILE G 163 -25.69 -37.69 23.87
C ILE G 163 -26.16 -36.34 23.34
N SER G 164 -25.44 -35.28 23.66
CA SER G 164 -25.82 -33.94 23.21
C SER G 164 -25.47 -33.75 21.74
N THR G 165 -26.27 -32.92 21.06
CA THR G 165 -26.09 -32.62 19.65
C THR G 165 -26.01 -31.10 19.45
N GLU G 166 -24.97 -30.50 20.01
CA GLU G 166 -24.75 -29.07 19.94
C GLU G 166 -23.54 -28.78 19.05
N ILE G 167 -23.62 -27.70 18.27
CA ILE G 167 -22.61 -27.41 17.26
C ILE G 167 -21.29 -27.08 17.94
N TYR G 168 -20.23 -27.78 17.53
CA TYR G 168 -18.91 -27.60 18.13
C TYR G 168 -18.28 -26.29 17.67
N GLN G 169 -17.86 -25.48 18.64
CA GLN G 169 -17.20 -24.21 18.37
C GLN G 169 -15.69 -24.44 18.45
N ALA G 170 -15.07 -24.58 17.29
CA ALA G 170 -13.63 -24.81 17.21
C ALA G 170 -12.81 -23.53 17.09
N GLY G 171 -13.47 -22.36 17.02
CA GLY G 171 -12.76 -21.10 16.93
C GLY G 171 -13.34 -20.03 17.83
N SER G 172 -12.85 -18.80 17.67
CA SER G 172 -13.39 -17.69 18.45
C SER G 172 -14.81 -17.33 18.04
N THR G 173 -15.23 -17.71 16.84
CA THR G 173 -16.51 -17.24 16.31
C THR G 173 -17.66 -17.98 16.99
N PRO G 174 -18.78 -17.28 17.24
CA PRO G 174 -19.96 -17.97 17.76
C PRO G 174 -20.64 -18.78 16.66
N CYS G 175 -21.20 -19.93 17.04
CA CYS G 175 -21.73 -20.86 16.05
C CYS G 175 -23.19 -20.61 15.69
N ASN G 176 -23.99 -20.07 16.62
CA ASN G 176 -25.38 -19.69 16.34
C ASN G 176 -26.18 -20.85 15.76
N GLY G 177 -25.92 -22.06 16.27
CA GLY G 177 -26.72 -23.22 15.92
C GLY G 177 -26.65 -23.68 14.46
N VAL G 178 -25.79 -23.05 13.67
CA VAL G 178 -25.65 -23.40 12.26
C VAL G 178 -24.26 -23.96 12.02
N GLU G 179 -24.20 -25.06 11.29
CA GLU G 179 -22.92 -25.62 10.86
C GLU G 179 -22.25 -24.68 9.87
N GLY G 180 -20.94 -24.49 10.02
CA GLY G 180 -20.22 -23.57 9.16
C GLY G 180 -18.73 -23.50 9.46
N PHE G 181 -18.15 -22.32 9.32
CA PHE G 181 -16.73 -22.15 9.55
C PHE G 181 -16.41 -22.34 11.03
N ASN G 182 -15.51 -23.29 11.33
CA ASN G 182 -15.13 -23.64 12.69
C ASN G 182 -16.36 -23.90 13.56
N CYS G 183 -17.42 -24.41 12.93
CA CYS G 183 -18.67 -24.74 13.62
C CYS G 183 -19.21 -26.00 12.95
N TYR G 184 -19.10 -27.14 13.63
CA TYR G 184 -19.40 -28.43 13.05
C TYR G 184 -20.40 -29.19 13.92
N PHE G 185 -21.16 -30.06 13.27
CA PHE G 185 -22.03 -30.97 14.01
C PHE G 185 -21.18 -32.06 14.64
N PRO G 186 -21.39 -32.37 15.93
CA PRO G 186 -20.43 -33.22 16.66
C PRO G 186 -20.51 -34.71 16.34
N LEU G 187 -21.55 -35.16 15.62
CA LEU G 187 -21.73 -36.57 15.34
C LEU G 187 -21.55 -36.86 13.86
N GLN G 188 -20.91 -37.97 13.55
CA GLN G 188 -20.87 -38.53 12.21
C GLN G 188 -21.45 -39.94 12.23
N SER G 189 -21.80 -40.43 11.04
CA SER G 189 -22.35 -41.75 10.87
C SER G 189 -21.25 -42.72 10.44
N TYR G 190 -21.30 -43.94 10.98
CA TYR G 190 -20.52 -45.03 10.40
C TYR G 190 -21.17 -45.45 9.08
N GLY G 191 -20.33 -45.70 8.08
CA GLY G 191 -20.79 -46.30 6.85
C GLY G 191 -20.43 -47.78 6.84
N PHE G 192 -21.39 -48.64 7.18
CA PHE G 192 -21.15 -50.07 7.34
C PHE G 192 -21.64 -50.80 6.10
N GLN G 193 -20.73 -51.07 5.17
CA GLN G 193 -20.91 -51.83 3.94
C GLN G 193 -20.32 -53.22 4.10
N PRO G 194 -21.03 -54.27 3.67
CA PRO G 194 -20.48 -55.63 3.81
C PRO G 194 -19.16 -55.81 3.07
N THR G 195 -18.98 -55.13 1.95
CA THR G 195 -17.75 -55.24 1.16
C THR G 195 -16.59 -54.47 1.77
N ASN G 196 -16.80 -53.75 2.87
CA ASN G 196 -15.69 -53.13 3.56
C ASN G 196 -14.79 -54.17 4.21
N GLY G 197 -13.53 -53.79 4.43
CA GLY G 197 -12.61 -54.63 5.16
C GLY G 197 -12.92 -54.62 6.65
N VAL G 198 -12.33 -55.61 7.35
CA VAL G 198 -12.64 -55.81 8.77
C VAL G 198 -12.30 -54.57 9.59
N GLY G 199 -11.28 -53.82 9.18
CA GLY G 199 -10.96 -52.57 9.87
C GLY G 199 -12.10 -51.58 9.84
N TYR G 200 -12.96 -51.66 8.82
CA TYR G 200 -14.13 -50.81 8.69
C TYR G 200 -15.44 -51.57 8.87
N GLN G 201 -15.37 -52.85 9.24
CA GLN G 201 -16.57 -53.65 9.44
C GLN G 201 -17.14 -53.43 10.83
N PRO G 202 -18.43 -53.68 11.03
CA PRO G 202 -19.05 -53.39 12.33
C PRO G 202 -18.74 -54.47 13.36
N TYR G 203 -18.45 -54.02 14.59
CA TYR G 203 -18.16 -54.92 15.70
C TYR G 203 -19.01 -54.52 16.90
N ARG G 204 -19.60 -55.53 17.55
CA ARG G 204 -20.35 -55.33 18.78
C ARG G 204 -19.44 -55.60 19.98
N VAL G 205 -19.54 -54.75 20.99
CA VAL G 205 -18.68 -54.83 22.16
C VAL G 205 -19.55 -54.87 23.41
N VAL G 206 -19.25 -55.79 24.32
CA VAL G 206 -19.85 -55.84 25.65
C VAL G 206 -18.73 -55.67 26.67
N VAL G 207 -18.90 -54.71 27.57
CA VAL G 207 -17.93 -54.41 28.62
C VAL G 207 -18.57 -54.74 29.95
N LEU G 208 -18.03 -55.75 30.64
CA LEU G 208 -18.51 -56.16 31.94
C LEU G 208 -17.67 -55.48 33.01
N SER G 209 -18.31 -54.66 33.84
CA SER G 209 -17.64 -53.98 34.94
C SER G 209 -17.96 -54.69 36.25
N PHE G 210 -16.92 -55.05 36.99
CA PHE G 210 -17.06 -55.74 38.26
C PHE G 210 -16.66 -54.79 39.39
N GLU G 211 -17.61 -54.50 40.27
CA GLU G 211 -17.35 -53.68 41.45
C GLU G 211 -17.49 -54.54 42.70
N LEU G 212 -16.60 -54.31 43.66
CA LEU G 212 -16.62 -55.04 44.93
C LEU G 212 -16.56 -54.02 46.06
N LEU G 213 -17.67 -53.84 46.75
CA LEU G 213 -17.80 -52.88 47.84
C LEU G 213 -18.11 -53.60 49.14
N HIS G 214 -17.98 -52.88 50.25
CA HIS G 214 -18.31 -53.41 51.57
C HIS G 214 -19.83 -53.38 51.74
N ALA G 215 -20.47 -54.28 51.01
CA ALA G 215 -21.92 -54.35 50.91
C ALA G 215 -22.29 -55.75 50.45
N PRO G 216 -23.56 -56.15 50.59
CA PRO G 216 -23.96 -57.50 50.18
C PRO G 216 -23.63 -57.78 48.72
N ALA G 217 -23.01 -58.92 48.48
CA ALA G 217 -22.61 -59.34 47.13
C ALA G 217 -23.77 -60.09 46.48
N THR G 218 -24.24 -59.59 45.34
CA THR G 218 -25.46 -60.11 44.72
C THR G 218 -25.21 -61.00 43.52
N VAL G 219 -24.01 -60.98 42.92
CA VAL G 219 -23.68 -61.82 41.78
C VAL G 219 -22.47 -62.67 42.15
N CYS G 220 -22.60 -63.98 41.98
CA CYS G 220 -21.58 -64.94 42.37
C CYS G 220 -21.32 -65.91 41.22
N GLY G 221 -20.23 -66.65 41.32
CA GLY G 221 -19.90 -67.65 40.33
C GLY G 221 -20.50 -68.99 40.68
N PRO G 222 -20.41 -69.95 39.75
CA PRO G 222 -20.97 -71.28 40.03
C PRO G 222 -20.24 -72.02 41.14
N LYS G 223 -18.91 -71.87 41.22
CA LYS G 223 -18.10 -72.52 42.22
C LYS G 223 -17.86 -71.63 43.45
N LYS G 224 -18.30 -70.38 43.40
CA LYS G 224 -18.20 -69.42 44.50
C LYS G 224 -16.86 -69.47 45.25
N VAL H 29 -39.51 -21.33 19.39
CA VAL H 29 -39.68 -22.54 18.62
C VAL H 29 -40.97 -23.24 19.00
N GLN H 30 -41.93 -23.24 18.08
CA GLN H 30 -43.20 -23.93 18.26
C GLN H 30 -43.33 -25.02 17.19
N LEU H 31 -43.75 -26.21 17.61
CA LEU H 31 -43.92 -27.33 16.70
C LEU H 31 -45.38 -27.43 16.30
N VAL H 32 -45.67 -27.05 15.05
CA VAL H 32 -47.02 -27.06 14.49
C VAL H 32 -47.30 -28.42 13.88
N GLN H 33 -48.49 -28.96 14.12
CA GLN H 33 -48.84 -30.30 13.66
C GLN H 33 -50.08 -30.27 12.77
N SER H 34 -50.20 -31.32 11.97
CA SER H 34 -51.27 -31.43 10.98
C SER H 34 -52.61 -31.69 11.66
N GLY H 35 -53.66 -31.79 10.86
CA GLY H 35 -55.01 -31.89 11.37
C GLY H 35 -55.46 -33.30 11.68
N ALA H 36 -56.61 -33.40 12.32
CA ALA H 36 -57.18 -34.68 12.71
C ALA H 36 -57.49 -35.53 11.47
N GLU H 37 -57.34 -36.84 11.63
CA GLU H 37 -57.55 -37.79 10.54
C GLU H 37 -58.45 -38.92 11.00
N VAL H 38 -59.41 -39.28 10.16
CA VAL H 38 -60.20 -40.48 10.32
C VAL H 38 -59.79 -41.44 9.20
N LYS H 39 -59.26 -42.60 9.58
CA LYS H 39 -58.69 -43.54 8.63
C LYS H 39 -59.35 -44.90 8.78
N LYS H 40 -59.46 -45.60 7.68
CA LYS H 40 -60.04 -46.93 7.73
C LYS H 40 -58.95 -47.97 7.99
N PRO H 41 -59.32 -49.10 8.58
CA PRO H 41 -58.35 -50.16 8.83
C PRO H 41 -57.61 -50.57 7.55
N GLY H 42 -56.28 -50.68 7.67
CA GLY H 42 -55.44 -51.07 6.56
C GLY H 42 -54.78 -49.92 5.82
N SER H 43 -55.15 -48.68 6.12
CA SER H 43 -54.66 -47.52 5.39
C SER H 43 -53.38 -46.98 6.04
N SER H 44 -52.99 -45.77 5.64
CA SER H 44 -51.80 -45.12 6.16
C SER H 44 -52.11 -43.68 6.51
N VAL H 45 -51.47 -43.18 7.56
CA VAL H 45 -51.51 -41.76 7.93
C VAL H 45 -50.11 -41.19 7.82
N LYS H 46 -50.01 -39.95 7.37
CA LYS H 46 -48.77 -39.19 7.44
C LYS H 46 -49.02 -37.96 8.30
N VAL H 47 -48.28 -37.86 9.40
CA VAL H 47 -48.39 -36.74 10.32
C VAL H 47 -47.15 -35.87 10.15
N SER H 48 -47.36 -34.56 10.09
CA SER H 48 -46.31 -33.59 9.82
C SER H 48 -46.17 -32.64 10.99
N CYS H 49 -44.93 -32.32 11.35
CA CYS H 49 -44.67 -31.23 12.28
C CYS H 49 -43.63 -30.30 11.68
N LYS H 50 -43.95 -29.01 11.67
CA LYS H 50 -43.08 -27.96 11.17
C LYS H 50 -42.48 -27.19 12.34
N ALA H 51 -41.19 -26.91 12.26
CA ALA H 51 -40.54 -26.06 13.25
C ALA H 51 -40.80 -24.60 12.89
N SER H 52 -41.38 -23.85 13.83
CA SER H 52 -41.63 -22.44 13.59
C SER H 52 -40.33 -21.69 13.33
N GLY H 53 -39.31 -21.96 14.14
CA GLY H 53 -37.96 -21.53 13.83
C GLY H 53 -37.57 -22.05 12.46
N GLY H 54 -36.83 -21.23 11.70
CA GLY H 54 -36.70 -21.47 10.27
C GLY H 54 -36.17 -22.84 9.89
N THR H 55 -35.37 -23.47 10.74
CA THR H 55 -34.61 -24.63 10.30
C THR H 55 -34.63 -25.74 11.34
N PHE H 56 -34.28 -26.94 10.88
CA PHE H 56 -33.96 -28.08 11.74
C PHE H 56 -32.51 -27.96 12.20
N SER H 57 -32.27 -26.92 13.00
CA SER H 57 -30.90 -26.53 13.37
C SER H 57 -30.32 -27.54 14.37
N SER H 58 -29.81 -28.64 13.83
CA SER H 58 -29.23 -29.74 14.58
C SER H 58 -30.22 -30.42 15.52
N TYR H 59 -31.50 -30.08 15.41
CA TYR H 59 -32.50 -30.64 16.30
C TYR H 59 -32.75 -32.11 15.98
N THR H 60 -33.27 -32.83 16.96
CA THR H 60 -33.82 -34.16 16.77
C THR H 60 -35.34 -34.07 16.89
N ILE H 61 -36.04 -34.52 15.86
CA ILE H 61 -37.50 -34.56 15.85
C ILE H 61 -37.93 -35.98 16.12
N SER H 62 -38.70 -36.18 17.19
CA SER H 62 -39.16 -37.48 17.61
C SER H 62 -40.68 -37.49 17.71
N TRP H 63 -41.25 -38.68 17.62
CA TRP H 63 -42.69 -38.88 17.60
C TRP H 63 -43.10 -39.79 18.77
N VAL H 64 -44.05 -39.31 19.57
CA VAL H 64 -44.61 -40.04 20.69
C VAL H 64 -46.12 -40.08 20.52
N ARG H 65 -46.73 -41.22 20.83
CA ARG H 65 -48.18 -41.36 20.73
C ARG H 65 -48.76 -41.75 22.08
N GLN H 66 -50.00 -41.31 22.29
CA GLN H 66 -50.75 -41.59 23.50
C GLN H 66 -52.02 -42.32 23.07
N ALA H 67 -51.91 -43.64 22.89
CA ALA H 67 -53.02 -44.49 22.51
C ALA H 67 -53.80 -44.94 23.74
N PRO H 68 -55.13 -44.93 23.66
CA PRO H 68 -55.95 -45.43 24.77
C PRO H 68 -55.56 -46.84 25.18
N GLY H 69 -55.11 -46.99 26.43
CA GLY H 69 -54.76 -48.28 26.98
C GLY H 69 -53.30 -48.67 26.85
N GLN H 70 -52.49 -47.90 26.13
CA GLN H 70 -51.08 -48.21 25.95
C GLN H 70 -50.14 -47.15 26.51
N GLY H 71 -50.65 -46.03 27.01
CA GLY H 71 -49.81 -45.02 27.60
C GLY H 71 -49.09 -44.18 26.56
N LEU H 72 -47.95 -43.62 26.98
CA LEU H 72 -47.08 -42.84 26.10
C LEU H 72 -45.97 -43.74 25.57
N GLU H 73 -45.91 -43.88 24.25
CA GLU H 73 -44.89 -44.69 23.59
C GLU H 73 -44.10 -43.80 22.64
N TRP H 74 -42.78 -43.74 22.86
CA TRP H 74 -41.89 -43.20 21.84
C TRP H 74 -41.88 -44.13 20.63
N MET H 75 -42.10 -43.56 19.46
CA MET H 75 -42.13 -44.34 18.22
C MET H 75 -40.80 -44.31 17.48
N GLY H 76 -40.09 -43.21 17.52
CA GLY H 76 -38.89 -43.03 16.75
C GLY H 76 -38.71 -41.57 16.39
N GLY H 77 -37.66 -41.32 15.62
CA GLY H 77 -37.38 -39.95 15.21
C GLY H 77 -36.30 -39.90 14.15
N ILE H 78 -35.84 -38.69 13.87
CA ILE H 78 -34.83 -38.46 12.84
C ILE H 78 -33.96 -37.30 13.25
N ILE H 79 -32.68 -37.37 12.87
CA ILE H 79 -31.77 -36.25 12.95
C ILE H 79 -31.62 -35.71 11.52
N PRO H 80 -32.29 -34.61 11.17
CA PRO H 80 -32.32 -34.18 9.77
C PRO H 80 -30.95 -33.87 9.19
N ILE H 81 -30.11 -33.17 9.96
CA ILE H 81 -28.79 -32.78 9.45
C ILE H 81 -27.96 -34.00 9.11
N LEU H 82 -28.23 -35.14 9.75
CA LEU H 82 -27.55 -36.38 9.40
C LEU H 82 -28.41 -37.34 8.59
N GLY H 83 -29.73 -37.14 8.55
CA GLY H 83 -30.62 -38.06 7.89
C GLY H 83 -30.85 -39.38 8.60
N THR H 84 -30.14 -39.63 9.71
CA THR H 84 -30.26 -40.90 10.42
C THR H 84 -31.60 -41.00 11.13
N THR H 85 -32.15 -42.21 11.18
CA THR H 85 -33.43 -42.47 11.81
C THR H 85 -33.28 -43.50 12.91
N ASN H 86 -34.05 -43.31 13.98
CA ASN H 86 -34.13 -44.25 15.09
C ASN H 86 -35.58 -44.67 15.27
N TYR H 87 -35.80 -45.88 15.75
CA TYR H 87 -37.13 -46.43 15.85
C TYR H 87 -37.22 -47.41 17.00
N ALA H 88 -38.45 -47.69 17.42
CA ALA H 88 -38.76 -48.73 18.38
C ALA H 88 -39.23 -49.98 17.65
N GLN H 89 -39.02 -51.14 18.31
CA GLN H 89 -39.30 -52.42 17.66
C GLN H 89 -40.78 -52.55 17.31
N LYS H 90 -41.66 -52.02 18.15
CA LYS H 90 -43.10 -52.20 17.95
C LYS H 90 -43.55 -51.64 16.60
N PHE H 91 -42.99 -50.50 16.19
CA PHE H 91 -43.36 -49.84 14.94
C PHE H 91 -42.38 -50.15 13.81
N GLN H 92 -41.58 -51.21 13.95
CA GLN H 92 -40.64 -51.61 12.91
C GLN H 92 -41.39 -52.19 11.72
N GLY H 93 -40.98 -51.79 10.51
CA GLY H 93 -41.70 -52.16 9.31
C GLY H 93 -43.05 -51.49 9.15
N ARG H 94 -43.38 -50.51 10.00
CA ARG H 94 -44.66 -49.83 9.96
C ARG H 94 -44.57 -48.33 9.76
N VAL H 95 -43.44 -47.70 10.09
CA VAL H 95 -43.32 -46.25 10.01
C VAL H 95 -42.18 -45.87 9.08
N THR H 96 -42.37 -44.76 8.37
CA THR H 96 -41.36 -44.12 7.55
C THR H 96 -41.20 -42.69 8.05
N ILE H 97 -39.96 -42.27 8.28
CA ILE H 97 -39.67 -40.98 8.88
C ILE H 97 -38.72 -40.21 7.96
N THR H 98 -39.12 -39.00 7.57
CA THR H 98 -38.34 -38.16 6.68
C THR H 98 -38.38 -36.73 7.18
N ALA H 99 -37.40 -35.95 6.73
CA ALA H 99 -37.32 -34.52 7.02
C ALA H 99 -37.27 -33.76 5.71
N ASP H 100 -38.10 -32.72 5.59
CA ASP H 100 -38.08 -31.82 4.44
C ASP H 100 -37.41 -30.53 4.87
N GLU H 101 -36.13 -30.39 4.50
CA GLU H 101 -35.34 -29.24 4.95
C GLU H 101 -35.79 -27.95 4.28
N SER H 102 -36.39 -28.06 3.09
CA SER H 102 -36.88 -26.87 2.39
C SER H 102 -38.00 -26.20 3.18
N THR H 103 -38.97 -26.97 3.65
CA THR H 103 -40.09 -26.45 4.43
C THR H 103 -39.86 -26.57 5.93
N SER H 104 -38.73 -27.13 6.37
CA SER H 104 -38.45 -27.40 7.77
C SER H 104 -39.62 -28.13 8.43
N THR H 105 -40.05 -29.21 7.79
CA THR H 105 -41.18 -30.01 8.24
C THR H 105 -40.77 -31.48 8.23
N ALA H 106 -41.09 -32.19 9.31
CA ALA H 106 -40.82 -33.61 9.42
C ALA H 106 -42.12 -34.39 9.27
N TYR H 107 -42.05 -35.53 8.60
CA TYR H 107 -43.21 -36.35 8.29
C TYR H 107 -43.01 -37.75 8.84
N MET H 108 -44.00 -38.24 9.58
CA MET H 108 -44.04 -39.61 10.09
C MET H 108 -45.24 -40.31 9.47
N GLU H 109 -45.02 -41.50 8.93
CA GLU H 109 -46.07 -42.24 8.22
C GLU H 109 -46.24 -43.62 8.86
N LEU H 110 -47.32 -43.80 9.61
CA LEU H 110 -47.71 -45.11 10.11
C LEU H 110 -48.64 -45.77 9.09
N SER H 111 -48.37 -47.03 8.77
CA SER H 111 -49.09 -47.74 7.72
C SER H 111 -49.65 -49.04 8.26
N SER H 112 -50.59 -49.61 7.49
CA SER H 112 -51.29 -50.84 7.85
C SER H 112 -51.95 -50.71 9.23
N LEU H 113 -52.80 -49.69 9.33
CA LEU H 113 -53.32 -49.25 10.63
C LEU H 113 -54.30 -50.27 11.20
N ARG H 114 -54.13 -50.55 12.48
CA ARG H 114 -55.08 -51.33 13.26
C ARG H 114 -56.11 -50.41 13.92
N SER H 115 -57.13 -51.03 14.52
CA SER H 115 -57.98 -50.30 15.45
C SER H 115 -57.19 -49.79 16.64
N GLU H 116 -56.16 -50.53 17.07
CA GLU H 116 -55.33 -50.14 18.20
C GLU H 116 -54.30 -49.07 17.84
N ASP H 117 -54.39 -48.46 16.67
CA ASP H 117 -53.54 -47.34 16.30
C ASP H 117 -54.21 -45.98 16.53
N THR H 118 -55.51 -45.98 16.86
CA THR H 118 -56.17 -44.76 17.29
C THR H 118 -55.43 -44.16 18.47
N ALA H 119 -55.04 -42.89 18.34
CA ALA H 119 -54.21 -42.25 19.34
C ALA H 119 -54.08 -40.77 19.02
N VAL H 120 -53.52 -40.03 19.96
CA VAL H 120 -52.96 -38.71 19.72
C VAL H 120 -51.49 -38.91 19.38
N TYR H 121 -51.09 -38.43 18.21
CA TYR H 121 -49.71 -38.57 17.75
C TYR H 121 -49.01 -37.23 17.93
N TYR H 122 -48.07 -37.20 18.86
CA TYR H 122 -47.34 -35.99 19.21
C TYR H 122 -46.02 -35.92 18.46
N CYS H 123 -45.65 -34.70 18.07
CA CYS H 123 -44.30 -34.41 17.63
C CYS H 123 -43.56 -33.74 18.79
N ALA H 124 -42.30 -34.13 18.98
CA ALA H 124 -41.54 -33.63 20.10
C ALA H 124 -40.08 -33.50 19.71
N ARG H 125 -39.41 -32.51 20.30
CA ARG H 125 -37.99 -32.32 20.11
C ARG H 125 -37.24 -33.09 21.19
N LYS H 126 -36.25 -33.87 20.77
CA LYS H 126 -35.48 -34.72 21.66
C LYS H 126 -34.20 -33.99 22.08
N PHE H 127 -33.97 -33.95 23.39
CA PHE H 127 -32.83 -33.22 23.97
C PHE H 127 -31.85 -34.19 24.60
N GLY H 128 -30.57 -33.82 24.57
CA GLY H 128 -29.52 -34.62 25.16
C GLY H 128 -28.63 -33.78 26.04
N TYR H 129 -27.76 -34.48 26.77
CA TYR H 129 -26.78 -33.84 27.65
C TYR H 129 -25.68 -34.86 27.94
N SER H 130 -24.83 -34.55 28.91
CA SER H 130 -23.70 -35.41 29.26
C SER H 130 -23.75 -35.72 30.75
N GLY H 131 -23.57 -37.01 31.07
CA GLY H 131 -23.58 -37.42 32.46
C GLY H 131 -23.44 -38.93 32.56
N TYR H 132 -23.49 -39.42 33.80
CA TYR H 132 -23.33 -40.85 34.05
C TYR H 132 -24.58 -41.65 33.69
N GLY H 133 -25.74 -41.01 33.66
CA GLY H 133 -26.96 -41.70 33.32
C GLY H 133 -27.74 -41.00 32.25
N ALA H 134 -27.02 -40.29 31.37
CA ALA H 134 -27.65 -39.42 30.40
C ALA H 134 -28.56 -40.19 29.46
N THR H 135 -29.85 -39.88 29.50
CA THR H 135 -30.82 -40.32 28.52
C THR H 135 -31.58 -39.11 28.01
N TRP H 136 -32.19 -39.27 26.84
CA TRP H 136 -32.86 -38.15 26.21
C TRP H 136 -34.15 -37.78 26.94
N TYR H 137 -34.54 -36.52 26.83
CA TYR H 137 -35.85 -36.05 27.26
C TYR H 137 -36.50 -35.28 26.12
N PHE H 138 -37.79 -34.99 26.29
CA PHE H 138 -38.58 -34.29 25.29
C PHE H 138 -39.06 -32.97 25.87
N ASP H 139 -38.66 -31.87 25.25
CA ASP H 139 -38.85 -30.53 25.80
C ASP H 139 -39.84 -29.67 25.03
N LEU H 140 -39.92 -29.84 23.72
CA LEU H 140 -40.87 -29.08 22.90
C LEU H 140 -41.88 -30.06 22.32
N TRP H 141 -43.12 -29.96 22.76
CA TRP H 141 -44.19 -30.83 22.30
C TRP H 141 -45.16 -30.06 21.43
N GLY H 142 -45.75 -30.78 20.46
CA GLY H 142 -46.82 -30.23 19.65
C GLY H 142 -48.19 -30.51 20.25
N ARG H 143 -49.20 -29.80 19.72
CA ARG H 143 -50.57 -29.96 20.20
C ARG H 143 -51.01 -31.42 20.17
N GLY H 144 -50.48 -32.20 19.24
CA GLY H 144 -50.90 -33.57 19.07
C GLY H 144 -51.91 -33.72 17.97
N THR H 145 -51.68 -34.65 17.05
CA THR H 145 -52.59 -34.92 15.95
C THR H 145 -53.43 -36.14 16.27
N LEU H 146 -54.75 -35.99 16.21
CA LEU H 146 -55.68 -37.07 16.52
C LEU H 146 -55.90 -37.91 15.26
N VAL H 147 -55.59 -39.20 15.37
CA VAL H 147 -55.78 -40.17 14.29
C VAL H 147 -56.73 -41.24 14.79
N THR H 148 -57.84 -41.42 14.07
CA THR H 148 -58.85 -42.40 14.43
C THR H 148 -58.94 -43.47 13.36
N VAL H 149 -58.99 -44.73 13.79
CA VAL H 149 -59.18 -45.88 12.91
C VAL H 149 -60.42 -46.62 13.39
N SER H 150 -61.43 -46.73 12.53
CA SER H 150 -62.73 -47.21 12.97
C SER H 150 -63.44 -47.95 11.85
N SER H 151 -64.44 -48.74 12.26
CA SER H 151 -65.29 -49.55 11.37
C SER H 151 -64.47 -50.34 10.36
N GLY H 164 -56.18 -55.99 22.78
CA GLY H 164 -55.56 -55.91 24.10
C GLY H 164 -54.77 -54.63 24.32
N GLY H 165 -54.06 -54.57 25.44
CA GLY H 165 -53.26 -53.40 25.77
C GLY H 165 -51.90 -53.79 26.30
N SER H 166 -51.03 -52.79 26.42
CA SER H 166 -49.65 -52.99 26.82
C SER H 166 -49.35 -52.15 28.06
N GLN H 167 -48.70 -52.77 29.04
CA GLN H 167 -48.29 -52.10 30.27
C GLN H 167 -46.86 -51.61 30.17
N SER H 168 -46.54 -50.60 30.96
CA SER H 168 -45.25 -49.92 30.88
C SER H 168 -44.21 -50.59 31.77
N VAL H 169 -42.94 -50.40 31.39
CA VAL H 169 -41.83 -51.00 32.12
C VAL H 169 -41.38 -50.15 33.30
N LEU H 170 -41.98 -48.96 33.47
CA LEU H 170 -41.85 -48.16 34.68
C LEU H 170 -43.24 -48.02 35.30
N THR H 171 -43.32 -48.15 36.62
CA THR H 171 -44.59 -48.20 37.32
C THR H 171 -44.74 -47.02 38.28
N GLN H 172 -45.93 -46.45 38.30
CA GLN H 172 -46.32 -45.35 39.18
C GLN H 172 -47.63 -45.70 39.85
N PRO H 173 -47.95 -45.06 40.97
CA PRO H 173 -49.28 -45.21 41.54
C PRO H 173 -50.33 -44.63 40.60
N PRO H 174 -51.47 -45.31 40.42
CA PRO H 174 -52.53 -44.75 39.58
C PRO H 174 -53.09 -43.44 40.12
N SER H 175 -53.04 -43.22 41.42
CA SER H 175 -53.63 -42.04 42.03
C SER H 175 -52.83 -41.63 43.26
N VAL H 176 -52.71 -40.31 43.46
CA VAL H 176 -52.06 -39.72 44.62
C VAL H 176 -52.83 -38.45 44.98
N SER H 177 -53.15 -38.30 46.27
CA SER H 177 -53.91 -37.17 46.76
C SER H 177 -53.09 -36.37 47.75
N GLY H 178 -53.36 -35.06 47.80
CA GLY H 178 -52.66 -34.18 48.71
C GLY H 178 -53.57 -33.08 49.20
N ALA H 179 -53.33 -32.66 50.44
CA ALA H 179 -54.03 -31.52 51.01
C ALA H 179 -53.40 -30.23 50.51
N PRO H 180 -54.18 -29.15 50.38
CA PRO H 180 -53.62 -27.89 49.88
C PRO H 180 -52.57 -27.34 50.84
N GLY H 181 -51.44 -26.93 50.28
CA GLY H 181 -50.37 -26.34 51.05
C GLY H 181 -49.34 -27.32 51.58
N GLN H 182 -49.63 -28.62 51.55
CA GLN H 182 -48.73 -29.62 52.10
C GLN H 182 -47.86 -30.22 50.99
N ARG H 183 -46.96 -31.12 51.39
CA ARG H 183 -46.02 -31.76 50.49
C ARG H 183 -46.59 -33.09 50.01
N VAL H 184 -46.35 -33.41 48.73
CA VAL H 184 -46.86 -34.64 48.13
C VAL H 184 -45.79 -35.19 47.19
N THR H 185 -45.75 -36.52 47.08
CA THR H 185 -44.75 -37.20 46.27
C THR H 185 -45.39 -38.24 45.36
N ILE H 186 -44.92 -38.29 44.12
CA ILE H 186 -45.22 -39.38 43.19
C ILE H 186 -43.95 -40.21 43.02
N SER H 187 -44.09 -41.53 43.12
CA SER H 187 -42.96 -42.42 42.96
C SER H 187 -42.95 -43.02 41.55
N CYS H 188 -41.77 -43.49 41.14
CA CYS H 188 -41.56 -44.10 39.83
C CYS H 188 -40.54 -45.21 40.00
N THR H 189 -40.99 -46.46 39.92
CA THR H 189 -40.16 -47.63 40.18
C THR H 189 -39.88 -48.36 38.87
N GLY H 190 -38.60 -48.62 38.62
CA GLY H 190 -38.18 -49.37 37.45
C GLY H 190 -37.37 -50.59 37.83
N ASN H 191 -36.91 -51.29 36.80
CA ASN H 191 -36.14 -52.51 36.97
C ASN H 191 -34.66 -52.20 36.72
N SER H 192 -33.85 -53.25 36.57
CA SER H 192 -32.42 -53.09 36.39
C SER H 192 -32.04 -52.62 34.98
N SER H 193 -32.96 -52.68 34.02
CA SER H 193 -32.64 -52.27 32.66
C SER H 193 -32.80 -50.78 32.43
N ASN H 194 -33.46 -50.05 33.34
CA ASN H 194 -33.61 -48.62 33.16
C ASN H 194 -33.02 -47.84 34.34
N ILE H 195 -33.84 -47.55 35.35
CA ILE H 195 -33.36 -46.75 36.48
C ILE H 195 -32.29 -47.50 37.26
N GLY H 196 -32.45 -48.82 37.41
CA GLY H 196 -31.44 -49.60 38.10
C GLY H 196 -30.08 -49.57 37.42
N ALA H 197 -30.07 -49.49 36.09
CA ALA H 197 -28.83 -49.34 35.35
C ALA H 197 -28.18 -47.98 35.55
N GLY H 198 -28.88 -47.03 36.17
CA GLY H 198 -28.36 -45.70 36.41
C GLY H 198 -28.89 -44.64 35.49
N TYR H 199 -29.76 -44.99 34.54
CA TYR H 199 -30.31 -44.00 33.62
C TYR H 199 -31.11 -42.94 34.37
N ASP H 200 -30.98 -41.70 33.92
CA ASP H 200 -31.68 -40.59 34.56
C ASP H 200 -33.19 -40.69 34.29
N VAL H 201 -33.95 -39.86 35.01
CA VAL H 201 -35.40 -39.90 34.98
C VAL H 201 -35.91 -38.48 34.78
N HIS H 202 -36.82 -38.30 33.82
CA HIS H 202 -37.44 -37.02 33.55
C HIS H 202 -38.94 -37.11 33.83
N TRP H 203 -39.55 -35.95 34.10
CA TRP H 203 -40.95 -35.88 34.50
C TRP H 203 -41.73 -34.96 33.58
N TYR H 204 -42.97 -35.34 33.30
CA TYR H 204 -43.87 -34.58 32.44
C TYR H 204 -45.20 -34.37 33.14
N GLN H 205 -45.81 -33.22 32.88
CA GLN H 205 -47.08 -32.83 33.46
C GLN H 205 -48.09 -32.60 32.33
N GLN H 206 -49.24 -33.28 32.41
CA GLN H 206 -50.24 -33.24 31.36
C GLN H 206 -51.59 -32.87 31.96
N PHE H 207 -52.07 -31.67 31.64
CA PHE H 207 -53.40 -31.26 32.02
C PHE H 207 -54.42 -31.85 31.05
N PRO H 208 -55.67 -32.01 31.50
CA PRO H 208 -56.70 -32.58 30.62
C PRO H 208 -56.88 -31.76 29.34
N GLY H 209 -56.83 -32.44 28.20
CA GLY H 209 -57.00 -31.82 26.91
C GLY H 209 -55.75 -31.24 26.29
N THR H 210 -54.66 -31.14 27.04
CA THR H 210 -53.41 -30.58 26.55
C THR H 210 -52.37 -31.68 26.36
N ALA H 211 -51.24 -31.29 25.79
CA ALA H 211 -50.10 -32.16 25.60
C ALA H 211 -49.26 -32.22 26.87
N PRO H 212 -48.40 -33.23 26.98
CA PRO H 212 -47.46 -33.26 28.09
C PRO H 212 -46.39 -32.17 27.94
N LYS H 213 -45.82 -31.79 29.07
CA LYS H 213 -44.79 -30.75 29.09
C LYS H 213 -43.74 -31.11 30.13
N LEU H 214 -42.49 -30.77 29.82
CA LEU H 214 -41.37 -31.06 30.70
C LEU H 214 -41.54 -30.32 32.02
N LEU H 215 -41.50 -31.07 33.11
CA LEU H 215 -41.56 -30.55 34.47
C LEU H 215 -40.24 -30.70 35.20
N ILE H 216 -39.58 -31.84 35.04
CA ILE H 216 -38.25 -32.10 35.58
C ILE H 216 -37.45 -32.83 34.50
N TYR H 217 -36.35 -32.23 34.06
CA TYR H 217 -35.37 -32.90 33.23
C TYR H 217 -34.09 -33.12 34.04
N GLY H 218 -33.33 -34.13 33.65
CA GLY H 218 -32.40 -34.76 34.57
C GLY H 218 -33.18 -35.28 35.76
N ASN H 219 -32.45 -35.83 36.72
CA ASN H 219 -33.15 -36.33 37.91
C ASN H 219 -33.75 -35.22 38.76
N SER H 220 -33.22 -33.99 38.66
CA SER H 220 -33.54 -32.97 39.63
C SER H 220 -33.69 -31.55 39.09
N ASN H 221 -33.54 -31.32 37.80
CA ASN H 221 -33.46 -29.97 37.25
C ASN H 221 -34.80 -29.51 36.70
N ARG H 222 -35.07 -28.22 36.84
CA ARG H 222 -36.32 -27.61 36.41
C ARG H 222 -36.10 -26.76 35.18
N PRO H 223 -36.94 -26.88 34.15
CA PRO H 223 -36.92 -25.91 33.05
C PRO H 223 -37.40 -24.55 33.54
N SER H 224 -37.22 -23.56 32.67
CA SER H 224 -37.73 -22.23 32.96
C SER H 224 -39.25 -22.25 32.94
N GLY H 225 -39.87 -21.63 33.95
CA GLY H 225 -41.30 -21.60 34.09
C GLY H 225 -41.87 -22.63 35.03
N VAL H 226 -41.08 -23.61 35.46
CA VAL H 226 -41.51 -24.62 36.41
C VAL H 226 -41.27 -24.09 37.81
N PRO H 227 -42.29 -23.98 38.66
CA PRO H 227 -42.11 -23.37 39.98
C PRO H 227 -41.13 -24.16 40.85
N ASP H 228 -40.50 -23.43 41.79
CA ASP H 228 -39.50 -24.02 42.68
C ASP H 228 -40.07 -25.12 43.56
N ARG H 229 -41.39 -25.15 43.77
CA ARG H 229 -41.98 -26.17 44.63
C ARG H 229 -41.93 -27.56 44.01
N PHE H 230 -41.52 -27.69 42.74
CA PHE H 230 -41.33 -28.99 42.11
C PHE H 230 -39.89 -29.44 42.27
N SER H 231 -39.71 -30.68 42.72
CA SER H 231 -38.39 -31.21 43.00
C SER H 231 -38.32 -32.66 42.51
N GLY H 232 -37.09 -33.11 42.26
CA GLY H 232 -36.88 -34.45 41.73
C GLY H 232 -35.68 -35.11 42.38
N SER H 233 -35.71 -36.44 42.40
CA SER H 233 -34.64 -37.23 42.99
C SER H 233 -34.69 -38.64 42.40
N LYS H 234 -33.51 -39.26 42.34
CA LYS H 234 -33.38 -40.64 41.87
C LYS H 234 -32.43 -41.38 42.81
N SER H 235 -32.85 -42.55 43.27
CA SER H 235 -32.03 -43.37 44.15
C SER H 235 -32.30 -44.84 43.86
N GLY H 236 -31.24 -45.60 43.63
CA GLY H 236 -31.38 -47.02 43.40
C GLY H 236 -32.18 -47.30 42.15
N THR H 237 -33.26 -48.06 42.32
CA THR H 237 -34.10 -48.48 41.21
C THR H 237 -35.37 -47.64 41.06
N SER H 238 -35.52 -46.59 41.87
CA SER H 238 -36.73 -45.78 41.88
C SER H 238 -36.39 -44.29 41.75
N ALA H 239 -37.42 -43.51 41.42
CA ALA H 239 -37.32 -42.06 41.32
C ALA H 239 -38.54 -41.45 41.98
N SER H 240 -38.43 -40.16 42.34
CA SER H 240 -39.46 -39.51 43.13
C SER H 240 -39.64 -38.07 42.69
N LEU H 241 -40.89 -37.69 42.44
CA LEU H 241 -41.27 -36.31 42.18
C LEU H 241 -41.92 -35.74 43.43
N ALA H 242 -41.46 -34.56 43.85
CA ALA H 242 -41.93 -33.94 45.09
C ALA H 242 -42.52 -32.58 44.77
N ILE H 243 -43.68 -32.29 45.35
CA ILE H 243 -44.38 -31.03 45.17
C ILE H 243 -44.71 -30.49 46.56
N THR H 244 -44.07 -29.40 46.94
CA THR H 244 -44.35 -28.72 48.21
C THR H 244 -45.33 -27.58 47.99
N GLY H 245 -46.07 -27.24 49.04
CA GLY H 245 -47.05 -26.18 48.96
C GLY H 245 -48.04 -26.34 47.83
N LEU H 246 -48.84 -27.41 47.88
CA LEU H 246 -49.75 -27.75 46.80
C LEU H 246 -50.77 -26.65 46.57
N GLN H 247 -50.97 -26.30 45.31
CA GLN H 247 -52.11 -25.51 44.86
C GLN H 247 -53.02 -26.39 44.02
N ALA H 248 -54.30 -25.99 43.95
CA ALA H 248 -55.25 -26.75 43.13
C ALA H 248 -54.82 -26.80 41.68
N GLU H 249 -54.08 -25.78 41.23
CA GLU H 249 -53.60 -25.72 39.85
C GLU H 249 -52.60 -26.84 39.51
N ASP H 250 -52.17 -27.62 40.50
CA ASP H 250 -51.29 -28.75 40.26
C ASP H 250 -52.04 -30.04 39.95
N GLU H 251 -53.36 -30.04 40.04
CA GLU H 251 -54.16 -31.19 39.64
C GLU H 251 -53.91 -31.53 38.18
N ALA H 252 -53.24 -32.65 37.93
CA ALA H 252 -52.87 -33.06 36.58
C ALA H 252 -52.40 -34.50 36.63
N ASP H 253 -52.06 -35.04 35.45
CA ASP H 253 -51.44 -36.33 35.32
C ASP H 253 -49.93 -36.15 35.17
N TYR H 254 -49.16 -36.98 35.88
CA TYR H 254 -47.71 -36.88 35.93
C TYR H 254 -47.09 -38.19 35.49
N TYR H 255 -46.17 -38.10 34.53
CA TYR H 255 -45.47 -39.25 33.96
C TYR H 255 -43.98 -39.13 34.21
N CYS H 256 -43.31 -40.29 34.24
CA CYS H 256 -41.87 -40.37 34.39
C CYS H 256 -41.27 -41.10 33.19
N GLN H 257 -40.13 -40.61 32.72
CA GLN H 257 -39.48 -41.13 31.52
C GLN H 257 -38.05 -41.52 31.85
N SER H 258 -37.66 -42.72 31.42
CA SER H 258 -36.30 -43.22 31.56
C SER H 258 -35.94 -43.98 30.28
N TYR H 259 -34.74 -44.52 30.25
CA TYR H 259 -34.25 -45.29 29.10
C TYR H 259 -34.07 -46.75 29.52
N ASP H 260 -34.68 -47.65 28.75
CA ASP H 260 -34.57 -49.08 28.99
C ASP H 260 -33.64 -49.68 27.95
N SER H 261 -32.55 -50.31 28.41
CA SER H 261 -31.54 -50.86 27.53
C SER H 261 -31.90 -52.25 27.01
N SER H 262 -32.94 -52.89 27.54
CA SER H 262 -33.42 -54.13 26.95
C SER H 262 -34.29 -53.90 25.72
N LEU H 263 -34.93 -52.73 25.62
CA LEU H 263 -35.69 -52.33 24.45
C LEU H 263 -34.95 -51.33 23.58
N SER H 264 -33.84 -50.77 24.07
CA SER H 264 -33.07 -49.75 23.37
C SER H 264 -33.96 -48.57 22.96
N GLY H 265 -34.72 -48.07 23.92
CA GLY H 265 -35.62 -46.97 23.66
C GLY H 265 -36.02 -46.26 24.94
N SER H 266 -36.58 -45.07 24.75
CA SER H 266 -37.11 -44.30 25.86
C SER H 266 -38.46 -44.86 26.27
N VAL H 267 -38.69 -44.95 27.57
CA VAL H 267 -39.90 -45.56 28.12
C VAL H 267 -40.55 -44.59 29.10
N PHE H 268 -41.89 -44.60 29.11
CA PHE H 268 -42.70 -43.77 30.00
C PHE H 268 -43.41 -44.65 31.01
N GLY H 269 -43.77 -44.02 32.14
CA GLY H 269 -44.60 -44.68 33.13
C GLY H 269 -46.07 -44.60 32.79
N GLY H 270 -46.87 -45.29 33.60
CA GLY H 270 -48.31 -45.32 33.35
C GLY H 270 -49.00 -44.01 33.64
N GLY H 271 -48.50 -43.25 34.60
CA GLY H 271 -49.04 -41.95 34.92
C GLY H 271 -49.74 -41.97 36.27
N THR H 272 -49.66 -40.84 36.98
CA THR H 272 -50.31 -40.66 38.26
C THR H 272 -51.21 -39.43 38.18
N LYS H 273 -52.48 -39.61 38.53
CA LYS H 273 -53.41 -38.49 38.61
C LYS H 273 -53.28 -37.88 40.01
N LEU H 274 -52.80 -36.64 40.07
CA LEU H 274 -52.65 -35.93 41.33
C LEU H 274 -53.94 -35.18 41.63
N THR H 275 -54.62 -35.57 42.70
CA THR H 275 -55.83 -34.89 43.15
C THR H 275 -55.48 -34.02 44.34
N VAL H 276 -55.97 -32.78 44.32
CA VAL H 276 -55.80 -31.85 45.43
C VAL H 276 -57.15 -31.75 46.14
N LEU H 277 -57.23 -32.35 47.32
CA LEU H 277 -58.45 -32.28 48.12
C LEU H 277 -58.67 -30.85 48.59
N ALA H 278 -59.93 -30.52 48.86
CA ALA H 278 -60.32 -29.19 49.35
C ALA H 278 -59.58 -28.08 48.61
N GLY H 279 -59.41 -28.25 47.30
CA GLY H 279 -58.52 -27.37 46.57
C GLY H 279 -58.98 -25.93 46.63
N ARG H 280 -58.02 -25.03 46.82
CA ARG H 280 -58.30 -23.60 46.96
C ARG H 280 -58.25 -22.90 45.61
N THR I 28 45.65 37.03 21.54
CA THR I 28 46.75 37.96 21.28
C THR I 28 46.44 38.85 20.08
N ASN I 29 46.39 38.27 18.88
CA ASN I 29 46.13 39.01 17.66
C ASN I 29 44.64 38.97 17.35
N LEU I 30 44.06 40.14 17.09
CA LEU I 30 42.65 40.21 16.78
C LEU I 30 42.37 39.62 15.41
N CYS I 31 41.22 38.97 15.27
CA CYS I 31 40.87 38.32 14.02
C CYS I 31 40.63 39.36 12.93
N PRO I 32 41.02 39.05 11.68
CA PRO I 32 40.91 40.03 10.58
C PRO I 32 39.50 40.16 10.04
N PHE I 33 38.61 40.71 10.87
CA PHE I 33 37.20 40.82 10.50
C PHE I 33 36.86 42.13 9.80
N GLY I 34 37.67 43.17 9.97
CA GLY I 34 37.43 44.39 9.23
C GLY I 34 37.59 44.19 7.72
N GLU I 35 38.53 43.34 7.32
CA GLU I 35 38.74 43.07 5.91
C GLU I 35 37.51 42.44 5.27
N VAL I 36 36.84 41.55 6.00
CA VAL I 36 35.70 40.82 5.43
C VAL I 36 34.51 41.75 5.23
N PHE I 37 34.27 42.64 6.19
CA PHE I 37 33.08 43.49 6.16
C PHE I 37 33.31 44.81 5.40
N ASN I 38 34.49 45.41 5.55
CA ASN I 38 34.80 46.68 4.89
C ASN I 38 35.49 46.50 3.54
N ALA I 39 35.43 45.30 2.96
CA ALA I 39 36.07 45.07 1.67
C ALA I 39 35.48 45.99 0.61
N THR I 40 36.36 46.59 -0.20
CA THR I 40 35.91 47.48 -1.26
C THR I 40 35.11 46.72 -2.31
N ARG I 41 35.50 45.48 -2.60
CA ARG I 41 34.87 44.67 -3.63
C ARG I 41 34.26 43.43 -3.00
N PHE I 42 32.99 43.16 -3.34
CA PHE I 42 32.31 41.95 -2.98
C PHE I 42 32.06 41.12 -4.23
N ALA I 43 31.99 39.81 -4.05
CA ALA I 43 31.81 38.89 -5.16
C ALA I 43 30.33 38.65 -5.43
N SER I 44 30.03 38.21 -6.64
CA SER I 44 28.67 37.78 -6.97
C SER I 44 28.35 36.49 -6.23
N VAL I 45 27.06 36.26 -5.99
CA VAL I 45 26.66 35.13 -5.15
C VAL I 45 27.05 33.81 -5.78
N TYR I 46 27.02 33.71 -7.12
CA TYR I 46 27.38 32.46 -7.76
C TYR I 46 28.88 32.17 -7.62
N ALA I 47 29.70 33.20 -7.43
CA ALA I 47 31.12 33.05 -7.21
C ALA I 47 31.50 33.60 -5.84
N TRP I 48 30.83 33.12 -4.80
CA TRP I 48 30.96 33.70 -3.47
C TRP I 48 32.37 33.51 -2.92
N ASN I 49 32.85 34.53 -2.21
CA ASN I 49 34.16 34.49 -1.60
C ASN I 49 34.14 33.66 -0.31
N ARG I 50 35.28 33.08 0.01
CA ARG I 50 35.47 32.36 1.26
C ARG I 50 36.83 32.72 1.83
N LYS I 51 36.84 33.10 3.11
CA LYS I 51 38.07 33.34 3.84
C LYS I 51 38.08 32.47 5.09
N ARG I 52 39.25 31.93 5.42
CA ARG I 52 39.42 31.17 6.66
C ARG I 52 40.00 32.08 7.73
N ILE I 53 39.35 32.10 8.89
CA ILE I 53 39.81 32.86 10.05
C ILE I 53 40.48 31.88 11.00
N SER I 54 41.75 32.12 11.32
CA SER I 54 42.50 31.19 12.15
C SER I 54 43.62 31.93 12.88
N ASN I 55 44.03 31.35 14.01
CA ASN I 55 45.12 31.84 14.84
C ASN I 55 44.92 33.31 15.20
N CYS I 56 43.82 33.58 15.90
CA CYS I 56 43.44 34.93 16.27
C CYS I 56 42.37 34.87 17.34
N VAL I 57 42.12 36.01 17.98
CA VAL I 57 41.06 36.17 18.97
C VAL I 57 40.00 37.08 18.38
N ALA I 58 38.74 36.67 18.49
CA ALA I 58 37.63 37.34 17.83
C ALA I 58 36.74 38.01 18.87
N ASP I 59 36.37 39.27 18.59
CA ASP I 59 35.45 40.04 19.43
C ASP I 59 34.19 40.29 18.62
N TYR I 60 33.18 39.46 18.82
CA TYR I 60 31.89 39.62 18.15
C TYR I 60 30.98 40.65 18.83
N SER I 61 31.47 41.33 19.87
CA SER I 61 30.62 42.27 20.60
C SER I 61 30.42 43.58 19.85
N VAL I 62 31.40 44.01 19.05
CA VAL I 62 31.26 45.23 18.25
C VAL I 62 30.42 44.99 17.00
N LEU I 63 30.19 43.74 16.63
CA LEU I 63 29.40 43.36 15.46
C LEU I 63 27.93 43.12 15.80
N TYR I 64 27.68 42.34 16.85
CA TYR I 64 26.31 41.98 17.21
C TYR I 64 25.49 43.21 17.59
N ASN I 65 26.11 44.15 18.31
CA ASN I 65 25.40 45.30 18.86
C ASN I 65 25.31 46.47 17.90
N SER I 66 25.87 46.37 16.70
CA SER I 66 25.80 47.46 15.74
C SER I 66 24.44 47.47 15.05
N ALA I 67 23.87 48.67 14.93
CA ALA I 67 22.62 48.84 14.21
C ALA I 67 22.82 48.91 12.70
N SER I 68 24.06 48.94 12.23
CA SER I 68 24.33 49.02 10.80
C SER I 68 23.90 47.78 10.04
N PHE I 69 23.72 46.66 10.73
CA PHE I 69 23.37 45.38 10.10
C PHE I 69 21.88 45.15 10.21
N SER I 70 21.21 45.01 9.06
CA SER I 70 19.79 44.71 9.05
C SER I 70 19.53 43.32 9.63
N THR I 71 20.41 42.36 9.33
CA THR I 71 20.25 40.98 9.78
C THR I 71 21.53 40.55 10.50
N PHE I 72 21.39 40.15 11.76
CA PHE I 72 22.45 39.50 12.52
C PHE I 72 21.80 38.30 13.21
N LYS I 73 21.87 37.14 12.57
CA LYS I 73 21.24 35.92 13.05
C LYS I 73 22.28 34.83 13.18
N CYS I 74 22.19 34.04 14.24
CA CYS I 74 23.07 32.91 14.46
C CYS I 74 22.27 31.63 14.59
N TYR I 75 22.89 30.52 14.20
CA TYR I 75 22.28 29.19 14.23
C TYR I 75 23.24 28.22 14.90
N GLY I 76 22.69 27.35 15.75
CA GLY I 76 23.47 26.35 16.43
C GLY I 76 24.20 26.81 17.66
N VAL I 77 24.37 28.12 17.85
CA VAL I 77 24.97 28.69 19.04
C VAL I 77 24.24 29.97 19.40
N SER I 78 24.42 30.40 20.64
CA SER I 78 23.79 31.66 21.02
C SER I 78 24.74 32.83 20.75
N PRO I 79 24.23 33.97 20.30
CA PRO I 79 25.13 35.10 20.04
C PRO I 79 25.77 35.67 21.29
N THR I 80 25.13 35.52 22.45
CA THR I 80 25.75 35.97 23.70
C THR I 80 26.95 35.12 24.05
N LYS I 81 26.90 33.82 23.76
CA LYS I 81 27.99 32.89 24.06
C LYS I 81 29.12 32.94 23.03
N LEU I 82 29.03 33.81 22.02
CA LEU I 82 30.02 33.79 20.96
C LEU I 82 31.41 34.19 21.44
N ASN I 83 31.47 35.14 22.38
CA ASN I 83 32.77 35.59 22.88
C ASN I 83 33.34 34.70 23.98
N ASP I 84 32.70 33.56 24.27
CA ASP I 84 33.18 32.65 25.30
C ASP I 84 33.44 31.25 24.75
N LEU I 85 33.66 31.14 23.44
CA LEU I 85 33.83 29.84 22.80
C LEU I 85 35.13 29.83 22.00
N CYS I 86 35.67 28.62 21.82
CA CYS I 86 36.84 28.35 21.00
C CYS I 86 36.45 27.38 19.89
N PHE I 87 36.95 27.63 18.68
CA PHE I 87 36.62 26.80 17.54
C PHE I 87 37.87 26.38 16.80
N THR I 88 37.80 25.19 16.19
CA THR I 88 38.90 24.67 15.39
C THR I 88 39.28 25.65 14.29
N ASN I 89 38.31 26.04 13.47
CA ASN I 89 38.53 27.02 12.42
C ASN I 89 37.19 27.66 12.07
N VAL I 90 37.25 28.93 11.69
CA VAL I 90 36.07 29.70 11.30
C VAL I 90 36.24 30.14 9.85
N TYR I 91 35.15 30.07 9.09
CA TYR I 91 35.13 30.50 7.70
C TYR I 91 34.12 31.63 7.52
N ALA I 92 34.52 32.67 6.80
CA ALA I 92 33.66 33.80 6.49
C ALA I 92 33.39 33.81 4.98
N ASP I 93 32.12 33.71 4.61
CA ASP I 93 31.71 33.70 3.20
C ASP I 93 31.04 35.03 2.86
N SER I 94 31.42 35.61 1.72
CA SER I 94 30.96 36.92 1.30
C SER I 94 30.28 36.83 -0.05
N PHE I 95 29.22 37.63 -0.23
CA PHE I 95 28.58 37.80 -1.54
C PHE I 95 27.57 38.94 -1.44
N VAL I 96 27.02 39.30 -2.61
CA VAL I 96 25.98 40.32 -2.73
C VAL I 96 24.75 39.67 -3.34
N ILE I 97 23.63 39.77 -2.64
CA ILE I 97 22.33 39.35 -3.13
C ILE I 97 21.38 40.54 -2.97
N ARG I 98 20.13 40.34 -3.37
CA ARG I 98 19.13 41.37 -3.21
C ARG I 98 18.28 41.13 -1.97
N GLY I 99 17.54 42.17 -1.58
CA GLY I 99 16.95 42.20 -0.25
C GLY I 99 15.96 41.08 0.01
N ASP I 100 15.11 40.77 -0.97
CA ASP I 100 14.11 39.73 -0.78
C ASP I 100 14.71 38.33 -0.76
N GLU I 101 16.00 38.19 -1.03
CA GLU I 101 16.66 36.89 -1.03
C GLU I 101 17.51 36.64 0.21
N VAL I 102 17.69 37.66 1.07
CA VAL I 102 18.39 37.45 2.34
C VAL I 102 17.68 36.37 3.16
N ARG I 103 16.36 36.25 3.00
CA ARG I 103 15.61 35.19 3.66
C ARG I 103 16.14 33.81 3.30
N GLN I 104 16.65 33.64 2.08
CA GLN I 104 17.10 32.33 1.61
C GLN I 104 18.45 31.91 2.17
N ILE I 105 19.22 32.82 2.75
CA ILE I 105 20.49 32.47 3.35
C ILE I 105 20.24 31.96 4.77
N ALA I 106 19.67 30.77 4.87
CA ALA I 106 19.32 30.17 6.14
C ALA I 106 19.23 28.67 5.96
N PRO I 107 19.41 27.88 7.01
CA PRO I 107 19.22 26.43 6.90
C PRO I 107 17.80 26.09 6.49
N GLY I 108 17.68 25.19 5.52
CA GLY I 108 16.39 24.63 5.14
C GLY I 108 15.57 25.41 4.14
N GLN I 109 16.13 26.46 3.55
CA GLN I 109 15.39 27.29 2.61
C GLN I 109 15.48 26.72 1.20
N THR I 110 14.58 27.18 0.34
CA THR I 110 14.62 26.92 -1.08
C THR I 110 14.50 28.23 -1.85
N GLY I 111 14.70 28.15 -3.15
CA GLY I 111 14.82 29.32 -4.00
C GLY I 111 16.08 29.27 -4.83
N LYS I 112 16.15 30.19 -5.79
CA LYS I 112 17.27 30.21 -6.72
C LYS I 112 18.60 30.38 -5.99
N ILE I 113 18.65 31.30 -5.03
CA ILE I 113 19.89 31.54 -4.31
C ILE I 113 20.29 30.32 -3.49
N ALA I 114 19.34 29.73 -2.77
CA ALA I 114 19.65 28.57 -1.94
C ALA I 114 19.92 27.33 -2.78
N ASP I 115 19.16 27.15 -3.86
CA ASP I 115 19.27 25.94 -4.66
C ASP I 115 20.36 26.02 -5.73
N TYR I 116 20.63 27.21 -6.28
CA TYR I 116 21.54 27.34 -7.41
C TYR I 116 22.78 28.19 -7.15
N ASN I 117 22.87 28.87 -6.01
CA ASN I 117 23.99 29.80 -5.81
C ASN I 117 24.75 29.54 -4.51
N TYR I 118 24.09 29.64 -3.37
CA TYR I 118 24.74 29.44 -2.07
C TYR I 118 23.80 28.65 -1.17
N LYS I 119 24.26 27.49 -0.72
CA LYS I 119 23.46 26.57 0.08
C LYS I 119 24.09 26.40 1.45
N LEU I 120 23.30 26.60 2.50
CA LEU I 120 23.72 26.34 3.87
C LEU I 120 23.17 24.99 4.33
N PRO I 121 23.97 24.22 5.05
CA PRO I 121 23.51 22.89 5.49
C PRO I 121 22.40 23.00 6.53
N ASP I 122 21.64 21.91 6.66
CA ASP I 122 20.58 21.84 7.67
C ASP I 122 21.16 21.91 9.07
N ASP I 123 22.38 21.41 9.27
CA ASP I 123 23.05 21.37 10.55
C ASP I 123 23.86 22.64 10.84
N PHE I 124 23.58 23.73 10.13
CA PHE I 124 24.48 24.87 10.09
C PHE I 124 24.74 25.43 11.48
N THR I 125 26.02 25.65 11.78
CA THR I 125 26.47 26.28 13.03
C THR I 125 27.22 27.54 12.66
N GLY I 126 26.60 28.69 12.90
CA GLY I 126 27.23 29.95 12.59
C GLY I 126 26.20 31.07 12.53
N CYS I 127 26.60 32.17 11.92
CA CYS I 127 25.79 33.38 11.89
C CYS I 127 25.68 33.92 10.48
N VAL I 128 24.59 34.66 10.24
CA VAL I 128 24.30 35.28 8.95
C VAL I 128 24.16 36.78 9.18
N ILE I 129 25.08 37.55 8.61
CA ILE I 129 25.09 39.01 8.74
C ILE I 129 24.84 39.62 7.38
N ALA I 130 24.03 40.68 7.35
CA ALA I 130 23.74 41.38 6.11
C ALA I 130 23.43 42.84 6.42
N TRP I 131 23.63 43.70 5.42
CA TRP I 131 23.30 45.10 5.54
C TRP I 131 23.02 45.68 4.16
N ASN I 132 22.13 46.67 4.12
CA ASN I 132 21.81 47.36 2.88
C ASN I 132 23.04 48.09 2.35
N SER I 133 23.39 47.81 1.11
CA SER I 133 24.55 48.42 0.46
C SER I 133 24.13 49.16 -0.81
N ASN I 134 22.99 49.85 -0.74
CA ASN I 134 22.51 50.61 -1.88
C ASN I 134 23.42 51.80 -2.17
N ASN I 135 23.94 52.44 -1.12
CA ASN I 135 24.79 53.61 -1.30
C ASN I 135 26.10 53.29 -2.00
N LEU I 136 26.57 52.04 -1.97
CA LEU I 136 27.87 51.71 -2.55
C LEU I 136 27.82 50.67 -3.66
N ASP I 137 26.75 49.89 -3.80
CA ASP I 137 26.66 48.86 -4.83
C ASP I 137 25.58 49.14 -5.87
N SER I 138 24.91 50.28 -5.79
CA SER I 138 23.92 50.68 -6.79
C SER I 138 24.41 51.89 -7.57
N LYS I 139 24.14 51.89 -8.87
CA LYS I 139 24.52 52.98 -9.76
C LYS I 139 23.29 53.44 -10.54
N VAL I 140 23.25 54.74 -10.83
CA VAL I 140 22.07 55.34 -11.44
C VAL I 140 21.79 54.74 -12.82
N GLY I 141 22.83 54.59 -13.63
CA GLY I 141 22.68 53.86 -14.87
C GLY I 141 22.24 52.42 -14.66
N GLY I 142 22.52 51.87 -13.49
CA GLY I 142 22.31 50.47 -13.20
C GLY I 142 23.62 49.72 -13.12
N ASN I 143 23.86 49.09 -11.99
CA ASN I 143 25.05 48.27 -11.82
C ASN I 143 24.70 46.84 -12.23
N TYR I 144 25.19 46.42 -13.41
CA TYR I 144 24.89 45.10 -13.95
C TYR I 144 26.07 44.15 -13.83
N ASN I 145 26.99 44.40 -12.90
CA ASN I 145 28.17 43.58 -12.73
C ASN I 145 28.03 42.53 -11.63
N TYR I 146 26.92 42.52 -10.90
CA TYR I 146 26.63 41.47 -9.93
C TYR I 146 25.70 40.45 -10.57
N LEU I 147 26.12 39.19 -10.54
CA LEU I 147 25.45 38.12 -11.26
C LEU I 147 24.94 37.04 -10.30
N TYR I 148 23.94 36.30 -10.78
CA TYR I 148 23.41 35.15 -10.07
C TYR I 148 23.08 34.07 -11.09
N ARG I 149 22.97 32.83 -10.62
CA ARG I 149 22.64 31.70 -11.47
C ARG I 149 21.13 31.44 -11.43
N LEU I 150 20.51 31.44 -12.60
CA LEU I 150 19.08 31.24 -12.74
C LEU I 150 18.70 29.82 -13.11
N PHE I 151 19.61 29.06 -13.71
CA PHE I 151 19.31 27.72 -14.23
C PHE I 151 20.38 26.74 -13.79
N ARG I 152 19.95 25.58 -13.28
CA ARG I 152 20.87 24.49 -12.96
C ARG I 152 20.09 23.18 -12.94
N LYS I 153 20.70 22.14 -13.53
CA LYS I 153 20.04 20.84 -13.62
C LYS I 153 19.80 20.23 -12.23
N SER I 154 20.64 20.56 -11.26
CA SER I 154 20.55 19.98 -9.94
C SER I 154 20.75 21.06 -8.88
N ASN I 155 20.17 20.83 -7.70
CA ASN I 155 20.43 21.70 -6.57
C ASN I 155 21.86 21.52 -6.09
N LEU I 156 22.42 22.58 -5.54
CA LEU I 156 23.79 22.54 -5.03
C LEU I 156 23.84 21.71 -3.75
N LYS I 157 24.98 21.06 -3.54
CA LYS I 157 25.29 20.54 -2.23
C LYS I 157 25.63 21.72 -1.31
N PRO I 158 25.46 21.54 0.00
CA PRO I 158 25.85 22.60 0.93
C PRO I 158 27.31 22.98 0.77
N PHE I 159 27.55 24.30 0.64
CA PHE I 159 28.88 24.89 0.57
C PHE I 159 29.61 24.57 -0.75
N GLU I 160 28.86 24.38 -1.82
CA GLU I 160 29.41 24.18 -3.15
C GLU I 160 29.33 25.47 -3.95
N ARG I 161 30.22 25.61 -4.92
CA ARG I 161 30.26 26.78 -5.79
C ARG I 161 30.27 26.32 -7.24
N ASP I 162 29.35 26.85 -8.03
CA ASP I 162 29.27 26.58 -9.46
C ASP I 162 29.63 27.85 -10.21
N ILE I 163 30.83 27.90 -10.77
CA ILE I 163 31.25 28.98 -11.63
C ILE I 163 31.22 28.57 -13.11
N SER I 164 30.46 27.54 -13.44
CA SER I 164 30.36 27.07 -14.81
C SER I 164 29.46 27.97 -15.63
N THR I 165 29.78 28.09 -16.92
CA THR I 165 29.06 28.95 -17.85
C THR I 165 28.74 28.18 -19.12
N GLU I 166 27.95 27.12 -18.97
CA GLU I 166 27.53 26.28 -20.08
C GLU I 166 26.04 26.49 -20.34
N ILE I 167 25.69 26.62 -21.62
CA ILE I 167 24.33 26.97 -22.01
C ILE I 167 23.35 25.91 -21.50
N TYR I 168 22.33 26.35 -20.78
CA TYR I 168 21.40 25.46 -20.12
C TYR I 168 20.35 24.95 -21.11
N GLN I 169 20.14 23.63 -21.11
CA GLN I 169 19.18 22.99 -22.01
C GLN I 169 17.84 22.90 -21.29
N ALA I 170 16.93 23.84 -21.58
CA ALA I 170 15.60 23.82 -20.98
C ALA I 170 14.66 22.88 -21.73
N GLY I 171 14.71 22.91 -23.07
CA GLY I 171 13.89 22.03 -23.88
C GLY I 171 14.68 20.92 -24.53
N SER I 172 13.99 19.87 -24.96
CA SER I 172 14.64 18.68 -25.53
C SER I 172 15.13 19.01 -26.94
N THR I 173 16.22 19.77 -26.99
CA THR I 173 16.88 20.20 -28.21
C THR I 173 18.35 20.39 -27.83
N PRO I 174 19.29 20.01 -28.69
CA PRO I 174 20.69 20.28 -28.38
C PRO I 174 20.96 21.78 -28.32
N CYS I 175 21.68 22.19 -27.29
CA CYS I 175 22.20 23.54 -27.17
C CYS I 175 23.65 23.48 -27.62
N ASN I 176 23.89 23.87 -28.88
CA ASN I 176 25.20 23.72 -29.52
C ASN I 176 26.09 24.92 -29.16
N GLY I 177 26.28 25.10 -27.85
CA GLY I 177 27.11 26.17 -27.33
C GLY I 177 26.63 27.57 -27.61
N VAL I 178 25.41 27.73 -28.12
CA VAL I 178 24.87 29.03 -28.48
C VAL I 178 23.53 29.22 -27.78
N GLU I 179 23.32 30.39 -27.20
CA GLU I 179 22.03 30.73 -26.64
C GLU I 179 21.01 30.85 -27.76
N GLY I 180 19.78 30.41 -27.48
CA GLY I 180 18.73 30.45 -28.48
C GLY I 180 17.39 30.03 -27.91
N PHE I 181 16.60 29.29 -28.69
CA PHE I 181 15.29 28.85 -28.24
C PHE I 181 15.45 27.69 -27.26
N ASN I 182 14.93 27.86 -26.06
CA ASN I 182 15.02 26.87 -24.98
C ASN I 182 16.47 26.48 -24.67
N CYS I 183 17.40 27.36 -25.02
CA CYS I 183 18.82 27.22 -24.71
C CYS I 183 19.29 28.57 -24.18
N TYR I 184 19.62 28.63 -22.89
CA TYR I 184 19.86 29.90 -22.23
C TYR I 184 21.19 29.88 -21.48
N PHE I 185 21.82 31.05 -21.43
CA PHE I 185 22.96 31.25 -20.57
C PHE I 185 22.51 31.18 -19.11
N PRO I 186 23.25 30.46 -18.26
CA PRO I 186 22.74 30.19 -16.90
C PRO I 186 22.84 31.36 -15.94
N LEU I 187 23.66 32.38 -16.22
CA LEU I 187 23.87 33.49 -15.32
C LEU I 187 23.14 34.72 -15.82
N GLN I 188 22.54 35.46 -14.89
CA GLN I 188 21.85 36.71 -15.18
C GLN I 188 22.31 37.78 -14.21
N SER I 189 22.12 39.03 -14.60
CA SER I 189 22.60 40.17 -13.84
C SER I 189 21.49 40.80 -13.02
N TYR I 190 21.83 41.26 -11.82
CA TYR I 190 20.97 42.17 -11.07
C TYR I 190 21.09 43.57 -11.66
N GLY I 191 19.96 44.25 -11.81
CA GLY I 191 19.97 45.65 -12.15
C GLY I 191 19.86 46.51 -10.91
N PHE I 192 20.99 46.83 -10.30
CA PHE I 192 21.00 47.55 -9.02
C PHE I 192 20.96 49.05 -9.30
N GLN I 193 19.76 49.62 -9.25
CA GLN I 193 19.55 51.04 -9.45
C GLN I 193 19.09 51.65 -8.13
N PRO I 194 19.65 52.79 -7.72
CA PRO I 194 19.38 53.29 -6.36
C PRO I 194 17.90 53.51 -6.06
N THR I 195 17.10 53.87 -7.05
CA THR I 195 15.67 54.12 -6.83
C THR I 195 14.85 52.84 -6.79
N ASN I 196 15.47 51.67 -6.89
CA ASN I 196 14.73 50.43 -6.74
C ASN I 196 14.17 50.30 -5.34
N GLY I 197 13.11 49.50 -5.21
CA GLY I 197 12.55 49.22 -3.90
C GLY I 197 13.54 48.49 -3.01
N VAL I 198 13.25 48.55 -1.71
CA VAL I 198 14.19 48.01 -0.71
C VAL I 198 14.43 46.52 -0.94
N GLY I 199 13.43 45.80 -1.45
CA GLY I 199 13.60 44.40 -1.77
C GLY I 199 14.38 44.11 -3.02
N TYR I 200 14.63 45.12 -3.85
CA TYR I 200 15.46 45.00 -5.03
C TYR I 200 16.80 45.69 -4.89
N GLN I 201 17.06 46.29 -3.73
CA GLN I 201 18.34 46.92 -3.47
C GLN I 201 19.38 45.87 -3.05
N PRO I 202 20.66 46.12 -3.32
CA PRO I 202 21.68 45.13 -3.00
C PRO I 202 21.99 45.08 -1.51
N TYR I 203 22.15 43.86 -1.01
CA TYR I 203 22.57 43.61 0.35
C TYR I 203 23.83 42.78 0.34
N ARG I 204 24.86 43.26 1.05
CA ARG I 204 26.05 42.46 1.28
C ARG I 204 25.81 41.48 2.41
N VAL I 205 26.28 40.25 2.24
CA VAL I 205 26.07 39.19 3.22
C VAL I 205 27.42 38.62 3.63
N VAL I 206 27.54 38.27 4.91
CA VAL I 206 28.67 37.52 5.43
C VAL I 206 28.12 36.35 6.25
N VAL I 207 28.57 35.14 5.92
CA VAL I 207 28.15 33.92 6.61
C VAL I 207 29.36 33.37 7.34
N LEU I 208 29.32 33.42 8.67
CA LEU I 208 30.38 32.85 9.50
C LEU I 208 29.99 31.41 9.83
N SER I 209 30.87 30.46 9.49
CA SER I 209 30.72 29.07 9.88
C SER I 209 31.70 28.78 11.01
N PHE I 210 31.19 28.29 12.13
CA PHE I 210 32.01 27.87 13.26
C PHE I 210 32.09 26.35 13.26
N GLU I 211 33.32 25.83 13.20
CA GLU I 211 33.54 24.40 13.13
C GLU I 211 34.37 23.96 14.33
N LEU I 212 33.90 22.91 15.01
CA LEU I 212 34.61 22.31 16.14
C LEU I 212 34.95 20.88 15.78
N LEU I 213 36.24 20.54 15.86
CA LEU I 213 36.73 19.19 15.62
C LEU I 213 37.64 18.79 16.77
N HIS I 214 37.84 17.49 16.93
CA HIS I 214 38.79 16.99 17.92
C HIS I 214 40.20 17.29 17.43
N ALA I 215 40.56 18.56 17.45
CA ALA I 215 41.79 19.06 16.85
C ALA I 215 42.16 20.36 17.55
N PRO I 216 43.41 20.82 17.40
CA PRO I 216 43.81 22.07 18.08
C PRO I 216 42.97 23.26 17.62
N ALA I 217 42.52 24.05 18.58
CA ALA I 217 41.81 25.28 18.30
C ALA I 217 42.77 26.36 17.83
N THR I 218 42.30 27.18 16.91
CA THR I 218 43.07 28.32 16.40
C THR I 218 42.42 29.66 16.71
N VAL I 219 41.09 29.74 16.69
CA VAL I 219 40.36 30.97 16.91
C VAL I 219 39.55 30.82 18.20
N CYS I 220 39.72 31.78 19.12
CA CYS I 220 39.06 31.76 20.42
C CYS I 220 38.46 33.13 20.71
N GLY I 221 37.57 33.17 21.70
CA GLY I 221 36.98 34.41 22.14
C GLY I 221 37.87 35.13 23.13
N PRO I 222 37.47 36.36 23.47
CA PRO I 222 38.27 37.14 24.43
C PRO I 222 38.38 36.48 25.79
N LYS I 223 37.33 35.81 26.24
CA LYS I 223 37.36 35.08 27.51
C LYS I 223 37.68 33.61 27.27
N GLN J 28 39.69 23.24 -32.83
CA GLN J 28 39.77 23.85 -31.51
C GLN J 28 39.75 25.38 -31.64
N VAL J 29 39.30 26.04 -30.57
CA VAL J 29 39.26 27.50 -30.55
C VAL J 29 40.68 28.03 -30.47
N GLN J 30 40.97 29.06 -31.28
CA GLN J 30 42.27 29.72 -31.26
C GLN J 30 42.07 31.22 -31.11
N LEU J 31 42.92 31.84 -30.27
CA LEU J 31 42.86 33.26 -29.98
C LEU J 31 44.07 33.94 -30.61
N VAL J 32 43.81 34.81 -31.59
CA VAL J 32 44.86 35.53 -32.31
C VAL J 32 44.88 36.97 -31.82
N GLN J 33 46.05 37.45 -31.44
CA GLN J 33 46.21 38.77 -30.85
C GLN J 33 46.88 39.73 -31.83
N SER J 34 46.77 41.01 -31.51
CA SER J 34 47.31 42.06 -32.36
C SER J 34 48.84 42.10 -32.24
N GLY J 35 49.45 42.90 -33.11
CA GLY J 35 50.90 43.01 -33.14
C GLY J 35 51.45 43.90 -32.06
N ALA J 36 52.77 43.92 -31.98
CA ALA J 36 53.46 44.65 -30.92
C ALA J 36 53.16 46.15 -30.99
N GLU J 37 53.17 46.80 -29.83
CA GLU J 37 53.00 48.23 -29.71
C GLU J 37 54.18 48.82 -28.96
N VAL J 38 54.57 50.04 -29.36
CA VAL J 38 55.60 50.82 -28.68
C VAL J 38 55.02 52.19 -28.40
N LYS J 39 54.87 52.53 -27.12
CA LYS J 39 54.10 53.69 -26.72
C LYS J 39 54.90 54.57 -25.77
N LYS J 40 54.58 55.86 -25.80
CA LYS J 40 55.18 56.85 -24.91
C LYS J 40 54.46 56.82 -23.56
N PRO J 41 55.09 57.36 -22.52
CA PRO J 41 54.42 57.44 -21.23
C PRO J 41 53.20 58.34 -21.29
N GLY J 42 52.20 58.00 -20.49
CA GLY J 42 50.95 58.73 -20.49
C GLY J 42 50.03 58.41 -21.66
N SER J 43 50.42 57.50 -22.55
CA SER J 43 49.60 57.12 -23.68
C SER J 43 48.64 55.99 -23.28
N SER J 44 47.89 55.50 -24.27
CA SER J 44 46.98 54.38 -24.08
C SER J 44 47.20 53.36 -25.19
N VAL J 45 47.12 52.08 -24.84
CA VAL J 45 47.22 50.98 -25.80
C VAL J 45 45.86 50.30 -25.88
N LYS J 46 45.49 49.87 -27.08
CA LYS J 46 44.31 49.05 -27.29
C LYS J 46 44.75 47.77 -28.00
N VAL J 47 44.82 46.68 -27.24
CA VAL J 47 45.21 45.37 -27.75
C VAL J 47 43.94 44.60 -28.09
N SER J 48 44.04 43.70 -29.06
CA SER J 48 42.89 42.95 -29.54
C SER J 48 43.15 41.45 -29.44
N CYS J 49 42.07 40.70 -29.25
CA CYS J 49 42.10 39.24 -29.25
C CYS J 49 40.88 38.78 -30.01
N LYS J 50 41.09 37.98 -31.06
CA LYS J 50 40.00 37.48 -31.88
C LYS J 50 39.91 35.97 -31.76
N ALA J 51 38.72 35.46 -31.45
CA ALA J 51 38.48 34.03 -31.38
C ALA J 51 38.36 33.45 -32.79
N SER J 52 38.54 32.14 -32.88
CA SER J 52 38.67 31.46 -34.17
C SER J 52 37.46 31.73 -35.06
N GLY J 53 36.26 31.40 -34.56
CA GLY J 53 35.07 31.57 -35.37
C GLY J 53 33.81 31.61 -34.55
N GLY J 54 32.75 32.08 -35.19
CA GLY J 54 31.43 32.03 -34.58
C GLY J 54 31.33 32.99 -33.42
N THR J 55 30.85 32.46 -32.28
CA THR J 55 30.58 33.26 -31.10
C THR J 55 31.58 32.93 -30.01
N PHE J 56 32.35 33.93 -29.60
CA PHE J 56 33.06 33.91 -28.33
C PHE J 56 32.15 34.29 -27.17
N SER J 57 30.84 34.33 -27.40
CA SER J 57 29.88 34.87 -26.42
C SER J 57 29.80 33.99 -25.18
N SER J 58 29.50 32.71 -25.37
CA SER J 58 29.39 31.80 -24.24
C SER J 58 30.67 31.79 -23.41
N TYR J 59 31.82 31.93 -24.06
CA TYR J 59 33.09 31.92 -23.37
C TYR J 59 33.26 33.20 -22.54
N THR J 60 34.23 33.16 -21.64
CA THR J 60 34.66 34.34 -20.88
C THR J 60 36.10 34.62 -21.24
N ILE J 61 36.37 35.80 -21.79
CA ILE J 61 37.68 36.18 -22.29
C ILE J 61 38.38 37.04 -21.25
N SER J 62 39.57 36.62 -20.84
CA SER J 62 40.33 37.28 -19.80
C SER J 62 41.66 37.79 -20.36
N TRP J 63 42.26 38.73 -19.62
CA TRP J 63 43.53 39.34 -19.98
C TRP J 63 44.51 39.18 -18.84
N VAL J 64 45.63 38.50 -19.12
CA VAL J 64 46.72 38.30 -18.17
C VAL J 64 47.98 38.89 -18.78
N ARG J 65 48.81 39.51 -17.94
CA ARG J 65 50.06 40.12 -18.39
C ARG J 65 51.24 39.50 -17.65
N GLN J 66 52.38 39.46 -18.32
CA GLN J 66 53.63 38.97 -17.75
C GLN J 66 54.63 40.12 -17.81
N ALA J 67 54.74 40.86 -16.71
CA ALA J 67 55.63 42.01 -16.62
C ALA J 67 56.92 41.63 -15.91
N PRO J 68 58.05 42.16 -16.39
CA PRO J 68 59.32 41.91 -15.70
C PRO J 68 59.26 42.37 -14.26
N GLY J 69 59.59 41.46 -13.35
CA GLY J 69 59.61 41.74 -11.93
C GLY J 69 58.25 41.74 -11.25
N GLN J 70 57.17 41.52 -11.99
CA GLN J 70 55.83 41.53 -11.41
C GLN J 70 55.07 40.23 -11.60
N GLY J 71 55.64 39.27 -12.34
CA GLY J 71 55.01 37.97 -12.51
C GLY J 71 53.79 38.01 -13.41
N LEU J 72 53.06 36.90 -13.40
CA LEU J 72 51.79 36.77 -14.09
C LEU J 72 50.69 37.38 -13.21
N GLU J 73 50.12 38.49 -13.63
CA GLU J 73 49.02 39.12 -12.91
C GLU J 73 47.80 39.25 -13.81
N TRP J 74 46.67 38.74 -13.32
CA TRP J 74 45.39 38.87 -14.02
C TRP J 74 44.89 40.30 -13.94
N MET J 75 44.41 40.81 -15.07
CA MET J 75 43.96 42.19 -15.20
C MET J 75 42.45 42.33 -15.20
N GLY J 76 41.75 41.48 -15.94
CA GLY J 76 40.32 41.58 -16.03
C GLY J 76 39.78 40.65 -17.09
N GLY J 77 38.46 40.72 -17.28
CA GLY J 77 37.80 39.87 -18.25
C GLY J 77 36.42 40.38 -18.57
N ILE J 78 35.75 39.67 -19.47
CA ILE J 78 34.42 40.04 -19.94
C ILE J 78 33.66 38.78 -20.32
N ILE J 79 32.37 38.77 -20.04
CA ILE J 79 31.47 37.75 -20.55
C ILE J 79 30.66 38.40 -21.67
N PRO J 80 31.07 38.22 -22.94
CA PRO J 80 30.49 39.03 -24.02
C PRO J 80 28.97 38.93 -24.14
N ILE J 81 28.39 37.76 -23.88
CA ILE J 81 26.93 37.61 -24.03
C ILE J 81 26.19 38.53 -23.06
N LEU J 82 26.71 38.68 -21.85
CA LEU J 82 26.10 39.56 -20.87
C LEU J 82 26.67 40.98 -20.88
N GLY J 83 27.81 41.19 -21.54
CA GLY J 83 28.47 42.47 -21.52
C GLY J 83 29.06 42.85 -20.17
N THR J 84 29.15 41.92 -19.23
CA THR J 84 29.65 42.21 -17.90
C THR J 84 31.18 42.12 -17.87
N THR J 85 31.79 43.01 -17.11
CA THR J 85 33.24 43.08 -16.98
C THR J 85 33.64 42.97 -15.52
N ASN J 86 34.75 42.28 -15.29
CA ASN J 86 35.38 42.20 -13.98
C ASN J 86 36.82 42.66 -14.13
N TYR J 87 37.25 43.60 -13.27
CA TYR J 87 38.60 44.13 -13.32
C TYR J 87 39.31 43.91 -11.99
N ALA J 88 40.64 43.87 -12.04
CA ALA J 88 41.44 43.72 -10.83
C ALA J 88 41.63 45.08 -10.15
N GLN J 89 41.95 45.02 -8.86
CA GLN J 89 42.13 46.25 -8.09
C GLN J 89 43.35 47.04 -8.55
N LYS J 90 44.41 46.34 -8.97
CA LYS J 90 45.61 47.02 -9.40
C LYS J 90 45.39 47.84 -10.67
N PHE J 91 44.47 47.38 -11.54
CA PHE J 91 44.30 47.99 -12.84
C PHE J 91 42.98 48.73 -13.03
N GLN J 92 42.07 48.67 -12.06
CA GLN J 92 40.83 49.42 -12.17
C GLN J 92 41.12 50.92 -12.19
N GLY J 93 40.32 51.65 -12.95
CA GLY J 93 40.59 53.04 -13.27
C GLY J 93 41.56 53.25 -14.42
N ARG J 94 42.25 52.20 -14.86
CA ARG J 94 43.21 52.28 -15.95
C ARG J 94 42.90 51.39 -17.13
N VAL J 95 42.01 50.41 -16.99
CA VAL J 95 41.76 49.43 -18.04
C VAL J 95 40.26 49.32 -18.30
N THR J 96 39.90 49.27 -19.58
CA THR J 96 38.54 49.01 -20.03
C THR J 96 38.57 47.87 -21.04
N ILE J 97 37.68 46.90 -20.87
CA ILE J 97 37.62 45.72 -21.73
C ILE J 97 36.26 45.69 -22.41
N THR J 98 36.26 45.45 -23.72
CA THR J 98 35.06 45.45 -24.54
C THR J 98 35.07 44.23 -25.45
N ALA J 99 33.91 43.96 -26.06
CA ALA J 99 33.73 42.77 -26.89
C ALA J 99 32.91 43.14 -28.11
N ASP J 100 33.29 42.58 -29.25
CA ASP J 100 32.58 42.76 -30.52
C ASP J 100 32.14 41.38 -31.00
N GLU J 101 30.86 41.06 -30.78
CA GLU J 101 30.35 39.75 -31.13
C GLU J 101 30.22 39.56 -32.63
N SER J 102 30.15 40.65 -33.40
CA SER J 102 30.13 40.55 -34.86
C SER J 102 31.42 39.93 -35.38
N THR J 103 32.56 40.34 -34.83
CA THR J 103 33.87 39.89 -35.26
C THR J 103 34.49 38.86 -34.33
N SER J 104 33.83 38.53 -33.22
CA SER J 104 34.37 37.60 -32.23
C SER J 104 35.71 38.10 -31.70
N THR J 105 35.76 39.40 -31.39
CA THR J 105 37.01 40.07 -31.04
C THR J 105 36.84 40.80 -29.71
N ALA J 106 37.79 40.58 -28.80
CA ALA J 106 37.85 41.28 -27.53
C ALA J 106 38.95 42.34 -27.58
N TYR J 107 38.76 43.39 -26.78
CA TYR J 107 39.68 44.51 -26.74
C TYR J 107 39.99 44.88 -25.30
N MET J 108 41.23 45.33 -25.07
CA MET J 108 41.69 45.77 -23.76
C MET J 108 42.48 47.05 -23.93
N GLU J 109 42.12 48.08 -23.16
CA GLU J 109 42.73 49.39 -23.27
C GLU J 109 43.30 49.80 -21.93
N LEU J 110 44.63 49.93 -21.87
CA LEU J 110 45.32 50.40 -20.67
C LEU J 110 45.80 51.82 -20.91
N SER J 111 45.49 52.72 -19.98
CA SER J 111 45.75 54.14 -20.12
C SER J 111 46.80 54.60 -19.12
N SER J 112 47.34 55.80 -19.37
CA SER J 112 48.35 56.41 -18.51
C SER J 112 49.54 55.47 -18.31
N LEU J 113 50.10 55.01 -19.41
CA LEU J 113 51.16 54.00 -19.36
C LEU J 113 52.41 54.52 -18.66
N ARG J 114 53.12 53.60 -18.02
CA ARG J 114 54.41 53.85 -17.43
C ARG J 114 55.36 52.73 -17.85
N SER J 115 56.66 52.96 -17.62
CA SER J 115 57.65 51.94 -17.94
C SER J 115 57.37 50.63 -17.21
N GLU J 116 56.70 50.71 -16.05
CA GLU J 116 56.30 49.54 -15.29
C GLU J 116 55.22 48.73 -15.99
N ASP J 117 54.62 49.26 -17.06
CA ASP J 117 53.60 48.56 -17.83
C ASP J 117 54.17 47.80 -19.02
N THR J 118 55.47 47.83 -19.23
CA THR J 118 56.10 47.05 -20.30
C THR J 118 55.98 45.57 -19.96
N ALA J 119 55.34 44.80 -20.83
CA ALA J 119 55.01 43.42 -20.52
C ALA J 119 54.50 42.72 -21.76
N VAL J 120 54.44 41.39 -21.69
CA VAL J 120 53.63 40.60 -22.60
C VAL J 120 52.20 40.62 -22.08
N TYR J 121 51.24 40.89 -22.96
CA TYR J 121 49.83 40.96 -22.60
C TYR J 121 49.10 39.79 -23.26
N TYR J 122 48.76 38.80 -22.45
CA TYR J 122 48.11 37.59 -22.95
C TYR J 122 46.60 37.73 -22.94
N CYS J 123 45.97 37.00 -23.85
CA CYS J 123 44.52 36.83 -23.90
C CYS J 123 44.22 35.38 -23.57
N ALA J 124 43.25 35.16 -22.69
CA ALA J 124 42.97 33.81 -22.20
C ALA J 124 41.49 33.63 -21.98
N ARG J 125 41.00 32.43 -22.29
CA ARG J 125 39.64 32.07 -21.95
C ARG J 125 39.59 31.56 -20.51
N LYS J 126 38.72 32.18 -19.71
CA LYS J 126 38.46 31.72 -18.35
C LYS J 126 37.47 30.56 -18.40
N PHE J 127 37.76 29.51 -17.64
CA PHE J 127 36.91 28.33 -17.58
C PHE J 127 36.60 27.98 -16.14
N GLY J 128 35.41 27.40 -15.93
CA GLY J 128 34.91 27.15 -14.60
C GLY J 128 34.24 25.81 -14.49
N TYR J 129 33.89 25.46 -13.25
CA TYR J 129 33.33 24.16 -12.91
C TYR J 129 32.59 24.30 -11.58
N SER J 130 32.10 23.17 -11.07
CA SER J 130 31.37 23.14 -9.81
C SER J 130 32.13 22.27 -8.82
N GLY J 131 32.34 22.79 -7.61
CA GLY J 131 33.07 22.06 -6.59
C GLY J 131 33.07 22.83 -5.29
N TYR J 132 33.76 22.24 -4.30
CA TYR J 132 33.86 22.87 -2.98
C TYR J 132 34.84 24.02 -2.93
N GLY J 133 35.82 24.05 -3.84
CA GLY J 133 36.77 25.14 -3.90
C GLY J 133 36.95 25.63 -5.32
N ALA J 134 35.87 25.58 -6.09
CA ALA J 134 35.94 25.89 -7.52
C ALA J 134 36.36 27.34 -7.74
N THR J 135 37.47 27.52 -8.46
CA THR J 135 37.86 28.82 -8.95
C THR J 135 38.40 28.67 -10.37
N TRP J 136 38.30 29.75 -11.14
CA TRP J 136 38.55 29.70 -12.57
C TRP J 136 39.99 29.30 -12.86
N TYR J 137 40.17 28.59 -13.98
CA TYR J 137 41.47 28.37 -14.58
C TYR J 137 41.45 28.90 -16.01
N PHE J 138 42.63 29.02 -16.60
CA PHE J 138 42.81 29.64 -17.91
C PHE J 138 43.29 28.54 -18.86
N ASP J 139 42.36 28.04 -19.70
CA ASP J 139 42.59 26.82 -20.47
C ASP J 139 43.17 27.09 -21.85
N LEU J 140 42.85 28.22 -22.47
CA LEU J 140 43.41 28.61 -23.76
C LEU J 140 44.11 29.95 -23.60
N TRP J 141 45.30 30.06 -24.21
CA TRP J 141 46.12 31.26 -24.10
C TRP J 141 46.50 31.76 -25.48
N GLY J 142 46.24 33.03 -25.74
CA GLY J 142 46.83 33.68 -26.89
C GLY J 142 48.33 33.78 -26.74
N ARG J 143 49.03 33.81 -27.88
CA ARG J 143 50.50 33.81 -27.84
C ARG J 143 51.04 35.01 -27.09
N GLY J 144 50.41 36.17 -27.24
CA GLY J 144 50.82 37.34 -26.50
C GLY J 144 50.87 38.61 -27.33
N THR J 145 51.12 39.73 -26.68
CA THR J 145 51.28 41.01 -27.37
C THR J 145 52.28 41.83 -26.58
N LEU J 146 53.46 42.07 -27.17
CA LEU J 146 54.49 42.84 -26.51
C LEU J 146 54.16 44.33 -26.58
N VAL J 147 54.01 44.94 -25.40
CA VAL J 147 53.80 46.39 -25.28
C VAL J 147 55.02 46.94 -24.57
N THR J 148 55.79 47.77 -25.28
CA THR J 148 56.95 48.44 -24.71
C THR J 148 56.62 49.91 -24.48
N VAL J 149 56.88 50.40 -23.29
CA VAL J 149 56.69 51.81 -22.94
C VAL J 149 58.08 52.46 -22.97
N SER J 150 58.29 53.33 -23.95
CA SER J 150 59.63 53.85 -24.23
C SER J 150 60.24 54.54 -23.01
N SER J 151 59.51 55.50 -22.43
CA SER J 151 59.88 56.29 -21.26
C SER J 151 60.95 57.34 -21.58
N GLY J 152 61.35 57.49 -22.84
CA GLY J 152 62.32 58.50 -23.21
C GLY J 152 63.70 58.29 -22.63
N GLY J 165 51.07 44.56 -7.21
CA GLY J 165 52.43 44.70 -6.76
C GLY J 165 53.40 43.75 -7.45
N SER J 166 54.59 43.62 -6.88
CA SER J 166 55.64 42.76 -7.43
C SER J 166 55.76 41.43 -6.68
N GLN J 167 55.62 41.44 -5.35
CA GLN J 167 55.70 40.21 -4.57
C GLN J 167 54.43 39.38 -4.76
N SER J 168 54.62 38.08 -4.95
CA SER J 168 53.54 37.20 -5.35
C SER J 168 52.73 36.71 -4.15
N VAL J 169 51.46 36.39 -4.40
CA VAL J 169 50.56 35.97 -3.33
C VAL J 169 50.78 34.50 -2.98
N LEU J 170 51.16 33.68 -3.95
CA LEU J 170 51.53 32.28 -3.74
C LEU J 170 53.03 32.14 -3.93
N THR J 171 53.69 31.49 -2.98
CA THR J 171 55.15 31.42 -2.95
C THR J 171 55.64 30.07 -3.42
N GLN J 172 56.55 30.07 -4.39
CA GLN J 172 57.20 28.88 -4.91
C GLN J 172 58.72 29.01 -4.77
N PRO J 173 59.43 27.90 -4.76
CA PRO J 173 60.89 27.96 -4.88
C PRO J 173 61.29 28.54 -6.22
N PRO J 174 62.29 29.41 -6.25
CA PRO J 174 62.72 29.99 -7.54
C PRO J 174 63.28 28.95 -8.50
N SER J 175 63.85 27.86 -8.00
CA SER J 175 64.56 26.91 -8.83
C SER J 175 64.53 25.54 -8.18
N VAL J 176 64.29 24.51 -9.00
CA VAL J 176 64.26 23.12 -8.54
C VAL J 176 65.02 22.28 -9.57
N SER J 177 65.84 21.35 -9.08
CA SER J 177 66.64 20.49 -9.93
C SER J 177 66.26 19.03 -9.73
N GLY J 178 66.35 18.27 -10.82
CA GLY J 178 66.02 16.86 -10.77
C GLY J 178 66.93 16.06 -11.69
N ALA J 179 67.04 14.78 -11.38
CA ALA J 179 67.79 13.86 -12.22
C ALA J 179 66.85 13.14 -13.18
N PRO J 180 67.35 12.80 -14.37
CA PRO J 180 66.49 12.12 -15.34
C PRO J 180 65.90 10.83 -14.79
N GLY J 181 64.65 10.55 -15.18
CA GLY J 181 63.96 9.36 -14.76
C GLY J 181 63.52 9.32 -13.32
N GLN J 182 63.58 10.45 -12.62
CA GLN J 182 63.31 10.51 -11.19
C GLN J 182 62.07 11.35 -10.91
N ARG J 183 61.64 11.32 -9.66
CA ARG J 183 60.49 12.07 -9.20
C ARG J 183 60.93 13.36 -8.53
N VAL J 184 60.27 14.46 -8.89
CA VAL J 184 60.58 15.78 -8.34
C VAL J 184 59.27 16.48 -8.03
N THR J 185 59.29 17.34 -7.01
CA THR J 185 58.11 18.07 -6.59
C THR J 185 58.39 19.56 -6.54
N ILE J 186 57.39 20.35 -6.93
CA ILE J 186 57.41 21.80 -6.83
C ILE J 186 56.27 22.21 -5.91
N SER J 187 56.55 23.15 -5.00
CA SER J 187 55.59 23.55 -3.98
C SER J 187 54.98 24.90 -4.29
N CYS J 188 53.79 25.10 -3.74
CA CYS J 188 53.05 26.36 -3.87
C CYS J 188 52.40 26.61 -2.52
N THR J 189 52.85 27.65 -1.81
CA THR J 189 52.44 27.90 -0.44
C THR J 189 51.62 29.20 -0.40
N GLY J 190 50.30 29.03 -0.26
CA GLY J 190 49.42 30.17 -0.12
C GLY J 190 49.14 30.51 1.33
N ASN J 191 48.32 31.53 1.53
CA ASN J 191 47.90 31.97 2.85
C ASN J 191 46.45 31.54 3.10
N SER J 192 45.89 32.01 4.20
CA SER J 192 44.53 31.63 4.56
C SER J 192 43.49 32.25 3.64
N SER J 193 43.86 33.26 2.86
CA SER J 193 42.92 33.94 1.96
C SER J 193 42.79 33.25 0.60
N ASN J 194 43.62 32.26 0.29
CA ASN J 194 43.49 31.55 -0.96
C ASN J 194 43.44 30.03 -0.75
N ILE J 195 44.60 29.37 -0.79
CA ILE J 195 44.63 27.91 -0.65
C ILE J 195 44.11 27.50 0.72
N GLY J 196 44.43 28.26 1.76
CA GLY J 196 43.93 27.94 3.09
C GLY J 196 42.42 27.98 3.18
N ALA J 197 41.79 28.83 2.37
CA ALA J 197 40.33 28.90 2.35
C ALA J 197 39.70 27.71 1.62
N GLY J 198 40.49 26.91 0.92
CA GLY J 198 39.97 25.76 0.19
C GLY J 198 39.94 25.94 -1.31
N TYR J 199 40.27 27.12 -1.84
CA TYR J 199 40.28 27.34 -3.28
C TYR J 199 41.23 26.36 -3.96
N ASP J 200 40.80 25.88 -5.13
CA ASP J 200 41.60 24.91 -5.88
C ASP J 200 42.83 25.59 -6.50
N VAL J 201 43.79 24.77 -6.90
CA VAL J 201 45.09 25.24 -7.37
C VAL J 201 45.38 24.64 -8.75
N HIS J 202 45.66 25.50 -9.71
CA HIS J 202 45.94 25.09 -11.08
C HIS J 202 47.38 25.42 -11.44
N TRP J 203 47.96 24.60 -12.32
CA TRP J 203 49.36 24.71 -12.71
C TRP J 203 49.48 25.06 -14.19
N TYR J 204 50.56 25.78 -14.51
CA TYR J 204 50.81 26.22 -15.87
C TYR J 204 52.28 25.99 -16.23
N GLN J 205 52.49 25.48 -17.44
CA GLN J 205 53.82 25.21 -17.97
C GLN J 205 54.17 26.26 -19.01
N GLN J 206 55.33 26.90 -18.86
CA GLN J 206 55.79 27.94 -19.77
C GLN J 206 57.19 27.60 -20.25
N PHE J 207 57.28 27.20 -21.52
CA PHE J 207 58.59 27.03 -22.15
C PHE J 207 59.14 28.39 -22.58
N PRO J 208 60.46 28.52 -22.69
CA PRO J 208 61.03 29.81 -23.11
C PRO J 208 60.52 30.23 -24.47
N GLY J 209 60.13 31.49 -24.58
CA GLY J 209 59.64 32.06 -25.81
C GLY J 209 58.16 31.85 -26.08
N THR J 210 57.45 31.11 -25.23
CA THR J 210 56.07 30.75 -25.47
C THR J 210 55.16 31.32 -24.39
N ALA J 211 53.86 31.15 -24.61
CA ALA J 211 52.85 31.49 -23.62
C ALA J 211 52.65 30.33 -22.66
N PRO J 212 52.13 30.61 -21.46
CA PRO J 212 51.82 29.52 -20.52
C PRO J 212 50.74 28.60 -21.09
N LYS J 213 50.83 27.33 -20.71
CA LYS J 213 49.89 26.31 -21.15
C LYS J 213 49.35 25.57 -19.93
N LEU J 214 48.04 25.32 -19.93
CA LEU J 214 47.44 24.62 -18.80
C LEU J 214 48.04 23.22 -18.67
N LEU J 215 48.55 22.92 -17.48
CA LEU J 215 49.15 21.64 -17.17
C LEU J 215 48.35 20.81 -16.19
N ILE J 216 47.81 21.44 -15.14
CA ILE J 216 46.95 20.78 -14.17
C ILE J 216 45.80 21.73 -13.86
N TYR J 217 44.58 21.23 -13.92
CA TYR J 217 43.40 21.96 -13.47
C TYR J 217 42.69 21.14 -12.41
N GLY J 218 41.70 21.76 -11.78
CA GLY J 218 41.24 21.24 -10.50
C GLY J 218 42.39 21.36 -9.53
N ASN J 219 42.71 20.29 -8.82
CA ASN J 219 43.99 20.17 -8.14
C ASN J 219 44.82 19.00 -8.61
N SER J 220 44.19 17.98 -9.21
CA SER J 220 44.87 16.78 -9.66
C SER J 220 44.55 16.41 -11.10
N ASN J 221 43.64 17.10 -11.76
CA ASN J 221 43.17 16.71 -13.07
C ASN J 221 44.09 17.26 -14.17
N ARG J 222 44.20 16.49 -15.25
CA ARG J 222 45.11 16.80 -16.34
C ARG J 222 44.32 17.04 -17.62
N PRO J 223 44.63 18.10 -18.36
CA PRO J 223 44.05 18.26 -19.70
C PRO J 223 44.56 17.19 -20.65
N SER J 224 43.87 17.06 -21.77
CA SER J 224 44.34 16.16 -22.81
C SER J 224 45.70 16.61 -23.32
N GLY J 225 46.60 15.65 -23.52
CA GLY J 225 47.93 15.95 -24.01
C GLY J 225 48.98 16.17 -22.94
N VAL J 226 48.63 16.02 -21.68
CA VAL J 226 49.59 16.09 -20.58
C VAL J 226 49.82 14.66 -20.08
N PRO J 227 51.06 14.16 -20.09
CA PRO J 227 51.30 12.78 -19.67
C PRO J 227 50.89 12.55 -18.23
N ASP J 228 50.61 11.28 -17.91
CA ASP J 228 50.22 10.93 -16.56
C ASP J 228 51.41 10.80 -15.61
N ARG J 229 52.60 11.23 -16.04
CA ARG J 229 53.72 11.39 -15.12
C ARG J 229 53.72 12.76 -14.44
N PHE J 230 52.75 13.60 -14.78
CA PHE J 230 52.46 14.82 -14.03
C PHE J 230 51.29 14.55 -13.08
N SER J 231 51.37 15.09 -11.87
CA SER J 231 50.30 14.95 -10.90
C SER J 231 50.29 16.16 -9.98
N GLY J 232 49.18 16.32 -9.25
CA GLY J 232 49.01 17.46 -8.38
C GLY J 232 48.25 17.10 -7.13
N SER J 233 48.43 17.93 -6.09
CA SER J 233 47.78 17.71 -4.81
C SER J 233 47.67 19.04 -4.08
N LYS J 234 46.79 19.07 -3.07
CA LYS J 234 46.58 20.24 -2.24
C LYS J 234 46.28 19.78 -0.82
N SER J 235 46.91 20.45 0.16
CA SER J 235 46.68 20.14 1.56
C SER J 235 46.96 21.40 2.38
N GLY J 236 45.94 21.86 3.09
CA GLY J 236 46.12 23.02 3.95
C GLY J 236 46.32 24.28 3.13
N THR J 237 47.41 24.99 3.42
CA THR J 237 47.77 26.23 2.74
C THR J 237 48.72 25.99 1.57
N SER J 238 48.98 24.74 1.19
CA SER J 238 50.00 24.43 0.21
C SER J 238 49.49 23.44 -0.82
N ALA J 239 50.16 23.44 -1.97
CA ALA J 239 49.88 22.52 -3.07
C ALA J 239 51.21 22.00 -3.61
N SER J 240 51.14 20.94 -4.40
CA SER J 240 52.34 20.27 -4.87
C SER J 240 52.14 19.72 -6.27
N LEU J 241 53.02 20.12 -7.19
CA LEU J 241 53.10 19.51 -8.51
C LEU J 241 54.20 18.47 -8.49
N ALA J 242 53.92 17.29 -9.07
CA ALA J 242 54.83 16.16 -9.00
C ALA J 242 55.04 15.57 -10.38
N ILE J 243 56.28 15.56 -10.83
CA ILE J 243 56.68 14.92 -12.08
C ILE J 243 57.52 13.70 -11.73
N THR J 244 57.09 12.53 -12.21
CA THR J 244 57.87 11.31 -12.11
C THR J 244 58.46 10.97 -13.47
N GLY J 245 59.48 10.12 -13.47
CA GLY J 245 60.17 9.75 -14.69
C GLY J 245 60.63 10.98 -15.45
N LEU J 246 61.39 11.85 -14.77
CA LEU J 246 61.73 13.15 -15.31
C LEU J 246 62.45 13.02 -16.66
N GLN J 247 62.07 13.88 -17.59
CA GLN J 247 62.68 13.92 -18.91
C GLN J 247 63.16 15.35 -19.18
N ALA J 248 64.11 15.46 -20.12
CA ALA J 248 64.70 16.77 -20.43
C ALA J 248 63.65 17.75 -20.94
N GLU J 249 62.67 17.26 -21.69
CA GLU J 249 61.64 18.14 -22.25
C GLU J 249 60.72 18.72 -21.18
N ASP J 250 60.86 18.33 -19.92
CA ASP J 250 60.12 18.92 -18.81
C ASP J 250 60.82 20.15 -18.24
N GLU J 251 61.94 20.56 -18.83
CA GLU J 251 62.62 21.79 -18.44
C GLU J 251 61.76 22.98 -18.84
N ALA J 252 61.13 23.63 -17.87
CA ALA J 252 60.28 24.78 -18.14
C ALA J 252 60.14 25.59 -16.86
N ASP J 253 59.40 26.70 -16.97
CA ASP J 253 58.97 27.47 -15.81
C ASP J 253 57.55 27.04 -15.45
N TYR J 254 57.35 26.69 -14.19
CA TYR J 254 56.07 26.17 -13.71
C TYR J 254 55.45 27.15 -12.73
N TYR J 255 54.21 27.54 -13.00
CA TYR J 255 53.47 28.50 -12.19
C TYR J 255 52.22 27.83 -11.63
N CYS J 256 51.85 28.24 -10.42
CA CYS J 256 50.59 27.82 -9.81
C CYS J 256 49.63 28.99 -9.78
N GLN J 257 48.34 28.66 -9.63
CA GLN J 257 47.29 29.67 -9.67
C GLN J 257 46.21 29.30 -8.66
N SER J 258 45.64 30.33 -8.04
CA SER J 258 44.55 30.16 -7.08
C SER J 258 43.74 31.45 -7.06
N TYR J 259 42.80 31.53 -6.11
CA TYR J 259 41.94 32.69 -5.95
C TYR J 259 42.10 33.23 -4.54
N ASP J 260 42.40 34.52 -4.43
CA ASP J 260 42.56 35.20 -3.16
C ASP J 260 41.31 36.05 -2.90
N SER J 261 40.56 35.70 -1.85
CA SER J 261 39.35 36.43 -1.51
C SER J 261 39.67 37.81 -0.92
N SER J 262 40.89 38.00 -0.40
CA SER J 262 41.29 39.32 0.09
C SER J 262 41.43 40.31 -1.06
N LEU J 263 41.90 39.84 -2.22
CA LEU J 263 42.00 40.66 -3.41
C LEU J 263 40.82 40.51 -4.36
N SER J 264 39.97 39.50 -4.14
CA SER J 264 38.84 39.20 -5.02
C SER J 264 39.29 39.05 -6.47
N GLY J 265 40.26 38.18 -6.67
CA GLY J 265 40.80 37.95 -8.00
C GLY J 265 41.72 36.75 -8.03
N SER J 266 41.89 36.21 -9.23
CA SER J 266 42.82 35.10 -9.43
C SER J 266 44.25 35.57 -9.24
N VAL J 267 45.08 34.71 -8.66
CA VAL J 267 46.45 35.04 -8.32
C VAL J 267 47.38 33.93 -8.79
N PHE J 268 48.58 34.33 -9.21
CA PHE J 268 49.59 33.41 -9.68
C PHE J 268 50.76 33.34 -8.70
N GLY J 269 51.53 32.28 -8.82
CA GLY J 269 52.74 32.15 -8.04
C GLY J 269 53.91 32.86 -8.69
N GLY J 270 55.03 32.88 -7.97
CA GLY J 270 56.26 33.48 -8.48
C GLY J 270 56.88 32.73 -9.64
N GLY J 271 56.62 31.43 -9.74
CA GLY J 271 57.19 30.65 -10.81
C GLY J 271 58.44 29.89 -10.42
N THR J 272 58.57 28.65 -10.88
CA THR J 272 59.70 27.80 -10.55
C THR J 272 60.34 27.29 -11.83
N LYS J 273 61.65 27.45 -11.95
CA LYS J 273 62.41 26.93 -13.09
C LYS J 273 62.89 25.53 -12.77
N LEU J 274 62.44 24.55 -13.56
CA LEU J 274 62.82 23.16 -13.35
C LEU J 274 64.03 22.84 -14.23
N THR J 275 65.17 22.61 -13.58
CA THR J 275 66.40 22.21 -14.26
C THR J 275 66.53 20.69 -14.18
N VAL J 276 66.63 20.05 -15.35
CA VAL J 276 66.89 18.62 -15.43
C VAL J 276 68.38 18.45 -15.70
N LEU J 277 69.05 17.72 -14.81
CA LEU J 277 70.49 17.51 -14.93
C LEU J 277 70.81 16.62 -16.12
N ASN K 29 -19.01 4.62 63.64
CA ASN K 29 -20.40 4.82 64.07
C ASN K 29 -21.35 4.00 63.20
N LEU K 30 -22.55 4.54 62.94
CA LEU K 30 -23.51 3.82 62.14
C LEU K 30 -23.16 3.91 60.65
N CYS K 31 -23.49 2.85 59.93
CA CYS K 31 -23.19 2.81 58.51
C CYS K 31 -24.11 3.76 57.75
N PRO K 32 -23.59 4.42 56.68
CA PRO K 32 -24.39 5.35 55.87
C PRO K 32 -25.33 4.64 54.91
N PHE K 33 -26.05 3.63 55.43
CA PHE K 33 -27.01 2.90 54.63
C PHE K 33 -28.17 3.77 54.18
N GLY K 34 -28.50 4.82 54.95
CA GLY K 34 -29.58 5.70 54.55
C GLY K 34 -29.28 6.47 53.28
N GLU K 35 -28.00 6.72 52.99
CA GLU K 35 -27.64 7.48 51.80
C GLU K 35 -27.99 6.72 50.53
N VAL K 36 -27.74 5.42 50.50
CA VAL K 36 -28.04 4.63 49.30
C VAL K 36 -29.55 4.53 49.11
N PHE K 37 -30.31 4.34 50.20
CA PHE K 37 -31.71 3.96 50.08
C PHE K 37 -32.61 5.17 49.86
N ASN K 38 -32.36 6.28 50.54
CA ASN K 38 -33.18 7.47 50.41
C ASN K 38 -32.67 8.43 49.35
N ALA K 39 -31.68 8.03 48.55
CA ALA K 39 -31.11 8.91 47.55
C ALA K 39 -32.16 9.38 46.55
N THR K 40 -32.19 10.69 46.31
CA THR K 40 -33.07 11.25 45.29
C THR K 40 -32.74 10.67 43.92
N ARG K 41 -31.45 10.58 43.61
CA ARG K 41 -30.98 10.14 42.30
C ARG K 41 -30.56 8.67 42.38
N PHE K 42 -31.19 7.84 41.56
CA PHE K 42 -30.70 6.49 41.29
C PHE K 42 -30.17 6.45 39.87
N ALA K 43 -29.19 5.59 39.65
CA ALA K 43 -28.50 5.52 38.37
C ALA K 43 -29.22 4.58 37.41
N SER K 44 -28.86 4.69 36.13
CA SER K 44 -29.27 3.69 35.16
C SER K 44 -28.46 2.43 35.38
N VAL K 45 -29.10 1.28 35.11
CA VAL K 45 -28.49 0.00 35.44
C VAL K 45 -27.22 -0.23 34.65
N TYR K 46 -27.12 0.35 33.44
CA TYR K 46 -25.90 0.19 32.66
C TYR K 46 -24.73 0.96 33.28
N ALA K 47 -25.02 2.04 34.00
CA ALA K 47 -23.99 2.78 34.72
C ALA K 47 -24.27 2.73 36.21
N TRP K 48 -24.41 1.53 36.76
CA TRP K 48 -24.82 1.35 38.14
C TRP K 48 -23.84 2.00 39.10
N ASN K 49 -24.37 2.49 40.22
CA ASN K 49 -23.58 3.20 41.22
C ASN K 49 -23.10 2.24 42.29
N ARG K 50 -21.90 2.49 42.81
CA ARG K 50 -21.32 1.70 43.89
C ARG K 50 -20.87 2.62 45.01
N LYS K 51 -21.07 2.17 46.24
CA LYS K 51 -20.54 2.82 47.44
C LYS K 51 -19.89 1.77 48.31
N ARG K 52 -18.70 2.08 48.82
CA ARG K 52 -18.07 1.21 49.81
C ARG K 52 -18.56 1.58 51.19
N ILE K 53 -18.97 0.56 51.94
CA ILE K 53 -19.37 0.71 53.33
C ILE K 53 -18.23 0.20 54.19
N SER K 54 -17.76 1.04 55.12
CA SER K 54 -16.55 0.73 55.84
C SER K 54 -16.50 1.48 57.16
N ASN K 55 -15.83 0.88 58.13
CA ASN K 55 -15.54 1.52 59.43
C ASN K 55 -16.82 1.96 60.13
N CYS K 56 -17.80 1.05 60.19
CA CYS K 56 -19.09 1.41 60.72
C CYS K 56 -19.79 0.18 61.28
N VAL K 57 -20.72 0.43 62.20
CA VAL K 57 -21.57 -0.61 62.78
C VAL K 57 -22.89 -0.61 62.03
N ALA K 58 -23.28 -1.78 61.52
CA ALA K 58 -24.40 -1.90 60.59
C ALA K 58 -25.61 -2.46 61.33
N ASP K 59 -26.66 -1.65 61.43
CA ASP K 59 -27.94 -2.10 61.98
C ASP K 59 -28.84 -2.54 60.82
N TYR K 60 -28.65 -3.80 60.40
CA TYR K 60 -29.53 -4.38 59.39
C TYR K 60 -30.95 -4.57 59.90
N SER K 61 -31.19 -4.31 61.19
CA SER K 61 -32.53 -4.38 61.74
C SER K 61 -33.42 -3.30 61.13
N VAL K 62 -33.01 -2.04 61.27
CA VAL K 62 -33.78 -0.91 60.73
C VAL K 62 -34.07 -1.09 59.26
N LEU K 63 -33.15 -1.70 58.51
CA LEU K 63 -33.35 -1.91 57.08
C LEU K 63 -34.44 -2.95 56.83
N TYR K 64 -34.43 -4.05 57.57
CA TYR K 64 -35.48 -5.06 57.46
C TYR K 64 -36.78 -4.62 58.10
N ASN K 65 -36.74 -3.62 58.99
CA ASN K 65 -37.95 -3.16 59.66
C ASN K 65 -38.73 -2.17 58.79
N SER K 66 -38.05 -1.21 58.16
CA SER K 66 -38.65 -0.48 57.06
C SER K 66 -38.91 -1.46 55.92
N ALA K 67 -40.18 -1.56 55.50
CA ALA K 67 -40.61 -2.73 54.74
C ALA K 67 -41.42 -2.33 53.50
N SER K 68 -40.94 -1.34 52.76
CA SER K 68 -41.47 -1.12 51.42
C SER K 68 -40.85 -2.06 50.39
N PHE K 69 -40.07 -3.04 50.86
CA PHE K 69 -39.23 -3.86 50.00
C PHE K 69 -40.02 -5.07 49.51
N SER K 70 -40.25 -5.13 48.20
CA SER K 70 -40.87 -6.32 47.61
C SER K 70 -39.95 -7.53 47.73
N THR K 71 -38.66 -7.34 47.44
CA THR K 71 -37.68 -8.42 47.47
C THR K 71 -36.59 -8.08 48.49
N PHE K 72 -36.34 -9.03 49.41
CA PHE K 72 -35.26 -8.94 50.39
C PHE K 72 -34.61 -10.32 50.47
N LYS K 73 -33.98 -10.71 49.37
CA LYS K 73 -33.38 -12.03 49.24
C LYS K 73 -31.89 -11.95 49.55
N CYS K 74 -31.45 -12.82 50.46
CA CYS K 74 -30.04 -12.91 50.83
C CYS K 74 -29.47 -14.25 50.37
N TYR K 75 -28.23 -14.21 49.89
CA TYR K 75 -27.54 -15.39 49.38
C TYR K 75 -26.23 -15.57 50.13
N GLY K 76 -25.93 -16.80 50.57
CA GLY K 76 -24.72 -17.11 51.30
C GLY K 76 -24.81 -16.84 52.79
N VAL K 77 -25.61 -15.86 53.21
CA VAL K 77 -25.81 -15.54 54.61
C VAL K 77 -27.32 -15.44 54.86
N SER K 78 -27.73 -15.79 56.07
CA SER K 78 -29.11 -15.69 56.55
C SER K 78 -29.31 -14.35 57.26
N PRO K 79 -30.42 -13.67 56.96
CA PRO K 79 -30.65 -12.32 57.52
C PRO K 79 -30.53 -12.23 59.03
N THR K 80 -30.87 -13.29 59.78
CA THR K 80 -30.76 -13.21 61.23
C THR K 80 -29.31 -13.10 61.67
N LYS K 81 -28.40 -13.81 61.00
CA LYS K 81 -27.01 -13.85 61.42
C LYS K 81 -26.28 -12.54 61.15
N LEU K 82 -26.82 -11.71 60.25
CA LEU K 82 -26.13 -10.50 59.80
C LEU K 82 -25.64 -9.65 60.96
N ASN K 83 -26.46 -9.50 62.01
CA ASN K 83 -26.06 -8.66 63.13
C ASN K 83 -24.99 -9.31 64.02
N ASP K 84 -24.46 -10.47 63.64
CA ASP K 84 -23.38 -11.11 64.37
C ASP K 84 -22.05 -11.10 63.62
N LEU K 85 -22.08 -11.08 62.29
CA LEU K 85 -20.85 -11.24 61.52
C LEU K 85 -20.10 -9.91 61.37
N CYS K 86 -18.83 -10.04 61.00
CA CYS K 86 -17.99 -8.93 60.59
C CYS K 86 -17.40 -9.25 59.22
N PHE K 87 -17.18 -8.22 58.41
CA PHE K 87 -16.74 -8.41 57.03
C PHE K 87 -15.57 -7.50 56.70
N THR K 88 -14.77 -7.96 55.73
CA THR K 88 -13.63 -7.19 55.26
C THR K 88 -14.05 -6.04 54.35
N ASN K 89 -14.90 -6.33 53.36
CA ASN K 89 -15.41 -5.33 52.44
C ASN K 89 -16.93 -5.43 52.36
N VAL K 90 -17.58 -4.28 52.30
CA VAL K 90 -19.02 -4.18 52.05
C VAL K 90 -19.23 -3.16 50.95
N TYR K 91 -19.99 -3.56 49.92
CA TYR K 91 -20.27 -2.70 48.78
C TYR K 91 -21.77 -2.61 48.57
N ALA K 92 -22.27 -1.41 48.33
CA ALA K 92 -23.69 -1.16 48.09
C ALA K 92 -23.84 -0.65 46.66
N ASP K 93 -24.34 -1.52 45.78
CA ASP K 93 -24.60 -1.18 44.39
C ASP K 93 -26.09 -0.93 44.21
N SER K 94 -26.41 0.11 43.44
CA SER K 94 -27.79 0.56 43.31
C SER K 94 -28.08 1.02 41.89
N PHE K 95 -29.31 0.77 41.44
CA PHE K 95 -29.76 1.11 40.10
C PHE K 95 -31.29 0.99 40.05
N VAL K 96 -31.85 1.29 38.88
CA VAL K 96 -33.29 1.20 38.64
C VAL K 96 -33.53 0.26 37.47
N ILE K 97 -34.41 -0.72 37.66
CA ILE K 97 -34.80 -1.65 36.61
C ILE K 97 -36.31 -1.85 36.66
N ARG K 98 -36.84 -2.40 35.57
CA ARG K 98 -38.24 -2.78 35.51
C ARG K 98 -38.51 -3.91 36.49
N GLY K 99 -39.77 -4.01 36.93
CA GLY K 99 -40.11 -4.97 37.96
C GLY K 99 -39.83 -6.41 37.58
N ASP K 100 -40.13 -6.78 36.34
CA ASP K 100 -39.94 -8.15 35.88
C ASP K 100 -38.49 -8.56 35.79
N GLU K 101 -37.54 -7.63 35.97
CA GLU K 101 -36.12 -7.92 35.84
C GLU K 101 -35.42 -8.01 37.19
N VAL K 102 -36.12 -7.79 38.30
CA VAL K 102 -35.51 -7.95 39.61
C VAL K 102 -35.07 -9.39 39.82
N ARG K 103 -35.81 -10.35 39.26
CA ARG K 103 -35.41 -11.76 39.32
C ARG K 103 -34.04 -11.99 38.68
N GLN K 104 -33.68 -11.17 37.68
CA GLN K 104 -32.39 -11.32 37.01
C GLN K 104 -31.22 -10.87 37.88
N ILE K 105 -31.48 -10.15 38.97
CA ILE K 105 -30.41 -9.71 39.87
C ILE K 105 -30.24 -10.83 40.89
N ALA K 106 -29.57 -11.89 40.47
CA ALA K 106 -29.34 -13.06 41.30
C ALA K 106 -28.22 -13.88 40.67
N PRO K 107 -27.56 -14.73 41.45
CA PRO K 107 -26.47 -15.55 40.88
C PRO K 107 -26.99 -16.57 39.88
N GLY K 108 -26.34 -16.62 38.72
CA GLY K 108 -26.68 -17.61 37.72
C GLY K 108 -27.88 -17.30 36.87
N GLN K 109 -28.21 -16.02 36.69
CA GLN K 109 -29.35 -15.61 35.89
C GLN K 109 -28.90 -15.19 34.50
N THR K 110 -29.87 -15.12 33.58
CA THR K 110 -29.61 -14.64 32.23
C THR K 110 -30.75 -13.70 31.82
N GLY K 111 -30.48 -12.93 30.77
CA GLY K 111 -31.34 -11.84 30.35
C GLY K 111 -30.51 -10.62 30.01
N LYS K 112 -31.15 -9.60 29.42
CA LYS K 112 -30.42 -8.39 29.05
C LYS K 112 -29.74 -7.76 30.26
N ILE K 113 -30.43 -7.74 31.40
CA ILE K 113 -29.90 -7.05 32.58
C ILE K 113 -28.72 -7.81 33.16
N ALA K 114 -28.86 -9.12 33.31
CA ALA K 114 -27.77 -9.91 33.88
C ALA K 114 -26.60 -10.03 32.91
N ASP K 115 -26.88 -10.19 31.62
CA ASP K 115 -25.81 -10.44 30.66
C ASP K 115 -25.14 -9.16 30.16
N TYR K 116 -25.89 -8.05 30.08
CA TYR K 116 -25.38 -6.83 29.47
C TYR K 116 -25.35 -5.63 30.39
N ASN K 117 -25.88 -5.72 31.61
CA ASN K 117 -25.94 -4.56 32.47
C ASN K 117 -25.33 -4.82 33.84
N TYR K 118 -25.83 -5.81 34.57
CA TYR K 118 -25.38 -6.08 35.93
C TYR K 118 -25.38 -7.59 36.17
N LYS K 119 -24.21 -8.16 36.44
CA LYS K 119 -24.06 -9.58 36.69
C LYS K 119 -23.56 -9.79 38.11
N LEU K 120 -24.24 -10.66 38.85
CA LEU K 120 -23.73 -11.09 40.13
C LEU K 120 -22.97 -12.39 39.99
N PRO K 121 -21.92 -12.59 40.79
CA PRO K 121 -21.14 -13.83 40.69
C PRO K 121 -21.97 -15.06 41.03
N ASP K 122 -21.56 -16.20 40.47
CA ASP K 122 -22.30 -17.45 40.69
C ASP K 122 -22.30 -17.83 42.17
N ASP K 123 -21.16 -17.71 42.84
CA ASP K 123 -21.08 -17.84 44.28
C ASP K 123 -21.01 -16.42 44.84
N PHE K 124 -22.14 -15.93 45.33
CA PHE K 124 -22.29 -14.54 45.75
C PHE K 124 -22.81 -14.50 47.18
N THR K 125 -22.17 -13.67 48.00
CA THR K 125 -22.55 -13.49 49.40
C THR K 125 -23.05 -12.06 49.58
N GLY K 126 -24.34 -11.90 49.78
CA GLY K 126 -24.94 -10.60 49.93
C GLY K 126 -26.43 -10.66 49.72
N CYS K 127 -27.09 -9.56 50.06
CA CYS K 127 -28.53 -9.45 49.98
C CYS K 127 -28.94 -8.52 48.83
N VAL K 128 -29.98 -8.92 48.11
CA VAL K 128 -30.56 -8.14 47.02
C VAL K 128 -31.89 -7.58 47.51
N ILE K 129 -32.05 -6.25 47.41
CA ILE K 129 -33.20 -5.54 47.93
C ILE K 129 -33.80 -4.70 46.81
N ALA K 130 -35.12 -4.76 46.66
CA ALA K 130 -35.83 -4.02 45.63
C ALA K 130 -37.13 -3.47 46.18
N TRP K 131 -37.57 -2.35 45.62
CA TRP K 131 -38.84 -1.75 46.02
C TRP K 131 -39.38 -0.92 44.85
N ASN K 132 -40.69 -0.68 44.89
CA ASN K 132 -41.38 0.00 43.79
C ASN K 132 -41.16 1.50 43.86
N SER K 133 -40.78 2.08 42.73
CA SER K 133 -40.46 3.50 42.63
C SER K 133 -41.32 4.20 41.59
N ASN K 134 -42.52 3.68 41.34
CA ASN K 134 -43.42 4.29 40.37
C ASN K 134 -43.79 5.72 40.76
N ASN K 135 -43.95 5.97 42.06
CA ASN K 135 -44.30 7.30 42.53
C ASN K 135 -43.17 8.31 42.31
N LEU K 136 -41.92 7.85 42.32
CA LEU K 136 -40.77 8.74 42.20
C LEU K 136 -40.19 8.77 40.78
N ASP K 137 -40.14 7.64 40.09
CA ASP K 137 -39.34 7.50 38.88
C ASP K 137 -40.17 7.29 37.62
N SER K 138 -41.50 7.39 37.70
CA SER K 138 -42.36 7.33 36.53
C SER K 138 -43.14 8.63 36.42
N LYS K 139 -43.33 9.11 35.20
CA LYS K 139 -44.03 10.36 34.95
C LYS K 139 -44.91 10.22 33.72
N VAL K 140 -45.94 11.05 33.66
CA VAL K 140 -46.89 10.96 32.56
C VAL K 140 -46.22 11.44 31.28
N GLY K 141 -46.54 10.78 30.17
CA GLY K 141 -45.76 10.89 28.97
C GLY K 141 -44.49 10.06 28.99
N GLY K 142 -44.11 9.53 30.15
CA GLY K 142 -42.93 8.69 30.26
C GLY K 142 -41.72 9.37 30.86
N ASN K 143 -40.97 8.64 31.67
CA ASN K 143 -39.64 9.07 32.12
C ASN K 143 -38.62 8.27 31.33
N TYR K 144 -37.89 8.94 30.44
CA TYR K 144 -36.94 8.30 29.56
C TYR K 144 -35.49 8.55 29.97
N ASN K 145 -35.27 8.91 31.24
CA ASN K 145 -33.92 9.18 31.73
C ASN K 145 -33.18 7.91 32.12
N TYR K 146 -33.89 6.84 32.45
CA TYR K 146 -33.25 5.58 32.85
C TYR K 146 -32.99 4.73 31.61
N LEU K 147 -31.76 4.27 31.46
CA LEU K 147 -31.30 3.55 30.29
C LEU K 147 -30.80 2.17 30.67
N TYR K 148 -30.79 1.28 29.69
CA TYR K 148 -30.24 -0.07 29.85
C TYR K 148 -29.56 -0.47 28.56
N ARG K 149 -28.62 -1.41 28.67
CA ARG K 149 -27.91 -1.90 27.50
C ARG K 149 -28.72 -3.02 26.86
N LEU K 150 -29.01 -2.87 25.57
CA LEU K 150 -29.82 -3.82 24.82
C LEU K 150 -28.99 -4.79 24.01
N PHE K 151 -27.78 -4.39 23.59
CA PHE K 151 -26.92 -5.20 22.74
C PHE K 151 -25.51 -5.21 23.30
N ARG K 152 -24.81 -6.33 23.05
CA ARG K 152 -23.38 -6.41 23.35
C ARG K 152 -22.81 -7.66 22.69
N LYS K 153 -21.51 -7.60 22.38
CA LYS K 153 -20.83 -8.74 21.77
C LYS K 153 -20.75 -9.92 22.74
N SER K 154 -20.25 -9.69 23.94
CA SER K 154 -20.03 -10.75 24.91
C SER K 154 -20.77 -10.45 26.21
N ASN K 155 -21.04 -11.50 26.97
CA ASN K 155 -21.52 -11.32 28.33
C ASN K 155 -20.46 -10.63 29.17
N LEU K 156 -20.90 -9.81 30.12
CA LEU K 156 -19.95 -9.10 30.97
C LEU K 156 -19.64 -9.92 32.21
N LYS K 157 -18.39 -9.81 32.67
CA LYS K 157 -17.96 -10.47 33.88
C LYS K 157 -18.74 -9.94 35.08
N PRO K 158 -18.84 -10.73 36.14
CA PRO K 158 -19.50 -10.24 37.36
C PRO K 158 -18.84 -8.96 37.86
N PHE K 159 -19.68 -7.97 38.17
CA PHE K 159 -19.27 -6.68 38.72
C PHE K 159 -18.48 -5.84 37.74
N GLU K 160 -18.81 -5.94 36.45
CA GLU K 160 -18.24 -5.11 35.41
C GLU K 160 -19.27 -4.08 34.96
N ARG K 161 -18.79 -2.89 34.64
CA ARG K 161 -19.64 -1.81 34.16
C ARG K 161 -19.22 -1.45 32.75
N ASP K 162 -20.18 -1.50 31.82
CA ASP K 162 -19.98 -1.04 30.45
C ASP K 162 -20.75 0.26 30.28
N ILE K 163 -20.03 1.37 30.18
CA ILE K 163 -20.61 2.68 29.92
C ILE K 163 -20.27 3.14 28.50
N SER K 164 -19.83 2.21 27.66
CA SER K 164 -19.49 2.56 26.29
C SER K 164 -20.74 2.82 25.47
N THR K 165 -20.62 3.72 24.50
CA THR K 165 -21.72 4.11 23.62
C THR K 165 -21.25 3.98 22.16
N GLU K 166 -20.92 2.75 21.77
CA GLU K 166 -20.42 2.45 20.44
C GLU K 166 -21.48 1.68 19.66
N ILE K 167 -21.55 1.94 18.35
CA ILE K 167 -22.58 1.35 17.51
C ILE K 167 -22.37 -0.16 17.43
N TYR K 168 -23.45 -0.90 17.66
CA TYR K 168 -23.41 -2.37 17.68
C TYR K 168 -23.53 -2.90 16.26
N GLN K 169 -22.56 -3.72 15.85
CA GLN K 169 -22.59 -4.35 14.52
C GLN K 169 -23.28 -5.69 14.67
N ALA K 170 -24.55 -5.76 14.27
CA ALA K 170 -25.29 -7.01 14.34
C ALA K 170 -25.06 -7.88 13.12
N GLY K 171 -24.76 -7.26 11.97
CA GLY K 171 -24.42 -7.97 10.77
C GLY K 171 -22.94 -7.92 10.47
N SER K 172 -22.60 -8.08 9.19
CA SER K 172 -21.21 -7.96 8.75
C SER K 172 -20.88 -6.59 8.19
N THR K 173 -21.88 -5.88 7.67
CA THR K 173 -21.65 -4.55 7.13
C THR K 173 -21.01 -3.66 8.21
N PRO K 174 -19.80 -3.15 7.98
CA PRO K 174 -19.16 -2.29 8.98
C PRO K 174 -20.04 -1.09 9.28
N CYS K 175 -20.21 -0.79 10.56
CA CYS K 175 -21.12 0.27 10.96
C CYS K 175 -20.55 1.66 10.69
N ASN K 176 -19.24 1.83 10.85
CA ASN K 176 -18.56 3.10 10.59
C ASN K 176 -19.21 4.25 11.36
N GLY K 177 -19.38 4.03 12.66
CA GLY K 177 -19.87 5.06 13.57
C GLY K 177 -21.20 5.71 13.20
N VAL K 178 -22.03 5.03 12.42
CA VAL K 178 -23.33 5.55 12.02
C VAL K 178 -24.38 4.47 12.17
N GLU K 179 -25.51 4.83 12.78
CA GLU K 179 -26.65 3.93 12.85
C GLU K 179 -27.19 3.65 11.46
N GLY K 180 -27.78 2.46 11.29
CA GLY K 180 -28.32 2.06 10.02
C GLY K 180 -28.93 0.68 10.07
N PHE K 181 -28.92 -0.04 8.95
CA PHE K 181 -29.44 -1.40 8.95
C PHE K 181 -28.46 -2.32 9.65
N ASN K 182 -28.93 -3.03 10.67
CA ASN K 182 -28.11 -3.90 11.51
C ASN K 182 -26.95 -3.14 12.14
N CYS K 183 -27.17 -1.86 12.46
CA CYS K 183 -26.20 -1.05 13.18
C CYS K 183 -27.00 -0.18 14.16
N TYR K 184 -27.00 -0.57 15.43
CA TYR K 184 -27.88 0.02 16.43
C TYR K 184 -27.08 0.66 17.55
N PHE K 185 -27.65 1.72 18.12
CA PHE K 185 -27.12 2.27 19.36
C PHE K 185 -27.40 1.29 20.49
N PRO K 186 -26.42 1.02 21.36
CA PRO K 186 -26.55 -0.07 22.34
C PRO K 186 -27.39 0.28 23.56
N LEU K 187 -27.88 1.51 23.69
CA LEU K 187 -28.67 1.92 24.85
C LEU K 187 -30.09 2.24 24.42
N GLN K 188 -31.06 1.65 25.10
CA GLN K 188 -32.46 1.98 24.94
C GLN K 188 -33.01 2.48 26.27
N SER K 189 -34.10 3.22 26.21
CA SER K 189 -34.70 3.84 27.38
C SER K 189 -35.89 3.03 27.87
N TYR K 190 -35.95 2.78 29.17
CA TYR K 190 -37.20 2.37 29.79
C TYR K 190 -38.22 3.49 29.60
N GLY K 191 -39.43 3.12 29.21
CA GLY K 191 -40.53 4.06 29.22
C GLY K 191 -41.35 3.88 30.47
N PHE K 192 -41.06 4.67 31.51
CA PHE K 192 -41.70 4.51 32.82
C PHE K 192 -42.88 5.46 32.90
N GLN K 193 -44.06 4.94 32.59
CA GLN K 193 -45.32 5.63 32.75
C GLN K 193 -46.08 5.07 33.95
N PRO K 194 -46.74 5.92 34.73
CA PRO K 194 -47.33 5.46 36.00
C PRO K 194 -48.53 4.54 35.82
N THR K 195 -49.10 4.46 34.62
CA THR K 195 -50.26 3.61 34.36
C THR K 195 -49.89 2.20 33.92
N ASN K 196 -48.61 1.91 33.74
CA ASN K 196 -48.19 0.58 33.33
C ASN K 196 -48.40 -0.41 34.46
N GLY K 197 -48.23 -1.70 34.14
CA GLY K 197 -48.33 -2.72 35.15
C GLY K 197 -47.17 -2.70 36.13
N VAL K 198 -47.44 -3.24 37.32
CA VAL K 198 -46.45 -3.24 38.40
C VAL K 198 -45.18 -3.97 37.97
N GLY K 199 -45.32 -5.15 37.36
CA GLY K 199 -44.16 -5.85 36.83
C GLY K 199 -43.43 -5.10 35.72
N TYR K 200 -44.01 -4.00 35.23
CA TYR K 200 -43.40 -3.17 34.20
C TYR K 200 -43.23 -1.72 34.68
N GLN K 201 -43.37 -1.48 35.98
CA GLN K 201 -43.16 -0.21 36.64
C GLN K 201 -41.74 -0.14 37.20
N PRO K 202 -41.23 1.07 37.44
CA PRO K 202 -39.84 1.19 37.90
C PRO K 202 -39.64 0.62 39.29
N TYR K 203 -38.46 0.02 39.49
CA TYR K 203 -38.05 -0.55 40.77
C TYR K 203 -36.62 -0.12 41.06
N ARG K 204 -36.38 0.34 42.29
CA ARG K 204 -35.03 0.65 42.74
C ARG K 204 -34.44 -0.55 43.45
N VAL K 205 -33.16 -0.81 43.20
CA VAL K 205 -32.48 -2.02 43.63
C VAL K 205 -31.21 -1.63 44.35
N VAL K 206 -31.05 -2.11 45.59
CA VAL K 206 -29.79 -2.03 46.32
C VAL K 206 -29.22 -3.44 46.41
N VAL K 207 -27.97 -3.60 46.01
CA VAL K 207 -27.28 -4.88 46.06
C VAL K 207 -26.15 -4.76 47.06
N LEU K 208 -26.31 -5.40 48.21
CA LEU K 208 -25.27 -5.44 49.22
C LEU K 208 -24.32 -6.61 48.94
N SER K 209 -23.02 -6.34 49.07
CA SER K 209 -21.99 -7.34 48.85
C SER K 209 -21.14 -7.47 50.10
N PHE K 210 -20.94 -8.70 50.56
CA PHE K 210 -20.18 -8.99 51.77
C PHE K 210 -18.95 -9.82 51.39
N GLU K 211 -17.76 -9.25 51.62
CA GLU K 211 -16.50 -9.93 51.37
C GLU K 211 -15.85 -10.31 52.70
N LEU K 212 -15.43 -11.56 52.82
CA LEU K 212 -14.74 -12.04 54.00
C LEU K 212 -13.34 -12.50 53.57
N LEU K 213 -12.32 -11.74 53.95
CA LEU K 213 -10.94 -12.01 53.59
C LEU K 213 -10.11 -12.13 54.86
N HIS K 214 -8.90 -12.67 54.70
CA HIS K 214 -7.93 -12.77 55.79
C HIS K 214 -7.25 -11.41 55.96
N ALA K 215 -8.04 -10.45 56.44
CA ALA K 215 -7.66 -9.05 56.52
C ALA K 215 -8.52 -8.39 57.58
N PRO K 216 -8.16 -7.19 58.03
CA PRO K 216 -8.97 -6.52 59.05
C PRO K 216 -10.42 -6.37 58.63
N ALA K 217 -11.32 -6.44 59.60
CA ALA K 217 -12.73 -6.23 59.37
C ALA K 217 -13.05 -4.74 59.40
N THR K 218 -13.91 -4.30 58.48
CA THR K 218 -14.30 -2.91 58.42
C THR K 218 -15.76 -2.67 58.82
N VAL K 219 -16.62 -3.68 58.73
CA VAL K 219 -18.02 -3.54 59.09
C VAL K 219 -18.41 -4.69 59.99
N CYS K 220 -18.91 -4.37 61.19
CA CYS K 220 -19.41 -5.35 62.13
C CYS K 220 -20.85 -5.02 62.49
N GLY K 221 -21.58 -6.04 62.92
CA GLY K 221 -22.93 -5.88 63.40
C GLY K 221 -23.02 -6.07 64.90
N PRO K 222 -23.92 -5.32 65.56
CA PRO K 222 -24.04 -5.38 67.02
C PRO K 222 -24.81 -6.61 67.49
N GLN L 28 -8.86 13.89 13.71
CA GLN L 28 -9.24 14.63 14.91
C GLN L 28 -10.48 15.48 14.69
N VAL L 29 -11.47 15.33 15.56
CA VAL L 29 -12.62 16.22 15.58
C VAL L 29 -12.35 17.31 16.60
N GLN L 30 -12.72 18.54 16.26
CA GLN L 30 -12.58 19.68 17.16
C GLN L 30 -13.96 20.19 17.54
N LEU L 31 -14.04 20.77 18.74
CA LEU L 31 -15.28 21.34 19.26
C LEU L 31 -15.13 22.85 19.29
N VAL L 32 -15.98 23.55 18.54
CA VAL L 32 -15.92 25.00 18.39
C VAL L 32 -17.03 25.60 19.24
N GLN L 33 -16.68 26.61 20.04
CA GLN L 33 -17.60 27.19 21.00
C GLN L 33 -17.92 28.64 20.65
N SER L 34 -18.99 29.14 21.26
CA SER L 34 -19.43 30.51 21.04
C SER L 34 -18.45 31.50 21.68
N GLY L 35 -18.74 32.79 21.49
CA GLY L 35 -17.84 33.83 21.91
C GLY L 35 -18.13 34.35 23.31
N ALA L 36 -17.24 35.22 23.76
CA ALA L 36 -17.32 35.76 25.13
C ALA L 36 -18.61 36.55 25.32
N GLU L 37 -19.21 36.39 26.49
CA GLU L 37 -20.49 37.02 26.82
C GLU L 37 -20.36 37.75 28.14
N VAL L 38 -20.82 39.00 28.17
CA VAL L 38 -20.99 39.77 29.40
C VAL L 38 -22.48 39.92 29.66
N LYS L 39 -22.94 39.37 30.78
CA LYS L 39 -24.35 39.37 31.14
C LYS L 39 -24.53 40.02 32.50
N LYS L 40 -25.77 40.44 32.76
CA LYS L 40 -26.16 41.12 33.99
C LYS L 40 -26.75 40.12 34.98
N PRO L 41 -26.80 40.46 36.27
CA PRO L 41 -27.38 39.54 37.25
C PRO L 41 -28.87 39.34 36.98
N GLY L 42 -29.32 38.09 37.15
CA GLY L 42 -30.68 37.72 36.83
C GLY L 42 -30.93 37.39 35.38
N SER L 43 -29.93 37.55 34.51
CA SER L 43 -30.09 37.29 33.09
C SER L 43 -29.79 35.81 32.81
N SER L 44 -29.84 35.45 31.52
CA SER L 44 -29.51 34.11 31.08
C SER L 44 -28.58 34.19 29.88
N VAL L 45 -27.74 33.17 29.74
CA VAL L 45 -26.75 33.09 28.67
C VAL L 45 -26.91 31.75 27.97
N LYS L 46 -26.75 31.75 26.65
CA LYS L 46 -26.79 30.53 25.85
C LYS L 46 -25.47 30.41 25.10
N VAL L 47 -24.76 29.31 25.34
CA VAL L 47 -23.46 29.06 24.75
C VAL L 47 -23.58 27.89 23.79
N SER L 48 -22.74 27.90 22.75
CA SER L 48 -22.81 26.94 21.66
C SER L 48 -21.55 26.07 21.62
N CYS L 49 -21.74 24.83 21.17
CA CYS L 49 -20.62 23.92 20.91
C CYS L 49 -20.94 23.15 19.63
N LYS L 50 -20.03 23.23 18.66
CA LYS L 50 -20.22 22.64 17.35
C LYS L 50 -19.08 21.70 17.04
N ALA L 51 -19.41 20.45 16.67
CA ALA L 51 -18.40 19.47 16.30
C ALA L 51 -17.87 19.81 14.91
N SER L 52 -16.59 20.18 14.84
CA SER L 52 -16.01 20.66 13.59
C SER L 52 -16.04 19.58 12.52
N GLY L 53 -15.51 18.40 12.83
CA GLY L 53 -15.50 17.31 11.87
C GLY L 53 -16.11 16.03 12.41
N GLY L 54 -17.26 16.14 13.06
CA GLY L 54 -17.83 15.04 13.81
C GLY L 54 -19.20 14.62 13.30
N THR L 55 -19.48 13.32 13.40
CA THR L 55 -20.82 12.81 13.19
C THR L 55 -21.79 13.27 14.28
N PHE L 56 -21.27 13.65 15.45
CA PHE L 56 -22.06 14.01 16.62
C PHE L 56 -22.94 12.86 17.09
N SER L 57 -22.64 11.64 16.65
CA SER L 57 -23.41 10.45 16.97
C SER L 57 -22.48 9.41 17.55
N SER L 58 -23.03 8.60 18.46
CA SER L 58 -22.31 7.69 19.35
C SER L 58 -21.46 8.45 20.36
N TYR L 59 -21.64 9.77 20.46
CA TYR L 59 -20.90 10.60 21.38
C TYR L 59 -21.85 11.21 22.41
N THR L 60 -21.32 11.46 23.60
CA THR L 60 -21.99 12.25 24.62
C THR L 60 -21.27 13.59 24.73
N ILE L 61 -22.04 14.68 24.74
CA ILE L 61 -21.48 16.02 24.79
C ILE L 61 -21.80 16.59 26.17
N SER L 62 -20.76 16.80 26.97
CA SER L 62 -20.89 17.32 28.31
C SER L 62 -20.39 18.76 28.37
N TRP L 63 -20.89 19.48 29.36
CA TRP L 63 -20.45 20.84 29.66
C TRP L 63 -19.78 20.86 31.02
N VAL L 64 -18.54 21.36 31.07
CA VAL L 64 -17.77 21.48 32.29
C VAL L 64 -17.43 22.95 32.50
N ARG L 65 -17.48 23.38 33.75
CA ARG L 65 -17.29 24.78 34.11
C ARG L 65 -16.08 24.94 35.00
N GLN L 66 -15.30 25.99 34.75
CA GLN L 66 -14.13 26.34 35.55
C GLN L 66 -14.34 27.75 36.09
N ALA L 67 -14.93 27.84 37.29
CA ALA L 67 -15.24 29.10 37.94
C ALA L 67 -14.23 29.42 39.02
N PRO L 68 -13.89 30.70 39.19
CA PRO L 68 -13.05 31.10 40.32
C PRO L 68 -13.67 30.69 41.64
N GLY L 69 -12.89 30.00 42.47
CA GLY L 69 -13.30 29.60 43.79
C GLY L 69 -14.10 28.33 43.88
N GLN L 70 -14.49 27.74 42.75
CA GLN L 70 -15.31 26.54 42.75
C GLN L 70 -14.71 25.42 41.90
N GLY L 71 -13.50 25.61 41.38
CA GLY L 71 -12.75 24.63 40.62
C GLY L 71 -13.44 24.16 39.34
N LEU L 72 -12.96 23.02 38.84
CA LEU L 72 -13.60 22.35 37.73
C LEU L 72 -14.80 21.56 38.23
N GLU L 73 -15.95 21.75 37.59
CA GLU L 73 -17.13 20.98 37.98
C GLU L 73 -17.99 20.69 36.76
N TRP L 74 -18.38 19.42 36.64
CA TRP L 74 -19.26 18.99 35.57
C TRP L 74 -20.69 19.46 35.82
N MET L 75 -21.30 20.05 34.79
CA MET L 75 -22.64 20.60 34.88
C MET L 75 -23.70 19.65 34.34
N GLY L 76 -23.50 19.14 33.13
CA GLY L 76 -24.48 18.25 32.54
C GLY L 76 -23.98 17.74 31.21
N GLY L 77 -24.82 16.93 30.55
CA GLY L 77 -24.49 16.38 29.26
C GLY L 77 -25.74 15.92 28.55
N ILE L 78 -25.56 15.60 27.27
CA ILE L 78 -26.65 15.10 26.44
C ILE L 78 -26.10 14.01 25.53
N ILE L 79 -26.88 12.94 25.38
CA ILE L 79 -26.63 11.94 24.35
C ILE L 79 -27.53 12.32 23.17
N PRO L 80 -26.98 12.99 22.15
CA PRO L 80 -27.86 13.56 21.11
C PRO L 80 -28.73 12.54 20.39
N ILE L 81 -28.22 11.32 20.19
CA ILE L 81 -28.98 10.33 19.42
C ILE L 81 -30.23 9.90 20.19
N LEU L 82 -30.11 9.71 21.50
CA LEU L 82 -31.26 9.40 22.34
C LEU L 82 -32.02 10.64 22.79
N GLY L 83 -31.34 11.78 22.88
CA GLY L 83 -31.96 12.99 23.40
C GLY L 83 -32.01 13.09 24.90
N THR L 84 -31.51 12.08 25.62
CA THR L 84 -31.53 12.09 27.08
C THR L 84 -30.47 13.04 27.62
N THR L 85 -30.86 13.86 28.58
CA THR L 85 -29.97 14.83 29.21
C THR L 85 -29.82 14.48 30.68
N ASN L 86 -28.59 14.60 31.17
CA ASN L 86 -28.30 14.46 32.59
C ASN L 86 -27.73 15.78 33.09
N TYR L 87 -28.23 16.25 34.24
CA TYR L 87 -27.77 17.49 34.84
C TYR L 87 -27.21 17.23 36.24
N ALA L 88 -26.19 18.00 36.61
CA ALA L 88 -25.72 17.98 37.99
C ALA L 88 -26.77 18.60 38.89
N GLN L 89 -26.80 18.15 40.15
CA GLN L 89 -27.86 18.60 41.05
C GLN L 89 -27.66 20.07 41.44
N LYS L 90 -26.44 20.56 41.38
CA LYS L 90 -26.18 21.97 41.66
C LYS L 90 -26.85 22.87 40.64
N PHE L 91 -26.80 22.50 39.36
CA PHE L 91 -27.36 23.31 38.28
C PHE L 91 -28.72 22.81 37.80
N GLN L 92 -29.28 21.79 38.44
CA GLN L 92 -30.62 21.32 38.11
C GLN L 92 -31.63 22.43 38.33
N GLY L 93 -32.45 22.69 37.32
CA GLY L 93 -33.43 23.76 37.37
C GLY L 93 -32.94 25.10 36.84
N ARG L 94 -31.64 25.23 36.57
CA ARG L 94 -31.09 26.45 35.99
C ARG L 94 -30.50 26.25 34.60
N VAL L 95 -30.11 25.03 34.23
CA VAL L 95 -29.49 24.76 32.95
C VAL L 95 -30.44 23.94 32.09
N THR L 96 -30.43 24.24 30.80
CA THR L 96 -31.01 23.39 29.78
C THR L 96 -29.91 23.03 28.79
N ILE L 97 -29.84 21.76 28.41
CA ILE L 97 -28.88 21.29 27.42
C ILE L 97 -29.64 20.65 26.27
N THR L 98 -29.38 21.15 25.06
CA THR L 98 -30.04 20.68 23.85
C THR L 98 -28.99 20.44 22.78
N ALA L 99 -29.37 19.67 21.76
CA ALA L 99 -28.48 19.37 20.66
C ALA L 99 -29.29 19.26 19.38
N ASP L 100 -28.73 19.79 18.30
CA ASP L 100 -29.29 19.65 16.97
C ASP L 100 -28.41 18.69 16.18
N GLU L 101 -28.93 17.48 15.92
CA GLU L 101 -28.16 16.49 15.17
C GLU L 101 -27.88 16.95 13.75
N SER L 102 -28.80 17.71 13.15
CA SER L 102 -28.57 18.23 11.81
C SER L 102 -27.30 19.06 11.76
N THR L 103 -27.26 20.15 12.54
CA THR L 103 -26.13 21.07 12.57
C THR L 103 -24.94 20.53 13.34
N SER L 104 -25.06 19.37 13.99
CA SER L 104 -24.00 18.81 14.83
C SER L 104 -23.56 19.83 15.88
N THR L 105 -24.53 20.47 16.50
CA THR L 105 -24.31 21.54 17.45
C THR L 105 -25.01 21.23 18.76
N ALA L 106 -24.33 21.50 19.88
CA ALA L 106 -24.90 21.40 21.21
C ALA L 106 -24.98 22.79 21.84
N TYR L 107 -26.01 22.99 22.67
CA TYR L 107 -26.24 24.26 23.33
C TYR L 107 -26.45 24.03 24.82
N MET L 108 -26.00 25.01 25.62
CA MET L 108 -26.27 25.04 27.04
C MET L 108 -26.77 26.43 27.41
N GLU L 109 -27.90 26.47 28.12
CA GLU L 109 -28.50 27.72 28.58
C GLU L 109 -28.55 27.69 30.10
N LEU L 110 -27.76 28.57 30.74
CA LEU L 110 -27.77 28.75 32.18
C LEU L 110 -28.59 29.99 32.51
N SER L 111 -29.50 29.86 33.46
CA SER L 111 -30.47 30.91 33.78
C SER L 111 -30.23 31.43 35.19
N SER L 112 -30.85 32.58 35.48
CA SER L 112 -30.72 33.26 36.76
C SER L 112 -29.25 33.44 37.13
N LEU L 113 -28.52 34.10 36.22
CA LEU L 113 -27.09 34.26 36.38
C LEU L 113 -26.76 35.08 37.63
N ARG L 114 -25.77 34.62 38.38
CA ARG L 114 -25.26 35.33 39.54
C ARG L 114 -23.77 35.58 39.33
N SER L 115 -23.21 36.46 40.17
CA SER L 115 -21.79 36.79 40.06
C SER L 115 -20.91 35.55 40.18
N GLU L 116 -21.33 34.57 40.99
CA GLU L 116 -20.57 33.34 41.13
C GLU L 116 -20.50 32.53 39.83
N ASP L 117 -21.39 32.82 38.87
CA ASP L 117 -21.40 32.10 37.60
C ASP L 117 -20.41 32.66 36.58
N THR L 118 -19.67 33.71 36.93
CA THR L 118 -18.60 34.19 36.07
C THR L 118 -17.53 33.10 35.95
N ALA L 119 -17.39 32.53 34.75
CA ALA L 119 -16.55 31.36 34.60
C ALA L 119 -16.28 31.11 33.12
N VAL L 120 -15.35 30.20 32.86
CA VAL L 120 -15.12 29.65 31.53
C VAL L 120 -15.94 28.39 31.41
N TYR L 121 -16.83 28.34 30.43
CA TYR L 121 -17.73 27.22 30.21
C TYR L 121 -17.19 26.38 29.06
N TYR L 122 -16.76 25.16 29.37
CA TYR L 122 -16.16 24.28 28.39
C TYR L 122 -17.18 23.32 27.80
N CYS L 123 -16.93 22.92 26.56
CA CYS L 123 -17.59 21.81 25.91
C CYS L 123 -16.59 20.66 25.80
N ALA L 124 -17.06 19.44 26.02
CA ALA L 124 -16.17 18.29 25.97
C ALA L 124 -16.98 17.03 25.73
N ARG L 125 -16.38 16.10 24.99
CA ARG L 125 -16.99 14.81 24.73
C ARG L 125 -16.64 13.83 25.84
N LYS L 126 -17.67 13.23 26.44
CA LYS L 126 -17.49 12.21 27.46
C LYS L 126 -17.32 10.85 26.80
N PHE L 127 -16.29 10.12 27.22
CA PHE L 127 -15.97 8.83 26.63
C PHE L 127 -16.12 7.73 27.67
N GLY L 128 -16.58 6.57 27.22
CA GLY L 128 -16.84 5.46 28.11
C GLY L 128 -16.15 4.19 27.65
N TYR L 129 -16.08 3.23 28.57
CA TYR L 129 -15.41 1.97 28.33
C TYR L 129 -15.98 0.94 29.29
N SER L 130 -15.53 -0.31 29.17
CA SER L 130 -16.02 -1.40 29.99
C SER L 130 -14.89 -1.95 30.88
N GLY L 131 -15.21 -2.18 32.15
CA GLY L 131 -14.27 -2.70 33.10
C GLY L 131 -14.80 -2.50 34.50
N TYR L 132 -14.10 -3.10 35.46
CA TYR L 132 -14.39 -2.81 36.85
C TYR L 132 -14.12 -1.33 37.13
N GLY L 133 -15.00 -0.73 37.93
CA GLY L 133 -14.83 0.65 38.35
C GLY L 133 -14.79 1.66 37.23
N ALA L 134 -15.30 1.30 36.06
CA ALA L 134 -15.24 2.18 34.90
C ALA L 134 -16.10 3.42 35.13
N THR L 135 -15.51 4.58 34.90
CA THR L 135 -16.24 5.85 34.90
C THR L 135 -15.81 6.67 33.70
N TRP L 136 -16.63 7.65 33.35
CA TRP L 136 -16.37 8.47 32.18
C TRP L 136 -15.16 9.37 32.39
N TYR L 137 -14.38 9.56 31.34
CA TYR L 137 -13.41 10.63 31.23
C TYR L 137 -13.79 11.51 30.06
N PHE L 138 -13.19 12.68 29.98
CA PHE L 138 -13.57 13.72 29.03
C PHE L 138 -12.55 13.72 27.89
N ASP L 139 -13.02 13.29 26.71
CA ASP L 139 -12.13 12.84 25.64
C ASP L 139 -11.37 14.01 25.01
N LEU L 140 -12.08 15.08 24.67
CA LEU L 140 -11.44 16.27 24.12
C LEU L 140 -12.33 17.46 24.41
N TRP L 141 -11.72 18.64 24.48
CA TRP L 141 -12.37 19.83 24.99
C TRP L 141 -12.39 20.93 23.94
N GLY L 142 -13.43 21.76 24.01
CA GLY L 142 -13.39 23.04 23.35
C GLY L 142 -12.49 24.00 24.10
N ARG L 143 -12.19 25.13 23.45
CA ARG L 143 -11.31 26.11 24.09
C ARG L 143 -11.97 26.73 25.31
N GLY L 144 -13.29 26.84 25.32
CA GLY L 144 -14.01 27.44 26.41
C GLY L 144 -14.57 28.80 26.04
N THR L 145 -15.57 29.22 26.81
CA THR L 145 -16.27 30.48 26.56
C THR L 145 -16.30 31.29 27.85
N LEU L 146 -15.60 32.42 27.85
CA LEU L 146 -15.69 33.37 28.95
C LEU L 146 -17.12 33.90 29.07
N VAL L 147 -17.66 33.84 30.29
CA VAL L 147 -18.95 34.44 30.60
C VAL L 147 -18.76 35.25 31.88
N THR L 148 -18.81 36.57 31.77
CA THR L 148 -18.67 37.46 32.91
C THR L 148 -20.04 37.97 33.32
N VAL L 149 -20.42 37.72 34.57
CA VAL L 149 -21.65 38.26 35.14
C VAL L 149 -21.26 39.49 35.96
N SER L 150 -21.58 40.66 35.43
CA SER L 150 -21.16 41.91 36.05
C SER L 150 -22.01 42.24 37.26
N SER L 151 -21.36 42.73 38.31
CA SER L 151 -22.07 43.19 39.51
C SER L 151 -22.99 44.37 39.18
N SER L 166 -17.67 24.45 45.67
CA SER L 166 -16.59 25.08 46.42
C SER L 166 -15.50 24.07 46.75
N GLN L 167 -15.64 23.40 47.89
CA GLN L 167 -14.65 22.40 48.30
C GLN L 167 -14.76 21.17 47.41
N SER L 168 -13.62 20.68 46.94
CA SER L 168 -13.59 19.54 46.03
C SER L 168 -13.85 18.24 46.78
N VAL L 169 -14.41 17.26 46.07
CA VAL L 169 -14.62 15.95 46.67
C VAL L 169 -13.31 15.15 46.71
N LEU L 170 -12.46 15.35 45.71
CA LEU L 170 -11.11 14.80 45.71
C LEU L 170 -10.12 15.91 46.08
N THR L 171 -9.19 15.61 46.97
CA THR L 171 -8.25 16.60 47.47
C THR L 171 -6.86 16.34 46.91
N GLN L 172 -6.21 17.40 46.44
CA GLN L 172 -4.85 17.40 45.95
C GLN L 172 -4.03 18.41 46.73
N PRO L 173 -2.71 18.25 46.77
CA PRO L 173 -1.86 19.30 47.32
C PRO L 173 -1.88 20.52 46.40
N PRO L 174 -2.08 21.72 46.96
CA PRO L 174 -2.10 22.92 46.11
C PRO L 174 -0.83 23.13 45.30
N SER L 175 0.31 22.70 45.84
CA SER L 175 1.61 22.96 45.20
C SER L 175 2.53 21.79 45.41
N VAL L 176 3.20 21.37 44.33
CA VAL L 176 4.24 20.36 44.38
C VAL L 176 5.41 20.85 43.54
N SER L 177 6.62 20.71 44.08
CA SER L 177 7.83 21.20 43.43
C SER L 177 8.78 20.03 43.15
N GLY L 178 9.46 20.10 42.01
CA GLY L 178 10.41 19.07 41.65
C GLY L 178 11.63 19.67 40.98
N ALA L 179 12.70 18.89 40.94
CA ALA L 179 13.92 19.32 40.29
C ALA L 179 14.04 18.67 38.91
N PRO L 180 14.66 19.37 37.96
CA PRO L 180 14.76 18.83 36.60
C PRO L 180 15.43 17.45 36.57
N GLY L 181 14.83 16.54 35.80
CA GLY L 181 15.35 15.20 35.66
C GLY L 181 14.98 14.24 36.77
N GLN L 182 14.18 14.67 37.75
CA GLN L 182 13.81 13.84 38.87
C GLN L 182 12.42 13.26 38.69
N ARG L 183 12.01 12.44 39.66
CA ARG L 183 10.69 11.84 39.69
C ARG L 183 9.83 12.56 40.70
N VAL L 184 8.63 12.96 40.28
CA VAL L 184 7.71 13.74 41.10
C VAL L 184 6.35 13.06 41.10
N THR L 185 5.68 13.07 42.24
CA THR L 185 4.36 12.48 42.39
C THR L 185 3.35 13.53 42.80
N ILE L 186 2.13 13.40 42.28
CA ILE L 186 0.99 14.23 42.66
C ILE L 186 -0.12 13.31 43.13
N SER L 187 -0.60 13.53 44.35
CA SER L 187 -1.55 12.63 44.99
C SER L 187 -2.98 13.16 44.86
N CYS L 188 -3.94 12.23 44.89
CA CYS L 188 -5.36 12.54 44.77
C CYS L 188 -6.10 11.64 45.75
N THR L 189 -6.67 12.23 46.80
CA THR L 189 -7.34 11.48 47.85
C THR L 189 -8.85 11.65 47.72
N GLY L 190 -9.57 10.52 47.77
CA GLY L 190 -11.02 10.53 47.69
C GLY L 190 -11.64 9.73 48.81
N ASN L 191 -12.95 9.90 48.97
CA ASN L 191 -13.69 9.24 50.03
C ASN L 191 -14.16 7.87 49.57
N SER L 192 -14.96 7.21 50.41
CA SER L 192 -15.41 5.85 50.11
C SER L 192 -16.35 5.82 48.91
N SER L 193 -17.00 6.93 48.61
CA SER L 193 -18.01 6.95 47.56
C SER L 193 -17.40 6.82 46.18
N ASN L 194 -16.20 7.36 45.97
CA ASN L 194 -15.61 7.39 44.66
C ASN L 194 -14.44 6.43 44.62
N ILE L 195 -13.23 6.86 44.95
CA ILE L 195 -12.05 5.99 44.79
C ILE L 195 -12.11 4.79 45.71
N GLY L 196 -12.67 4.96 46.91
CA GLY L 196 -12.83 3.82 47.80
C GLY L 196 -13.76 2.76 47.24
N ALA L 197 -14.79 3.19 46.50
CA ALA L 197 -15.68 2.24 45.84
C ALA L 197 -14.97 1.49 44.73
N GLY L 198 -13.94 2.10 44.14
CA GLY L 198 -13.20 1.49 43.05
C GLY L 198 -13.30 2.21 41.73
N TYR L 199 -13.98 3.36 41.70
CA TYR L 199 -14.06 4.14 40.46
C TYR L 199 -12.67 4.53 39.99
N ASP L 200 -12.47 4.43 38.68
CA ASP L 200 -11.18 4.77 38.10
C ASP L 200 -10.91 6.28 38.26
N VAL L 201 -9.65 6.64 38.07
CA VAL L 201 -9.20 8.03 38.20
C VAL L 201 -8.55 8.45 36.89
N HIS L 202 -8.96 9.59 36.36
CA HIS L 202 -8.36 10.18 35.18
C HIS L 202 -7.66 11.48 35.57
N TRP L 203 -6.72 11.90 34.72
CA TRP L 203 -5.93 13.09 34.98
C TRP L 203 -5.97 14.04 33.79
N TYR L 204 -5.85 15.33 34.07
CA TYR L 204 -5.95 16.38 33.06
C TYR L 204 -4.85 17.40 33.29
N GLN L 205 -4.25 17.86 32.19
CA GLN L 205 -3.18 18.85 32.21
C GLN L 205 -3.69 20.15 31.62
N GLN L 206 -3.38 21.26 32.29
CA GLN L 206 -3.87 22.58 31.88
C GLN L 206 -2.74 23.59 32.03
N PHE L 207 -2.27 24.12 30.90
CA PHE L 207 -1.28 25.18 30.92
C PHE L 207 -1.97 26.54 31.06
N PRO L 208 -1.25 27.55 31.57
CA PRO L 208 -1.88 28.86 31.78
C PRO L 208 -2.35 29.47 30.46
N GLY L 209 -3.63 29.83 30.42
CA GLY L 209 -4.23 30.42 29.25
C GLY L 209 -4.86 29.45 28.28
N THR L 210 -4.92 28.16 28.62
CA THR L 210 -5.40 27.12 27.73
C THR L 210 -6.48 26.30 28.43
N ALA L 211 -7.12 25.43 27.65
CA ALA L 211 -8.11 24.50 28.18
C ALA L 211 -7.42 23.28 28.77
N PRO L 212 -8.09 22.58 29.69
CA PRO L 212 -7.54 21.30 30.18
C PRO L 212 -7.43 20.28 29.05
N LYS L 213 -6.51 19.35 29.20
CA LYS L 213 -6.30 18.32 28.20
C LYS L 213 -6.08 16.98 28.88
N LEU L 214 -6.71 15.94 28.33
CA LEU L 214 -6.63 14.60 28.91
C LEU L 214 -5.20 14.11 28.92
N LEU L 215 -4.70 13.76 30.10
CA LEU L 215 -3.32 13.30 30.29
C LEU L 215 -3.22 11.82 30.60
N ILE L 216 -4.09 11.32 31.49
CA ILE L 216 -4.15 9.90 31.85
C ILE L 216 -5.62 9.51 31.90
N TYR L 217 -6.01 8.52 31.09
CA TYR L 217 -7.35 7.95 31.13
C TYR L 217 -7.24 6.50 31.62
N GLY L 218 -8.32 6.03 32.23
CA GLY L 218 -8.22 4.93 33.15
C GLY L 218 -7.22 5.29 34.25
N ASN L 219 -6.87 4.30 35.06
CA ASN L 219 -5.92 4.61 36.13
C ASN L 219 -4.49 4.78 35.62
N SER L 220 -4.17 4.25 34.43
CA SER L 220 -2.79 4.19 34.01
C SER L 220 -2.54 4.32 32.51
N ASN L 221 -3.56 4.58 31.71
CA ASN L 221 -3.43 4.60 30.25
C ASN L 221 -3.20 6.02 29.75
N ARG L 222 -2.25 6.16 28.81
CA ARG L 222 -1.88 7.45 28.25
C ARG L 222 -2.47 7.63 26.86
N PRO L 223 -3.15 8.74 26.59
CA PRO L 223 -3.55 9.05 25.23
C PRO L 223 -2.34 9.39 24.36
N SER L 224 -2.59 9.48 23.05
CA SER L 224 -1.55 9.84 22.11
C SER L 224 -1.10 11.28 22.34
N GLY L 225 0.21 11.52 22.18
CA GLY L 225 0.79 12.81 22.47
C GLY L 225 1.21 13.00 23.91
N VAL L 226 1.05 11.99 24.76
CA VAL L 226 1.47 12.03 26.15
C VAL L 226 2.73 11.17 26.28
N PRO L 227 3.88 11.76 26.62
CA PRO L 227 5.10 10.97 26.74
C PRO L 227 5.01 9.94 27.85
N ASP L 228 5.85 8.92 27.74
CA ASP L 228 5.91 7.86 28.74
C ASP L 228 6.39 8.34 30.11
N ARG L 229 6.88 9.58 30.20
CA ARG L 229 7.30 10.13 31.48
C ARG L 229 6.14 10.30 32.45
N PHE L 230 4.90 10.33 31.96
CA PHE L 230 3.72 10.42 32.80
C PHE L 230 3.17 9.02 33.04
N SER L 231 2.74 8.77 34.28
CA SER L 231 2.19 7.48 34.65
C SER L 231 1.24 7.68 35.82
N GLY L 232 0.28 6.76 35.93
CA GLY L 232 -0.72 6.86 36.98
C GLY L 232 -0.99 5.50 37.58
N SER L 233 -1.39 5.52 38.85
CA SER L 233 -1.79 4.31 39.57
C SER L 233 -2.91 4.66 40.52
N LYS L 234 -3.53 3.63 41.10
CA LYS L 234 -4.66 3.81 42.00
C LYS L 234 -4.63 2.70 43.02
N SER L 235 -4.61 3.06 44.30
CA SER L 235 -4.63 2.09 45.39
C SER L 235 -5.53 2.62 46.50
N GLY L 236 -6.53 1.84 46.86
CA GLY L 236 -7.41 2.23 47.95
C GLY L 236 -8.24 3.44 47.60
N THR L 237 -8.21 4.45 48.48
CA THR L 237 -8.96 5.68 48.31
C THR L 237 -8.14 6.79 47.64
N SER L 238 -6.96 6.46 47.12
CA SER L 238 -6.05 7.48 46.62
C SER L 238 -5.47 7.06 45.27
N ALA L 239 -5.03 8.06 44.51
CA ALA L 239 -4.39 7.88 43.22
C ALA L 239 -3.13 8.70 43.16
N SER L 240 -2.27 8.40 42.18
CA SER L 240 -0.97 9.05 42.07
C SER L 240 -0.63 9.25 40.61
N LEU L 241 -0.42 10.51 40.22
CA LEU L 241 0.24 10.83 38.97
C LEU L 241 1.74 10.93 39.23
N ALA L 242 2.52 10.34 38.32
CA ALA L 242 3.98 10.21 38.52
C ALA L 242 4.70 10.68 37.27
N ILE L 243 5.27 11.87 37.33
CA ILE L 243 6.06 12.43 36.25
C ILE L 243 7.52 12.08 36.49
N THR L 244 8.10 11.28 35.61
CA THR L 244 9.51 10.91 35.69
C THR L 244 10.32 11.77 34.73
N GLY L 245 11.61 11.92 35.06
CA GLY L 245 12.49 12.77 34.28
C GLY L 245 11.92 14.15 34.06
N LEU L 246 11.64 14.85 35.16
CA LEU L 246 10.91 16.10 35.11
C LEU L 246 11.59 17.11 34.20
N GLN L 247 10.77 17.95 33.56
CA GLN L 247 11.25 18.99 32.66
C GLN L 247 10.45 20.27 32.89
N ALA L 248 11.07 21.41 32.57
CA ALA L 248 10.42 22.69 32.74
C ALA L 248 9.12 22.77 31.95
N GLU L 249 9.06 22.10 30.80
CA GLU L 249 7.85 22.07 29.99
C GLU L 249 6.67 21.45 30.71
N ASP L 250 6.90 20.76 31.83
CA ASP L 250 5.84 20.11 32.59
C ASP L 250 5.22 21.01 33.65
N GLU L 251 5.63 22.27 33.74
CA GLU L 251 4.99 23.20 34.65
C GLU L 251 3.55 23.44 34.22
N ALA L 252 2.61 23.08 35.09
CA ALA L 252 1.19 23.17 34.74
C ALA L 252 0.36 22.94 35.99
N ASP L 253 -0.95 23.12 35.83
CA ASP L 253 -1.93 22.65 36.79
C ASP L 253 -2.41 21.27 36.37
N TYR L 254 -2.44 20.35 37.33
CA TYR L 254 -2.87 18.97 37.08
C TYR L 254 -4.07 18.66 37.95
N TYR L 255 -5.11 18.07 37.33
CA TYR L 255 -6.36 17.76 37.99
C TYR L 255 -6.65 16.27 37.87
N CYS L 256 -7.20 15.68 38.93
CA CYS L 256 -7.67 14.31 38.92
C CYS L 256 -9.20 14.29 38.86
N GLN L 257 -9.73 13.22 38.28
CA GLN L 257 -11.16 13.09 38.04
C GLN L 257 -11.62 11.69 38.41
N SER L 258 -12.79 11.61 39.03
CA SER L 258 -13.40 10.35 39.42
C SER L 258 -14.92 10.54 39.38
N TYR L 259 -15.64 9.46 39.71
CA TYR L 259 -17.09 9.49 39.80
C TYR L 259 -17.50 9.29 41.25
N ASP L 260 -18.30 10.20 41.77
CA ASP L 260 -18.80 10.11 43.14
C ASP L 260 -20.26 9.67 43.08
N SER L 261 -20.57 8.54 43.71
CA SER L 261 -21.94 8.02 43.70
C SER L 261 -22.85 8.86 44.60
N SER L 262 -22.32 9.42 45.68
CA SER L 262 -23.13 10.24 46.57
C SER L 262 -23.68 11.47 45.84
N LEU L 263 -22.88 12.07 44.96
CA LEU L 263 -23.33 13.17 44.13
C LEU L 263 -23.99 12.70 42.85
N SER L 264 -23.76 11.46 42.43
CA SER L 264 -24.25 10.92 41.16
C SER L 264 -23.77 11.79 39.99
N GLY L 265 -22.45 11.89 39.88
CA GLY L 265 -21.85 12.68 38.81
C GLY L 265 -20.34 12.58 38.88
N SER L 266 -19.71 13.17 37.88
CA SER L 266 -18.26 13.20 37.81
C SER L 266 -17.72 14.34 38.66
N VAL L 267 -16.61 14.08 39.34
CA VAL L 267 -16.01 15.03 40.27
C VAL L 267 -14.54 15.21 39.93
N PHE L 268 -14.06 16.44 40.06
CA PHE L 268 -12.68 16.80 39.76
C PHE L 268 -11.93 17.14 41.04
N GLY L 269 -10.62 16.90 41.02
CA GLY L 269 -9.77 17.34 42.11
C GLY L 269 -9.52 18.84 42.06
N GLY L 270 -9.06 19.36 43.18
CA GLY L 270 -8.86 20.80 43.33
C GLY L 270 -7.73 21.38 42.49
N GLY L 271 -6.84 20.53 41.96
CA GLY L 271 -5.76 21.01 41.12
C GLY L 271 -4.45 21.22 41.84
N THR L 272 -3.37 20.70 41.27
CA THR L 272 -2.02 20.88 41.81
C THR L 272 -1.18 21.63 40.80
N LYS L 273 -0.52 22.69 41.26
CA LYS L 273 0.42 23.43 40.43
C LYS L 273 1.81 22.83 40.59
N LEU L 274 2.34 22.28 39.50
CA LEU L 274 3.68 21.70 39.51
C LEU L 274 4.69 22.78 39.14
N THR L 275 5.60 23.08 40.06
CA THR L 275 6.68 24.01 39.83
C THR L 275 7.98 23.22 39.61
N VAL L 276 8.66 23.49 38.50
CA VAL L 276 9.95 22.89 38.22
C VAL L 276 11.02 23.92 38.54
N LEU L 277 11.85 23.62 39.54
CA LEU L 277 12.88 24.53 39.98
C LEU L 277 14.07 24.51 39.02
N ALA L 278 15.02 25.40 39.28
CA ALA L 278 16.25 25.41 38.50
C ALA L 278 17.15 24.24 38.92
N GLY L 279 17.93 23.75 37.96
CA GLY L 279 18.80 22.62 38.22
C GLY L 279 19.93 22.47 37.21
N THR M 28 -4.94 -2.20 -19.34
CA THR M 28 -4.25 -2.54 -18.10
C THR M 28 -5.23 -3.08 -17.06
N ASN M 29 -4.80 -4.09 -16.31
CA ASN M 29 -5.62 -4.75 -15.31
C ASN M 29 -5.22 -4.29 -13.92
N LEU M 30 -6.16 -4.37 -12.98
CA LEU M 30 -5.86 -4.00 -11.60
C LEU M 30 -4.98 -5.05 -10.95
N CYS M 31 -4.18 -4.62 -9.98
CA CYS M 31 -3.24 -5.52 -9.33
C CYS M 31 -3.99 -6.45 -8.39
N PRO M 32 -3.66 -7.75 -8.38
CA PRO M 32 -4.41 -8.74 -7.59
C PRO M 32 -4.01 -8.74 -6.12
N PHE M 33 -4.29 -7.62 -5.44
CA PHE M 33 -4.02 -7.51 -4.02
C PHE M 33 -5.07 -8.20 -3.16
N GLY M 34 -6.25 -8.50 -3.73
CA GLY M 34 -7.26 -9.21 -2.96
C GLY M 34 -6.92 -10.67 -2.72
N GLU M 35 -6.25 -11.31 -3.68
CA GLU M 35 -5.85 -12.71 -3.53
C GLU M 35 -4.72 -12.87 -2.51
N VAL M 36 -4.00 -11.79 -2.19
CA VAL M 36 -2.91 -11.87 -1.23
C VAL M 36 -3.38 -11.61 0.19
N PHE M 37 -4.34 -10.70 0.38
CA PHE M 37 -4.79 -10.30 1.71
C PHE M 37 -5.96 -11.12 2.23
N ASN M 38 -6.93 -11.42 1.37
CA ASN M 38 -8.14 -12.13 1.77
C ASN M 38 -8.03 -13.65 1.64
N ALA M 39 -6.82 -14.16 1.42
CA ALA M 39 -6.64 -15.60 1.24
C ALA M 39 -7.07 -16.36 2.49
N THR M 40 -7.77 -17.48 2.26
CA THR M 40 -8.13 -18.34 3.38
C THR M 40 -6.92 -19.09 3.91
N ARG M 41 -5.90 -19.28 3.09
CA ARG M 41 -4.70 -20.02 3.47
C ARG M 41 -3.51 -19.08 3.53
N PHE M 42 -2.92 -18.95 4.72
CA PHE M 42 -1.64 -18.31 4.92
C PHE M 42 -0.61 -19.38 5.30
N ALA M 43 0.66 -19.05 5.12
CA ALA M 43 1.73 -20.01 5.29
C ALA M 43 2.49 -19.76 6.59
N SER M 44 3.32 -20.72 6.94
CA SER M 44 4.20 -20.59 8.08
C SER M 44 5.37 -19.66 7.73
N VAL M 45 5.85 -18.94 8.74
CA VAL M 45 6.92 -17.97 8.52
C VAL M 45 8.20 -18.65 8.05
N TYR M 46 8.40 -19.91 8.44
CA TYR M 46 9.59 -20.62 7.97
C TYR M 46 9.50 -20.98 6.50
N ALA M 47 8.28 -21.21 6.00
CA ALA M 47 8.08 -21.47 4.59
C ALA M 47 7.21 -20.39 3.98
N TRP M 48 7.63 -19.13 4.14
CA TRP M 48 6.79 -17.99 3.78
C TRP M 48 6.48 -18.00 2.28
N ASN M 49 5.28 -17.54 1.96
CA ASN M 49 4.78 -17.54 0.58
C ASN M 49 5.17 -16.26 -0.12
N ARG M 50 5.36 -16.36 -1.44
CA ARG M 50 5.69 -15.21 -2.28
C ARG M 50 4.82 -15.22 -3.52
N LYS M 51 4.33 -14.04 -3.88
CA LYS M 51 3.63 -13.82 -5.13
C LYS M 51 4.24 -12.62 -5.84
N ARG M 52 4.45 -12.77 -7.15
CA ARG M 52 4.94 -11.67 -7.96
C ARG M 52 3.77 -10.83 -8.45
N ILE M 53 3.86 -9.52 -8.24
CA ILE M 53 2.90 -8.56 -8.77
C ILE M 53 3.47 -8.02 -10.07
N SER M 54 2.73 -8.18 -11.16
CA SER M 54 3.22 -7.78 -12.47
C SER M 54 2.06 -7.39 -13.38
N ASN M 55 2.37 -6.57 -14.38
CA ASN M 55 1.44 -6.20 -15.45
C ASN M 55 0.11 -5.71 -14.91
N CYS M 56 0.17 -4.67 -14.07
CA CYS M 56 -1.06 -4.22 -13.43
C CYS M 56 -0.89 -2.81 -12.89
N VAL M 57 -2.05 -2.15 -12.71
CA VAL M 57 -2.15 -0.84 -12.09
C VAL M 57 -2.53 -1.03 -10.62
N ALA M 58 -1.82 -0.35 -9.73
CA ALA M 58 -1.97 -0.54 -8.29
C ALA M 58 -2.43 0.76 -7.64
N ASP M 59 -3.56 0.70 -6.94
CA ASP M 59 -4.01 1.79 -6.07
C ASP M 59 -3.61 1.41 -4.66
N TYR M 60 -2.42 1.86 -4.25
CA TYR M 60 -1.93 1.55 -2.91
C TYR M 60 -2.70 2.31 -1.84
N SER M 61 -3.21 3.51 -2.17
CA SER M 61 -3.92 4.30 -1.17
C SER M 61 -5.21 3.62 -0.73
N VAL M 62 -5.84 2.85 -1.62
CA VAL M 62 -7.01 2.07 -1.24
C VAL M 62 -6.65 1.05 -0.17
N LEU M 63 -5.47 0.42 -0.30
CA LEU M 63 -5.01 -0.50 0.73
C LEU M 63 -4.90 0.18 2.08
N TYR M 64 -4.36 1.39 2.13
CA TYR M 64 -4.26 2.13 3.37
C TYR M 64 -5.64 2.47 3.93
N ASN M 65 -6.62 2.70 3.05
CA ASN M 65 -7.93 3.16 3.51
C ASN M 65 -8.63 2.14 4.38
N SER M 66 -8.41 0.85 4.15
CA SER M 66 -8.96 -0.17 5.03
C SER M 66 -8.40 0.00 6.44
N ALA M 67 -9.31 0.10 7.41
CA ALA M 67 -8.92 0.29 8.80
C ALA M 67 -8.55 -1.02 9.49
N SER M 68 -8.54 -2.14 8.76
CA SER M 68 -8.31 -3.44 9.40
C SER M 68 -6.89 -3.58 9.92
N PHE M 69 -5.94 -2.87 9.33
CA PHE M 69 -4.52 -3.17 9.53
C PHE M 69 -4.00 -2.55 10.83
N SER M 70 -3.42 -3.38 11.69
CA SER M 70 -2.77 -2.88 12.89
C SER M 70 -1.47 -2.18 12.55
N THR M 71 -0.75 -2.67 11.55
CA THR M 71 0.54 -2.12 11.13
C THR M 71 0.51 -1.84 9.65
N PHE M 72 0.99 -0.66 9.25
CA PHE M 72 1.16 -0.29 7.85
C PHE M 72 2.34 0.69 7.80
N LYS M 73 3.53 0.14 8.00
CA LYS M 73 4.76 0.93 8.02
C LYS M 73 5.52 0.71 6.71
N CYS M 74 5.81 1.81 6.02
CA CYS M 74 6.53 1.77 4.74
C CYS M 74 7.94 2.32 4.92
N TYR M 75 8.88 1.71 4.20
CA TYR M 75 10.30 2.02 4.33
C TYR M 75 10.86 2.43 2.97
N GLY M 76 11.60 3.53 2.95
CA GLY M 76 12.19 4.05 1.73
C GLY M 76 11.22 4.72 0.77
N VAL M 77 9.91 4.57 0.98
CA VAL M 77 8.90 5.18 0.12
C VAL M 77 7.77 5.71 0.99
N SER M 78 7.34 6.91 0.69
CA SER M 78 6.06 7.36 1.23
C SER M 78 4.93 6.56 0.59
N PRO M 79 3.91 6.18 1.35
CA PRO M 79 2.76 5.49 0.73
C PRO M 79 2.08 6.32 -0.32
N THR M 80 2.06 7.65 -0.16
CA THR M 80 1.33 8.51 -1.09
C THR M 80 2.03 8.59 -2.43
N LYS M 81 3.36 8.65 -2.45
CA LYS M 81 4.09 8.76 -3.70
C LYS M 81 4.00 7.49 -4.54
N LEU M 82 3.54 6.38 -3.96
CA LEU M 82 3.56 5.11 -4.68
C LEU M 82 2.58 5.09 -5.84
N ASN M 83 1.52 5.91 -5.77
CA ASN M 83 0.55 5.96 -6.86
C ASN M 83 1.08 6.67 -8.10
N ASP M 84 2.23 7.34 -8.00
CA ASP M 84 2.84 8.01 -9.15
C ASP M 84 4.17 7.36 -9.55
N LEU M 85 4.42 6.15 -9.08
CA LEU M 85 5.69 5.46 -9.31
C LEU M 85 5.45 4.15 -10.06
N CYS M 86 6.38 3.83 -10.96
CA CYS M 86 6.42 2.57 -11.67
C CYS M 86 7.60 1.74 -11.20
N PHE M 87 7.40 0.43 -11.10
CA PHE M 87 8.43 -0.46 -10.59
C PHE M 87 8.62 -1.65 -11.53
N THR M 88 9.89 -2.05 -11.68
CA THR M 88 10.20 -3.22 -12.51
C THR M 88 9.67 -4.50 -11.88
N ASN M 89 9.97 -4.70 -10.59
CA ASN M 89 9.59 -5.91 -9.88
C ASN M 89 8.89 -5.55 -8.57
N VAL M 90 7.71 -6.12 -8.36
CA VAL M 90 6.97 -6.00 -7.12
C VAL M 90 6.63 -7.41 -6.63
N TYR M 91 7.02 -7.71 -5.40
CA TYR M 91 6.78 -9.01 -4.79
C TYR M 91 5.91 -8.85 -3.55
N ALA M 92 5.08 -9.85 -3.30
CA ALA M 92 4.21 -9.91 -2.13
C ALA M 92 4.56 -11.17 -1.35
N ASP M 93 4.93 -10.99 -0.08
CA ASP M 93 5.34 -12.07 0.81
C ASP M 93 4.38 -12.15 1.99
N SER M 94 3.95 -13.37 2.31
CA SER M 94 2.89 -13.58 3.29
C SER M 94 3.27 -14.70 4.26
N PHE M 95 2.94 -14.50 5.53
CA PHE M 95 3.19 -15.50 6.57
C PHE M 95 2.38 -15.14 7.81
N VAL M 96 2.37 -16.07 8.77
CA VAL M 96 1.70 -15.91 10.04
C VAL M 96 2.76 -15.97 11.14
N ILE M 97 2.70 -15.00 12.07
CA ILE M 97 3.65 -14.92 13.18
C ILE M 97 2.88 -14.52 14.44
N ARG M 98 3.60 -14.56 15.57
CA ARG M 98 3.03 -14.09 16.82
C ARG M 98 2.95 -12.56 16.84
N GLY M 99 2.08 -12.04 17.70
CA GLY M 99 1.90 -10.60 17.80
C GLY M 99 3.15 -9.86 18.23
N ASP M 100 3.95 -10.46 19.12
CA ASP M 100 5.17 -9.82 19.60
C ASP M 100 6.29 -9.84 18.58
N GLU M 101 6.17 -10.61 17.50
CA GLU M 101 7.23 -10.75 16.51
C GLU M 101 7.06 -9.86 15.30
N VAL M 102 5.94 -9.15 15.18
CA VAL M 102 5.73 -8.24 14.05
C VAL M 102 6.75 -7.11 14.07
N ARG M 103 7.32 -6.81 15.24
CA ARG M 103 8.42 -5.85 15.32
C ARG M 103 9.57 -6.26 14.43
N GLN M 104 9.84 -7.57 14.33
CA GLN M 104 11.01 -8.08 13.63
C GLN M 104 10.86 -8.06 12.11
N ILE M 105 9.64 -7.90 11.59
CA ILE M 105 9.45 -7.77 10.15
C ILE M 105 9.75 -6.33 9.77
N ALA M 106 11.00 -5.91 9.96
CA ALA M 106 11.44 -4.55 9.72
C ALA M 106 12.91 -4.60 9.35
N PRO M 107 13.41 -3.59 8.62
CA PRO M 107 14.84 -3.56 8.30
C PRO M 107 15.69 -3.47 9.56
N GLY M 108 16.82 -4.17 9.54
CA GLY M 108 17.80 -4.11 10.61
C GLY M 108 17.30 -4.58 11.97
N GLN M 109 16.64 -5.72 12.00
CA GLN M 109 16.10 -6.30 13.23
C GLN M 109 16.81 -7.60 13.56
N THR M 110 16.79 -7.93 14.85
CA THR M 110 17.34 -9.18 15.36
C THR M 110 16.24 -9.96 16.07
N GLY M 111 16.40 -11.28 16.07
CA GLY M 111 15.40 -12.17 16.64
C GLY M 111 15.28 -13.45 15.85
N LYS M 112 14.58 -14.45 16.41
CA LYS M 112 14.53 -15.76 15.76
C LYS M 112 13.75 -15.71 14.46
N ILE M 113 12.73 -14.86 14.37
CA ILE M 113 11.96 -14.75 13.13
C ILE M 113 12.78 -14.03 12.07
N ALA M 114 13.54 -13.00 12.45
CA ALA M 114 14.33 -12.26 11.49
C ALA M 114 15.59 -13.03 11.08
N ASP M 115 16.24 -13.70 12.03
CA ASP M 115 17.52 -14.34 11.75
C ASP M 115 17.35 -15.70 11.09
N TYR M 116 16.32 -16.45 11.47
CA TYR M 116 16.17 -17.84 11.03
C TYR M 116 14.96 -18.07 10.12
N ASN M 117 14.06 -17.10 9.96
CA ASN M 117 12.83 -17.36 9.23
C ASN M 117 12.61 -16.39 8.08
N TYR M 118 12.69 -15.09 8.34
CA TYR M 118 12.42 -14.09 7.30
C TYR M 118 13.20 -12.83 7.60
N LYS M 119 14.14 -12.50 6.72
CA LYS M 119 15.00 -11.34 6.89
C LYS M 119 14.72 -10.32 5.79
N LEU M 120 14.57 -9.05 6.19
CA LEU M 120 14.43 -7.95 5.25
C LEU M 120 15.77 -7.24 5.07
N PRO M 121 16.02 -6.68 3.89
CA PRO M 121 17.30 -5.99 3.67
C PRO M 121 17.40 -4.73 4.50
N ASP M 122 18.64 -4.36 4.84
CA ASP M 122 18.88 -3.03 5.40
C ASP M 122 18.51 -1.96 4.38
N ASP M 123 18.77 -2.23 3.11
CA ASP M 123 18.34 -1.34 2.02
C ASP M 123 17.00 -1.84 1.49
N PHE M 124 15.98 -1.68 2.32
CA PHE M 124 14.64 -2.18 2.02
C PHE M 124 13.76 -1.03 1.56
N THR M 125 13.20 -1.17 0.36
CA THR M 125 12.20 -0.26 -0.19
C THR M 125 10.89 -1.05 -0.30
N GLY M 126 9.95 -0.75 0.60
CA GLY M 126 8.68 -1.46 0.59
C GLY M 126 7.86 -1.12 1.81
N CYS M 127 6.77 -1.89 1.98
CA CYS M 127 5.81 -1.69 3.06
C CYS M 127 5.52 -3.02 3.74
N VAL M 128 5.27 -2.96 5.05
CA VAL M 128 4.94 -4.12 5.87
C VAL M 128 3.57 -3.89 6.49
N ILE M 129 2.66 -4.84 6.27
CA ILE M 129 1.26 -4.72 6.65
C ILE M 129 0.85 -5.96 7.44
N ALA M 130 0.13 -5.75 8.55
CA ALA M 130 -0.21 -6.85 9.44
C ALA M 130 -1.56 -6.59 10.11
N TRP M 131 -2.23 -7.69 10.48
CA TRP M 131 -3.50 -7.62 11.19
C TRP M 131 -3.65 -8.88 12.04
N ASN M 132 -4.61 -8.83 12.97
CA ASN M 132 -4.85 -9.94 13.89
C ASN M 132 -5.71 -11.00 13.20
N SER M 133 -5.31 -12.26 13.36
CA SER M 133 -5.95 -13.38 12.69
C SER M 133 -6.44 -14.44 13.68
N ASN M 134 -6.73 -14.02 14.92
CA ASN M 134 -7.18 -14.97 15.93
C ASN M 134 -8.50 -15.63 15.53
N ASN M 135 -9.39 -14.88 14.88
CA ASN M 135 -10.65 -15.45 14.44
C ASN M 135 -10.43 -16.60 13.46
N LEU M 136 -9.54 -16.42 12.48
CA LEU M 136 -9.30 -17.41 11.44
C LEU M 136 -8.30 -18.49 11.83
N ASP M 137 -7.21 -18.12 12.52
CA ASP M 137 -6.06 -19.02 12.66
C ASP M 137 -5.89 -19.59 14.06
N SER M 138 -6.81 -19.34 14.99
CA SER M 138 -6.73 -19.91 16.32
C SER M 138 -7.82 -20.96 16.52
N LYS M 139 -7.46 -22.05 17.22
CA LYS M 139 -8.38 -23.13 17.51
C LYS M 139 -8.36 -23.42 19.02
N VAL M 140 -9.47 -23.96 19.52
CA VAL M 140 -9.65 -24.14 20.96
C VAL M 140 -8.60 -25.10 21.51
N GLY M 141 -8.48 -26.27 20.92
CA GLY M 141 -7.38 -27.16 21.28
C GLY M 141 -6.01 -26.55 21.05
N GLY M 142 -5.92 -25.60 20.11
CA GLY M 142 -4.67 -25.04 19.69
C GLY M 142 -4.33 -25.39 18.27
N ASN M 143 -3.99 -24.39 17.48
CA ASN M 143 -3.53 -24.65 16.12
C ASN M 143 -2.02 -24.79 16.16
N TYR M 144 -1.54 -26.02 16.02
CA TYR M 144 -0.11 -26.30 16.00
C TYR M 144 0.42 -26.46 14.59
N ASN M 145 -0.41 -26.24 13.57
CA ASN M 145 -0.01 -26.40 12.18
C ASN M 145 0.79 -25.21 11.64
N TYR M 146 0.90 -24.13 12.40
CA TYR M 146 1.80 -23.03 12.06
C TYR M 146 3.12 -23.23 12.78
N LEU M 147 4.21 -23.27 12.02
CA LEU M 147 5.52 -23.61 12.54
C LEU M 147 6.49 -22.44 12.36
N TYR M 148 7.54 -22.46 13.16
CA TYR M 148 8.63 -21.51 13.06
C TYR M 148 9.94 -22.23 13.35
N ARG M 149 11.03 -21.60 12.94
CA ARG M 149 12.38 -22.14 13.17
C ARG M 149 13.04 -21.40 14.32
N LEU M 150 13.52 -22.15 15.31
CA LEU M 150 14.23 -21.56 16.44
C LEU M 150 15.73 -21.83 16.41
N PHE M 151 16.20 -22.71 15.54
CA PHE M 151 17.60 -23.13 15.52
C PHE M 151 18.13 -23.11 14.09
N ARG M 152 19.22 -22.38 13.88
CA ARG M 152 19.91 -22.38 12.60
C ARG M 152 21.34 -21.92 12.84
N LYS M 153 22.28 -22.53 12.11
CA LYS M 153 23.70 -22.27 12.35
C LYS M 153 24.08 -20.85 11.94
N SER M 154 23.49 -20.35 10.87
CA SER M 154 23.80 -19.01 10.37
C SER M 154 22.51 -18.24 10.16
N ASN M 155 22.62 -16.91 10.22
CA ASN M 155 21.47 -16.05 9.98
C ASN M 155 21.11 -16.07 8.50
N LEU M 156 19.81 -16.11 8.22
CA LEU M 156 19.31 -16.11 6.86
C LEU M 156 19.77 -14.87 6.11
N LYS M 157 20.26 -15.07 4.89
CA LYS M 157 20.45 -13.93 4.01
C LYS M 157 19.09 -13.32 3.69
N PRO M 158 19.03 -12.02 3.41
CA PRO M 158 17.74 -11.39 3.11
C PRO M 158 17.01 -12.09 1.97
N PHE M 159 15.74 -12.42 2.22
CA PHE M 159 14.83 -13.03 1.25
C PHE M 159 15.17 -14.48 0.94
N GLU M 160 15.78 -15.19 1.89
CA GLU M 160 16.04 -16.60 1.78
C GLU M 160 14.97 -17.38 2.54
N ARG M 161 14.70 -18.59 2.08
CA ARG M 161 13.71 -19.47 2.68
C ARG M 161 14.38 -20.79 3.02
N ASP M 162 14.49 -21.09 4.30
CA ASP M 162 15.01 -22.37 4.78
C ASP M 162 13.81 -23.22 5.17
N ILE M 163 13.48 -24.20 4.30
CA ILE M 163 12.45 -25.17 4.59
C ILE M 163 13.05 -26.51 5.01
N SER M 164 14.34 -26.53 5.36
CA SER M 164 15.02 -27.77 5.69
C SER M 164 14.58 -28.27 7.06
N THR M 165 14.62 -29.59 7.22
CA THR M 165 14.20 -30.27 8.45
C THR M 165 15.32 -31.20 8.92
N GLU M 166 16.49 -30.61 9.18
CA GLU M 166 17.66 -31.36 9.61
C GLU M 166 17.99 -31.04 11.07
N ILE M 167 18.35 -32.08 11.83
CA ILE M 167 18.53 -31.93 13.27
C ILE M 167 19.67 -30.95 13.55
N TYR M 168 19.40 -30.00 14.45
CA TYR M 168 20.34 -28.94 14.76
C TYR M 168 21.37 -29.44 15.77
N GLN M 169 22.64 -29.34 15.42
CA GLN M 169 23.73 -29.81 16.27
C GLN M 169 24.18 -28.66 17.17
N ALA M 170 23.57 -28.58 18.35
CA ALA M 170 23.94 -27.58 19.35
C ALA M 170 25.11 -28.02 20.22
N GLY M 171 25.51 -29.29 20.15
CA GLY M 171 26.63 -29.77 20.92
C GLY M 171 27.66 -30.44 20.02
N SER M 172 28.87 -30.58 20.56
CA SER M 172 29.97 -31.16 19.79
C SER M 172 29.62 -32.57 19.30
N THR M 173 28.86 -33.31 20.08
CA THR M 173 28.46 -34.66 19.70
C THR M 173 27.68 -34.63 18.39
N PRO M 174 28.03 -35.44 17.40
CA PRO M 174 27.22 -35.51 16.18
C PRO M 174 25.82 -36.01 16.50
N CYS M 175 24.82 -35.35 15.90
CA CYS M 175 23.44 -35.71 16.18
C CYS M 175 23.07 -37.04 15.53
N ASN M 176 23.53 -37.26 14.30
CA ASN M 176 23.36 -38.53 13.60
C ASN M 176 21.89 -38.93 13.48
N GLY M 177 21.03 -37.96 13.21
CA GLY M 177 19.69 -38.20 12.74
C GLY M 177 18.60 -38.16 13.79
N VAL M 178 18.93 -38.30 15.07
CA VAL M 178 17.91 -38.37 16.12
C VAL M 178 18.06 -37.18 17.04
N GLU M 179 16.92 -36.77 17.62
CA GLU M 179 16.95 -35.69 18.60
C GLU M 179 17.31 -36.24 19.97
N GLY M 180 18.24 -35.59 20.63
CA GLY M 180 18.70 -35.99 21.93
C GLY M 180 19.29 -34.80 22.63
N PHE M 181 20.24 -35.05 23.53
CA PHE M 181 20.89 -33.95 24.23
C PHE M 181 21.69 -33.12 23.25
N ASN M 182 21.43 -31.80 23.24
CA ASN M 182 22.10 -30.85 22.34
C ASN M 182 21.88 -31.22 20.87
N CYS M 183 20.72 -31.81 20.57
CA CYS M 183 20.36 -32.17 19.20
C CYS M 183 18.85 -32.01 19.08
N TYR M 184 18.42 -30.95 18.39
CA TYR M 184 17.02 -30.55 18.40
C TYR M 184 16.48 -30.46 16.97
N PHE M 185 15.20 -30.79 16.84
CA PHE M 185 14.47 -30.52 15.60
C PHE M 185 14.33 -29.01 15.45
N PRO M 186 14.65 -28.45 14.27
CA PRO M 186 14.74 -26.98 14.16
C PRO M 186 13.40 -26.28 14.16
N LEU M 187 12.30 -26.98 13.96
CA LEU M 187 10.98 -26.36 13.88
C LEU M 187 10.20 -26.61 15.16
N GLN M 188 9.49 -25.59 15.61
CA GLN M 188 8.58 -25.69 16.74
C GLN M 188 7.25 -25.08 16.34
N SER M 189 6.18 -25.56 16.98
CA SER M 189 4.82 -25.13 16.65
C SER M 189 4.42 -23.93 17.49
N TYR M 190 3.95 -22.89 16.82
CA TYR M 190 3.15 -21.87 17.51
C TYR M 190 1.94 -22.55 18.12
N GLY M 191 1.69 -22.26 19.39
CA GLY M 191 0.44 -22.68 20.00
C GLY M 191 -0.55 -21.53 19.96
N PHE M 192 -1.50 -21.59 19.04
CA PHE M 192 -2.47 -20.50 18.83
C PHE M 192 -3.81 -20.92 19.41
N GLN M 193 -4.12 -20.37 20.59
CA GLN M 193 -5.37 -20.61 21.29
C GLN M 193 -6.15 -19.30 21.42
N PRO M 194 -7.48 -19.36 21.34
CA PRO M 194 -8.25 -18.11 21.41
C PRO M 194 -8.07 -17.36 22.72
N THR M 195 -7.91 -18.08 23.84
CA THR M 195 -7.73 -17.43 25.13
C THR M 195 -6.37 -16.76 25.29
N ASN M 196 -5.45 -16.95 24.35
CA ASN M 196 -4.11 -16.41 24.48
C ASN M 196 -4.12 -14.88 24.45
N GLY M 197 -3.09 -14.29 25.05
CA GLY M 197 -2.91 -12.86 24.97
C GLY M 197 -2.59 -12.40 23.57
N VAL M 198 -2.60 -11.07 23.40
CA VAL M 198 -2.43 -10.50 22.06
C VAL M 198 -1.03 -10.76 21.54
N GLY M 199 -0.02 -10.80 22.42
CA GLY M 199 1.33 -11.07 21.97
C GLY M 199 1.52 -12.48 21.47
N TYR M 200 0.77 -13.43 22.02
CA TYR M 200 0.80 -14.81 21.57
C TYR M 200 -0.37 -15.15 20.64
N GLN M 201 -1.17 -14.17 20.29
CA GLN M 201 -2.24 -14.36 19.30
C GLN M 201 -1.65 -14.32 17.89
N PRO M 202 -2.26 -15.03 16.95
CA PRO M 202 -1.72 -15.06 15.59
C PRO M 202 -1.94 -13.74 14.85
N TYR M 203 -0.95 -13.35 14.07
CA TYR M 203 -1.01 -12.17 13.22
C TYR M 203 -0.57 -12.54 11.82
N ARG M 204 -1.30 -12.03 10.82
CA ARG M 204 -0.98 -12.24 9.42
C ARG M 204 -0.27 -11.01 8.86
N VAL M 205 0.83 -11.23 8.17
CA VAL M 205 1.70 -10.16 7.69
C VAL M 205 1.86 -10.29 6.18
N VAL M 206 1.76 -9.16 5.48
CA VAL M 206 2.04 -9.07 4.06
C VAL M 206 3.14 -8.03 3.85
N VAL M 207 4.21 -8.44 3.17
CA VAL M 207 5.34 -7.56 2.88
C VAL M 207 5.38 -7.32 1.38
N LEU M 208 5.34 -6.05 0.99
CA LEU M 208 5.41 -5.63 -0.41
C LEU M 208 6.80 -5.08 -0.69
N SER M 209 7.47 -5.66 -1.68
CA SER M 209 8.83 -5.28 -2.05
C SER M 209 8.82 -4.65 -3.43
N PHE M 210 9.39 -3.46 -3.54
CA PHE M 210 9.44 -2.71 -4.79
C PHE M 210 10.88 -2.63 -5.27
N GLU M 211 11.10 -2.96 -6.54
CA GLU M 211 12.41 -2.89 -7.16
C GLU M 211 12.30 -2.15 -8.48
N LEU M 212 13.13 -1.13 -8.65
CA LEU M 212 13.20 -0.37 -9.89
C LEU M 212 14.54 -0.66 -10.56
N LEU M 213 14.50 -1.27 -11.75
CA LEU M 213 15.68 -1.60 -12.50
C LEU M 213 15.66 -0.86 -13.84
N HIS M 214 16.84 -0.75 -14.46
CA HIS M 214 16.92 -0.23 -15.82
C HIS M 214 16.34 -1.25 -16.78
N ALA M 215 15.02 -1.43 -16.70
CA ALA M 215 14.31 -2.49 -17.39
C ALA M 215 12.84 -2.10 -17.47
N PRO M 216 12.04 -2.77 -18.29
CA PRO M 216 10.61 -2.42 -18.40
C PRO M 216 9.93 -2.47 -17.03
N ALA M 217 9.00 -1.53 -16.82
CA ALA M 217 8.29 -1.38 -15.55
C ALA M 217 6.95 -2.07 -15.65
N THR M 218 6.79 -3.17 -14.91
CA THR M 218 5.57 -3.97 -14.99
C THR M 218 4.42 -3.35 -14.20
N VAL M 219 4.69 -2.89 -12.98
CA VAL M 219 3.66 -2.40 -12.07
C VAL M 219 3.77 -0.89 -11.97
N CYS M 220 2.65 -0.20 -12.17
CA CYS M 220 2.59 1.24 -12.11
C CYS M 220 1.38 1.69 -11.28
N GLY M 221 1.43 2.93 -10.82
CA GLY M 221 0.29 3.55 -10.19
C GLY M 221 -0.70 4.04 -11.22
N PRO M 222 -1.82 4.59 -10.73
CA PRO M 222 -2.91 4.99 -11.66
C PRO M 222 -2.49 6.01 -12.69
N LYS M 223 -1.84 7.11 -12.28
CA LYS M 223 -1.51 8.16 -13.23
C LYS M 223 -0.49 7.69 -14.26
N LYS M 224 0.43 6.82 -13.86
CA LYS M 224 1.52 6.44 -14.76
C LYS M 224 1.06 5.50 -15.86
N SER M 225 -0.04 4.77 -15.66
CA SER M 225 -0.64 3.95 -16.70
C SER M 225 -2.04 3.48 -16.29
N VAL N 29 14.61 -46.18 3.82
CA VAL N 29 15.19 -46.20 2.48
C VAL N 29 14.12 -46.45 1.44
N GLN N 30 13.08 -47.20 1.81
CA GLN N 30 12.07 -47.64 0.86
C GLN N 30 10.72 -47.71 1.56
N LEU N 31 9.70 -47.13 0.93
CA LEU N 31 8.36 -47.07 1.48
C LEU N 31 7.51 -48.18 0.88
N VAL N 32 6.82 -48.94 1.74
CA VAL N 32 5.97 -50.04 1.34
C VAL N 32 4.52 -49.64 1.61
N GLN N 33 3.65 -49.86 0.64
CA GLN N 33 2.26 -49.41 0.71
C GLN N 33 1.31 -50.60 0.71
N SER N 34 0.11 -50.35 1.23
CA SER N 34 -0.89 -51.41 1.36
C SER N 34 -1.42 -51.83 -0.01
N GLY N 35 -2.22 -52.88 -0.02
CA GLY N 35 -2.76 -53.39 -1.26
C GLY N 35 -3.87 -52.53 -1.82
N ALA N 36 -4.32 -52.89 -3.02
CA ALA N 36 -5.35 -52.15 -3.72
C ALA N 36 -6.71 -52.39 -3.08
N GLU N 37 -7.55 -51.36 -3.09
CA GLU N 37 -8.91 -51.45 -2.60
C GLU N 37 -9.88 -51.14 -3.73
N VAL N 38 -10.93 -51.96 -3.83
CA VAL N 38 -12.08 -51.66 -4.66
C VAL N 38 -13.18 -51.25 -3.69
N LYS N 39 -13.25 -49.96 -3.39
CA LYS N 39 -14.25 -49.45 -2.47
C LYS N 39 -15.52 -49.05 -3.22
N LYS N 40 -16.57 -48.80 -2.46
CA LYS N 40 -17.86 -48.37 -2.97
C LYS N 40 -18.08 -46.90 -2.67
N PRO N 41 -18.93 -46.21 -3.45
CA PRO N 41 -19.15 -44.78 -3.22
C PRO N 41 -19.63 -44.49 -1.80
N GLY N 42 -19.12 -43.40 -1.24
CA GLY N 42 -19.44 -42.99 0.11
C GLY N 42 -18.62 -43.65 1.20
N SER N 43 -17.68 -44.54 0.84
CA SER N 43 -16.90 -45.24 1.83
C SER N 43 -15.72 -44.38 2.31
N SER N 44 -14.89 -44.98 3.14
CA SER N 44 -13.60 -44.42 3.53
C SER N 44 -12.52 -45.44 3.21
N VAL N 45 -11.34 -44.95 2.86
CA VAL N 45 -10.21 -45.80 2.52
C VAL N 45 -9.04 -45.43 3.42
N LYS N 46 -8.32 -46.45 3.87
CA LYS N 46 -7.15 -46.28 4.74
C LYS N 46 -5.94 -46.85 4.02
N VAL N 47 -5.17 -45.98 3.40
CA VAL N 47 -3.95 -46.37 2.70
C VAL N 47 -2.80 -46.35 3.70
N SER N 48 -1.85 -47.27 3.52
CA SER N 48 -0.78 -47.48 4.49
C SER N 48 0.57 -47.11 3.89
N CYS N 49 1.51 -46.78 4.78
CA CYS N 49 2.88 -46.42 4.40
C CYS N 49 3.81 -46.90 5.50
N LYS N 50 4.53 -47.99 5.26
CA LYS N 50 5.52 -48.50 6.20
C LYS N 50 6.91 -48.11 5.74
N ALA N 51 7.66 -47.43 6.60
CA ALA N 51 9.05 -47.09 6.33
C ALA N 51 9.94 -48.26 6.73
N SER N 52 10.65 -48.83 5.76
CA SER N 52 11.50 -49.98 6.04
C SER N 52 12.65 -49.62 6.97
N GLY N 53 13.05 -48.34 7.01
CA GLY N 53 14.17 -47.95 7.87
C GLY N 53 13.84 -48.11 9.33
N GLY N 54 12.75 -47.47 9.79
CA GLY N 54 12.20 -47.75 11.09
C GLY N 54 12.24 -46.63 12.12
N THR N 55 12.43 -45.38 11.70
CA THR N 55 12.52 -44.32 12.70
C THR N 55 11.69 -43.08 12.37
N PHE N 56 11.44 -42.80 11.09
CA PHE N 56 10.75 -41.57 10.68
C PHE N 56 11.49 -40.33 11.21
N SER N 57 12.82 -40.38 11.21
CA SER N 57 13.65 -39.42 11.94
C SER N 57 13.68 -38.09 11.21
N SER N 58 12.87 -37.13 11.69
CA SER N 58 12.70 -35.80 11.12
C SER N 58 12.08 -35.83 9.73
N TYR N 59 11.57 -36.98 9.31
CA TYR N 59 11.06 -37.12 7.95
C TYR N 59 9.67 -36.53 7.82
N THR N 60 9.38 -36.02 6.63
CA THR N 60 8.06 -35.54 6.28
C THR N 60 7.47 -36.48 5.24
N ILE N 61 6.36 -37.12 5.57
CA ILE N 61 5.72 -38.10 4.70
C ILE N 61 4.49 -37.45 4.09
N SER N 62 4.46 -37.37 2.76
CA SER N 62 3.38 -36.74 2.03
C SER N 62 2.61 -37.76 1.21
N TRP N 63 1.39 -37.36 0.83
CA TRP N 63 0.50 -38.20 0.04
C TRP N 63 0.21 -37.48 -1.26
N VAL N 64 0.48 -38.15 -2.38
CA VAL N 64 0.31 -37.59 -3.72
C VAL N 64 -0.58 -38.52 -4.51
N ARG N 65 -1.57 -37.95 -5.20
CA ARG N 65 -2.57 -38.71 -5.93
C ARG N 65 -2.41 -38.49 -7.43
N GLN N 66 -2.66 -39.54 -8.21
CA GLN N 66 -2.65 -39.47 -9.68
C GLN N 66 -3.97 -40.05 -10.16
N ALA N 67 -4.97 -39.19 -10.28
CA ALA N 67 -6.31 -39.57 -10.74
C ALA N 67 -6.49 -39.24 -12.21
N PRO N 68 -7.15 -40.12 -12.96
CA PRO N 68 -7.39 -39.86 -14.39
C PRO N 68 -8.08 -38.52 -14.64
N GLY N 69 -7.43 -37.67 -15.44
CA GLY N 69 -7.98 -36.37 -15.76
C GLY N 69 -7.70 -35.28 -14.76
N GLN N 70 -6.95 -35.56 -13.71
CA GLN N 70 -6.57 -34.56 -12.73
C GLN N 70 -5.07 -34.53 -12.46
N GLY N 71 -4.29 -35.41 -13.10
CA GLY N 71 -2.86 -35.44 -12.98
C GLY N 71 -2.39 -35.73 -11.57
N LEU N 72 -1.16 -35.31 -11.30
CA LEU N 72 -0.56 -35.48 -9.98
C LEU N 72 -1.03 -34.34 -9.06
N GLU N 73 -1.70 -34.70 -7.97
CA GLU N 73 -2.19 -33.74 -6.99
C GLU N 73 -1.60 -34.07 -5.63
N TRP N 74 -0.88 -33.12 -5.04
CA TRP N 74 -0.44 -33.26 -3.66
C TRP N 74 -1.63 -33.09 -2.73
N MET N 75 -1.86 -34.09 -1.87
CA MET N 75 -3.00 -34.10 -0.97
C MET N 75 -2.68 -33.55 0.41
N GLY N 76 -1.51 -33.84 0.93
CA GLY N 76 -1.14 -33.39 2.26
C GLY N 76 0.08 -34.15 2.76
N GLY N 77 0.44 -33.86 4.00
CA GLY N 77 1.61 -34.47 4.59
C GLY N 77 1.56 -34.42 6.10
N ILE N 78 2.63 -34.91 6.72
CA ILE N 78 2.72 -34.99 8.17
C ILE N 78 4.20 -35.07 8.55
N ILE N 79 4.55 -34.34 9.62
CA ILE N 79 5.87 -34.44 10.23
C ILE N 79 5.70 -35.18 11.56
N PRO N 80 6.05 -36.48 11.61
CA PRO N 80 5.72 -37.27 12.81
C PRO N 80 6.34 -36.77 14.10
N ILE N 81 7.58 -36.28 14.06
CA ILE N 81 8.25 -35.84 15.28
C ILE N 81 7.50 -34.69 15.93
N LEU N 82 6.89 -33.82 15.13
CA LEU N 82 6.07 -32.74 15.65
C LEU N 82 4.58 -33.08 15.73
N GLY N 83 4.12 -34.05 14.96
CA GLY N 83 2.70 -34.36 14.88
C GLY N 83 1.88 -33.39 14.06
N THR N 84 2.53 -32.44 13.38
CA THR N 84 1.82 -31.42 12.63
C THR N 84 1.38 -31.96 11.27
N THR N 85 0.24 -31.48 10.79
CA THR N 85 -0.33 -31.94 9.54
C THR N 85 -0.70 -30.74 8.66
N ASN N 86 -0.43 -30.88 7.37
CA ASN N 86 -0.82 -29.89 6.36
C ASN N 86 -1.62 -30.61 5.29
N TYR N 87 -2.76 -30.02 4.90
CA TYR N 87 -3.64 -30.61 3.89
C TYR N 87 -3.87 -29.62 2.77
N ALA N 88 -4.10 -30.15 1.58
CA ALA N 88 -4.43 -29.31 0.43
C ALA N 88 -5.86 -28.81 0.53
N GLN N 89 -6.12 -27.69 -0.15
CA GLN N 89 -7.45 -27.08 -0.10
C GLN N 89 -8.51 -28.02 -0.64
N LYS N 90 -8.24 -28.67 -1.77
CA LYS N 90 -9.23 -29.51 -2.41
C LYS N 90 -9.66 -30.67 -1.52
N PHE N 91 -8.76 -31.14 -0.67
CA PHE N 91 -8.99 -32.33 0.15
C PHE N 91 -9.18 -32.01 1.63
N GLN N 92 -9.23 -30.72 1.98
CA GLN N 92 -9.49 -30.33 3.36
C GLN N 92 -10.88 -30.78 3.79
N GLY N 93 -11.00 -31.18 5.06
CA GLY N 93 -12.25 -31.66 5.60
C GLY N 93 -12.61 -33.07 5.21
N ARG N 94 -11.97 -33.63 4.19
CA ARG N 94 -12.23 -35.00 3.74
C ARG N 94 -11.11 -35.98 4.08
N VAL N 95 -9.91 -35.49 4.36
CA VAL N 95 -8.73 -36.34 4.45
C VAL N 95 -8.10 -36.18 5.83
N THR N 96 -7.78 -37.30 6.45
CA THR N 96 -7.04 -37.34 7.71
C THR N 96 -5.78 -38.15 7.51
N ILE N 97 -4.64 -37.55 7.87
CA ILE N 97 -3.33 -38.19 7.75
C ILE N 97 -2.76 -38.37 9.14
N THR N 98 -2.31 -39.58 9.45
CA THR N 98 -1.84 -39.93 10.78
C THR N 98 -0.52 -40.69 10.67
N ALA N 99 0.12 -40.90 11.83
CA ALA N 99 1.41 -41.57 11.87
C ALA N 99 1.53 -42.37 13.17
N ASP N 100 2.17 -43.52 13.09
CA ASP N 100 2.41 -44.39 14.23
C ASP N 100 3.92 -44.45 14.48
N GLU N 101 4.36 -43.79 15.55
CA GLU N 101 5.78 -43.79 15.88
C GLU N 101 6.30 -45.19 16.18
N SER N 102 5.45 -46.06 16.75
CA SER N 102 5.90 -47.38 17.17
C SER N 102 6.20 -48.27 15.97
N THR N 103 5.29 -48.35 15.01
CA THR N 103 5.48 -49.18 13.82
C THR N 103 6.28 -48.47 12.74
N SER N 104 6.52 -47.16 12.87
CA SER N 104 7.14 -46.35 11.82
C SER N 104 6.28 -46.39 10.56
N THR N 105 4.98 -46.15 10.74
CA THR N 105 4.00 -46.24 9.68
C THR N 105 3.12 -45.01 9.66
N ALA N 106 2.83 -44.51 8.46
CA ALA N 106 1.91 -43.39 8.25
C ALA N 106 0.69 -43.86 7.50
N TYR N 107 -0.45 -43.24 7.79
CA TYR N 107 -1.71 -43.60 7.18
C TYR N 107 -2.40 -42.35 6.63
N MET N 108 -3.20 -42.56 5.59
CA MET N 108 -4.08 -41.52 5.05
C MET N 108 -5.47 -42.09 4.90
N GLU N 109 -6.47 -41.38 5.42
CA GLU N 109 -7.87 -41.74 5.27
C GLU N 109 -8.55 -40.68 4.41
N LEU N 110 -9.11 -41.12 3.29
CA LEU N 110 -9.99 -40.30 2.47
C LEU N 110 -11.40 -40.82 2.64
N SER N 111 -12.31 -39.94 3.06
CA SER N 111 -13.69 -40.29 3.36
C SER N 111 -14.63 -39.68 2.33
N SER N 112 -15.88 -40.13 2.38
CA SER N 112 -16.91 -39.67 1.45
C SER N 112 -16.47 -39.87 0.00
N LEU N 113 -16.07 -41.10 -0.31
CA LEU N 113 -15.44 -41.39 -1.59
C LEU N 113 -16.39 -41.14 -2.75
N ARG N 114 -15.88 -40.43 -3.75
CA ARG N 114 -16.56 -40.26 -5.03
C ARG N 114 -15.80 -41.05 -6.09
N SER N 115 -16.47 -41.29 -7.23
CA SER N 115 -15.80 -42.00 -8.32
C SER N 115 -14.62 -41.22 -8.87
N GLU N 116 -14.57 -39.91 -8.64
CA GLU N 116 -13.41 -39.09 -8.98
C GLU N 116 -12.21 -39.36 -8.07
N ASP N 117 -12.35 -40.26 -7.08
CA ASP N 117 -11.25 -40.68 -6.23
C ASP N 117 -10.64 -42.00 -6.69
N THR N 118 -11.08 -42.52 -7.82
CA THR N 118 -10.39 -43.64 -8.47
C THR N 118 -9.02 -43.15 -8.91
N ALA N 119 -7.98 -43.64 -8.26
CA ALA N 119 -6.65 -43.07 -8.46
C ALA N 119 -5.59 -43.99 -7.86
N VAL N 120 -4.34 -43.67 -8.18
CA VAL N 120 -3.18 -44.25 -7.53
C VAL N 120 -2.72 -43.28 -6.45
N TYR N 121 -2.63 -43.77 -5.22
CA TYR N 121 -2.28 -42.95 -4.06
C TYR N 121 -0.86 -43.29 -3.64
N TYR N 122 0.02 -42.28 -3.70
CA TYR N 122 1.45 -42.50 -3.57
C TYR N 122 1.96 -42.07 -2.20
N CYS N 123 2.99 -42.80 -1.74
CA CYS N 123 3.77 -42.40 -0.58
C CYS N 123 4.99 -41.63 -1.05
N ALA N 124 5.33 -40.56 -0.34
CA ALA N 124 6.45 -39.74 -0.74
C ALA N 124 7.03 -39.00 0.46
N ARG N 125 8.35 -39.08 0.63
CA ARG N 125 9.05 -38.21 1.57
C ARG N 125 9.28 -36.85 0.94
N LYS N 126 8.92 -35.80 1.69
CA LYS N 126 9.06 -34.42 1.26
C LYS N 126 10.37 -33.86 1.82
N PHE N 127 11.31 -33.57 0.94
CA PHE N 127 12.61 -33.04 1.34
C PHE N 127 12.72 -31.56 1.03
N GLY N 128 13.46 -30.84 1.87
CA GLY N 128 13.61 -29.41 1.74
C GLY N 128 15.07 -28.98 1.76
N TYR N 129 15.26 -27.68 1.63
CA TYR N 129 16.60 -27.10 1.56
C TYR N 129 16.48 -25.61 1.86
N SER N 130 17.58 -24.88 1.67
CA SER N 130 17.63 -23.45 1.91
C SER N 130 18.05 -22.73 0.63
N GLY N 131 17.38 -21.63 0.32
CA GLY N 131 17.69 -20.90 -0.90
C GLY N 131 16.70 -19.77 -1.12
N TYR N 132 16.90 -19.09 -2.25
CA TYR N 132 16.11 -17.92 -2.58
C TYR N 132 14.70 -18.27 -3.04
N GLY N 133 14.52 -19.40 -3.71
CA GLY N 133 13.21 -19.81 -4.17
C GLY N 133 12.87 -21.24 -3.76
N ALA N 134 13.32 -21.62 -2.57
CA ALA N 134 13.25 -23.01 -2.15
C ALA N 134 11.81 -23.47 -1.97
N THR N 135 11.48 -24.60 -2.61
CA THR N 135 10.24 -25.31 -2.34
C THR N 135 10.55 -26.80 -2.30
N TRP N 136 9.65 -27.55 -1.68
CA TRP N 136 9.88 -28.97 -1.43
C TRP N 136 9.84 -29.77 -2.72
N TYR N 137 10.52 -30.92 -2.71
CA TYR N 137 10.38 -31.95 -3.73
C TYR N 137 10.20 -33.29 -3.02
N PHE N 138 9.96 -34.34 -3.82
CA PHE N 138 9.59 -35.67 -3.34
C PHE N 138 10.62 -36.67 -3.86
N ASP N 139 11.64 -36.94 -3.06
CA ASP N 139 12.80 -37.71 -3.51
C ASP N 139 12.67 -39.21 -3.24
N LEU N 140 11.56 -39.67 -2.69
CA LEU N 140 11.38 -41.09 -2.39
C LEU N 140 9.90 -41.42 -2.52
N TRP N 141 9.57 -42.40 -3.35
CA TRP N 141 8.19 -42.70 -3.70
C TRP N 141 7.89 -44.18 -3.46
N GLY N 142 6.67 -44.45 -2.99
CA GLY N 142 6.20 -45.82 -2.95
C GLY N 142 5.62 -46.23 -4.29
N ARG N 143 5.47 -47.56 -4.46
CA ARG N 143 4.90 -48.08 -5.69
C ARG N 143 3.52 -47.50 -5.96
N GLY N 144 2.77 -47.19 -4.90
CA GLY N 144 1.44 -46.64 -5.05
C GLY N 144 0.34 -47.66 -4.85
N THR N 145 -0.76 -47.25 -4.24
CA THR N 145 -1.92 -48.09 -4.06
C THR N 145 -3.03 -47.64 -4.99
N LEU N 146 -3.56 -48.58 -5.76
CA LEU N 146 -4.69 -48.30 -6.64
C LEU N 146 -5.99 -48.42 -5.84
N VAL N 147 -6.76 -47.33 -5.80
CA VAL N 147 -8.08 -47.33 -5.19
C VAL N 147 -9.10 -47.13 -6.30
N THR N 148 -10.06 -48.05 -6.40
CA THR N 148 -11.08 -48.02 -7.43
C THR N 148 -12.44 -47.84 -6.77
N VAL N 149 -13.09 -46.71 -7.05
CA VAL N 149 -14.42 -46.41 -6.53
C VAL N 149 -15.42 -46.73 -7.64
N SER N 150 -16.24 -47.75 -7.43
CA SER N 150 -17.21 -48.19 -8.42
C SER N 150 -18.51 -47.41 -8.30
N GLN N 167 -5.97 -26.34 -16.46
CA GLN N 167 -6.05 -27.56 -15.68
C GLN N 167 -5.02 -27.53 -14.56
N SER N 168 -3.83 -28.05 -14.82
CA SER N 168 -2.70 -27.79 -13.94
C SER N 168 -2.27 -26.33 -14.09
N VAL N 169 -1.69 -25.77 -13.03
CA VAL N 169 -1.20 -24.39 -13.10
C VAL N 169 0.17 -24.31 -13.75
N LEU N 170 0.82 -25.44 -13.99
CA LEU N 170 2.02 -25.53 -14.79
C LEU N 170 1.67 -26.32 -16.05
N THR N 171 1.86 -25.70 -17.22
CA THR N 171 1.50 -26.32 -18.47
C THR N 171 2.71 -26.94 -19.15
N GLN N 172 2.48 -28.08 -19.81
CA GLN N 172 3.49 -28.81 -20.54
C GLN N 172 2.89 -29.26 -21.87
N PRO N 173 3.70 -29.37 -22.92
CA PRO N 173 3.21 -29.97 -24.16
C PRO N 173 2.80 -31.41 -23.91
N PRO N 174 1.62 -31.81 -24.39
CA PRO N 174 1.17 -33.19 -24.16
C PRO N 174 2.13 -34.23 -24.67
N SER N 175 2.88 -33.91 -25.73
CA SER N 175 3.71 -34.90 -26.41
C SER N 175 4.88 -34.21 -27.09
N VAL N 176 6.06 -34.83 -26.97
CA VAL N 176 7.28 -34.33 -27.59
C VAL N 176 8.03 -35.52 -28.18
N SER N 177 8.57 -35.35 -29.38
CA SER N 177 9.27 -36.42 -30.09
C SER N 177 10.70 -36.02 -30.39
N GLY N 178 11.56 -37.03 -30.52
CA GLY N 178 12.96 -36.80 -30.80
C GLY N 178 13.58 -38.01 -31.46
N ALA N 179 14.69 -37.76 -32.17
CA ALA N 179 15.43 -38.83 -32.82
C ALA N 179 16.54 -39.33 -31.90
N PRO N 180 16.92 -40.60 -32.04
CA PRO N 180 18.01 -41.13 -31.20
C PRO N 180 19.30 -40.35 -31.40
N GLY N 181 20.06 -40.21 -30.32
CA GLY N 181 21.31 -39.49 -30.33
C GLY N 181 21.21 -37.98 -30.31
N GLN N 182 20.00 -37.43 -30.32
CA GLN N 182 19.79 -36.00 -30.48
C GLN N 182 19.34 -35.38 -29.17
N ARG N 183 19.21 -34.05 -29.21
CA ARG N 183 18.82 -33.25 -28.06
C ARG N 183 17.36 -32.85 -28.19
N VAL N 184 16.66 -32.81 -27.07
CA VAL N 184 15.25 -32.44 -27.04
C VAL N 184 14.97 -31.74 -25.72
N THR N 185 14.02 -30.79 -25.76
CA THR N 185 13.67 -29.99 -24.59
C THR N 185 12.19 -30.14 -24.28
N ILE N 186 11.88 -30.22 -22.99
CA ILE N 186 10.52 -30.25 -22.48
C ILE N 186 10.30 -28.99 -21.65
N SER N 187 9.26 -28.25 -21.98
CA SER N 187 8.99 -26.95 -21.37
C SER N 187 7.94 -27.06 -20.27
N CYS N 188 7.98 -26.11 -19.34
CA CYS N 188 7.06 -26.04 -18.21
C CYS N 188 6.79 -24.56 -17.94
N THR N 189 5.61 -24.09 -18.31
CA THR N 189 5.26 -22.67 -18.22
C THR N 189 4.31 -22.46 -17.05
N GLY N 190 4.69 -21.56 -16.14
CA GLY N 190 3.86 -21.22 -15.01
C GLY N 190 3.36 -19.80 -15.04
N ASN N 191 3.05 -19.23 -13.87
CA ASN N 191 2.54 -17.87 -13.77
C ASN N 191 3.23 -17.18 -12.60
N SER N 192 2.73 -15.98 -12.26
CA SER N 192 3.34 -15.17 -11.22
C SER N 192 3.11 -15.73 -9.83
N SER N 193 2.10 -16.60 -9.65
CA SER N 193 1.82 -17.17 -8.33
C SER N 193 2.69 -18.38 -8.03
N ASN N 194 3.33 -18.99 -9.03
CA ASN N 194 4.25 -20.09 -8.81
C ASN N 194 5.67 -19.75 -9.27
N ILE N 195 5.92 -19.63 -10.57
CA ILE N 195 7.29 -19.42 -11.05
C ILE N 195 7.67 -17.94 -11.19
N GLY N 196 6.68 -17.05 -11.37
CA GLY N 196 7.00 -15.62 -11.31
C GLY N 196 7.57 -15.22 -9.97
N ALA N 197 7.10 -15.86 -8.89
CA ALA N 197 7.67 -15.60 -7.57
C ALA N 197 9.11 -16.06 -7.46
N GLY N 198 9.53 -16.98 -8.33
CA GLY N 198 10.87 -17.53 -8.26
C GLY N 198 10.98 -18.88 -7.59
N TYR N 199 9.85 -19.52 -7.29
CA TYR N 199 9.89 -20.87 -6.72
C TYR N 199 10.65 -21.81 -7.66
N ASP N 200 11.48 -22.66 -7.06
CA ASP N 200 12.26 -23.60 -7.84
C ASP N 200 11.37 -24.65 -8.48
N VAL N 201 11.93 -25.34 -9.48
CA VAL N 201 11.19 -26.32 -10.27
C VAL N 201 11.92 -27.65 -10.17
N HIS N 202 11.15 -28.72 -9.95
CA HIS N 202 11.67 -30.07 -9.86
C HIS N 202 10.99 -30.94 -10.91
N TRP N 203 11.72 -31.94 -11.40
CA TRP N 203 11.26 -32.77 -12.51
C TRP N 203 11.20 -34.23 -12.09
N TYR N 204 10.19 -34.93 -12.60
CA TYR N 204 9.96 -36.34 -12.29
C TYR N 204 9.77 -37.12 -13.58
N GLN N 205 10.21 -38.37 -13.55
CA GLN N 205 10.14 -39.27 -14.70
C GLN N 205 9.33 -40.50 -14.30
N GLN N 206 8.24 -40.75 -15.02
CA GLN N 206 7.36 -41.87 -14.74
C GLN N 206 7.34 -42.79 -15.96
N PHE N 207 7.96 -43.96 -15.83
CA PHE N 207 7.85 -44.99 -16.85
C PHE N 207 6.47 -45.66 -16.76
N PRO N 208 5.97 -46.16 -17.88
CA PRO N 208 4.65 -46.84 -17.85
C PRO N 208 4.62 -47.97 -16.84
N GLY N 209 3.58 -47.96 -16.00
CA GLY N 209 3.36 -48.99 -15.01
C GLY N 209 4.11 -48.80 -13.70
N THR N 210 4.92 -47.74 -13.57
CA THR N 210 5.74 -47.54 -12.39
C THR N 210 5.36 -46.23 -11.69
N ALA N 211 5.93 -46.05 -10.51
CA ALA N 211 5.77 -44.82 -9.75
C ALA N 211 6.67 -43.73 -10.31
N PRO N 212 6.33 -42.46 -10.05
CA PRO N 212 7.22 -41.37 -10.48
C PRO N 212 8.55 -41.43 -9.73
N LYS N 213 9.59 -40.99 -10.44
CA LYS N 213 10.95 -40.98 -9.89
C LYS N 213 11.53 -39.58 -10.08
N LEU N 214 12.30 -39.13 -9.09
CA LEU N 214 12.91 -37.81 -9.16
C LEU N 214 14.05 -37.81 -10.17
N LEU N 215 13.97 -36.89 -11.13
CA LEU N 215 14.96 -36.77 -12.19
C LEU N 215 15.84 -35.53 -12.04
N ILE N 216 15.25 -34.40 -11.64
CA ILE N 216 15.96 -33.15 -11.41
C ILE N 216 15.35 -32.50 -10.17
N TYR N 217 16.19 -32.25 -9.16
CA TYR N 217 15.81 -31.49 -7.97
C TYR N 217 16.60 -30.20 -7.92
N GLY N 218 16.03 -29.20 -7.28
CA GLY N 218 16.40 -27.82 -7.56
C GLY N 218 16.13 -27.54 -9.03
N ASN N 219 16.52 -26.36 -9.47
CA ASN N 219 16.28 -26.00 -10.87
C ASN N 219 17.18 -26.80 -11.82
N SER N 220 18.34 -27.26 -11.35
CA SER N 220 19.34 -27.83 -12.23
C SER N 220 20.00 -29.11 -11.74
N ASN N 221 19.84 -29.49 -10.48
CA ASN N 221 20.65 -30.55 -9.89
C ASN N 221 20.06 -31.93 -10.15
N ARG N 222 20.95 -32.91 -10.29
CA ARG N 222 20.59 -34.30 -10.59
C ARG N 222 20.87 -35.17 -9.38
N PRO N 223 19.91 -35.98 -8.95
CA PRO N 223 20.18 -36.97 -7.91
C PRO N 223 21.08 -38.08 -8.43
N SER N 224 21.56 -38.90 -7.51
CA SER N 224 22.42 -40.02 -7.87
C SER N 224 21.64 -41.03 -8.70
N GLY N 225 22.28 -41.55 -9.75
CA GLY N 225 21.66 -42.47 -10.67
C GLY N 225 21.04 -41.83 -11.89
N VAL N 226 21.05 -40.51 -11.97
CA VAL N 226 20.50 -39.77 -13.12
C VAL N 226 21.65 -39.31 -13.98
N PRO N 227 21.77 -39.79 -15.22
CA PRO N 227 22.92 -39.41 -16.06
C PRO N 227 22.90 -37.92 -16.40
N ASP N 228 24.09 -37.42 -16.74
CA ASP N 228 24.25 -36.01 -17.07
C ASP N 228 23.62 -35.63 -18.41
N ARG N 229 23.08 -36.60 -19.15
CA ARG N 229 22.30 -36.27 -20.34
C ARG N 229 21.09 -35.42 -19.98
N PHE N 230 20.58 -35.57 -18.76
CA PHE N 230 19.44 -34.80 -18.29
C PHE N 230 19.95 -33.53 -17.60
N SER N 231 19.41 -32.39 -18.03
CA SER N 231 19.77 -31.09 -17.47
C SER N 231 18.51 -30.30 -17.21
N GLY N 232 18.65 -29.25 -16.39
CA GLY N 232 17.50 -28.44 -16.03
C GLY N 232 17.82 -26.96 -15.86
N SER N 233 16.87 -26.11 -16.23
CA SER N 233 17.05 -24.67 -16.09
C SER N 233 15.70 -24.02 -15.85
N LYS N 234 15.73 -22.79 -15.34
CA LYS N 234 14.54 -22.03 -15.02
C LYS N 234 14.81 -20.56 -15.28
N SER N 235 13.89 -19.89 -15.98
CA SER N 235 14.01 -18.47 -16.25
C SER N 235 12.63 -17.87 -16.42
N GLY N 236 12.34 -16.82 -15.65
CA GLY N 236 11.06 -16.15 -15.78
C GLY N 236 9.95 -17.01 -15.20
N THR N 237 8.91 -17.23 -16.00
CA THR N 237 7.78 -18.07 -15.62
C THR N 237 7.89 -19.48 -16.15
N SER N 238 9.04 -19.85 -16.72
CA SER N 238 9.18 -21.10 -17.45
C SER N 238 10.41 -21.87 -16.99
N ALA N 239 10.37 -23.18 -17.23
CA ALA N 239 11.46 -24.08 -16.92
C ALA N 239 11.59 -25.09 -18.07
N SER N 240 12.79 -25.63 -18.23
CA SER N 240 13.10 -26.51 -19.35
C SER N 240 13.90 -27.71 -18.86
N LEU N 241 13.50 -28.89 -19.31
CA LEU N 241 14.26 -30.12 -19.12
C LEU N 241 14.86 -30.53 -20.46
N ALA N 242 16.17 -30.74 -20.48
CA ALA N 242 16.90 -31.03 -21.72
C ALA N 242 17.56 -32.40 -21.61
N ILE N 243 17.36 -33.21 -22.64
CA ILE N 243 17.93 -34.55 -22.72
C ILE N 243 18.78 -34.61 -23.99
N THR N 244 20.07 -34.86 -23.82
CA THR N 244 20.99 -35.05 -24.94
C THR N 244 21.35 -36.52 -25.06
N GLY N 245 21.79 -36.91 -26.27
CA GLY N 245 22.05 -38.30 -26.55
C GLY N 245 20.83 -39.15 -26.30
N LEU N 246 19.69 -38.72 -26.84
CA LEU N 246 18.41 -39.35 -26.54
C LEU N 246 18.44 -40.84 -26.86
N GLN N 247 17.84 -41.63 -25.99
CA GLN N 247 17.79 -43.08 -26.13
C GLN N 247 16.35 -43.55 -26.05
N ALA N 248 16.09 -44.70 -26.66
CA ALA N 248 14.76 -45.30 -26.57
C ALA N 248 14.36 -45.55 -25.12
N GLU N 249 15.33 -45.87 -24.27
CA GLU N 249 15.07 -46.11 -22.85
C GLU N 249 14.63 -44.86 -22.11
N ASP N 250 14.65 -43.70 -22.76
CA ASP N 250 14.16 -42.46 -22.17
C ASP N 250 12.67 -42.22 -22.41
N GLU N 251 12.01 -43.11 -23.15
CA GLU N 251 10.57 -42.98 -23.38
C GLU N 251 9.82 -43.11 -22.06
N ALA N 252 9.20 -42.02 -21.64
CA ALA N 252 8.45 -41.98 -20.39
C ALA N 252 7.60 -40.72 -20.39
N ASP N 253 6.91 -40.48 -19.28
CA ASP N 253 6.17 -39.26 -19.05
C ASP N 253 6.93 -38.41 -18.04
N TYR N 254 7.11 -37.14 -18.36
CA TYR N 254 7.92 -36.22 -17.56
C TYR N 254 7.05 -35.12 -16.98
N TYR N 255 7.19 -34.90 -15.68
CA TYR N 255 6.36 -33.98 -14.93
C TYR N 255 7.22 -32.95 -14.21
N CYS N 256 6.81 -31.69 -14.26
CA CYS N 256 7.45 -30.62 -13.52
C CYS N 256 6.65 -30.29 -12.27
N GLN N 257 7.35 -29.77 -11.26
CA GLN N 257 6.76 -29.51 -9.96
C GLN N 257 7.23 -28.16 -9.43
N SER N 258 6.32 -27.43 -8.80
CA SER N 258 6.64 -26.14 -8.21
C SER N 258 5.70 -25.91 -7.03
N TYR N 259 5.72 -24.69 -6.51
CA TYR N 259 4.86 -24.27 -5.41
C TYR N 259 4.05 -23.06 -5.85
N ASP N 260 2.75 -23.08 -5.59
CA ASP N 260 1.87 -21.96 -5.89
C ASP N 260 1.38 -21.33 -4.60
N SER N 261 1.60 -20.03 -4.45
CA SER N 261 1.23 -19.32 -3.24
C SER N 261 -0.26 -18.99 -3.19
N SER N 262 -0.93 -18.93 -4.34
CA SER N 262 -2.38 -18.72 -4.34
C SER N 262 -3.12 -19.94 -3.79
N LEU N 263 -2.61 -21.14 -4.06
CA LEU N 263 -3.14 -22.37 -3.50
C LEU N 263 -2.38 -22.81 -2.25
N SER N 264 -1.24 -22.21 -1.96
CA SER N 264 -0.40 -22.55 -0.80
C SER N 264 -0.14 -24.05 -0.75
N GLY N 265 0.41 -24.56 -1.84
CA GLY N 265 0.69 -25.98 -1.92
C GLY N 265 1.53 -26.32 -3.14
N SER N 266 2.07 -27.53 -3.12
CA SER N 266 2.84 -28.02 -4.25
C SER N 266 1.94 -28.29 -5.44
N VAL N 267 2.48 -28.07 -6.63
CA VAL N 267 1.72 -28.20 -7.88
C VAL N 267 2.58 -28.93 -8.90
N PHE N 268 1.95 -29.81 -9.68
CA PHE N 268 2.60 -30.54 -10.75
C PHE N 268 2.05 -30.10 -12.09
N GLY N 269 2.84 -30.36 -13.14
CA GLY N 269 2.36 -30.14 -14.49
C GLY N 269 1.49 -31.27 -14.99
N GLY N 270 0.94 -31.07 -16.19
CA GLY N 270 0.10 -32.06 -16.81
C GLY N 270 0.82 -33.26 -17.39
N GLY N 271 2.13 -33.17 -17.54
CA GLY N 271 2.91 -34.27 -18.06
C GLY N 271 3.19 -34.16 -19.55
N THR N 272 4.36 -34.65 -19.95
CA THR N 272 4.76 -34.72 -21.35
C THR N 272 5.25 -36.13 -21.63
N LYS N 273 4.76 -36.70 -22.73
CA LYS N 273 5.14 -38.05 -23.14
C LYS N 273 6.22 -37.98 -24.20
N LEU N 274 7.38 -38.57 -23.90
CA LEU N 274 8.51 -38.58 -24.83
C LEU N 274 8.39 -39.78 -25.75
N THR N 275 8.38 -39.53 -27.05
CA THR N 275 8.45 -40.58 -28.06
C THR N 275 9.83 -40.50 -28.71
N VAL N 276 10.57 -41.60 -28.64
CA VAL N 276 11.86 -41.73 -29.29
C VAL N 276 11.67 -42.52 -30.56
N LEU N 277 11.98 -41.91 -31.70
CA LEU N 277 11.73 -42.51 -33.00
C LEU N 277 12.80 -43.55 -33.32
N ALA N 278 12.69 -44.13 -34.52
CA ALA N 278 13.66 -45.11 -34.99
C ALA N 278 14.52 -44.50 -36.10
N ASN O 29 30.60 -24.06 -16.58
CA ASN O 29 31.84 -24.03 -17.36
C ASN O 29 32.27 -22.59 -17.65
N LEU O 30 33.19 -22.42 -18.59
CA LEU O 30 33.73 -21.10 -18.86
C LEU O 30 32.77 -20.27 -19.71
N CYS O 31 32.83 -18.95 -19.52
CA CYS O 31 31.84 -18.06 -20.12
C CYS O 31 32.11 -17.85 -21.61
N PRO O 32 31.06 -17.62 -22.40
CA PRO O 32 31.20 -17.41 -23.85
C PRO O 32 31.75 -16.02 -24.20
N PHE O 33 32.88 -15.67 -23.59
CA PHE O 33 33.42 -14.32 -23.78
C PHE O 33 34.01 -14.14 -25.18
N GLY O 34 34.60 -15.20 -25.75
CA GLY O 34 35.03 -15.12 -27.14
C GLY O 34 33.89 -14.77 -28.07
N GLU O 35 32.71 -15.37 -27.86
CA GLU O 35 31.56 -15.11 -28.71
C GLU O 35 31.25 -13.61 -28.79
N VAL O 36 31.48 -12.86 -27.71
CA VAL O 36 31.23 -11.42 -27.70
C VAL O 36 32.44 -10.66 -28.20
N PHE O 37 33.63 -10.95 -27.66
CA PHE O 37 34.84 -10.20 -28.03
C PHE O 37 35.39 -10.64 -29.38
N ASN O 38 35.29 -11.93 -29.72
CA ASN O 38 35.84 -12.47 -30.94
C ASN O 38 34.80 -12.64 -32.04
N ALA O 39 33.68 -11.91 -31.94
CA ALA O 39 32.60 -12.06 -32.90
C ALA O 39 33.03 -11.59 -34.29
N THR O 40 32.61 -12.34 -35.30
CA THR O 40 32.93 -11.95 -36.67
C THR O 40 32.24 -10.65 -37.05
N ARG O 41 31.02 -10.45 -36.56
CA ARG O 41 30.21 -9.27 -36.88
C ARG O 41 29.94 -8.46 -35.61
N PHE O 42 29.99 -7.14 -35.76
CA PHE O 42 29.60 -6.21 -34.71
C PHE O 42 28.49 -5.32 -35.23
N ALA O 43 27.66 -4.85 -34.30
CA ALA O 43 26.51 -4.03 -34.66
C ALA O 43 26.86 -2.55 -34.62
N SER O 44 26.05 -1.76 -35.31
CA SER O 44 26.18 -0.31 -35.22
C SER O 44 25.80 0.15 -33.83
N VAL O 45 26.21 1.38 -33.50
CA VAL O 45 25.99 1.86 -32.14
C VAL O 45 24.51 2.13 -31.88
N TYR O 46 23.76 2.52 -32.92
CA TYR O 46 22.36 2.85 -32.69
C TYR O 46 21.54 1.60 -32.37
N ALA O 47 21.89 0.47 -32.98
CA ALA O 47 21.29 -0.82 -32.68
C ALA O 47 22.40 -1.69 -32.10
N TRP O 48 22.57 -1.62 -30.78
CA TRP O 48 23.68 -2.30 -30.11
C TRP O 48 23.27 -3.69 -29.66
N ASN O 49 24.17 -4.65 -29.85
CA ASN O 49 23.92 -6.03 -29.46
C ASN O 49 24.05 -6.20 -27.96
N ARG O 50 23.20 -7.04 -27.39
CA ARG O 50 23.26 -7.40 -25.98
C ARG O 50 23.22 -8.91 -25.85
N LYS O 51 24.10 -9.45 -25.00
CA LYS O 51 24.09 -10.86 -24.66
C LYS O 51 24.11 -11.00 -23.15
N ARG O 52 23.38 -11.99 -22.64
CA ARG O 52 23.38 -12.32 -21.23
C ARG O 52 24.42 -13.39 -20.96
N ILE O 53 25.28 -13.14 -19.97
CA ILE O 53 26.21 -14.13 -19.46
C ILE O 53 25.55 -14.76 -18.24
N SER O 54 25.29 -16.06 -18.30
CA SER O 54 24.49 -16.70 -17.27
C SER O 54 24.92 -18.15 -17.09
N ASN O 55 24.71 -18.66 -15.89
CA ASN O 55 25.03 -20.05 -15.53
C ASN O 55 26.45 -20.40 -15.96
N CYS O 56 27.39 -19.61 -15.47
CA CYS O 56 28.76 -19.70 -15.97
C CYS O 56 29.75 -19.23 -14.92
N VAL O 57 30.99 -19.66 -15.09
CA VAL O 57 32.14 -19.18 -14.31
C VAL O 57 32.96 -18.27 -15.21
N ALA O 58 33.13 -17.03 -14.79
CA ALA O 58 33.77 -16.01 -15.61
C ALA O 58 35.23 -15.84 -15.18
N ASP O 59 36.15 -16.09 -16.12
CA ASP O 59 37.56 -15.81 -15.93
C ASP O 59 37.87 -14.48 -16.61
N TYR O 60 37.83 -13.39 -15.83
CA TYR O 60 38.16 -12.07 -16.36
C TYR O 60 39.64 -11.91 -16.64
N SER O 61 40.49 -12.83 -16.17
CA SER O 61 41.92 -12.77 -16.48
C SER O 61 42.15 -12.85 -17.97
N VAL O 62 41.39 -13.68 -18.67
CA VAL O 62 41.51 -13.81 -20.13
C VAL O 62 41.47 -12.44 -20.79
N LEU O 63 40.56 -11.58 -20.36
CA LEU O 63 40.40 -10.28 -20.99
C LEU O 63 41.59 -9.36 -20.70
N TYR O 64 42.04 -9.29 -19.45
CA TYR O 64 43.07 -8.32 -19.12
C TYR O 64 44.50 -8.86 -19.26
N ASN O 65 44.69 -10.19 -19.36
CA ASN O 65 46.00 -10.69 -19.71
C ASN O 65 46.34 -10.48 -21.17
N SER O 66 45.41 -9.96 -21.96
CA SER O 66 45.65 -9.60 -23.35
C SER O 66 45.84 -8.09 -23.43
N ALA O 67 46.98 -7.67 -23.97
CA ALA O 67 47.28 -6.24 -24.14
C ALA O 67 46.64 -5.66 -25.40
N SER O 68 45.70 -6.36 -26.01
CA SER O 68 45.05 -5.86 -27.23
C SER O 68 44.29 -4.57 -26.97
N PHE O 69 43.86 -4.36 -25.73
CA PHE O 69 42.82 -3.38 -25.43
C PHE O 69 43.39 -1.98 -25.21
N SER O 70 42.72 -0.99 -25.81
CA SER O 70 43.09 0.41 -25.68
C SER O 70 42.41 1.07 -24.48
N THR O 71 41.24 0.59 -24.09
CA THR O 71 40.50 1.11 -22.95
C THR O 71 39.96 -0.05 -22.14
N PHE O 72 40.15 0.01 -20.82
CA PHE O 72 39.64 -1.01 -19.89
C PHE O 72 39.39 -0.30 -18.56
N LYS O 73 38.17 0.22 -18.41
CA LYS O 73 37.78 0.99 -17.23
C LYS O 73 36.57 0.32 -16.57
N CYS O 74 36.63 0.19 -15.25
CA CYS O 74 35.57 -0.40 -14.46
C CYS O 74 35.01 0.63 -13.48
N TYR O 75 33.69 0.61 -13.32
CA TYR O 75 32.98 1.57 -12.48
C TYR O 75 32.22 0.82 -11.39
N GLY O 76 32.31 1.32 -10.15
CA GLY O 76 31.67 0.69 -9.02
C GLY O 76 32.25 -0.64 -8.59
N VAL O 77 33.23 -1.17 -9.32
CA VAL O 77 33.85 -2.44 -9.00
C VAL O 77 35.36 -2.30 -9.16
N SER O 78 36.10 -3.11 -8.43
CA SER O 78 37.54 -3.13 -8.65
C SER O 78 37.87 -4.10 -9.77
N PRO O 79 38.69 -3.70 -10.75
CA PRO O 79 39.10 -4.65 -11.79
C PRO O 79 39.80 -5.87 -11.22
N THR O 80 40.51 -5.72 -10.10
CA THR O 80 41.24 -6.82 -9.49
C THR O 80 40.33 -7.82 -8.77
N LYS O 81 39.21 -7.34 -8.22
CA LYS O 81 38.32 -8.17 -7.43
C LYS O 81 37.23 -8.85 -8.26
N LEU O 82 37.29 -8.76 -9.59
CA LEU O 82 36.24 -9.34 -10.42
C LEU O 82 36.22 -10.86 -10.33
N ASN O 83 37.38 -11.49 -10.21
CA ASN O 83 37.45 -12.95 -10.10
C ASN O 83 36.96 -13.47 -8.76
N ASP O 84 36.58 -12.60 -7.82
CA ASP O 84 36.20 -13.02 -6.48
C ASP O 84 34.74 -12.70 -6.15
N LEU O 85 33.95 -12.30 -7.14
CA LEU O 85 32.60 -11.83 -6.91
C LEU O 85 31.58 -12.66 -7.68
N CYS O 86 30.35 -12.65 -7.18
CA CYS O 86 29.21 -13.31 -7.79
C CYS O 86 28.13 -12.29 -8.11
N PHE O 87 27.44 -12.49 -9.24
CA PHE O 87 26.45 -11.52 -9.69
C PHE O 87 25.18 -12.24 -10.14
N THR O 88 24.04 -11.59 -9.91
CA THR O 88 22.75 -12.18 -10.30
C THR O 88 22.68 -12.35 -11.81
N ASN O 89 22.88 -11.26 -12.55
CA ASN O 89 22.88 -11.32 -14.01
C ASN O 89 23.97 -10.40 -14.55
N VAL O 90 24.52 -10.78 -15.70
CA VAL O 90 25.61 -10.05 -16.35
C VAL O 90 25.28 -9.87 -17.81
N TYR O 91 25.41 -8.64 -18.31
CA TYR O 91 25.09 -8.29 -19.68
C TYR O 91 26.34 -7.78 -20.39
N ALA O 92 26.54 -8.23 -21.62
CA ALA O 92 27.66 -7.82 -22.46
C ALA O 92 27.11 -7.14 -23.71
N ASP O 93 27.33 -5.83 -23.81
CA ASP O 93 26.85 -5.04 -24.94
C ASP O 93 27.99 -4.72 -25.89
N SER O 94 27.71 -4.79 -27.19
CA SER O 94 28.73 -4.59 -28.22
C SER O 94 28.26 -3.56 -29.23
N PHE O 95 29.22 -2.80 -29.76
CA PHE O 95 28.97 -1.87 -30.87
C PHE O 95 30.31 -1.35 -31.38
N VAL O 96 30.25 -0.72 -32.55
CA VAL O 96 31.39 -0.07 -33.19
C VAL O 96 31.13 1.43 -33.17
N ILE O 97 32.12 2.20 -32.71
CA ILE O 97 32.05 3.66 -32.72
C ILE O 97 33.39 4.19 -33.23
N ARG O 98 33.49 5.52 -33.25
CA ARG O 98 34.69 6.23 -33.63
C ARG O 98 35.63 6.35 -32.43
N GLY O 99 36.93 6.37 -32.72
CA GLY O 99 37.92 6.40 -31.64
C GLY O 99 37.75 7.58 -30.70
N ASP O 100 37.36 8.74 -31.25
CA ASP O 100 37.10 9.90 -30.40
C ASP O 100 35.98 9.65 -29.40
N GLU O 101 34.99 8.84 -29.77
CA GLU O 101 33.74 8.74 -29.02
C GLU O 101 33.77 7.74 -27.88
N VAL O 102 34.85 6.95 -27.73
CA VAL O 102 34.91 6.00 -26.61
C VAL O 102 34.85 6.75 -25.27
N ARG O 103 35.24 8.02 -25.27
CA ARG O 103 35.09 8.83 -24.06
C ARG O 103 33.63 8.91 -23.63
N GLN O 104 32.71 8.99 -24.59
CA GLN O 104 31.30 9.20 -24.28
C GLN O 104 30.63 7.98 -23.67
N ILE O 105 31.23 6.79 -23.80
CA ILE O 105 30.60 5.58 -23.31
C ILE O 105 30.53 5.56 -21.78
N ALA O 106 31.35 6.37 -21.11
CA ALA O 106 31.39 6.41 -19.66
C ALA O 106 30.09 6.98 -19.09
N PRO O 107 29.85 6.79 -17.79
CA PRO O 107 28.66 7.39 -17.17
C PRO O 107 28.74 8.91 -17.12
N GLY O 108 27.56 9.54 -17.23
CA GLY O 108 27.43 10.98 -17.08
C GLY O 108 27.86 11.81 -18.28
N GLN O 109 28.35 11.18 -19.35
CA GLN O 109 28.89 11.92 -20.47
C GLN O 109 27.78 12.49 -21.35
N THR O 110 28.18 13.32 -22.31
CA THR O 110 27.26 13.93 -23.27
C THR O 110 27.82 13.75 -24.67
N GLY O 111 27.00 14.10 -25.65
CA GLY O 111 27.33 13.93 -27.04
C GLY O 111 26.34 13.02 -27.75
N LYS O 112 26.54 12.90 -29.07
CA LYS O 112 25.60 12.18 -29.93
C LYS O 112 25.47 10.72 -29.50
N ILE O 113 26.60 10.08 -29.14
CA ILE O 113 26.57 8.65 -28.81
C ILE O 113 25.88 8.42 -27.47
N ALA O 114 26.26 9.20 -26.45
CA ALA O 114 25.65 9.04 -25.14
C ALA O 114 24.18 9.45 -25.15
N ASP O 115 23.86 10.56 -25.81
CA ASP O 115 22.52 11.12 -25.71
C ASP O 115 21.54 10.45 -26.67
N TYR O 116 22.00 9.88 -27.78
CA TYR O 116 21.10 9.39 -28.81
C TYR O 116 21.33 7.95 -29.25
N ASN O 117 22.44 7.31 -28.86
CA ASN O 117 22.75 5.96 -29.34
C ASN O 117 22.88 4.97 -28.20
N TYR O 118 23.79 5.19 -27.25
CA TYR O 118 24.01 4.26 -26.15
C TYR O 118 24.30 5.06 -24.88
N LYS O 119 23.55 4.79 -23.82
CA LYS O 119 23.63 5.56 -22.58
C LYS O 119 23.85 4.62 -21.42
N LEU O 120 24.95 4.86 -20.65
CA LEU O 120 25.15 4.17 -19.39
C LEU O 120 24.52 4.97 -18.26
N PRO O 121 24.04 4.29 -17.21
CA PRO O 121 23.45 5.00 -16.08
C PRO O 121 24.53 5.63 -15.20
N ASP O 122 24.09 6.57 -14.37
CA ASP O 122 25.01 7.22 -13.44
C ASP O 122 25.50 6.28 -12.37
N ASP O 123 24.65 5.33 -11.93
CA ASP O 123 25.04 4.35 -10.94
C ASP O 123 25.69 3.12 -11.54
N PHE O 124 26.09 3.20 -12.81
CA PHE O 124 26.54 2.02 -13.57
C PHE O 124 27.61 1.25 -12.82
N THR O 125 27.44 -0.08 -12.81
CA THR O 125 28.42 -1.00 -12.24
C THR O 125 28.84 -1.97 -13.35
N GLY O 126 30.10 -1.89 -13.74
CA GLY O 126 30.61 -2.74 -14.80
C GLY O 126 31.89 -2.18 -15.37
N CYS O 127 32.29 -2.74 -16.51
CA CYS O 127 33.54 -2.41 -17.16
C CYS O 127 33.32 -2.16 -18.65
N VAL O 128 34.00 -1.13 -19.17
CA VAL O 128 33.92 -0.74 -20.57
C VAL O 128 35.26 -1.04 -21.22
N ILE O 129 35.24 -1.91 -22.23
CA ILE O 129 36.44 -2.39 -22.90
C ILE O 129 36.35 -2.03 -24.37
N ALA O 130 37.42 -1.42 -24.89
CA ALA O 130 37.50 -1.01 -26.28
C ALA O 130 38.82 -1.47 -26.88
N TRP O 131 38.85 -1.58 -28.21
CA TRP O 131 40.09 -1.89 -28.91
C TRP O 131 39.96 -1.46 -30.36
N ASN O 132 41.07 -1.00 -30.93
CA ASN O 132 41.11 -0.56 -32.32
C ASN O 132 40.80 -1.73 -33.25
N SER O 133 39.86 -1.51 -34.17
CA SER O 133 39.48 -2.52 -35.16
C SER O 133 39.66 -1.99 -36.58
N ASN O 134 40.62 -1.10 -36.78
CA ASN O 134 40.86 -0.54 -38.11
C ASN O 134 41.23 -1.62 -39.11
N ASN O 135 41.93 -2.67 -38.65
CA ASN O 135 42.34 -3.75 -39.54
C ASN O 135 41.19 -4.68 -39.91
N LEU O 136 40.02 -4.53 -39.28
CA LEU O 136 38.90 -5.43 -39.51
C LEU O 136 37.64 -4.75 -40.04
N ASP O 137 37.44 -3.46 -39.76
CA ASP O 137 36.19 -2.78 -40.08
C ASP O 137 36.37 -1.68 -41.13
N SER O 138 37.54 -1.57 -41.74
CA SER O 138 37.82 -0.53 -42.72
C SER O 138 37.98 -1.12 -44.11
N LYS O 139 37.64 -0.32 -45.12
CA LYS O 139 37.75 -0.69 -46.52
C LYS O 139 38.35 0.49 -47.27
N VAL O 140 39.05 0.19 -48.37
CA VAL O 140 39.70 1.25 -49.16
C VAL O 140 38.65 2.22 -49.68
N GLY O 141 37.58 1.70 -50.30
CA GLY O 141 36.48 2.55 -50.67
C GLY O 141 35.78 3.15 -49.47
N GLY O 142 35.83 2.46 -48.35
CA GLY O 142 35.24 2.92 -47.11
C GLY O 142 34.07 2.03 -46.72
N ASN O 143 33.99 1.69 -45.44
CA ASN O 143 32.86 0.95 -44.91
C ASN O 143 31.82 1.95 -44.41
N TYR O 144 30.72 2.10 -45.14
CA TYR O 144 29.62 2.97 -44.77
C TYR O 144 28.46 2.18 -44.18
N ASN O 145 28.66 0.91 -43.88
CA ASN O 145 27.60 0.06 -43.33
C ASN O 145 27.42 0.21 -41.83
N TYR O 146 28.37 0.84 -41.13
CA TYR O 146 28.20 1.19 -39.72
C TYR O 146 27.54 2.55 -39.63
N LEU O 147 26.47 2.63 -38.85
CA LEU O 147 25.68 3.85 -38.74
C LEU O 147 25.65 4.34 -37.29
N TYR O 148 25.24 5.61 -37.15
CA TYR O 148 24.93 6.19 -35.86
C TYR O 148 23.72 7.08 -36.02
N ARG O 149 23.11 7.43 -34.90
CA ARG O 149 21.96 8.34 -34.88
C ARG O 149 22.45 9.75 -34.60
N LEU O 150 22.18 10.67 -35.53
CA LEU O 150 22.63 12.05 -35.43
C LEU O 150 21.62 12.97 -34.80
N PHE O 151 20.32 12.70 -34.97
CA PHE O 151 19.26 13.54 -34.42
C PHE O 151 18.29 12.68 -33.63
N ARG O 152 17.81 13.23 -32.51
CA ARG O 152 16.74 12.59 -31.77
C ARG O 152 15.99 13.65 -30.98
N LYS O 153 14.67 13.51 -30.92
CA LYS O 153 13.82 14.54 -30.33
C LYS O 153 14.06 14.71 -28.83
N SER O 154 14.39 13.64 -28.13
CA SER O 154 14.72 13.71 -26.70
C SER O 154 15.97 12.89 -26.44
N ASN O 155 16.41 12.90 -25.19
CA ASN O 155 17.56 12.10 -24.80
C ASN O 155 17.17 10.65 -24.56
N LEU O 156 18.16 9.77 -24.69
CA LEU O 156 17.98 8.33 -24.51
C LEU O 156 18.07 7.99 -23.03
N LYS O 157 17.03 7.32 -22.52
CA LYS O 157 17.09 6.83 -21.16
C LYS O 157 18.12 5.70 -21.06
N PRO O 158 18.71 5.49 -19.88
CA PRO O 158 19.77 4.48 -19.75
C PRO O 158 19.34 3.11 -20.24
N PHE O 159 20.13 2.55 -21.14
CA PHE O 159 19.97 1.18 -21.66
C PHE O 159 18.77 1.06 -22.60
N GLU O 160 18.53 2.09 -23.39
CA GLU O 160 17.45 2.11 -24.37
C GLU O 160 18.04 2.03 -25.77
N ARG O 161 17.35 1.30 -26.64
CA ARG O 161 17.72 1.19 -28.04
C ARG O 161 16.69 1.92 -28.88
N ASP O 162 17.15 2.82 -29.75
CA ASP O 162 16.29 3.47 -30.73
C ASP O 162 16.72 2.99 -32.12
N ILE O 163 15.87 2.18 -32.74
CA ILE O 163 16.08 1.73 -34.11
C ILE O 163 15.03 2.32 -35.04
N SER O 164 14.34 3.37 -34.60
CA SER O 164 13.37 4.04 -35.44
C SER O 164 14.08 4.83 -36.53
N THR O 165 13.45 4.89 -37.71
CA THR O 165 14.00 5.59 -38.86
C THR O 165 13.07 6.71 -39.32
N GLU O 166 12.38 7.35 -38.37
CA GLU O 166 11.43 8.40 -38.70
C GLU O 166 12.16 9.71 -38.97
N ILE O 167 11.71 10.44 -40.00
CA ILE O 167 12.35 11.68 -40.40
C ILE O 167 12.25 12.69 -39.27
N TYR O 168 13.38 13.34 -38.96
CA TYR O 168 13.47 14.25 -37.83
C TYR O 168 13.14 15.68 -38.29
N GLN O 169 12.03 16.21 -37.77
CA GLN O 169 11.70 17.61 -38.00
C GLN O 169 12.60 18.49 -37.17
N ALA O 170 13.42 19.31 -37.84
CA ALA O 170 14.15 20.38 -37.18
C ALA O 170 13.37 21.68 -37.22
N GLY O 171 12.12 21.65 -37.67
CA GLY O 171 11.37 22.87 -37.87
C GLY O 171 9.91 22.73 -37.48
N SER O 172 9.20 23.85 -37.55
CA SER O 172 7.80 23.88 -37.14
C SER O 172 6.88 23.20 -38.15
N THR O 173 7.30 23.13 -39.41
CA THR O 173 6.48 22.55 -40.46
C THR O 173 6.76 21.05 -40.59
N PRO O 174 5.73 20.25 -40.87
CA PRO O 174 5.92 18.80 -40.94
C PRO O 174 6.82 18.39 -42.09
N CYS O 175 7.29 17.15 -42.03
CA CYS O 175 8.06 16.54 -43.10
C CYS O 175 7.26 15.57 -43.95
N ASN O 176 6.16 15.02 -43.43
CA ASN O 176 5.32 14.06 -44.16
C ASN O 176 6.14 12.90 -44.71
N GLY O 177 7.19 12.51 -43.98
CA GLY O 177 7.94 11.31 -44.27
C GLY O 177 8.91 11.40 -45.42
N VAL O 178 9.39 12.60 -45.78
CA VAL O 178 10.37 12.74 -46.85
C VAL O 178 11.40 13.78 -46.44
N GLU O 179 12.65 13.53 -46.78
CA GLU O 179 13.75 14.42 -46.44
C GLU O 179 13.59 15.76 -47.16
N GLY O 180 14.07 16.83 -46.53
CA GLY O 180 13.96 18.15 -47.10
C GLY O 180 14.66 19.22 -46.28
N PHE O 181 14.05 20.40 -46.18
CA PHE O 181 14.61 21.49 -45.39
C PHE O 181 14.14 21.38 -43.96
N ASN O 182 15.10 21.37 -43.02
CA ASN O 182 14.82 21.11 -41.61
C ASN O 182 14.02 19.82 -41.47
N CYS O 183 14.34 18.85 -42.31
CA CYS O 183 13.69 17.54 -42.35
C CYS O 183 14.75 16.55 -42.81
N TYR O 184 15.34 15.82 -41.86
CA TYR O 184 16.51 15.01 -42.15
C TYR O 184 16.28 13.57 -41.71
N PHE O 185 17.05 12.67 -42.30
CA PHE O 185 17.07 11.28 -41.90
C PHE O 185 17.83 11.16 -40.60
N PRO O 186 17.30 10.45 -39.58
CA PRO O 186 17.97 10.44 -38.27
C PRO O 186 19.31 9.73 -38.27
N LEU O 187 19.54 8.79 -39.19
CA LEU O 187 20.75 8.00 -39.19
C LEU O 187 21.72 8.50 -40.25
N GLN O 188 23.02 8.35 -39.95
CA GLN O 188 24.09 8.66 -40.89
C GLN O 188 25.22 7.67 -40.68
N SER O 189 26.02 7.49 -41.71
CA SER O 189 27.04 6.45 -41.73
C SER O 189 28.38 6.98 -41.23
N TYR O 190 29.06 6.17 -40.43
CA TYR O 190 30.50 6.32 -40.28
C TYR O 190 31.18 5.99 -41.61
N GLY O 191 32.26 6.70 -41.90
CA GLY O 191 33.09 6.36 -43.03
C GLY O 191 34.43 5.84 -42.55
N PHE O 192 34.65 4.54 -42.68
CA PHE O 192 35.84 3.90 -42.12
C PHE O 192 36.80 3.52 -43.24
N GLN O 193 37.82 4.37 -43.45
CA GLN O 193 38.89 4.12 -44.36
C GLN O 193 40.20 3.97 -43.60
N PRO O 194 41.06 3.02 -44.00
CA PRO O 194 42.28 2.76 -43.21
C PRO O 194 43.18 3.98 -43.09
N THR O 195 43.17 4.86 -44.09
CA THR O 195 44.01 6.05 -44.10
C THR O 195 43.51 7.13 -43.14
N ASN O 196 42.30 7.02 -42.61
CA ASN O 196 41.80 8.02 -41.69
C ASN O 196 42.63 8.04 -40.40
N GLY O 197 42.61 9.19 -39.73
CA GLY O 197 43.22 9.28 -38.42
C GLY O 197 42.57 8.36 -37.42
N VAL O 198 43.33 8.04 -36.36
CA VAL O 198 42.85 7.09 -35.35
C VAL O 198 41.56 7.60 -34.70
N GLY O 199 41.45 8.92 -34.52
CA GLY O 199 40.23 9.48 -33.97
C GLY O 199 39.00 9.19 -34.79
N TYR O 200 39.17 9.09 -36.12
CA TYR O 200 38.08 8.73 -37.03
C TYR O 200 38.16 7.27 -37.47
N GLN O 201 38.92 6.44 -36.76
CA GLN O 201 39.08 5.02 -37.05
C GLN O 201 38.08 4.19 -36.26
N PRO O 202 37.76 2.98 -36.74
CA PRO O 202 36.76 2.16 -36.04
C PRO O 202 37.32 1.54 -34.77
N TYR O 203 36.48 1.51 -33.74
CA TYR O 203 36.82 0.95 -32.43
C TYR O 203 35.66 0.10 -31.95
N ARG O 204 35.96 -1.16 -31.61
CA ARG O 204 34.97 -2.06 -31.05
C ARG O 204 34.88 -1.87 -29.54
N VAL O 205 33.67 -1.94 -29.02
CA VAL O 205 33.39 -1.68 -27.61
C VAL O 205 32.59 -2.84 -27.03
N VAL O 206 32.97 -3.27 -25.83
CA VAL O 206 32.19 -4.21 -25.04
C VAL O 206 31.93 -3.57 -23.68
N VAL O 207 30.67 -3.60 -23.24
CA VAL O 207 30.27 -3.03 -21.96
C VAL O 207 29.67 -4.16 -21.14
N LEU O 208 30.45 -4.67 -20.18
CA LEU O 208 29.96 -5.69 -19.26
C LEU O 208 29.24 -5.01 -18.09
N SER O 209 28.00 -5.41 -17.86
CA SER O 209 27.19 -4.87 -16.77
C SER O 209 27.05 -5.91 -15.67
N PHE O 210 27.19 -5.46 -14.43
CA PHE O 210 27.09 -6.32 -13.25
C PHE O 210 25.96 -5.81 -12.38
N GLU O 211 24.92 -6.63 -12.20
CA GLU O 211 23.82 -6.32 -11.31
C GLU O 211 23.75 -7.36 -10.21
N LEU O 212 23.72 -6.89 -8.96
CA LEU O 212 23.65 -7.74 -7.78
C LEU O 212 22.30 -7.50 -7.11
N LEU O 213 21.42 -8.50 -7.17
CA LEU O 213 20.12 -8.44 -6.53
C LEU O 213 20.03 -9.48 -5.42
N HIS O 214 18.93 -9.41 -4.67
CA HIS O 214 18.62 -10.43 -3.66
C HIS O 214 17.93 -11.60 -4.37
N ALA O 215 18.74 -12.31 -5.15
CA ALA O 215 18.28 -13.36 -6.06
C ALA O 215 19.46 -14.26 -6.36
N PRO O 216 19.22 -15.50 -6.81
CA PRO O 216 20.33 -16.43 -7.02
C PRO O 216 21.31 -15.93 -8.06
N ALA O 217 22.60 -16.15 -7.79
CA ALA O 217 23.64 -15.79 -8.73
C ALA O 217 23.66 -16.73 -9.92
N THR O 218 23.85 -16.17 -11.12
CA THR O 218 24.03 -16.96 -12.33
C THR O 218 25.46 -16.94 -12.84
N VAL O 219 26.33 -16.12 -12.25
CA VAL O 219 27.72 -16.01 -12.70
C VAL O 219 28.60 -15.67 -11.51
N CYS O 220 29.65 -16.46 -11.31
CA CYS O 220 30.63 -16.26 -10.26
C CYS O 220 32.02 -16.31 -10.87
N GLY O 221 33.02 -15.92 -10.07
CA GLY O 221 34.39 -15.96 -10.50
C GLY O 221 35.00 -17.33 -10.30
N PRO O 222 36.28 -17.45 -10.68
CA PRO O 222 36.96 -18.76 -10.56
C PRO O 222 37.02 -19.29 -9.14
N LYS O 223 37.28 -18.43 -8.16
CA LYS O 223 37.45 -18.86 -6.78
C LYS O 223 36.17 -18.78 -5.95
N LYS O 224 35.08 -18.28 -6.52
CA LYS O 224 33.76 -18.31 -5.88
C LYS O 224 33.78 -17.69 -4.48
N GLN P 28 -2.89 2.16 -47.89
CA GLN P 28 -1.45 2.27 -47.68
C GLN P 28 -0.68 1.49 -48.72
N VAL P 29 0.63 1.32 -48.47
CA VAL P 29 1.51 0.72 -49.46
C VAL P 29 1.26 -0.78 -49.55
N GLN P 30 1.53 -1.34 -50.73
CA GLN P 30 1.62 -2.78 -50.93
C GLN P 30 2.92 -3.07 -51.66
N LEU P 31 3.56 -4.18 -51.32
CA LEU P 31 4.83 -4.56 -51.92
C LEU P 31 4.56 -5.63 -52.97
N VAL P 32 4.77 -5.27 -54.24
CA VAL P 32 4.54 -6.16 -55.37
C VAL P 32 5.87 -6.73 -55.81
N GLN P 33 5.89 -8.04 -56.03
CA GLN P 33 7.13 -8.76 -56.31
C GLN P 33 7.13 -9.30 -57.73
N SER P 34 8.31 -9.79 -58.15
CA SER P 34 8.49 -10.33 -59.49
C SER P 34 7.77 -11.68 -59.61
N GLY P 35 8.06 -12.40 -60.68
CA GLY P 35 7.37 -13.63 -60.99
C GLY P 35 8.20 -14.87 -60.65
N ALA P 36 7.54 -16.02 -60.81
CA ALA P 36 8.18 -17.30 -60.54
C ALA P 36 9.33 -17.54 -61.51
N GLU P 37 10.42 -18.10 -60.98
CA GLU P 37 11.60 -18.40 -61.78
C GLU P 37 12.05 -19.82 -61.49
N VAL P 38 12.17 -20.63 -62.55
CA VAL P 38 12.78 -21.95 -62.46
C VAL P 38 14.22 -21.80 -62.94
N LYS P 39 15.17 -22.06 -62.04
CA LYS P 39 16.58 -21.86 -62.33
C LYS P 39 17.32 -23.19 -62.16
N LYS P 40 18.54 -23.22 -62.71
CA LYS P 40 19.38 -24.41 -62.73
C LYS P 40 20.48 -24.29 -61.69
N PRO P 41 20.85 -25.40 -61.02
CA PRO P 41 21.95 -25.37 -60.06
C PRO P 41 23.19 -24.62 -60.55
N GLY P 42 23.74 -23.76 -59.69
CA GLY P 42 24.89 -22.95 -60.02
C GLY P 42 24.59 -21.60 -60.62
N SER P 43 23.31 -21.26 -60.79
CA SER P 43 22.92 -20.04 -61.49
C SER P 43 22.64 -18.92 -60.49
N SER P 44 21.95 -17.87 -60.94
CA SER P 44 21.62 -16.72 -60.13
C SER P 44 20.16 -16.35 -60.34
N VAL P 45 19.55 -15.75 -59.33
CA VAL P 45 18.17 -15.24 -59.41
C VAL P 45 18.18 -13.76 -59.06
N LYS P 46 17.43 -12.98 -59.81
CA LYS P 46 17.25 -11.55 -59.58
C LYS P 46 15.77 -11.28 -59.36
N VAL P 47 15.37 -11.12 -58.10
CA VAL P 47 13.97 -10.91 -57.73
C VAL P 47 13.78 -9.44 -57.40
N SER P 48 12.63 -8.89 -57.81
CA SER P 48 12.32 -7.48 -57.63
C SER P 48 11.18 -7.30 -56.65
N CYS P 49 11.26 -6.24 -55.85
CA CYS P 49 10.19 -5.83 -54.96
C CYS P 49 9.89 -4.36 -55.23
N LYS P 50 8.63 -4.06 -55.55
CA LYS P 50 8.22 -2.71 -55.88
C LYS P 50 7.21 -2.20 -54.86
N ALA P 51 7.31 -0.92 -54.54
CA ALA P 51 6.34 -0.25 -53.69
C ALA P 51 5.22 0.34 -54.53
N SER P 52 3.98 -0.01 -54.19
CA SER P 52 2.83 0.58 -54.87
C SER P 52 2.68 2.06 -54.51
N GLY P 53 2.75 2.37 -53.21
CA GLY P 53 2.53 3.72 -52.74
C GLY P 53 3.79 4.45 -52.33
N GLY P 54 4.04 4.55 -51.02
CA GLY P 54 5.19 5.22 -50.47
C GLY P 54 6.50 4.77 -51.10
N THR P 55 7.30 5.74 -51.56
CA THR P 55 8.44 5.47 -52.43
C THR P 55 9.69 5.11 -51.63
N PHE P 56 9.58 4.03 -50.85
CA PHE P 56 10.67 3.56 -49.99
C PHE P 56 11.25 4.71 -49.18
N SER P 57 10.37 5.59 -48.71
CA SER P 57 10.76 6.85 -48.09
C SER P 57 10.97 6.63 -46.59
N SER P 58 12.23 6.64 -46.16
CA SER P 58 12.62 6.26 -44.80
C SER P 58 12.13 4.86 -44.46
N TYR P 59 12.06 4.00 -45.47
CA TYR P 59 11.63 2.62 -45.33
C TYR P 59 12.84 1.70 -45.45
N THR P 60 12.96 0.75 -44.52
CA THR P 60 13.96 -0.31 -44.63
C THR P 60 13.29 -1.53 -45.23
N ILE P 61 13.83 -2.00 -46.35
CA ILE P 61 13.27 -3.12 -47.10
C ILE P 61 14.16 -4.34 -46.86
N SER P 62 13.58 -5.40 -46.30
CA SER P 62 14.30 -6.63 -46.00
C SER P 62 13.80 -7.75 -46.91
N TRP P 63 14.54 -8.86 -46.88
CA TRP P 63 14.22 -10.05 -47.65
C TRP P 63 14.23 -11.25 -46.73
N VAL P 64 13.10 -11.96 -46.67
CA VAL P 64 12.91 -13.11 -45.79
C VAL P 64 12.55 -14.31 -46.64
N ARG P 65 13.23 -15.43 -46.41
CA ARG P 65 13.07 -16.66 -47.18
C ARG P 65 12.30 -17.70 -46.37
N GLN P 66 11.51 -18.51 -47.07
CA GLN P 66 10.80 -19.64 -46.48
C GLN P 66 11.07 -20.87 -47.34
N ALA P 67 12.13 -21.61 -46.99
CA ALA P 67 12.58 -22.81 -47.69
C ALA P 67 12.20 -24.05 -46.90
N PRO P 68 11.70 -25.08 -47.58
CA PRO P 68 11.39 -26.35 -46.91
C PRO P 68 12.60 -26.89 -46.16
N GLY P 69 12.37 -27.26 -44.90
CA GLY P 69 13.41 -27.77 -44.04
C GLY P 69 14.23 -26.72 -43.33
N GLN P 70 14.07 -25.44 -43.68
CA GLN P 70 14.89 -24.38 -43.11
C GLN P 70 14.08 -23.24 -42.51
N GLY P 71 12.74 -23.33 -42.53
CA GLY P 71 11.87 -22.37 -41.89
C GLY P 71 11.98 -20.97 -42.48
N LEU P 72 11.58 -19.98 -41.66
CA LEU P 72 11.69 -18.59 -42.04
C LEU P 72 13.09 -18.07 -41.74
N GLU P 73 13.73 -17.47 -42.74
CA GLU P 73 15.08 -16.95 -42.61
C GLU P 73 15.15 -15.53 -43.14
N TRP P 74 15.66 -14.62 -42.31
CA TRP P 74 15.96 -13.27 -42.76
C TRP P 74 17.26 -13.28 -43.55
N MET P 75 17.20 -12.83 -44.80
CA MET P 75 18.37 -12.87 -45.68
C MET P 75 19.18 -11.57 -45.63
N GLY P 76 18.52 -10.45 -45.48
CA GLY P 76 19.19 -9.17 -45.45
C GLY P 76 18.26 -8.07 -45.91
N GLY P 77 18.82 -6.87 -45.97
CA GLY P 77 18.00 -5.73 -46.35
C GLY P 77 18.84 -4.52 -46.70
N ILE P 78 18.14 -3.44 -47.04
CA ILE P 78 18.75 -2.20 -47.48
C ILE P 78 17.96 -1.03 -46.91
N ILE P 79 18.66 0.07 -46.65
CA ILE P 79 18.01 1.35 -46.38
C ILE P 79 18.20 2.21 -47.63
N PRO P 80 17.23 2.23 -48.55
CA PRO P 80 17.47 2.87 -49.85
C PRO P 80 17.90 4.33 -49.77
N ILE P 81 17.33 5.10 -48.83
CA ILE P 81 17.69 6.51 -48.70
C ILE P 81 19.18 6.64 -48.40
N LEU P 82 19.73 5.72 -47.60
CA LEU P 82 21.16 5.67 -47.34
C LEU P 82 21.91 4.70 -48.24
N GLY P 83 21.24 3.71 -48.81
CA GLY P 83 21.93 2.72 -49.61
C GLY P 83 22.80 1.77 -48.81
N THR P 84 22.47 1.55 -47.55
CA THR P 84 23.24 0.69 -46.67
C THR P 84 22.69 -0.73 -46.69
N THR P 85 23.58 -1.71 -46.75
CA THR P 85 23.20 -3.11 -46.91
C THR P 85 23.56 -3.90 -45.65
N ASN P 86 22.59 -4.65 -45.14
CA ASN P 86 22.82 -5.65 -44.12
C ASN P 86 22.52 -7.02 -44.72
N TYR P 87 23.46 -7.94 -44.58
CA TYR P 87 23.32 -9.29 -45.11
C TYR P 87 23.34 -10.29 -43.96
N ALA P 88 22.51 -11.32 -44.06
CA ALA P 88 22.54 -12.39 -43.07
C ALA P 88 23.90 -13.07 -43.07
N GLN P 89 24.29 -13.56 -41.89
CA GLN P 89 25.57 -14.25 -41.76
C GLN P 89 25.64 -15.48 -42.67
N LYS P 90 24.51 -16.14 -42.88
CA LYS P 90 24.49 -17.37 -43.67
C LYS P 90 24.63 -17.10 -45.16
N PHE P 91 24.14 -15.95 -45.63
CA PHE P 91 24.09 -15.67 -47.06
C PHE P 91 25.14 -14.67 -47.51
N GLN P 92 26.02 -14.22 -46.62
CA GLN P 92 27.10 -13.32 -47.01
C GLN P 92 27.99 -13.97 -48.06
N GLY P 93 28.16 -13.28 -49.19
CA GLY P 93 28.94 -13.82 -50.29
C GLY P 93 28.13 -14.51 -51.37
N ARG P 94 26.83 -14.68 -51.16
CA ARG P 94 25.94 -15.23 -52.17
C ARG P 94 24.77 -14.31 -52.49
N VAL P 95 24.51 -13.30 -51.66
CA VAL P 95 23.36 -12.42 -51.83
C VAL P 95 23.85 -10.99 -52.04
N THR P 96 23.22 -10.30 -52.98
CA THR P 96 23.43 -8.87 -53.19
C THR P 96 22.07 -8.20 -53.21
N ILE P 97 21.93 -7.12 -52.44
CA ILE P 97 20.68 -6.38 -52.35
C ILE P 97 20.93 -4.96 -52.82
N THR P 98 20.16 -4.55 -53.84
CA THR P 98 20.26 -3.24 -54.46
C THR P 98 18.89 -2.59 -54.44
N ALA P 99 18.86 -1.29 -54.72
CA ALA P 99 17.61 -0.56 -54.75
C ALA P 99 17.74 0.65 -55.66
N ASP P 100 16.61 1.02 -56.28
CA ASP P 100 16.49 2.23 -57.07
C ASP P 100 15.45 3.11 -56.38
N GLU P 101 15.91 4.17 -55.72
CA GLU P 101 15.00 5.04 -54.98
C GLU P 101 14.06 5.80 -55.91
N SER P 102 14.47 6.05 -57.15
CA SER P 102 13.61 6.75 -58.11
C SER P 102 12.39 5.91 -58.46
N THR P 103 12.62 4.67 -58.90
CA THR P 103 11.53 3.77 -59.26
C THR P 103 10.88 3.10 -58.07
N SER P 104 11.46 3.24 -56.87
CA SER P 104 10.94 2.60 -55.66
C SER P 104 10.90 1.09 -55.82
N THR P 105 11.99 0.52 -56.30
CA THR P 105 12.12 -0.91 -56.51
C THR P 105 13.40 -1.41 -55.88
N ALA P 106 13.28 -2.42 -55.02
CA ALA P 106 14.42 -3.09 -54.42
C ALA P 106 14.59 -4.46 -55.07
N TYR P 107 15.85 -4.88 -55.19
CA TYR P 107 16.19 -6.15 -55.81
C TYR P 107 17.10 -6.96 -54.89
N MET P 108 16.98 -8.28 -55.01
CA MET P 108 17.84 -9.21 -54.29
C MET P 108 18.35 -10.24 -55.28
N GLU P 109 19.67 -10.43 -55.32
CA GLU P 109 20.29 -11.40 -56.22
C GLU P 109 20.99 -12.47 -55.39
N LEU P 110 20.47 -13.69 -55.45
CA LEU P 110 21.10 -14.87 -54.88
C LEU P 110 21.82 -15.62 -56.01
N SER P 111 23.08 -15.96 -55.79
CA SER P 111 23.90 -16.59 -56.82
C SER P 111 24.52 -17.88 -56.27
N SER P 112 25.04 -18.69 -57.20
CA SER P 112 25.58 -20.01 -56.89
C SER P 112 24.53 -20.87 -56.17
N LEU P 113 23.41 -21.04 -56.85
CA LEU P 113 22.22 -21.64 -56.25
C LEU P 113 22.42 -23.13 -56.00
N ARG P 114 21.57 -23.65 -55.12
CA ARG P 114 21.48 -25.08 -54.85
C ARG P 114 20.01 -25.43 -54.63
N SER P 115 19.70 -26.73 -54.74
CA SER P 115 18.33 -27.19 -54.53
C SER P 115 17.78 -26.79 -53.16
N GLU P 116 18.67 -26.60 -52.18
CA GLU P 116 18.27 -26.13 -50.86
C GLU P 116 17.68 -24.72 -50.89
N ASP P 117 17.90 -23.97 -51.97
CA ASP P 117 17.42 -22.60 -52.10
C ASP P 117 16.04 -22.51 -52.76
N THR P 118 15.40 -23.65 -53.02
CA THR P 118 14.01 -23.62 -53.48
C THR P 118 13.12 -23.11 -52.36
N ALA P 119 12.44 -22.00 -52.60
CA ALA P 119 11.73 -21.33 -51.52
C ALA P 119 10.83 -20.25 -52.09
N VAL P 120 9.89 -19.80 -51.25
CA VAL P 120 9.18 -18.55 -51.47
C VAL P 120 10.02 -17.42 -50.89
N TYR P 121 10.39 -16.47 -51.73
CA TYR P 121 11.21 -15.33 -51.31
C TYR P 121 10.30 -14.12 -51.16
N TYR P 122 10.11 -13.70 -49.92
CA TYR P 122 9.35 -12.49 -49.64
C TYR P 122 10.27 -11.29 -49.53
N CYS P 123 9.70 -10.13 -49.84
CA CYS P 123 10.28 -8.84 -49.50
C CYS P 123 9.36 -8.19 -48.48
N ALA P 124 9.96 -7.54 -47.49
CA ALA P 124 9.16 -7.02 -46.38
C ALA P 124 9.75 -5.72 -45.89
N ARG P 125 8.86 -4.84 -45.42
CA ARG P 125 9.28 -3.60 -44.80
C ARG P 125 9.68 -3.87 -43.35
N LYS P 126 10.87 -3.44 -42.98
CA LYS P 126 11.42 -3.68 -41.64
C LYS P 126 11.24 -2.42 -40.81
N PHE P 127 10.40 -2.52 -39.77
CA PHE P 127 10.01 -1.40 -38.94
C PHE P 127 10.75 -1.46 -37.61
N GLY P 128 11.06 -0.28 -37.06
CA GLY P 128 11.77 -0.18 -35.80
C GLY P 128 11.13 0.82 -34.86
N TYR P 129 11.47 0.71 -33.58
CA TYR P 129 10.90 1.54 -32.53
C TYR P 129 11.97 1.73 -31.45
N SER P 130 11.56 2.32 -30.33
CA SER P 130 12.48 2.63 -29.24
C SER P 130 12.02 1.92 -27.96
N GLY P 131 12.98 1.37 -27.23
CA GLY P 131 12.66 0.70 -25.98
C GLY P 131 13.83 -0.10 -25.46
N TYR P 132 13.59 -0.78 -24.34
CA TYR P 132 14.65 -1.54 -23.67
C TYR P 132 15.04 -2.80 -24.43
N GLY P 133 14.08 -3.43 -25.11
CA GLY P 133 14.38 -4.65 -25.84
C GLY P 133 14.12 -4.51 -27.33
N ALA P 134 14.16 -3.26 -27.80
CA ALA P 134 13.77 -2.94 -29.17
C ALA P 134 14.56 -3.75 -30.18
N THR P 135 13.83 -4.43 -31.07
CA THR P 135 14.41 -5.05 -32.23
C THR P 135 13.39 -5.02 -33.36
N TRP P 136 13.86 -5.25 -34.57
CA TRP P 136 13.05 -5.04 -35.76
C TRP P 136 11.96 -6.10 -35.89
N TYR P 137 10.82 -5.68 -36.44
CA TYR P 137 9.80 -6.61 -36.91
C TYR P 137 9.48 -6.28 -38.37
N PHE P 138 8.53 -7.01 -38.94
CA PHE P 138 8.21 -6.94 -40.36
C PHE P 138 6.71 -6.75 -40.52
N ASP P 139 6.29 -5.53 -40.85
CA ASP P 139 4.88 -5.18 -40.86
C ASP P 139 4.20 -5.48 -42.21
N LEU P 140 4.84 -5.09 -43.31
CA LEU P 140 4.30 -5.34 -44.65
C LEU P 140 5.07 -6.48 -45.31
N TRP P 141 4.34 -7.44 -45.86
CA TRP P 141 4.93 -8.58 -46.56
C TRP P 141 4.37 -8.66 -47.99
N GLY P 142 5.25 -8.95 -48.95
CA GLY P 142 4.79 -9.28 -50.28
C GLY P 142 4.29 -10.70 -50.37
N ARG P 143 3.51 -10.96 -51.42
CA ARG P 143 2.93 -12.30 -51.58
C ARG P 143 4.01 -13.37 -51.75
N GLY P 144 5.16 -12.99 -52.29
CA GLY P 144 6.27 -13.91 -52.42
C GLY P 144 6.42 -14.52 -53.80
N THR P 145 7.67 -14.72 -54.23
CA THR P 145 7.97 -15.36 -55.49
C THR P 145 8.60 -16.73 -55.24
N LEU P 146 8.18 -17.73 -56.01
CA LEU P 146 8.71 -19.08 -55.87
C LEU P 146 9.92 -19.23 -56.80
N VAL P 147 11.07 -19.52 -56.21
CA VAL P 147 12.29 -19.82 -56.95
C VAL P 147 12.53 -21.32 -56.80
N THR P 148 12.44 -22.04 -57.91
CA THR P 148 12.62 -23.49 -57.91
C THR P 148 13.98 -23.83 -58.50
N VAL P 149 14.72 -24.70 -57.82
CA VAL P 149 16.03 -25.15 -58.28
C VAL P 149 15.95 -26.66 -58.47
N SER P 150 16.13 -27.10 -59.71
CA SER P 150 16.05 -28.51 -60.05
C SER P 150 17.39 -29.21 -59.85
N GLN P 167 17.90 -26.25 -35.66
CA GLN P 167 17.89 -25.49 -36.90
C GLN P 167 17.35 -24.09 -36.67
N SER P 168 16.22 -23.99 -35.98
CA SER P 168 15.63 -22.72 -35.59
C SER P 168 16.11 -22.38 -34.18
N VAL P 169 16.79 -21.24 -34.04
CA VAL P 169 17.36 -20.87 -32.75
C VAL P 169 16.28 -20.63 -31.70
N LEU P 170 15.09 -20.24 -32.14
CA LEU P 170 13.90 -20.20 -31.30
C LEU P 170 13.05 -21.43 -31.59
N THR P 171 12.54 -22.06 -30.55
CA THR P 171 11.79 -23.30 -30.67
C THR P 171 10.33 -23.08 -30.29
N GLN P 172 9.46 -23.85 -30.93
CA GLN P 172 8.02 -23.81 -30.70
C GLN P 172 7.49 -25.23 -30.76
N PRO P 173 6.31 -25.47 -30.18
CA PRO P 173 5.65 -26.75 -30.39
C PRO P 173 5.31 -26.94 -31.86
N PRO P 174 5.66 -28.10 -32.43
CA PRO P 174 5.21 -28.38 -33.81
C PRO P 174 3.70 -28.27 -33.98
N SER P 175 2.94 -28.68 -32.96
CA SER P 175 1.49 -28.73 -33.06
C SER P 175 0.87 -28.41 -31.71
N VAL P 176 -0.24 -27.67 -31.74
CA VAL P 176 -1.02 -27.32 -30.55
C VAL P 176 -2.50 -27.38 -30.92
N SER P 177 -3.28 -28.09 -30.11
CA SER P 177 -4.70 -28.27 -30.36
C SER P 177 -5.50 -27.56 -29.28
N GLY P 178 -6.61 -26.93 -29.70
CA GLY P 178 -7.46 -26.22 -28.77
C GLY P 178 -8.92 -26.43 -29.09
N ALA P 179 -9.76 -26.17 -28.07
CA ALA P 179 -11.20 -26.34 -28.21
C ALA P 179 -11.86 -25.00 -28.47
N PRO P 180 -12.94 -24.98 -29.27
CA PRO P 180 -13.61 -23.71 -29.58
C PRO P 180 -14.10 -23.00 -28.33
N GLY P 181 -13.93 -21.67 -28.33
CA GLY P 181 -14.35 -20.88 -27.20
C GLY P 181 -13.50 -21.00 -25.97
N GLN P 182 -12.34 -21.66 -26.06
CA GLN P 182 -11.43 -21.82 -24.95
C GLN P 182 -10.16 -21.01 -25.20
N ARG P 183 -9.22 -21.13 -24.26
CA ARG P 183 -7.98 -20.37 -24.28
C ARG P 183 -6.81 -21.30 -24.55
N VAL P 184 -5.97 -20.92 -25.51
CA VAL P 184 -4.80 -21.72 -25.89
C VAL P 184 -3.57 -20.83 -25.89
N THR P 185 -2.41 -21.44 -25.66
CA THR P 185 -1.15 -20.73 -25.59
C THR P 185 -0.11 -21.43 -26.45
N ILE P 186 0.56 -20.66 -27.31
CA ILE P 186 1.72 -21.11 -28.06
C ILE P 186 2.97 -20.52 -27.43
N SER P 187 3.95 -21.36 -27.15
CA SER P 187 5.15 -20.92 -26.44
C SER P 187 6.33 -20.77 -27.41
N CYS P 188 7.19 -19.82 -27.08
CA CYS P 188 8.41 -19.55 -27.84
C CYS P 188 9.57 -19.54 -26.85
N THR P 189 10.49 -20.49 -26.99
CA THR P 189 11.60 -20.64 -26.06
C THR P 189 12.90 -20.26 -26.77
N GLY P 190 13.63 -19.31 -26.19
CA GLY P 190 14.89 -18.85 -26.76
C GLY P 190 16.09 -19.20 -25.91
N ASN P 191 17.02 -18.25 -25.78
CA ASN P 191 18.25 -18.46 -25.04
C ASN P 191 18.76 -17.11 -24.54
N SER P 192 19.90 -17.15 -23.84
CA SER P 192 20.46 -15.94 -23.24
C SER P 192 20.85 -14.91 -24.31
N SER P 193 21.17 -15.37 -25.52
CA SER P 193 21.63 -14.44 -26.55
C SER P 193 20.49 -13.57 -27.07
N ASN P 194 19.28 -14.11 -27.14
CA ASN P 194 18.16 -13.36 -27.68
C ASN P 194 17.14 -12.96 -26.62
N ILE P 195 16.20 -13.86 -26.31
CA ILE P 195 15.12 -13.51 -25.39
C ILE P 195 15.65 -13.30 -23.98
N GLY P 196 16.63 -14.12 -23.57
CA GLY P 196 17.27 -13.93 -22.27
C GLY P 196 17.96 -12.58 -22.14
N ALA P 197 18.54 -12.09 -23.24
CA ALA P 197 19.13 -10.76 -23.25
C ALA P 197 18.09 -9.67 -23.12
N GLY P 198 16.83 -9.97 -23.42
CA GLY P 198 15.75 -9.00 -23.33
C GLY P 198 15.22 -8.51 -24.66
N TYR P 199 15.71 -9.05 -25.77
CA TYR P 199 15.20 -8.67 -27.08
C TYR P 199 13.72 -9.02 -27.18
N ASP P 200 12.96 -8.09 -27.76
CA ASP P 200 11.52 -8.27 -27.84
C ASP P 200 11.17 -9.41 -28.81
N VAL P 201 9.91 -9.83 -28.76
CA VAL P 201 9.42 -10.98 -29.49
C VAL P 201 8.15 -10.59 -30.24
N HIS P 202 8.14 -10.80 -31.55
CA HIS P 202 6.98 -10.53 -32.39
C HIS P 202 6.39 -11.83 -32.90
N TRP P 203 5.14 -11.76 -33.37
CA TRP P 203 4.42 -12.95 -33.81
C TRP P 203 3.80 -12.71 -35.19
N TYR P 204 3.73 -13.79 -35.96
CA TYR P 204 3.23 -13.74 -37.33
C TYR P 204 2.23 -14.88 -37.55
N GLN P 205 1.18 -14.57 -38.30
CA GLN P 205 0.10 -15.51 -38.60
C GLN P 205 0.12 -15.82 -40.08
N GLN P 206 0.31 -17.08 -40.43
CA GLN P 206 0.40 -17.52 -41.82
C GLN P 206 -0.68 -18.55 -42.10
N PHE P 207 -1.65 -18.19 -42.94
CA PHE P 207 -2.66 -19.12 -43.40
C PHE P 207 -2.15 -19.91 -44.60
N PRO P 208 -2.68 -21.11 -44.83
CA PRO P 208 -2.20 -21.92 -45.97
C PRO P 208 -2.39 -21.19 -47.29
N GLY P 209 -1.34 -21.20 -48.10
CA GLY P 209 -1.39 -20.53 -49.39
C GLY P 209 -1.21 -19.04 -49.35
N THR P 210 -0.90 -18.46 -48.19
CA THR P 210 -0.70 -17.02 -48.05
C THR P 210 0.67 -16.75 -47.43
N ALA P 211 1.03 -15.46 -47.43
CA ALA P 211 2.26 -14.99 -46.83
C ALA P 211 2.07 -14.76 -45.34
N PRO P 212 3.15 -14.68 -44.57
CA PRO P 212 3.02 -14.39 -43.14
C PRO P 212 2.55 -12.96 -42.91
N LYS P 213 1.80 -12.78 -41.82
CA LYS P 213 1.20 -11.49 -41.49
C LYS P 213 1.40 -11.21 -40.01
N LEU P 214 1.62 -9.93 -39.69
CA LEU P 214 1.94 -9.54 -38.32
C LEU P 214 0.73 -9.64 -37.41
N LEU P 215 0.90 -10.30 -36.26
CA LEU P 215 -0.14 -10.46 -35.25
C LEU P 215 0.13 -9.66 -33.98
N ILE P 216 1.38 -9.67 -33.50
CA ILE P 216 1.78 -9.00 -32.27
C ILE P 216 3.16 -8.41 -32.50
N TYR P 217 3.28 -7.09 -32.33
CA TYR P 217 4.56 -6.40 -32.36
C TYR P 217 4.86 -5.86 -30.98
N GLY P 218 6.14 -5.60 -30.74
CA GLY P 218 6.52 -5.55 -29.34
C GLY P 218 6.23 -6.93 -28.76
N ASN P 219 6.23 -6.99 -27.43
CA ASN P 219 5.86 -8.25 -26.78
C ASN P 219 4.35 -8.43 -26.70
N SER P 220 3.59 -7.34 -26.75
CA SER P 220 2.16 -7.41 -26.47
C SER P 220 1.26 -6.57 -27.36
N ASN P 221 1.80 -5.75 -28.26
CA ASN P 221 1.00 -4.78 -28.98
C ASN P 221 0.36 -5.40 -30.22
N ARG P 222 -0.91 -5.05 -30.45
CA ARG P 222 -1.69 -5.65 -31.53
C ARG P 222 -1.77 -4.69 -32.70
N PRO P 223 -1.31 -5.09 -33.89
CA PRO P 223 -1.58 -4.30 -35.09
C PRO P 223 -3.07 -4.08 -35.30
N SER P 224 -3.39 -2.98 -35.98
CA SER P 224 -4.78 -2.69 -36.31
C SER P 224 -5.36 -3.77 -37.21
N GLY P 225 -6.59 -4.18 -36.90
CA GLY P 225 -7.24 -5.29 -37.58
C GLY P 225 -7.09 -6.62 -36.88
N VAL P 226 -6.29 -6.69 -35.82
CA VAL P 226 -6.10 -7.91 -35.04
C VAL P 226 -7.01 -7.82 -33.81
N PRO P 227 -7.96 -8.72 -33.64
CA PRO P 227 -8.90 -8.61 -32.51
C PRO P 227 -8.20 -8.73 -31.17
N ASP P 228 -8.88 -8.26 -30.13
CA ASP P 228 -8.29 -8.17 -28.80
C ASP P 228 -8.06 -9.54 -28.17
N ARG P 229 -8.73 -10.60 -28.65
CA ARG P 229 -8.55 -11.91 -28.06
C ARG P 229 -7.17 -12.49 -28.33
N PHE P 230 -6.35 -11.83 -29.15
CA PHE P 230 -4.94 -12.16 -29.28
C PHE P 230 -4.13 -11.31 -28.32
N SER P 231 -3.23 -11.95 -27.58
CA SER P 231 -2.36 -11.24 -26.65
C SER P 231 -1.06 -12.02 -26.51
N GLY P 232 -0.01 -11.30 -26.10
CA GLY P 232 1.30 -11.90 -25.96
C GLY P 232 1.98 -11.42 -24.69
N SER P 233 3.01 -12.19 -24.29
CA SER P 233 3.77 -11.89 -23.10
C SER P 233 5.19 -12.42 -23.27
N LYS P 234 6.10 -11.89 -22.46
CA LYS P 234 7.50 -12.29 -22.50
C LYS P 234 8.03 -12.33 -21.07
N SER P 235 8.73 -13.41 -20.73
CA SER P 235 9.33 -13.55 -19.40
C SER P 235 10.55 -14.44 -19.52
N GLY P 236 11.71 -13.92 -19.12
CA GLY P 236 12.91 -14.73 -19.11
C GLY P 236 13.35 -15.07 -20.52
N THR P 237 13.65 -16.35 -20.73
CA THR P 237 14.08 -16.85 -22.03
C THR P 237 12.92 -17.20 -22.95
N SER P 238 11.67 -16.96 -22.52
CA SER P 238 10.50 -17.47 -23.23
C SER P 238 9.47 -16.37 -23.44
N ALA P 239 8.69 -16.54 -24.51
CA ALA P 239 7.54 -15.71 -24.82
C ALA P 239 6.33 -16.61 -25.04
N SER P 240 5.14 -16.00 -25.12
CA SER P 240 3.91 -16.78 -25.17
C SER P 240 2.81 -16.00 -25.89
N LEU P 241 2.18 -16.65 -26.86
CA LEU P 241 1.02 -16.10 -27.54
C LEU P 241 -0.24 -16.74 -26.99
N ALA P 242 -1.22 -15.91 -26.62
CA ALA P 242 -2.43 -16.36 -25.96
C ALA P 242 -3.65 -15.99 -26.81
N ILE P 243 -4.47 -16.99 -27.12
CA ILE P 243 -5.68 -16.80 -27.91
C ILE P 243 -6.87 -17.13 -27.01
N THR P 244 -7.66 -16.12 -26.69
CA THR P 244 -8.93 -16.28 -26.00
C THR P 244 -10.03 -16.59 -27.01
N GLY P 245 -11.06 -17.32 -26.56
CA GLY P 245 -12.23 -17.58 -27.36
C GLY P 245 -11.89 -18.15 -28.73
N LEU P 246 -11.18 -19.27 -28.72
CA LEU P 246 -10.63 -19.83 -29.95
C LEU P 246 -11.71 -20.11 -30.97
N GLN P 247 -11.50 -19.63 -32.20
CA GLN P 247 -12.39 -19.87 -33.32
C GLN P 247 -11.62 -20.61 -34.41
N ALA P 248 -12.38 -21.33 -35.24
CA ALA P 248 -11.76 -22.09 -36.33
C ALA P 248 -11.01 -21.21 -37.32
N GLU P 249 -11.39 -19.93 -37.43
CA GLU P 249 -10.67 -19.02 -38.32
C GLU P 249 -9.28 -18.67 -37.81
N ASP P 250 -8.95 -18.99 -36.56
CA ASP P 250 -7.61 -18.86 -36.02
C ASP P 250 -6.74 -20.07 -36.32
N GLU P 251 -7.29 -21.07 -37.00
CA GLU P 251 -6.53 -22.25 -37.42
C GLU P 251 -5.52 -21.83 -38.47
N ALA P 252 -4.25 -21.76 -38.09
CA ALA P 252 -3.20 -21.29 -38.97
C ALA P 252 -1.86 -21.72 -38.39
N ASP P 253 -0.78 -21.33 -39.06
CA ASP P 253 0.58 -21.52 -38.57
C ASP P 253 1.08 -20.20 -37.99
N TYR P 254 1.71 -20.29 -36.81
CA TYR P 254 2.18 -19.13 -36.07
C TYR P 254 3.68 -19.22 -35.85
N TYR P 255 4.36 -18.08 -35.99
CA TYR P 255 5.80 -17.98 -35.84
C TYR P 255 6.14 -16.85 -34.88
N CYS P 256 7.20 -17.05 -34.11
CA CYS P 256 7.75 -16.01 -33.24
C CYS P 256 9.06 -15.50 -33.80
N GLN P 257 9.33 -14.22 -33.57
CA GLN P 257 10.49 -13.55 -34.14
C GLN P 257 11.22 -12.75 -33.07
N SER P 258 12.54 -12.84 -33.06
CA SER P 258 13.37 -12.14 -32.11
C SER P 258 14.70 -11.81 -32.78
N TYR P 259 15.62 -11.23 -32.00
CA TYR P 259 16.95 -10.86 -32.47
C TYR P 259 17.98 -11.64 -31.66
N ASP P 260 18.83 -12.38 -32.35
CA ASP P 260 19.92 -13.12 -31.71
C ASP P 260 21.22 -12.37 -31.95
N SER P 261 21.88 -11.96 -30.85
CA SER P 261 23.12 -11.22 -30.95
C SER P 261 24.31 -12.10 -31.30
N SER P 262 24.18 -13.42 -31.13
CA SER P 262 25.24 -14.33 -31.57
C SER P 262 25.29 -14.45 -33.09
N LEU P 263 24.20 -14.14 -33.77
CA LEU P 263 24.15 -14.11 -35.23
C LEU P 263 24.13 -12.71 -35.80
N SER P 264 23.89 -11.70 -34.97
CA SER P 264 23.71 -10.30 -35.42
C SER P 264 22.67 -10.22 -36.52
N GLY P 265 21.48 -10.73 -36.22
CA GLY P 265 20.41 -10.73 -37.20
C GLY P 265 19.11 -11.19 -36.58
N SER P 266 18.03 -10.95 -37.33
CA SER P 266 16.71 -11.36 -36.89
C SER P 266 16.54 -12.87 -37.06
N VAL P 267 15.78 -13.48 -36.15
CA VAL P 267 15.58 -14.92 -36.13
C VAL P 267 14.10 -15.23 -35.96
N PHE P 268 13.69 -16.37 -36.53
CA PHE P 268 12.31 -16.83 -36.47
C PHE P 268 12.24 -18.17 -35.75
N GLY P 269 11.11 -18.41 -35.11
CA GLY P 269 10.85 -19.73 -34.56
C GLY P 269 10.53 -20.73 -35.65
N GLY P 270 10.39 -21.99 -35.23
CA GLY P 270 10.15 -23.06 -36.19
C GLY P 270 8.74 -23.12 -36.72
N GLY P 271 7.79 -22.50 -36.03
CA GLY P 271 6.41 -22.52 -36.46
C GLY P 271 5.57 -23.48 -35.65
N THR P 272 4.30 -23.11 -35.45
CA THR P 272 3.35 -23.92 -34.70
C THR P 272 2.04 -23.98 -35.46
N LYS P 273 1.57 -25.19 -35.75
CA LYS P 273 0.29 -25.40 -36.42
C LYS P 273 -0.80 -25.49 -35.37
N LEU P 274 -1.72 -24.53 -35.38
CA LEU P 274 -2.84 -24.51 -34.45
C LEU P 274 -4.02 -25.24 -35.07
N THR P 275 -4.53 -26.25 -34.37
CA THR P 275 -5.71 -26.98 -34.79
C THR P 275 -6.86 -26.67 -33.84
N VAL P 276 -8.03 -26.41 -34.41
CA VAL P 276 -9.24 -26.16 -33.64
C VAL P 276 -10.15 -27.37 -33.82
N LEU P 277 -10.31 -28.16 -32.76
CA LEU P 277 -11.25 -29.26 -32.78
C LEU P 277 -12.67 -28.73 -32.89
N ALA P 278 -13.61 -29.62 -33.16
CA ALA P 278 -15.00 -29.23 -33.29
C ALA P 278 -15.81 -29.65 -32.07
C1 NAG Q . 48.41 -8.76 5.69
C2 NAG Q . 47.62 -8.72 4.38
C3 NAG Q . 46.67 -9.91 4.33
C4 NAG Q . 47.45 -11.21 4.52
C5 NAG Q . 48.35 -11.16 5.75
C6 NAG Q . 49.36 -12.29 5.76
C7 NAG Q . 45.93 -7.03 5.02
C8 NAG Q . 45.31 -5.72 4.65
N2 NAG Q . 46.90 -7.47 4.22
O3 NAG Q . 45.99 -9.93 3.07
O4 NAG Q . 46.53 -12.29 4.70
O5 NAG Q . 49.14 -9.96 5.76
O6 NAG Q . 50.01 -12.36 4.50
O7 NAG Q . 45.57 -7.65 6.02
C1 FUC Q . 51.43 -12.61 4.63
C2 FUC Q . 52.03 -12.52 3.19
C3 FUC Q . 52.12 -11.06 2.72
C4 FUC Q . 52.96 -10.26 3.69
C5 FUC Q . 52.34 -10.33 5.08
C6 FUC Q . 53.21 -9.71 6.16
O2 FUC Q . 51.28 -13.29 2.27
O3 FUC Q . 52.75 -10.99 1.45
O4 FUC Q . 54.30 -10.77 3.72
O5 FUC Q . 52.09 -11.70 5.54
C1 NAG R . -45.19 10.62 -12.71
C2 NAG R . -44.62 11.63 -13.71
C3 NAG R . -43.36 12.25 -13.14
C4 NAG R . -43.63 12.86 -11.77
C5 NAG R . -44.28 11.82 -10.85
C6 NAG R . -44.74 12.40 -9.53
C7 NAG R . -43.53 9.99 -15.23
C8 NAG R . -43.44 9.52 -16.65
N2 NAG R . -44.37 11.01 -15.01
O3 NAG R . -42.78 13.21 -14.03
O4 NAG R . -42.41 13.28 -11.17
O5 NAG R . -45.45 11.28 -11.48
O6 NAG R . -45.97 13.09 -9.63
O7 NAG R . -42.88 9.47 -14.32
C1 FUC R . -43.44 14.48 -14.04
C2 FUC R . -42.39 15.60 -13.89
C3 FUC R . -41.42 15.61 -15.09
C4 FUC R . -42.21 15.67 -16.41
C5 FUC R . -43.28 14.57 -16.43
C6 FUC R . -44.21 14.65 -17.62
O2 FUC R . -41.67 15.53 -12.66
O3 FUC R . -40.57 16.74 -15.04
O4 FUC R . -42.83 16.95 -16.54
O5 FUC R . -44.13 14.62 -15.25
C1 NAG S . -27.11 -66.82 22.57
C2 NAG S . -27.17 -67.81 23.74
C3 NAG S . -26.42 -69.09 23.38
C4 NAG S . -26.93 -69.68 22.07
C5 NAG S . -26.83 -68.62 20.98
C6 NAG S . -27.42 -69.08 19.66
C7 NAG S . -27.27 -67.23 26.13
C8 NAG S . -28.62 -67.87 26.15
N2 NAG S . -26.62 -67.23 24.96
O3 NAG S . -26.57 -70.05 24.44
O4 NAG S . -26.15 -70.81 21.71
O5 NAG S . -27.58 -67.46 21.37
O6 NAG S . -28.72 -69.64 19.83
O7 NAG S . -26.77 -66.74 27.14
C1 FUC S . -29.51 -69.31 18.67
C2 FUC S . -30.70 -70.32 18.60
C3 FUC S . -31.96 -69.66 18.02
C4 FUC S . -31.60 -68.59 16.98
C5 FUC S . -30.79 -67.48 17.67
C6 FUC S . -29.88 -66.71 16.74
O2 FUC S . -30.96 -70.90 19.88
O3 FUC S . -32.76 -70.64 17.38
O4 FUC S . -30.88 -69.15 15.90
O5 FUC S . -29.95 -67.97 18.75
C1 MPD T . 35.46 13.61 26.69
C2 MPD T . 34.12 13.13 26.13
O2 MPD T . 34.32 12.00 25.32
CM MPD T . 33.20 12.76 27.30
C3 MPD T . 33.48 14.25 25.31
C4 MPD T . 33.94 14.22 23.85
O4 MPD T . 33.21 13.23 23.16
C5 MPD T . 33.67 15.58 23.20
C1 MPD U . 43.31 5.58 -8.27
C2 MPD U . 42.17 4.92 -9.04
O2 MPD U . 41.81 3.71 -8.44
CM MPD U . 40.99 5.89 -9.01
C3 MPD U . 42.62 4.67 -10.48
C4 MPD U . 43.71 3.60 -10.56
O4 MPD U . 43.10 2.33 -10.66
C5 MPD U . 44.59 3.84 -11.78
C1 MPD V . 75.35 41.74 10.07
C2 MPD V . 76.55 42.35 9.34
O2 MPD V . 76.59 43.73 9.58
CM MPD V . 77.82 41.70 9.89
C3 MPD V . 76.45 42.08 7.83
C4 MPD V . 75.03 42.26 7.30
O4 MPD V . 74.69 43.62 7.29
C5 MPD V . 74.96 41.71 5.87
CA CA W . 77.17 35.00 3.95
CL CL X . 64.51 6.90 21.46
C1 NAG Y . -2.96 25.36 -38.22
C2 NAG Y . -3.15 25.55 -39.72
C3 NAG Y . -2.79 24.26 -40.44
C4 NAG Y . -1.38 23.82 -40.07
C5 NAG Y . -1.22 23.76 -38.54
C6 NAG Y . 0.21 23.50 -38.11
C7 NAG Y . -4.83 27.15 -40.52
C8 NAG Y . -3.69 28.10 -40.73
N2 NAG Y . -4.52 25.95 -40.03
O3 NAG Y . -2.88 24.46 -41.85
O4 NAG Y . -1.13 22.52 -40.60
O5 NAG Y . -1.60 25.00 -37.96
O6 NAG Y . 0.62 22.19 -38.45
O7 NAG Y . -5.99 27.46 -40.79
C1 MPD Z . -27.47 63.54 -7.00
C2 MPD Z . -28.89 63.64 -6.44
O2 MPD Z . -29.75 62.80 -7.17
CM MPD Z . -28.90 63.21 -4.98
C3 MPD Z . -29.38 65.08 -6.56
C4 MPD Z . -29.69 65.47 -8.00
O4 MPD Z . -31.03 65.19 -8.29
C5 MPD Z . -29.42 66.96 -8.19
CA CA AA . -22.97 41.42 -6.60
CA CA BA . -85.03 -18.71 -32.40
CL CL CA . -8.16 -62.28 22.63
C1 MPD DA . -22.85 -35.86 35.93
C2 MPD DA . -24.17 -36.28 36.54
O2 MPD DA . -24.21 -37.67 36.66
CM MPD DA . -24.33 -35.65 37.92
C3 MPD DA . -25.32 -35.82 35.63
C4 MPD DA . -25.38 -34.31 35.46
O4 MPD DA . -25.10 -33.97 34.13
C5 MPD DA . -26.77 -33.81 35.83
C1 MPD EA . 21.04 17.40 4.19
C2 MPD EA . 22.18 18.41 4.23
O2 MPD EA . 21.78 19.58 3.57
CM MPD EA . 23.41 17.82 3.54
C3 MPD EA . 22.52 18.74 5.69
C4 MPD EA . 23.15 17.56 6.43
O4 MPD EA . 24.51 17.80 6.64
C5 MPD EA . 22.44 17.37 7.78
C1 MPD FA . 15.07 42.05 6.40
C2 MPD FA . 15.70 42.76 5.19
O2 MPD FA . 15.62 44.15 5.36
CM MPD FA . 17.16 42.34 5.08
C3 MPD FA . 14.94 42.35 3.92
C4 MPD FA . 14.22 43.54 3.26
O4 MPD FA . 15.17 44.34 2.61
C5 MPD FA . 13.19 43.01 2.26
C1 MPD GA . 40.93 21.32 -19.60
C2 MPD GA . 39.52 21.38 -20.21
O2 MPD GA . 38.87 22.53 -19.75
CM MPD GA . 39.63 21.44 -21.73
C3 MPD GA . 38.74 20.15 -19.80
C4 MPD GA . 37.39 20.48 -19.17
O4 MPD GA . 36.47 20.79 -20.19
C5 MPD GA . 36.88 19.29 -18.36
C1 MPD HA . 36.52 17.28 -5.22
C2 MPD HA . 35.41 18.33 -5.20
O2 MPD HA . 35.91 19.50 -4.63
CM MPD HA . 34.94 18.62 -6.62
C3 MPD HA . 34.23 17.83 -4.36
C4 MPD HA . 33.91 16.35 -4.57
O4 MPD HA . 34.16 15.65 -3.37
C5 MPD HA . 32.44 16.20 -4.95
CA CA IA . 9.36 27.80 36.70
CA CA JA . 8.01 -46.07 -28.61
C1 NAG KA . 39.84 -14.37 -29.07
C2 NAG KA . 40.27 -14.58 -27.62
C3 NAG KA . 41.72 -14.09 -27.45
C4 NAG KA . 42.62 -14.74 -28.50
C5 NAG KA . 42.04 -14.62 -29.91
C6 NAG KA . 42.80 -15.41 -30.94
C7 NAG KA . 38.80 -14.51 -25.66
C8 NAG KA . 37.93 -13.64 -24.80
N2 NAG KA . 39.39 -13.89 -26.69
O3 NAG KA . 42.18 -14.41 -26.15
O4 NAG KA . 43.90 -14.09 -28.49
O5 NAG KA . 40.69 -15.09 -29.93
O6 NAG KA . 42.65 -16.81 -30.72
O7 NAG KA . 38.96 -15.70 -25.43
C1 MPD LA . 41.73 8.71 -28.93
C2 MPD LA . 42.49 7.47 -29.41
O2 MPD LA . 41.78 6.86 -30.45
CM MPD LA . 43.87 7.89 -29.90
C3 MPD LA . 42.64 6.49 -28.24
C4 MPD LA . 41.30 6.17 -27.57
O4 MPD LA . 40.39 5.71 -28.51
C5 MPD LA . 41.53 5.09 -26.50
C1 MPD MA . -17.61 -18.39 -38.07
C2 MPD MA . -18.22 -18.25 -36.68
O2 MPD MA . -17.21 -18.50 -35.74
CM MPD MA . -18.76 -16.83 -36.52
C3 MPD MA . -19.37 -19.26 -36.52
C4 MPD MA . -19.10 -20.58 -37.22
O4 MPD MA . -18.35 -21.41 -36.37
C5 MPD MA . -20.43 -21.27 -37.55
CA CA NA . -10.03 -27.54 -38.59
#